data_6VOI
#
_entry.id   6VOI
#
_cell.length_a   1.00
_cell.length_b   1.00
_cell.length_c   1.00
_cell.angle_alpha   90.00
_cell.angle_beta   90.00
_cell.angle_gamma   90.00
#
_symmetry.space_group_name_H-M   'P 1'
#
loop_
_entity.id
_entity.type
_entity.pdbx_description
1 polymer 'ATP synthase subunit alpha, chloroplastic'
2 polymer 'ATP synthase subunit beta, chloroplastic'
3 polymer 'ATP synthase delta chain, chloroplastic'
4 polymer 'ATP synthase gamma chain, chloroplastic'
5 polymer 'ATP synthase epsilon chain, chloroplastic'
6 non-polymer "ADENOSINE-5'-TRIPHOSPHATE"
7 non-polymer "ADENOSINE-5'-DIPHOSPHATE"
#
loop_
_entity_poly.entity_id
_entity_poly.type
_entity_poly.pdbx_seq_one_letter_code
_entity_poly.pdbx_strand_id
1 'polypeptide(L)'
;MATIRADEISKIIRERIEGYNREVKVVNTGTVLQVGDGIARIHGLDEVMAGELVEFEEGTIGIALNLESNNVGVVLMGDG
LMIQEGSSVKATGRIAQIPVSEAYLGRVINALAKPIDGRGEITASESRLIESPAPGIMSRRSVYEPLQTGLIAIDAMIPV
GRGQRELIIGDRQTGKTAVATDTILNQQGQNVICVYVAIGQKASSVAQVVTNFQERGAMEYTIVVAETADSPATLQYLAP
YTGAALAEYFMYRERHTLIIYDDLSKQAQAYRQMSLLLRRPPGREAYPGDVFYLHSRLLERAAKLSSLLGEGSMTALPIV
ETQAGDVSAYIPTNVISITDGQIFLSADLFNAGIRPAINVGISVSRVGSAAQIKAMKKVAGKLKLELAQFAELEAFAQFA
SDLDKATQNQLARGQRLRELLKQPQSAPLTVEEQVMTIYTGTNGYLDSLELDQVRKYLVELRTYVKTNKPEFQEIISSTK
TFTEEAEALLKEAIQEQMERFLLQEQA
;
A,C,B
2 'polypeptide(L)'
;MRINPTTSDPGVSTLEKKNLGRIAQIIGPVLDVAFPPGKMPNIYNALIVKGRDTAGQPMNVTCEVQQLLGNNRVRAVAMS
ATDGLTRGMEVIDTGAPLSVPVGGATLGRIFNVLGEPVDNLGPVDTRTTSPIHRSAPAFTQLDTKLSIFETGIKVVDLLA
PYRRGGKIGLFGGAGVGKTVLIMELINNIAKAHGGVSVFGGVGERTREGNDLYMEMKESGVINEQNIAESKVALVYGQMN
EPPGARMRVGLTALTMAEYFRDVNEQDVLLFIDNIFRFVQAGSEVSALLGRMPSAVGYQPTLSTEMGSLQERITSTKEGS
ITSIQAVYVPADDLTDPAPATTFAHLDATTVLSRGLAAKGIYPAVDPLDSTSTMLQPRIVGEEHYEIAQRVKETLQRYKE
LQDIIAILGLDELSEEDRLTVARARKIERFLSQPFFVAEVFTGSPGKYVGLAETIRGFQLILSGELDSLPEQAFYLVGNI
DEATAKAMNLEMESKLKK
;
D,E,F
3 'polypeptide(L)'
;MAALQNPVALQSRTTTAVAALSTSSTTSTPKPFSLSFSSSTATFNPLRLKILTASKLTAKPRGGALGTRMVDSTASRYAS
ALADVADVTGTLEATNSDVEKLIRIFSEEPVYYFFANPVISIDNKRSVLDEIITTSGLQPHTANFINILIDSERINLVKE
ILNEFEDVFNKITGTEVAVVTSVVKLENDHLAQIAKGVQKITGAKNVRIKTVIDPSLVAGFTIRYGNEGSKLVDMSVKKQ
LEEIAAQLEMDDVTLAV
;
d
4 'polypeptide(L)'
;MACSLSFSSSVSTFHLPTTTQSTQAPPNNATTLPTTNPIQCANLRELRDRIGSVKNTQKITEAMKLVAAAKVRRAQEAVV
NGRPFSETLVEVLYNMNEQLQTEDVDVPLTKIRTVKKVALMVVTGDRGLCGGFNNMLLKKAESRIAELKKLGVDYTIISI
GKKGNTYFIRRPEIPVDRYFDGTNLPTAKEAQAIADDVFSLFVSEEVDKVEMLYTKFVSLVKSDPVIHTLLPLSPKGEIC
DINGKCVDAAEDELFRLTTKEGKLTVERDMIKTETPAFSPILEFEQDPAQILDALLPLYLNSQILRALQESLASELAARM
TAMSNATDNANELKKTLSINYNRARQAKITGEILEIVAGANACV
;
g
5 'polypeptide(L)'
;MTLNLCVLTPNRSIWNSEVKEIILSTNSGQIGVLPNHAPTATAVDIGILRIRLNDQWLTLALMGGFARIGNNEITILVND
AERGSDIDPQEAQQTLEIAEANLRKAEGKRQKIEANLALRRARTRVEASNTISS
;
e
#
loop_
_chem_comp.id
_chem_comp.type
_chem_comp.name
_chem_comp.formula
ADP non-polymer ADENOSINE-5'-DIPHOSPHATE 'C10 H15 N5 O10 P2'
ATP non-polymer ADENOSINE-5'-TRIPHOSPHATE 'C10 H16 N5 O13 P3'
#
# COMPACT_ATOMS: atom_id res chain seq x y z
N ALA A 6 18.59 30.15 -58.60
CA ALA A 6 17.72 30.55 -57.50
C ALA A 6 16.26 30.56 -57.95
N ASP A 7 15.61 31.72 -57.83
CA ASP A 7 14.20 31.88 -58.15
C ASP A 7 13.98 33.13 -58.98
N GLU A 8 14.83 33.37 -59.98
CA GLU A 8 14.75 34.60 -60.74
C GLU A 8 13.65 34.54 -61.80
N ILE A 9 13.77 33.63 -62.76
CA ILE A 9 12.79 33.53 -63.84
C ILE A 9 11.51 32.86 -63.34
N SER A 10 11.54 32.33 -62.13
CA SER A 10 10.41 31.60 -61.56
C SER A 10 9.38 32.54 -60.93
N LYS A 11 9.32 33.79 -61.41
CA LYS A 11 8.38 34.75 -60.84
C LYS A 11 6.94 34.29 -61.00
N ILE A 12 6.63 33.60 -62.11
CA ILE A 12 5.27 33.10 -62.30
C ILE A 12 4.97 31.98 -61.31
N ILE A 13 5.96 31.12 -61.04
CA ILE A 13 5.78 30.08 -60.03
C ILE A 13 5.60 30.70 -58.65
N ARG A 14 6.35 31.77 -58.36
CA ARG A 14 6.20 32.45 -57.07
C ARG A 14 4.83 33.10 -56.94
N GLU A 15 4.33 33.67 -58.03
CA GLU A 15 2.97 34.19 -58.02
C GLU A 15 1.96 33.07 -57.77
N ARG A 16 2.21 31.90 -58.34
CA ARG A 16 1.33 30.75 -58.09
C ARG A 16 1.35 30.35 -56.62
N ILE A 17 2.55 30.26 -56.02
CA ILE A 17 2.63 29.80 -54.64
C ILE A 17 2.04 30.83 -53.68
N GLU A 18 2.23 32.12 -53.95
CA GLU A 18 1.65 33.12 -53.07
C GLU A 18 0.13 33.19 -53.27
N GLY A 19 -0.35 32.89 -54.48
CA GLY A 19 -1.78 32.78 -54.68
C GLY A 19 -2.38 31.63 -53.89
N TYR A 20 -1.73 30.46 -53.93
CA TYR A 20 -2.23 29.32 -53.18
C TYR A 20 -2.17 29.57 -51.68
N ASN A 21 -1.09 30.22 -51.22
CA ASN A 21 -1.00 30.60 -49.82
C ASN A 21 -2.16 31.52 -49.42
N ARG A 22 -2.40 32.57 -50.22
CA ARG A 22 -3.51 33.47 -49.93
C ARG A 22 -4.85 32.75 -50.00
N GLU A 23 -4.92 31.66 -50.76
CA GLU A 23 -6.13 30.84 -50.77
C GLU A 23 -6.27 30.06 -49.48
N VAL A 24 -5.15 29.68 -48.85
CA VAL A 24 -5.23 28.85 -47.66
C VAL A 24 -4.91 29.64 -46.40
N LYS A 25 -4.18 30.74 -46.52
CA LYS A 25 -3.79 31.55 -45.36
C LYS A 25 -4.74 32.75 -45.24
N VAL A 26 -5.82 32.52 -44.51
CA VAL A 26 -6.83 33.54 -44.26
C VAL A 26 -6.70 34.01 -42.81
N VAL A 27 -7.00 35.29 -42.58
CA VAL A 27 -6.96 35.83 -41.23
C VAL A 27 -8.06 35.21 -40.39
N ASN A 28 -7.73 34.86 -39.13
CA ASN A 28 -8.62 34.22 -38.16
C ASN A 28 -9.43 33.08 -38.76
N THR A 29 -8.82 32.35 -39.69
CA THR A 29 -9.49 31.28 -40.40
C THR A 29 -8.48 30.20 -40.75
N GLY A 30 -8.90 28.95 -40.63
CA GLY A 30 -8.05 27.83 -40.94
C GLY A 30 -8.80 26.52 -40.99
N THR A 31 -8.19 25.49 -41.56
CA THR A 31 -8.82 24.19 -41.70
C THR A 31 -8.85 23.47 -40.36
N VAL A 32 -9.66 22.42 -40.28
CA VAL A 32 -9.50 21.43 -39.22
C VAL A 32 -8.63 20.30 -39.77
N LEU A 33 -7.39 20.20 -39.27
CA LEU A 33 -6.54 19.08 -39.66
C LEU A 33 -7.15 17.77 -39.21
N GLN A 34 -7.25 17.58 -37.89
CA GLN A 34 -7.79 16.36 -37.30
C GLN A 34 -8.90 16.74 -36.35
N VAL A 35 -10.05 16.06 -36.49
CA VAL A 35 -11.12 16.21 -35.50
C VAL A 35 -11.37 14.87 -34.83
N GLY A 36 -10.70 14.66 -33.70
CA GLY A 36 -10.88 13.43 -32.96
C GLY A 36 -12.16 13.43 -32.15
N ASP A 37 -12.34 12.34 -31.41
CA ASP A 37 -13.41 12.31 -30.42
C ASP A 37 -13.10 13.33 -29.34
N GLY A 38 -13.97 14.32 -29.21
CA GLY A 38 -13.69 15.43 -28.32
C GLY A 38 -13.00 16.58 -29.02
N ILE A 39 -11.67 16.65 -28.90
CA ILE A 39 -10.93 17.78 -29.43
C ILE A 39 -10.98 17.80 -30.95
N ALA A 40 -10.58 18.94 -31.52
CA ALA A 40 -10.28 19.08 -32.93
C ALA A 40 -8.99 19.88 -33.06
N ARG A 41 -8.17 19.53 -34.04
CA ARG A 41 -6.84 20.12 -34.16
C ARG A 41 -6.81 20.98 -35.42
N ILE A 42 -7.18 22.26 -35.26
CA ILE A 42 -7.24 23.16 -36.41
C ILE A 42 -5.85 23.67 -36.71
N HIS A 43 -5.66 24.17 -37.94
CA HIS A 43 -4.38 24.70 -38.37
C HIS A 43 -4.51 26.18 -38.71
N GLY A 44 -3.50 26.95 -38.36
CA GLY A 44 -3.48 28.36 -38.67
C GLY A 44 -3.92 29.21 -37.49
N LEU A 45 -4.77 30.20 -37.75
CA LEU A 45 -5.35 31.05 -36.72
C LEU A 45 -4.27 31.69 -35.85
N ASP A 46 -3.31 32.35 -36.50
CA ASP A 46 -2.25 33.02 -35.75
C ASP A 46 -2.73 34.34 -35.16
N GLU A 47 -4.05 34.59 -35.24
CA GLU A 47 -4.64 35.81 -34.69
C GLU A 47 -5.35 35.58 -33.37
N VAL A 48 -5.65 34.33 -33.02
CA VAL A 48 -6.52 34.06 -31.87
C VAL A 48 -5.70 34.01 -30.59
N MET A 49 -6.37 34.25 -29.47
CA MET A 49 -5.77 34.07 -28.15
C MET A 49 -6.34 32.83 -27.48
N ALA A 50 -5.69 32.42 -26.40
CA ALA A 50 -6.10 31.21 -25.69
C ALA A 50 -7.48 31.40 -25.08
N GLY A 51 -8.40 30.49 -25.39
CA GLY A 51 -9.76 30.57 -24.92
C GLY A 51 -10.71 31.29 -25.85
N GLU A 52 -10.34 31.47 -27.11
CA GLU A 52 -11.16 32.21 -28.06
C GLU A 52 -12.13 31.29 -28.76
N LEU A 53 -13.42 31.55 -28.60
CA LEU A 53 -14.46 30.67 -29.16
C LEU A 53 -14.43 30.77 -30.67
N VAL A 54 -13.93 29.71 -31.31
CA VAL A 54 -13.94 29.65 -32.76
C VAL A 54 -15.23 28.97 -33.23
N GLU A 55 -15.61 29.28 -34.46
CA GLU A 55 -16.81 28.72 -35.07
C GLU A 55 -16.42 27.77 -36.18
N PHE A 56 -17.18 26.67 -36.32
CA PHE A 56 -16.83 25.61 -37.25
C PHE A 56 -17.72 25.57 -38.49
N GLU A 57 -18.54 26.61 -38.72
CA GLU A 57 -19.28 26.81 -39.96
C GLU A 57 -20.35 25.76 -40.21
N GLU A 58 -20.49 24.80 -39.30
CA GLU A 58 -21.59 23.84 -39.35
C GLU A 58 -22.53 23.96 -38.17
N GLY A 59 -22.24 24.87 -37.23
CA GLY A 59 -23.12 25.15 -36.12
C GLY A 59 -22.63 24.68 -34.76
N THR A 60 -21.32 24.53 -34.57
CA THR A 60 -20.77 24.02 -33.32
C THR A 60 -19.55 24.85 -32.93
N ILE A 61 -19.73 25.75 -31.96
CA ILE A 61 -18.63 26.56 -31.48
C ILE A 61 -17.67 25.71 -30.65
N GLY A 62 -16.46 26.21 -30.46
CA GLY A 62 -15.48 25.51 -29.66
C GLY A 62 -14.42 26.47 -29.14
N ILE A 63 -13.87 26.14 -27.97
CA ILE A 63 -12.84 26.95 -27.35
C ILE A 63 -11.46 26.44 -27.75
N ALA A 64 -10.46 27.29 -27.65
CA ALA A 64 -9.08 26.97 -28.05
C ALA A 64 -8.21 26.98 -26.81
N LEU A 65 -8.00 25.81 -26.22
CA LEU A 65 -7.22 25.69 -24.99
C LEU A 65 -5.75 25.39 -25.24
N ASN A 66 -5.34 25.12 -26.48
CA ASN A 66 -3.98 24.65 -26.73
C ASN A 66 -3.48 25.36 -27.99
N LEU A 67 -2.69 26.41 -27.79
CA LEU A 67 -2.10 27.17 -28.88
C LEU A 67 -0.69 26.64 -29.13
N GLU A 68 -0.62 25.50 -29.83
CA GLU A 68 0.67 24.97 -30.22
C GLU A 68 1.24 25.76 -31.40
N SER A 69 2.38 25.28 -31.92
CA SER A 69 3.13 26.06 -32.89
C SER A 69 2.39 26.17 -34.22
N ASN A 70 2.06 25.03 -34.83
CA ASN A 70 1.45 25.05 -36.15
C ASN A 70 -0.03 24.70 -36.13
N ASN A 71 -0.45 23.89 -35.15
CA ASN A 71 -1.84 23.49 -35.03
C ASN A 71 -2.40 23.93 -33.69
N VAL A 72 -3.57 24.58 -33.72
CA VAL A 72 -4.23 25.03 -32.50
C VAL A 72 -5.20 23.95 -32.04
N GLY A 73 -4.94 23.38 -30.87
CA GLY A 73 -5.82 22.34 -30.35
C GLY A 73 -7.09 22.96 -29.79
N VAL A 74 -8.18 22.83 -30.54
CA VAL A 74 -9.47 23.40 -30.18
C VAL A 74 -10.33 22.29 -29.57
N VAL A 75 -10.98 22.59 -28.46
CA VAL A 75 -11.77 21.58 -27.76
C VAL A 75 -13.25 21.82 -28.03
N LEU A 76 -13.81 21.01 -28.93
CA LEU A 76 -15.24 21.03 -29.27
C LEU A 76 -16.12 21.04 -28.02
N MET A 77 -17.14 21.89 -28.01
CA MET A 77 -18.07 21.96 -26.89
C MET A 77 -19.48 21.55 -27.27
N GLY A 78 -19.69 21.09 -28.49
CA GLY A 78 -20.99 20.65 -28.93
C GLY A 78 -20.97 19.30 -29.61
N ASP A 79 -20.11 18.41 -29.11
CA ASP A 79 -19.89 17.04 -29.61
C ASP A 79 -20.01 16.95 -31.13
N GLY A 80 -19.32 17.87 -31.79
CA GLY A 80 -19.46 18.05 -33.23
C GLY A 80 -19.17 16.78 -33.99
N LEU A 81 -20.19 16.16 -34.58
CA LEU A 81 -20.02 15.00 -35.43
C LEU A 81 -19.83 15.35 -36.89
N MET A 82 -20.51 16.39 -37.39
CA MET A 82 -20.51 16.73 -38.80
C MET A 82 -19.24 17.44 -39.24
N ILE A 83 -18.25 17.58 -38.36
CA ILE A 83 -17.00 18.23 -38.73
C ILE A 83 -16.30 17.41 -39.80
N GLN A 84 -15.69 18.10 -40.76
CA GLN A 84 -14.99 17.45 -41.86
C GLN A 84 -13.74 18.25 -42.18
N GLU A 85 -12.66 17.54 -42.47
CA GLU A 85 -11.40 18.18 -42.85
C GLU A 85 -11.63 19.14 -44.01
N GLY A 86 -10.90 20.27 -43.99
CA GLY A 86 -11.07 21.33 -44.94
C GLY A 86 -12.04 22.41 -44.50
N SER A 87 -12.80 22.16 -43.42
CA SER A 87 -13.74 23.15 -42.93
C SER A 87 -13.00 24.37 -42.39
N SER A 88 -13.25 25.52 -43.00
CA SER A 88 -12.67 26.77 -42.56
C SER A 88 -13.21 27.13 -41.18
N VAL A 89 -12.31 27.38 -40.24
CA VAL A 89 -12.68 27.69 -38.86
C VAL A 89 -12.66 29.20 -38.68
N LYS A 90 -13.82 29.84 -38.74
CA LYS A 90 -13.90 31.26 -38.47
C LYS A 90 -13.82 31.52 -36.97
N ALA A 91 -12.95 32.44 -36.58
CA ALA A 91 -12.81 32.82 -35.17
C ALA A 91 -13.80 33.95 -34.88
N THR A 92 -14.64 33.74 -33.86
CA THR A 92 -15.64 34.76 -33.54
C THR A 92 -15.00 35.98 -32.89
N GLY A 93 -13.86 35.81 -32.24
CA GLY A 93 -13.14 36.91 -31.62
C GLY A 93 -13.39 37.08 -30.14
N ARG A 94 -14.62 36.84 -29.70
CA ARG A 94 -15.00 37.07 -28.32
C ARG A 94 -14.58 35.88 -27.45
N ILE A 95 -13.78 36.14 -26.42
CA ILE A 95 -13.50 35.12 -25.42
C ILE A 95 -14.80 34.73 -24.73
N ALA A 96 -14.77 33.57 -24.07
CA ALA A 96 -15.97 32.89 -23.58
C ALA A 96 -16.88 33.81 -22.78
N GLN A 97 -18.08 34.01 -23.30
CA GLN A 97 -19.07 34.91 -22.72
C GLN A 97 -20.40 34.17 -22.64
N ILE A 98 -21.06 34.25 -21.50
CA ILE A 98 -22.42 33.73 -21.34
C ILE A 98 -23.38 34.91 -21.29
N PRO A 99 -24.46 34.91 -22.07
CA PRO A 99 -25.45 35.98 -21.93
C PRO A 99 -26.08 35.91 -20.54
N VAL A 100 -25.98 37.00 -19.79
CA VAL A 100 -26.44 37.03 -18.42
C VAL A 100 -27.23 38.32 -18.19
N SER A 101 -28.35 38.19 -17.49
CA SER A 101 -29.18 39.29 -17.01
C SER A 101 -30.15 38.72 -16.00
N GLU A 102 -31.02 39.59 -15.49
CA GLU A 102 -32.16 39.11 -14.72
C GLU A 102 -33.09 38.29 -15.61
N ALA A 103 -34.09 37.68 -14.99
CA ALA A 103 -35.06 36.76 -15.57
C ALA A 103 -34.40 35.46 -16.03
N TYR A 104 -33.15 35.21 -15.66
CA TYR A 104 -32.61 33.85 -15.68
C TYR A 104 -33.10 33.03 -14.51
N LEU A 105 -33.74 33.67 -13.54
CA LEU A 105 -34.14 33.06 -12.28
C LEU A 105 -35.34 32.16 -12.54
N GLY A 106 -35.06 30.88 -12.74
CA GLY A 106 -36.10 29.91 -12.97
C GLY A 106 -35.77 28.97 -14.12
N ARG A 107 -35.05 29.47 -15.11
CA ARG A 107 -34.67 28.66 -16.26
C ARG A 107 -33.59 27.66 -15.85
N VAL A 108 -33.68 26.45 -16.38
CA VAL A 108 -32.65 25.45 -16.20
C VAL A 108 -31.73 25.47 -17.43
N ILE A 109 -30.69 26.29 -17.39
CA ILE A 109 -29.84 26.52 -18.55
C ILE A 109 -28.73 25.48 -18.61
N ASN A 110 -28.07 25.40 -19.77
CA ASN A 110 -27.14 24.33 -20.08
C ASN A 110 -25.70 24.81 -20.29
N ALA A 111 -25.19 25.66 -19.40
CA ALA A 111 -23.79 26.08 -19.35
C ALA A 111 -23.42 27.02 -20.50
N LEU A 112 -24.32 27.19 -21.46
CA LEU A 112 -24.21 28.21 -22.48
C LEU A 112 -25.29 29.27 -22.34
N ALA A 113 -26.04 29.22 -21.24
CA ALA A 113 -27.13 30.14 -20.93
C ALA A 113 -28.27 30.01 -21.93
N LYS A 114 -28.27 28.95 -22.73
CA LYS A 114 -29.40 28.66 -23.59
C LYS A 114 -30.34 27.70 -22.87
N PRO A 115 -31.53 28.14 -22.49
CA PRO A 115 -32.38 27.32 -21.60
C PRO A 115 -32.82 26.03 -22.27
N ILE A 116 -32.84 24.95 -21.48
CA ILE A 116 -33.30 23.66 -21.97
C ILE A 116 -34.46 23.18 -21.11
N ASP A 117 -35.21 24.12 -20.54
CA ASP A 117 -36.39 23.79 -19.75
C ASP A 117 -37.66 23.84 -20.57
N GLY A 118 -37.55 24.18 -21.85
CA GLY A 118 -38.69 24.30 -22.73
C GLY A 118 -39.70 25.33 -22.28
N ARG A 119 -39.24 26.54 -21.99
CA ARG A 119 -40.14 27.61 -21.57
C ARG A 119 -39.97 28.91 -22.34
N GLY A 120 -38.78 29.25 -22.83
CA GLY A 120 -38.59 30.48 -23.56
C GLY A 120 -37.21 31.07 -23.44
N GLU A 121 -36.68 31.58 -24.54
CA GLU A 121 -35.33 32.14 -24.53
C GLU A 121 -35.28 33.41 -23.69
N ILE A 122 -34.14 33.66 -23.06
CA ILE A 122 -33.98 34.82 -22.20
C ILE A 122 -33.23 35.92 -22.96
N THR A 123 -33.63 37.17 -22.73
CA THR A 123 -32.94 38.33 -23.25
C THR A 123 -31.72 38.63 -22.38
N ALA A 124 -30.77 39.36 -22.94
CA ALA A 124 -29.55 39.67 -22.22
C ALA A 124 -28.88 40.88 -22.85
N SER A 125 -28.16 41.63 -22.02
CA SER A 125 -27.33 42.74 -22.47
C SER A 125 -25.94 42.76 -21.83
N GLU A 126 -25.76 42.09 -20.69
CA GLU A 126 -24.49 42.21 -19.96
C GLU A 126 -23.41 41.33 -20.55
N SER A 127 -23.66 40.02 -20.61
CA SER A 127 -22.73 39.03 -21.17
C SER A 127 -21.38 39.03 -20.44
N ARG A 128 -21.44 38.67 -19.16
CA ARG A 128 -20.23 38.55 -18.36
C ARG A 128 -19.32 37.46 -18.90
N LEU A 129 -18.01 37.68 -18.77
CA LEU A 129 -17.03 36.72 -19.24
C LEU A 129 -17.07 35.44 -18.40
N ILE A 130 -16.71 34.32 -19.04
CA ILE A 130 -16.51 33.08 -18.29
C ILE A 130 -15.28 33.20 -17.39
N GLU A 131 -14.14 33.55 -17.99
CA GLU A 131 -12.89 33.67 -17.26
C GLU A 131 -12.65 35.14 -16.92
N SER A 132 -12.77 35.47 -15.64
CA SER A 132 -12.67 36.84 -15.18
C SER A 132 -11.79 36.88 -13.94
N PRO A 133 -11.08 37.98 -13.71
CA PRO A 133 -10.34 38.15 -12.45
C PRO A 133 -11.29 38.15 -11.25
N ALA A 134 -11.05 37.21 -10.33
CA ALA A 134 -11.81 37.16 -9.09
C ALA A 134 -11.53 38.41 -8.25
N PRO A 135 -12.40 38.70 -7.28
CA PRO A 135 -12.14 39.85 -6.39
C PRO A 135 -10.76 39.75 -5.73
N GLY A 136 -10.14 40.91 -5.55
CA GLY A 136 -8.77 41.03 -5.10
C GLY A 136 -8.64 40.85 -3.60
N ILE A 137 -7.78 41.67 -2.99
CA ILE A 137 -7.53 41.52 -1.56
C ILE A 137 -8.16 42.67 -0.77
N MET A 138 -8.31 43.83 -1.39
CA MET A 138 -9.01 44.95 -0.78
C MET A 138 -10.35 45.20 -1.46
N SER A 139 -11.02 44.11 -1.83
CA SER A 139 -12.41 44.15 -2.25
C SER A 139 -13.28 43.20 -1.46
N ARG A 140 -12.72 42.46 -0.50
CA ARG A 140 -13.46 41.47 0.28
C ARG A 140 -13.58 41.97 1.71
N ARG A 141 -14.82 42.13 2.18
CA ARG A 141 -15.05 42.40 3.59
C ARG A 141 -14.95 41.11 4.39
N SER A 142 -14.58 41.25 5.67
CA SER A 142 -14.63 40.12 6.58
C SER A 142 -16.06 39.57 6.65
N VAL A 143 -16.16 38.25 6.71
CA VAL A 143 -17.45 37.58 6.59
C VAL A 143 -18.18 37.69 7.93
N TYR A 144 -19.31 38.39 7.95
CA TYR A 144 -20.11 38.54 9.16
C TYR A 144 -21.55 38.13 8.97
N GLU A 145 -22.13 38.37 7.80
CA GLU A 145 -23.54 38.07 7.60
C GLU A 145 -23.76 36.56 7.62
N PRO A 146 -24.61 36.04 8.49
CA PRO A 146 -24.79 34.60 8.59
C PRO A 146 -25.75 34.06 7.54
N LEU A 147 -25.50 32.83 7.11
CA LEU A 147 -26.36 32.11 6.19
C LEU A 147 -27.00 30.94 6.92
N GLN A 148 -28.27 31.08 7.27
CA GLN A 148 -28.99 30.01 7.96
C GLN A 148 -29.12 28.82 7.02
N THR A 149 -28.35 27.77 7.31
CA THR A 149 -28.29 26.63 6.42
C THR A 149 -29.60 25.85 6.41
N GLY A 150 -30.36 25.94 7.49
CA GLY A 150 -31.56 25.16 7.67
C GLY A 150 -31.33 23.89 8.45
N LEU A 151 -30.08 23.57 8.76
CA LEU A 151 -29.72 22.38 9.51
C LEU A 151 -29.08 22.81 10.82
N ILE A 152 -29.47 22.16 11.92
CA ILE A 152 -28.88 22.50 13.21
C ILE A 152 -27.40 22.16 13.23
N ALA A 153 -27.05 21.01 12.64
CA ALA A 153 -25.67 20.55 12.65
C ALA A 153 -24.75 21.52 11.94
N ILE A 154 -25.24 22.19 10.91
CA ILE A 154 -24.40 23.12 10.16
C ILE A 154 -24.47 24.51 10.76
N ASP A 155 -25.67 25.01 11.04
CA ASP A 155 -25.79 26.39 11.49
C ASP A 155 -25.21 26.57 12.88
N ALA A 156 -25.38 25.58 13.75
CA ALA A 156 -24.90 25.72 15.13
C ALA A 156 -23.38 25.58 15.20
N MET A 157 -22.85 24.46 14.71
CA MET A 157 -21.47 24.10 14.96
C MET A 157 -20.53 24.47 13.82
N ILE A 158 -20.95 24.26 12.57
CA ILE A 158 -20.07 24.46 11.41
C ILE A 158 -20.60 25.63 10.59
N PRO A 159 -20.46 26.87 11.07
CA PRO A 159 -21.27 27.97 10.51
C PRO A 159 -20.93 28.25 9.06
N VAL A 160 -21.94 28.69 8.31
CA VAL A 160 -21.78 29.12 6.94
C VAL A 160 -22.26 30.56 6.86
N GLY A 161 -21.38 31.45 6.43
CA GLY A 161 -21.72 32.84 6.23
C GLY A 161 -21.59 33.22 4.77
N ARG A 162 -22.23 34.33 4.42
CA ARG A 162 -22.18 34.80 3.05
C ARG A 162 -20.75 35.19 2.69
N GLY A 163 -20.09 34.36 1.91
CA GLY A 163 -18.76 34.63 1.45
C GLY A 163 -17.77 33.49 1.57
N GLN A 164 -18.08 32.45 2.33
CA GLN A 164 -17.15 31.35 2.51
C GLN A 164 -17.56 30.17 1.64
N ARG A 165 -16.62 29.27 1.36
CA ARG A 165 -16.84 28.13 0.47
C ARG A 165 -16.99 26.88 1.32
N GLU A 166 -18.23 26.47 1.59
CA GLU A 166 -18.49 25.33 2.44
C GLU A 166 -18.52 24.08 1.57
N LEU A 167 -17.50 23.23 1.70
CA LEU A 167 -17.29 22.11 0.81
C LEU A 167 -17.98 20.86 1.38
N ILE A 168 -19.11 20.48 0.80
CA ILE A 168 -19.85 19.34 1.31
C ILE A 168 -19.31 18.07 0.66
N ILE A 169 -18.25 17.53 1.24
CA ILE A 169 -17.69 16.26 0.79
C ILE A 169 -18.32 15.14 1.60
N GLY A 170 -18.98 14.22 0.92
CA GLY A 170 -19.53 13.09 1.62
C GLY A 170 -19.03 11.78 1.06
N ASP A 171 -19.92 11.08 0.37
CA ASP A 171 -19.62 9.85 -0.34
C ASP A 171 -20.65 9.74 -1.45
N ARG A 172 -20.65 8.61 -2.15
CA ARG A 172 -21.74 8.36 -3.06
C ARG A 172 -23.00 8.00 -2.28
N GLN A 173 -24.13 8.61 -2.67
CA GLN A 173 -25.43 8.35 -2.07
C GLN A 173 -25.38 8.53 -0.56
N THR A 174 -25.12 9.75 -0.12
CA THR A 174 -25.05 10.08 1.30
C THR A 174 -25.86 11.32 1.60
N GLY A 175 -26.50 11.88 0.59
CA GLY A 175 -27.35 13.03 0.77
C GLY A 175 -26.65 14.36 0.73
N LYS A 176 -25.46 14.44 0.16
CA LYS A 176 -24.80 15.74 -0.01
C LYS A 176 -25.60 16.66 -0.90
N THR A 177 -26.11 16.13 -2.02
CA THR A 177 -27.03 16.89 -2.85
C THR A 177 -28.31 17.20 -2.10
N ALA A 178 -28.72 16.32 -1.19
CA ALA A 178 -29.89 16.60 -0.37
C ALA A 178 -29.63 17.75 0.59
N VAL A 179 -28.43 17.79 1.18
CA VAL A 179 -28.06 18.92 2.03
C VAL A 179 -28.07 20.21 1.23
N ALA A 180 -27.51 20.16 0.02
CA ALA A 180 -27.44 21.36 -0.81
C ALA A 180 -28.83 21.84 -1.24
N THR A 181 -29.69 20.92 -1.66
CA THR A 181 -31.05 21.27 -2.02
C THR A 181 -31.81 21.81 -0.82
N ASP A 182 -31.58 21.25 0.36
CA ASP A 182 -32.22 21.76 1.57
C ASP A 182 -31.75 23.18 1.87
N THR A 183 -30.47 23.46 1.63
CA THR A 183 -29.94 24.79 1.92
C THR A 183 -30.45 25.81 0.91
N ILE A 184 -30.71 25.36 -0.32
CA ILE A 184 -31.31 26.25 -1.32
C ILE A 184 -32.77 26.51 -0.96
N LEU A 185 -33.47 25.48 -0.49
CA LEU A 185 -34.91 25.60 -0.25
C LEU A 185 -35.18 26.44 1.00
N ASN A 186 -34.32 26.32 2.01
CA ASN A 186 -34.56 26.97 3.30
C ASN A 186 -34.71 28.48 3.14
N GLN A 187 -33.93 29.08 2.26
CA GLN A 187 -33.91 30.53 2.12
C GLN A 187 -34.94 31.02 1.11
N GLN A 188 -36.21 30.65 1.30
CA GLN A 188 -37.29 31.17 0.47
C GLN A 188 -37.81 32.52 0.95
N GLY A 189 -37.24 33.08 2.01
CA GLY A 189 -37.67 34.35 2.53
C GLY A 189 -36.57 35.39 2.47
N GLN A 190 -35.33 34.94 2.32
CA GLN A 190 -34.19 35.84 2.25
C GLN A 190 -34.05 36.38 0.83
N ASN A 191 -32.95 37.06 0.56
CA ASN A 191 -32.71 37.69 -0.74
C ASN A 191 -31.77 36.88 -1.63
N VAL A 192 -31.37 35.67 -1.20
CA VAL A 192 -30.37 34.89 -1.90
C VAL A 192 -30.85 34.51 -3.30
N ILE A 193 -29.90 34.23 -4.18
CA ILE A 193 -30.18 33.84 -5.56
C ILE A 193 -29.40 32.55 -5.80
N CYS A 194 -30.04 31.41 -5.61
CA CYS A 194 -29.35 30.13 -5.54
C CYS A 194 -29.06 29.60 -6.94
N VAL A 195 -27.82 29.73 -7.39
CA VAL A 195 -27.43 29.18 -8.68
C VAL A 195 -26.94 27.76 -8.49
N TYR A 196 -27.86 26.80 -8.48
CA TYR A 196 -27.50 25.39 -8.35
C TYR A 196 -26.95 24.85 -9.65
N VAL A 197 -25.64 24.62 -9.73
CA VAL A 197 -25.02 24.12 -10.94
C VAL A 197 -24.77 22.62 -10.80
N ALA A 198 -25.40 21.84 -11.66
CA ALA A 198 -25.30 20.39 -11.64
C ALA A 198 -24.38 19.96 -12.77
N ILE A 199 -23.22 19.39 -12.42
CA ILE A 199 -22.18 19.06 -13.38
C ILE A 199 -22.17 17.55 -13.56
N GLY A 200 -22.55 17.09 -14.74
CA GLY A 200 -22.36 15.71 -15.12
C GLY A 200 -23.30 14.70 -14.52
N GLN A 201 -24.05 15.05 -13.48
CA GLN A 201 -25.00 14.11 -12.90
C GLN A 201 -26.14 13.87 -13.87
N LYS A 202 -26.86 12.76 -13.65
CA LYS A 202 -27.85 12.31 -14.62
C LYS A 202 -29.00 13.31 -14.73
N ALA A 203 -29.47 13.49 -15.97
CA ALA A 203 -30.57 14.41 -16.22
C ALA A 203 -31.83 14.00 -15.48
N SER A 204 -31.98 12.71 -15.17
CA SER A 204 -33.10 12.28 -14.35
C SER A 204 -33.03 12.91 -12.96
N SER A 205 -31.85 12.89 -12.34
CA SER A 205 -31.71 13.53 -11.03
C SER A 205 -31.82 15.03 -11.14
N VAL A 206 -31.36 15.61 -12.25
CA VAL A 206 -31.50 17.05 -12.42
C VAL A 206 -32.98 17.44 -12.51
N ALA A 207 -33.76 16.69 -13.28
CA ALA A 207 -35.18 16.94 -13.36
C ALA A 207 -35.87 16.69 -12.03
N GLN A 208 -35.38 15.71 -11.27
CA GLN A 208 -35.90 15.48 -9.93
C GLN A 208 -35.70 16.71 -9.05
N VAL A 209 -34.49 17.28 -9.09
CA VAL A 209 -34.20 18.47 -8.28
C VAL A 209 -35.03 19.65 -8.75
N VAL A 210 -35.19 19.80 -10.07
CA VAL A 210 -35.94 20.93 -10.59
C VAL A 210 -37.41 20.83 -10.24
N THR A 211 -38.01 19.65 -10.39
CA THR A 211 -39.41 19.48 -10.04
C THR A 211 -39.60 19.55 -8.54
N ASN A 212 -38.57 19.22 -7.76
CA ASN A 212 -38.65 19.38 -6.32
C ASN A 212 -38.68 20.85 -5.94
N PHE A 213 -37.81 21.65 -6.56
CA PHE A 213 -37.87 23.11 -6.41
C PHE A 213 -39.25 23.64 -6.78
N GLN A 214 -39.79 23.19 -7.91
CA GLN A 214 -41.08 23.73 -8.36
C GLN A 214 -42.20 23.36 -7.39
N GLU A 215 -42.31 22.08 -7.02
CA GLU A 215 -43.38 21.65 -6.13
C GLU A 215 -43.30 22.32 -4.76
N ARG A 216 -42.14 22.24 -4.10
CA ARG A 216 -42.04 22.87 -2.79
C ARG A 216 -42.02 24.39 -2.88
N GLY A 217 -41.92 24.95 -4.08
CA GLY A 217 -41.80 26.38 -4.24
C GLY A 217 -40.36 26.84 -4.11
N ALA A 218 -40.19 28.16 -4.20
CA ALA A 218 -38.88 28.80 -4.19
C ALA A 218 -38.07 28.37 -5.41
N MET A 219 -38.66 28.52 -6.60
CA MET A 219 -37.93 28.47 -7.86
C MET A 219 -37.75 29.85 -8.45
N GLU A 220 -38.47 30.86 -7.95
CA GLU A 220 -38.45 32.19 -8.55
C GLU A 220 -37.09 32.86 -8.41
N TYR A 221 -36.23 32.35 -7.53
CA TYR A 221 -34.93 32.97 -7.31
C TYR A 221 -33.74 32.05 -7.60
N THR A 222 -33.98 30.85 -8.11
CA THR A 222 -32.88 29.89 -8.24
C THR A 222 -32.67 29.48 -9.70
N ILE A 223 -31.56 29.97 -10.27
CA ILE A 223 -31.08 29.45 -11.54
C ILE A 223 -30.53 28.04 -11.33
N VAL A 224 -30.71 27.19 -12.33
CA VAL A 224 -30.10 25.87 -12.28
C VAL A 224 -29.30 25.63 -13.56
N VAL A 225 -28.01 25.93 -13.52
CA VAL A 225 -27.16 25.66 -14.67
C VAL A 225 -26.84 24.18 -14.69
N ALA A 226 -27.56 23.43 -15.51
CA ALA A 226 -27.53 21.97 -15.43
C ALA A 226 -26.88 21.41 -16.69
N GLU A 227 -25.91 20.52 -16.51
CA GLU A 227 -25.26 19.84 -17.61
C GLU A 227 -25.33 18.33 -17.38
N THR A 228 -25.85 17.62 -18.37
CA THR A 228 -26.06 16.18 -18.27
C THR A 228 -24.74 15.43 -18.40
N ALA A 229 -24.81 14.12 -18.21
CA ALA A 229 -23.62 13.28 -18.40
C ALA A 229 -23.23 13.21 -19.88
N ASP A 230 -24.22 13.18 -20.77
CA ASP A 230 -23.96 13.06 -22.20
C ASP A 230 -23.64 14.37 -22.88
N SER A 231 -23.24 15.38 -22.13
CA SER A 231 -22.68 16.56 -22.75
C SER A 231 -21.22 16.31 -23.09
N PRO A 232 -20.71 16.91 -24.17
CA PRO A 232 -19.27 16.83 -24.43
C PRO A 232 -18.51 17.48 -23.29
N ALA A 233 -17.32 16.93 -22.99
CA ALA A 233 -16.65 17.23 -21.73
C ALA A 233 -16.29 18.70 -21.58
N THR A 234 -16.37 19.50 -22.65
CA THR A 234 -16.17 20.93 -22.50
C THR A 234 -17.35 21.57 -21.82
N LEU A 235 -18.57 21.10 -22.10
CA LEU A 235 -19.75 21.66 -21.46
C LEU A 235 -19.78 21.34 -19.98
N GLN A 236 -19.33 20.13 -19.60
CA GLN A 236 -19.25 19.81 -18.18
C GLN A 236 -18.17 20.63 -17.49
N TYR A 237 -17.10 20.96 -18.21
CA TYR A 237 -16.04 21.77 -17.63
C TYR A 237 -16.47 23.23 -17.49
N LEU A 238 -17.33 23.71 -18.39
CA LEU A 238 -17.75 25.10 -18.37
C LEU A 238 -19.05 25.33 -17.60
N ALA A 239 -19.75 24.28 -17.20
CA ALA A 239 -20.95 24.45 -16.38
C ALA A 239 -20.69 25.21 -15.08
N PRO A 240 -19.70 24.85 -14.25
CA PRO A 240 -19.48 25.64 -13.04
C PRO A 240 -19.01 27.05 -13.33
N TYR A 241 -18.32 27.26 -14.45
CA TYR A 241 -17.90 28.61 -14.80
C TYR A 241 -19.07 29.45 -15.27
N THR A 242 -19.97 28.87 -16.05
CA THR A 242 -21.21 29.57 -16.40
C THR A 242 -22.00 29.91 -15.15
N GLY A 243 -22.08 28.98 -14.21
CA GLY A 243 -22.77 29.26 -12.96
C GLY A 243 -22.10 30.35 -12.16
N ALA A 244 -20.77 30.32 -12.08
CA ALA A 244 -20.06 31.32 -11.30
C ALA A 244 -20.18 32.69 -11.93
N ALA A 245 -20.19 32.78 -13.27
CA ALA A 245 -20.35 34.08 -13.90
C ALA A 245 -21.76 34.60 -13.75
N LEU A 246 -22.76 33.73 -13.88
CA LEU A 246 -24.15 34.18 -13.75
C LEU A 246 -24.47 34.56 -12.32
N ALA A 247 -23.81 33.91 -11.34
CA ALA A 247 -23.97 34.32 -9.95
C ALA A 247 -23.16 35.55 -9.63
N GLU A 248 -22.01 35.74 -10.27
CA GLU A 248 -21.20 36.92 -10.03
C GLU A 248 -21.83 38.17 -10.62
N TYR A 249 -22.65 38.02 -11.65
CA TYR A 249 -23.46 39.15 -12.08
C TYR A 249 -24.35 39.65 -10.95
N PHE A 250 -24.98 38.75 -10.20
CA PHE A 250 -25.79 39.16 -9.06
C PHE A 250 -24.94 39.59 -7.88
N MET A 251 -23.72 39.04 -7.77
CA MET A 251 -22.81 39.48 -6.72
C MET A 251 -22.36 40.92 -6.94
N TYR A 252 -22.24 41.32 -8.20
CA TYR A 252 -21.94 42.71 -8.50
C TYR A 252 -23.22 43.55 -8.50
N ARG A 253 -24.37 42.90 -8.64
CA ARG A 253 -25.65 43.55 -8.40
C ARG A 253 -26.08 43.47 -6.94
N GLU A 254 -25.14 43.30 -6.02
CA GLU A 254 -25.30 43.43 -4.57
C GLU A 254 -26.36 42.52 -3.95
N ARG A 255 -26.86 41.55 -4.71
CA ARG A 255 -27.72 40.54 -4.12
C ARG A 255 -26.89 39.34 -3.67
N HIS A 256 -27.07 38.95 -2.40
CA HIS A 256 -26.22 37.94 -1.77
C HIS A 256 -26.58 36.57 -2.34
N THR A 257 -26.02 36.24 -3.49
CA THR A 257 -26.35 34.98 -4.13
C THR A 257 -25.64 33.81 -3.45
N LEU A 258 -25.88 32.62 -3.99
CA LEU A 258 -25.43 31.37 -3.40
C LEU A 258 -25.32 30.34 -4.52
N ILE A 259 -24.09 30.09 -4.98
CA ILE A 259 -23.89 29.08 -6.01
C ILE A 259 -23.66 27.75 -5.30
N ILE A 260 -24.27 26.69 -5.81
CA ILE A 260 -24.06 25.35 -5.26
C ILE A 260 -23.64 24.45 -6.41
N TYR A 261 -22.38 24.01 -6.36
CA TYR A 261 -21.92 23.04 -7.33
C TYR A 261 -22.45 21.66 -6.94
N ASP A 262 -22.44 20.76 -7.91
CA ASP A 262 -22.85 19.39 -7.68
C ASP A 262 -21.90 18.50 -8.45
N ASP A 263 -21.30 17.54 -7.76
CA ASP A 263 -20.24 16.69 -8.30
C ASP A 263 -19.15 17.54 -8.94
N LEU A 264 -18.53 18.39 -8.11
CA LEU A 264 -17.33 19.08 -8.56
C LEU A 264 -16.20 18.12 -8.91
N SER A 265 -16.33 16.84 -8.54
CA SER A 265 -15.43 15.83 -9.07
C SER A 265 -15.68 15.58 -10.55
N LYS A 266 -16.92 15.79 -10.99
CA LYS A 266 -17.24 15.53 -12.39
C LYS A 266 -16.67 16.62 -13.29
N GLN A 267 -16.55 17.85 -12.77
CA GLN A 267 -15.94 18.91 -13.56
C GLN A 267 -14.46 18.64 -13.79
N ALA A 268 -13.73 18.27 -12.75
CA ALA A 268 -12.32 17.96 -12.91
C ALA A 268 -12.14 16.67 -13.71
N GLN A 269 -13.11 15.76 -13.63
CA GLN A 269 -13.04 14.55 -14.44
C GLN A 269 -13.20 14.87 -15.92
N ALA A 270 -14.12 15.78 -16.25
CA ALA A 270 -14.30 16.15 -17.66
C ALA A 270 -13.14 17.01 -18.14
N TYR A 271 -12.56 17.82 -17.26
CA TYR A 271 -11.34 18.52 -17.61
C TYR A 271 -10.18 17.56 -17.83
N ARG A 272 -10.10 16.49 -17.05
CA ARG A 272 -9.11 15.44 -17.31
C ARG A 272 -9.34 14.80 -18.66
N GLN A 273 -10.60 14.52 -19.00
CA GLN A 273 -10.89 13.93 -20.30
C GLN A 273 -10.44 14.86 -21.43
N MET A 274 -10.71 16.16 -21.31
CA MET A 274 -10.26 17.08 -22.34
C MET A 274 -8.74 17.13 -22.42
N SER A 275 -8.07 17.30 -21.28
CA SER A 275 -6.63 17.53 -21.28
C SER A 275 -5.88 16.27 -21.72
N LEU A 276 -6.46 15.12 -21.45
CA LEU A 276 -5.88 13.89 -21.95
C LEU A 276 -6.20 13.65 -23.38
N LEU A 277 -7.32 14.19 -23.87
CA LEU A 277 -7.61 14.17 -25.29
C LEU A 277 -6.87 15.26 -26.06
N LEU A 278 -6.35 16.26 -25.36
CA LEU A 278 -5.47 17.27 -25.97
C LEU A 278 -4.02 16.86 -25.92
N ARG A 279 -3.70 15.77 -25.21
CA ARG A 279 -2.37 15.21 -25.01
C ARG A 279 -1.48 16.12 -24.19
N ARG A 280 -2.05 16.99 -23.37
CA ARG A 280 -1.24 17.71 -22.39
C ARG A 280 -0.82 16.72 -21.30
N PRO A 281 0.38 16.87 -20.74
CA PRO A 281 0.90 15.85 -19.82
C PRO A 281 0.09 15.80 -18.54
N PRO A 282 -0.21 14.60 -18.04
CA PRO A 282 -0.97 14.46 -16.79
C PRO A 282 -0.08 14.40 -15.57
N GLY A 283 -0.69 14.30 -14.39
CA GLY A 283 0.04 14.22 -13.14
C GLY A 283 -0.48 13.12 -12.24
N ARG A 284 -0.80 13.47 -10.99
CA ARG A 284 -1.33 12.48 -10.06
C ARG A 284 -2.71 12.01 -10.50
N GLU A 285 -2.98 10.72 -10.25
CA GLU A 285 -4.28 10.09 -10.55
C GLU A 285 -4.69 10.28 -12.01
N ALA A 286 -3.70 10.47 -12.89
CA ALA A 286 -3.89 10.76 -14.31
C ALA A 286 -4.63 12.08 -14.53
N TYR A 287 -4.91 12.81 -13.45
CA TYR A 287 -5.44 14.16 -13.60
C TYR A 287 -4.39 15.05 -14.24
N PRO A 288 -4.78 16.03 -15.05
CA PRO A 288 -3.80 16.91 -15.66
C PRO A 288 -3.16 17.82 -14.62
N GLY A 289 -2.27 18.69 -15.10
CA GLY A 289 -1.51 19.53 -14.18
C GLY A 289 -2.41 20.47 -13.41
N ASP A 290 -2.97 21.48 -14.08
CA ASP A 290 -3.74 22.51 -13.41
C ASP A 290 -5.16 22.03 -13.13
N VAL A 291 -5.26 21.05 -12.23
CA VAL A 291 -6.57 20.60 -11.76
C VAL A 291 -7.13 21.50 -10.67
N PHE A 292 -6.34 21.82 -9.64
CA PHE A 292 -6.86 22.72 -8.63
C PHE A 292 -6.54 24.17 -8.92
N TYR A 293 -5.69 24.47 -9.91
CA TYR A 293 -5.67 25.83 -10.43
C TYR A 293 -7.02 26.19 -11.03
N LEU A 294 -7.61 25.22 -11.75
CA LEU A 294 -8.99 25.34 -12.21
C LEU A 294 -9.95 25.55 -11.04
N HIS A 295 -9.83 24.72 -10.00
CA HIS A 295 -10.73 24.82 -8.87
C HIS A 295 -10.55 26.12 -8.12
N SER A 296 -9.34 26.67 -8.12
CA SER A 296 -9.11 27.97 -7.52
C SER A 296 -9.75 29.08 -8.35
N ARG A 297 -9.48 29.09 -9.65
CA ARG A 297 -10.08 30.08 -10.53
C ARG A 297 -11.59 30.02 -10.49
N LEU A 298 -12.14 28.88 -10.08
CA LEU A 298 -13.59 28.75 -9.95
C LEU A 298 -14.09 29.17 -8.58
N LEU A 299 -13.45 28.70 -7.50
CA LEU A 299 -13.95 28.82 -6.14
C LEU A 299 -13.36 29.97 -5.36
N GLU A 300 -12.50 30.78 -5.96
CA GLU A 300 -12.04 32.01 -5.32
C GLU A 300 -12.76 33.23 -5.87
N ARG A 301 -13.73 33.01 -6.75
CA ARG A 301 -14.69 34.03 -7.13
C ARG A 301 -15.81 34.15 -6.11
N ALA A 302 -15.73 33.41 -5.03
CA ALA A 302 -16.85 33.22 -4.11
C ALA A 302 -16.48 33.82 -2.77
N ALA A 303 -16.76 35.11 -2.60
CA ALA A 303 -16.44 35.79 -1.36
C ALA A 303 -17.27 37.05 -1.24
N LYS A 304 -17.59 37.42 -0.01
CA LYS A 304 -18.32 38.66 0.25
C LYS A 304 -17.50 39.85 -0.20
N LEU A 305 -18.09 40.66 -1.06
CA LEU A 305 -17.42 41.89 -1.48
C LEU A 305 -17.40 42.90 -0.35
N SER A 306 -16.45 43.83 -0.41
CA SER A 306 -16.36 44.88 0.58
C SER A 306 -17.54 45.84 0.45
N SER A 307 -17.73 46.67 1.48
CA SER A 307 -18.82 47.64 1.47
C SER A 307 -18.69 48.66 0.35
N LEU A 308 -17.51 48.77 -0.27
CA LEU A 308 -17.33 49.70 -1.37
C LEU A 308 -17.83 49.14 -2.68
N LEU A 309 -17.54 47.86 -2.96
CA LEU A 309 -17.89 47.27 -4.24
C LEU A 309 -19.28 46.62 -4.19
N GLY A 310 -20.14 47.11 -3.31
CA GLY A 310 -21.53 46.70 -3.30
C GLY A 310 -21.84 45.54 -2.38
N GLU A 311 -20.88 45.14 -1.55
CA GLU A 311 -21.02 44.19 -0.44
C GLU A 311 -21.94 43.02 -0.73
N GLY A 312 -21.79 42.39 -1.90
CA GLY A 312 -22.53 41.20 -2.24
C GLY A 312 -21.96 39.97 -1.57
N SER A 313 -22.08 38.84 -2.27
CA SER A 313 -21.53 37.58 -1.77
C SER A 313 -21.68 36.50 -2.82
N MET A 314 -20.89 35.44 -2.67
CA MET A 314 -21.13 34.16 -3.33
C MET A 314 -20.75 33.10 -2.31
N THR A 315 -21.70 32.65 -1.50
CA THR A 315 -21.44 31.60 -0.53
C THR A 315 -21.55 30.24 -1.21
N ALA A 316 -20.49 29.92 -1.95
CA ALA A 316 -20.44 28.65 -2.67
C ALA A 316 -20.56 27.47 -1.72
N LEU A 317 -21.23 26.42 -2.18
CA LEU A 317 -21.28 25.14 -1.50
C LEU A 317 -20.84 24.04 -2.45
N PRO A 318 -19.59 24.06 -2.90
CA PRO A 318 -19.14 23.03 -3.86
C PRO A 318 -19.23 21.65 -3.26
N ILE A 319 -19.64 20.69 -4.07
CA ILE A 319 -19.88 19.32 -3.65
C ILE A 319 -18.90 18.42 -4.38
N VAL A 320 -18.07 17.70 -3.63
CA VAL A 320 -17.06 16.81 -4.21
C VAL A 320 -17.31 15.41 -3.69
N GLU A 321 -17.71 14.51 -4.59
CA GLU A 321 -17.93 13.11 -4.24
C GLU A 321 -16.57 12.47 -4.02
N THR A 322 -16.22 12.25 -2.76
CA THR A 322 -15.04 11.47 -2.41
C THR A 322 -15.44 10.00 -2.50
N GLN A 323 -14.60 9.20 -3.15
CA GLN A 323 -14.92 7.78 -3.30
C GLN A 323 -14.80 7.06 -1.97
N ALA A 324 -14.95 5.73 -2.02
CA ALA A 324 -15.53 4.87 -0.96
C ALA A 324 -15.10 5.38 0.42
N GLY A 325 -13.80 5.51 0.71
CA GLY A 325 -13.41 6.13 1.96
C GLY A 325 -12.35 7.21 1.81
N ASP A 326 -11.66 7.20 0.68
CA ASP A 326 -10.36 7.85 0.54
C ASP A 326 -10.56 9.34 0.24
N VAL A 327 -10.59 10.14 1.31
CA VAL A 327 -10.63 11.59 1.18
C VAL A 327 -9.23 12.10 0.92
N SER A 328 -8.24 11.21 1.03
CA SER A 328 -6.86 11.57 0.76
C SER A 328 -6.51 11.45 -0.72
N ALA A 329 -7.51 11.32 -1.59
CA ALA A 329 -7.29 11.23 -3.02
C ALA A 329 -6.85 12.59 -3.57
N TYR A 330 -6.70 12.67 -4.88
CA TYR A 330 -6.16 13.89 -5.49
C TYR A 330 -7.12 15.06 -5.34
N ILE A 331 -8.26 14.99 -6.01
CA ILE A 331 -9.17 16.14 -6.06
C ILE A 331 -9.90 16.41 -4.74
N PRO A 332 -10.32 15.40 -3.92
CA PRO A 332 -10.94 15.77 -2.64
C PRO A 332 -10.02 16.61 -1.77
N THR A 333 -8.74 16.25 -1.67
CA THR A 333 -7.85 17.02 -0.81
C THR A 333 -7.44 18.32 -1.50
N ASN A 334 -7.37 18.34 -2.83
CA ASN A 334 -7.02 19.57 -3.51
C ASN A 334 -8.12 20.62 -3.37
N VAL A 335 -9.38 20.18 -3.24
CA VAL A 335 -10.45 21.14 -3.09
C VAL A 335 -10.74 21.41 -1.61
N ILE A 336 -10.35 20.48 -0.72
CA ILE A 336 -10.32 20.80 0.70
C ILE A 336 -9.34 21.93 0.96
N SER A 337 -8.20 21.90 0.26
CA SER A 337 -7.20 22.96 0.38
C SER A 337 -7.76 24.31 0.01
N ILE A 338 -8.69 24.35 -0.95
CA ILE A 338 -9.13 25.63 -1.50
C ILE A 338 -10.37 26.14 -0.78
N THR A 339 -11.24 25.23 -0.37
CA THR A 339 -12.50 25.64 0.25
C THR A 339 -12.31 25.91 1.73
N ASP A 340 -13.06 26.88 2.26
CA ASP A 340 -12.94 27.24 3.66
C ASP A 340 -13.40 26.12 4.57
N GLY A 341 -14.67 25.73 4.48
CA GLY A 341 -15.16 24.74 5.42
C GLY A 341 -15.64 23.43 4.81
N GLN A 342 -14.90 22.35 5.01
CA GLN A 342 -15.34 21.04 4.56
C GLN A 342 -16.35 20.49 5.56
N ILE A 343 -17.37 19.81 5.06
CA ILE A 343 -18.41 19.20 5.88
C ILE A 343 -18.51 17.74 5.47
N PHE A 344 -18.01 16.86 6.33
CA PHE A 344 -17.97 15.44 6.02
C PHE A 344 -19.36 14.85 6.21
N LEU A 345 -20.01 14.52 5.10
CA LEU A 345 -21.25 13.75 5.13
C LEU A 345 -20.90 12.27 5.12
N SER A 346 -20.12 11.87 6.12
CA SER A 346 -19.56 10.53 6.19
C SER A 346 -20.68 9.50 6.20
N ALA A 347 -20.58 8.53 5.28
CA ALA A 347 -21.67 7.57 5.10
C ALA A 347 -21.75 6.59 6.28
N ASP A 348 -20.74 6.59 7.14
CA ASP A 348 -20.77 5.69 8.29
C ASP A 348 -21.78 6.16 9.34
N LEU A 349 -22.14 7.45 9.30
CA LEU A 349 -23.20 7.94 10.16
C LEU A 349 -24.56 7.83 9.46
N PHE A 350 -24.58 8.13 8.16
CA PHE A 350 -25.82 8.05 7.39
C PHE A 350 -26.35 6.62 7.31
N ASN A 351 -25.47 5.63 7.38
CA ASN A 351 -25.92 4.24 7.42
C ASN A 351 -26.60 3.91 8.75
N ALA A 352 -26.15 4.52 9.84
CA ALA A 352 -26.85 4.40 11.12
C ALA A 352 -28.20 5.10 11.05
N GLY A 353 -28.23 6.34 10.57
CA GLY A 353 -29.50 7.00 10.38
C GLY A 353 -29.53 8.44 10.79
N ILE A 354 -28.47 8.94 11.43
CA ILE A 354 -28.45 10.34 11.84
C ILE A 354 -28.40 11.23 10.60
N ARG A 355 -29.54 11.89 10.31
CA ARG A 355 -29.71 12.61 9.07
C ARG A 355 -30.06 14.07 9.32
N PRO A 356 -29.35 15.02 8.69
CA PRO A 356 -28.21 14.78 7.79
C PRO A 356 -26.97 14.31 8.56
N ALA A 357 -26.01 13.73 7.84
CA ALA A 357 -24.93 12.98 8.45
C ALA A 357 -23.65 13.78 8.60
N ILE A 358 -23.75 15.05 8.97
CA ILE A 358 -22.57 15.88 9.23
C ILE A 358 -21.73 15.20 10.31
N ASN A 359 -20.44 15.01 10.02
CA ASN A 359 -19.52 14.37 10.96
C ASN A 359 -18.69 15.46 11.63
N VAL A 360 -19.23 16.03 12.71
CA VAL A 360 -18.52 17.05 13.46
C VAL A 360 -17.30 16.40 14.11
N GLY A 361 -16.21 17.15 14.16
CA GLY A 361 -14.94 16.62 14.62
C GLY A 361 -13.93 16.55 13.49
N ILE A 362 -14.41 16.21 12.29
CA ILE A 362 -13.57 16.23 11.09
C ILE A 362 -14.05 17.28 10.10
N SER A 363 -15.22 17.86 10.33
CA SER A 363 -15.75 18.94 9.50
C SER A 363 -15.45 20.26 10.17
N VAL A 364 -14.57 21.05 9.58
CA VAL A 364 -14.11 22.31 10.15
C VAL A 364 -14.80 23.45 9.44
N SER A 365 -14.80 24.62 10.07
CA SER A 365 -15.30 25.85 9.48
C SER A 365 -14.24 26.93 9.65
N ARG A 366 -13.67 27.38 8.53
CA ARG A 366 -12.60 28.35 8.58
C ARG A 366 -13.07 29.77 8.81
N VAL A 367 -14.38 30.00 8.92
CA VAL A 367 -14.87 31.34 9.23
C VAL A 367 -15.25 31.44 10.69
N GLY A 368 -15.53 30.32 11.34
CA GLY A 368 -15.86 30.33 12.75
C GLY A 368 -17.24 30.91 13.02
N SER A 369 -17.46 31.26 14.29
CA SER A 369 -18.72 31.85 14.72
C SER A 369 -18.80 33.33 14.44
N ALA A 370 -17.82 33.90 13.73
CA ALA A 370 -17.95 35.27 13.25
C ALA A 370 -19.02 35.41 12.19
N ALA A 371 -19.45 34.30 11.60
CA ALA A 371 -20.49 34.29 10.58
C ALA A 371 -21.77 33.67 11.12
N GLN A 372 -22.06 33.90 12.39
CA GLN A 372 -23.30 33.52 13.02
C GLN A 372 -23.96 34.74 13.65
N ILE A 373 -25.23 34.61 13.97
CA ILE A 373 -25.90 35.67 14.73
C ILE A 373 -25.33 35.71 16.14
N LYS A 374 -25.50 36.87 16.78
CA LYS A 374 -25.02 37.05 18.15
C LYS A 374 -25.66 36.06 19.10
N ALA A 375 -26.96 35.78 18.90
CA ALA A 375 -27.65 34.82 19.76
C ALA A 375 -27.02 33.43 19.66
N MET A 376 -26.70 32.99 18.44
CA MET A 376 -26.10 31.68 18.25
C MET A 376 -24.73 31.59 18.91
N LYS A 377 -23.90 32.61 18.73
CA LYS A 377 -22.58 32.59 19.36
C LYS A 377 -22.68 32.66 20.88
N LYS A 378 -23.74 33.26 21.40
CA LYS A 378 -23.90 33.34 22.85
C LYS A 378 -24.39 32.01 23.42
N VAL A 379 -25.40 31.39 22.79
CA VAL A 379 -26.02 30.22 23.37
C VAL A 379 -25.14 28.99 23.20
N ALA A 380 -24.72 28.70 21.96
CA ALA A 380 -23.83 27.58 21.69
C ALA A 380 -22.81 28.02 20.63
N GLY A 381 -21.72 28.62 21.11
CA GLY A 381 -20.57 28.86 20.26
C GLY A 381 -19.41 27.93 20.56
N LYS A 382 -19.27 27.53 21.82
CA LYS A 382 -18.34 26.49 22.23
C LYS A 382 -18.83 25.09 21.91
N LEU A 383 -19.91 24.98 21.13
CA LEU A 383 -20.56 23.69 20.94
C LEU A 383 -19.71 22.77 20.07
N LYS A 384 -19.01 23.31 19.08
CA LYS A 384 -18.17 22.51 18.21
C LYS A 384 -17.09 21.78 19.00
N LEU A 385 -16.34 22.52 19.81
CA LEU A 385 -15.25 21.92 20.56
C LEU A 385 -15.75 21.07 21.70
N GLU A 386 -16.80 21.52 22.39
CA GLU A 386 -17.39 20.71 23.46
C GLU A 386 -17.84 19.35 22.93
N LEU A 387 -18.47 19.34 21.76
CA LEU A 387 -18.99 18.09 21.22
C LEU A 387 -17.88 17.22 20.64
N ALA A 388 -16.93 17.84 19.92
CA ALA A 388 -15.80 17.08 19.42
C ALA A 388 -14.93 16.53 20.55
N GLN A 389 -14.95 17.18 21.71
CA GLN A 389 -14.32 16.65 22.90
C GLN A 389 -15.10 15.51 23.52
N PHE A 390 -16.43 15.66 23.61
CA PHE A 390 -17.29 14.59 24.06
C PHE A 390 -17.14 13.33 23.21
N ALA A 391 -16.84 13.48 21.92
CA ALA A 391 -16.61 12.30 21.08
C ALA A 391 -15.47 11.44 21.63
N GLU A 392 -14.40 12.08 22.09
CA GLU A 392 -13.28 11.34 22.65
C GLU A 392 -13.68 10.66 23.95
N LEU A 393 -14.37 11.37 24.84
CA LEU A 393 -14.79 10.79 26.11
C LEU A 393 -15.82 9.68 25.92
N GLU A 394 -16.57 9.71 24.82
CA GLU A 394 -17.49 8.64 24.48
C GLU A 394 -16.75 7.40 23.99
N ALA A 395 -15.85 7.58 23.03
CA ALA A 395 -15.10 6.45 22.48
C ALA A 395 -14.15 5.86 23.52
N PHE A 396 -13.82 6.66 24.55
CA PHE A 396 -12.89 6.17 25.56
C PHE A 396 -13.62 5.56 26.75
N ALA A 397 -14.87 5.96 26.97
CA ALA A 397 -15.65 5.37 28.06
C ALA A 397 -16.69 4.38 27.58
N GLN A 398 -16.68 3.98 26.30
CA GLN A 398 -17.40 2.78 25.91
C GLN A 398 -16.94 1.59 26.74
N PHE A 399 -15.63 1.35 26.78
CA PHE A 399 -15.04 0.44 27.74
C PHE A 399 -14.74 1.20 29.02
N ALA A 400 -15.16 0.67 30.16
CA ALA A 400 -15.12 1.42 31.40
C ALA A 400 -15.00 0.49 32.59
N SER A 401 -14.54 1.05 33.72
CA SER A 401 -14.55 0.39 35.02
C SER A 401 -14.40 1.45 36.09
N ASP A 402 -15.32 1.45 37.06
CA ASP A 402 -15.36 2.42 38.14
C ASP A 402 -15.53 3.85 37.60
N LEU A 403 -16.57 4.04 36.80
CA LEU A 403 -16.88 5.37 36.30
C LEU A 403 -17.46 6.23 37.42
N ASP A 404 -16.93 7.45 37.55
CA ASP A 404 -17.41 8.37 38.57
C ASP A 404 -18.69 9.06 38.12
N LYS A 405 -19.14 10.07 38.87
CA LYS A 405 -20.30 10.85 38.49
C LYS A 405 -19.98 11.89 37.42
N ALA A 406 -18.75 12.41 37.38
CA ALA A 406 -18.34 13.31 36.31
C ALA A 406 -18.53 12.65 34.94
N THR A 407 -18.00 11.45 34.76
CA THR A 407 -18.14 10.77 33.47
C THR A 407 -19.58 10.31 33.25
N GLN A 408 -20.22 9.76 34.28
CA GLN A 408 -21.56 9.22 34.14
C GLN A 408 -22.58 10.29 33.79
N ASN A 409 -22.29 11.56 34.13
CA ASN A 409 -23.17 12.66 33.76
C ASN A 409 -22.68 13.41 32.52
N GLN A 410 -21.37 13.44 32.28
CA GLN A 410 -20.85 14.10 31.10
C GLN A 410 -21.22 13.34 29.83
N LEU A 411 -21.13 12.00 29.87
CA LEU A 411 -21.58 11.23 28.72
C LEU A 411 -23.08 11.36 28.50
N ALA A 412 -23.85 11.48 29.59
CA ALA A 412 -25.28 11.71 29.43
C ALA A 412 -25.56 13.06 28.77
N ARG A 413 -24.86 14.11 29.20
CA ARG A 413 -25.00 15.42 28.59
C ARG A 413 -24.59 15.39 27.12
N GLY A 414 -23.46 14.74 26.81
CA GLY A 414 -23.03 14.65 25.42
C GLY A 414 -23.98 13.85 24.56
N GLN A 415 -24.59 12.81 25.13
CA GLN A 415 -25.58 12.04 24.38
C GLN A 415 -26.80 12.90 24.07
N ARG A 416 -27.31 13.61 25.07
CA ARG A 416 -28.45 14.48 24.83
C ARG A 416 -28.08 15.68 23.96
N LEU A 417 -26.78 15.94 23.79
CA LEU A 417 -26.32 17.03 22.94
C LEU A 417 -26.11 16.57 21.51
N ARG A 418 -25.83 15.27 21.31
CA ARG A 418 -25.76 14.73 19.96
C ARG A 418 -27.15 14.43 19.42
N GLU A 419 -28.06 13.98 20.30
CA GLU A 419 -29.31 13.38 19.84
C GLU A 419 -30.26 14.39 19.21
N LEU A 420 -30.00 15.69 19.36
CA LEU A 420 -30.99 16.67 18.92
C LEU A 420 -30.64 17.27 17.56
N LEU A 421 -29.75 16.63 16.81
CA LEU A 421 -29.56 17.01 15.41
C LEU A 421 -29.97 15.83 14.53
N LYS A 422 -31.26 15.76 14.21
CA LYS A 422 -31.79 14.65 13.43
C LYS A 422 -32.80 15.14 12.40
N GLN A 423 -32.46 16.23 11.70
CA GLN A 423 -33.42 16.93 10.86
C GLN A 423 -33.98 16.03 9.76
N PRO A 424 -35.28 15.77 9.74
CA PRO A 424 -35.89 15.19 8.54
C PRO A 424 -35.79 16.19 7.39
N GLN A 425 -35.27 15.72 6.25
CA GLN A 425 -34.86 16.61 5.18
C GLN A 425 -36.05 17.40 4.63
N SER A 426 -35.71 18.48 3.92
CA SER A 426 -36.67 19.39 3.31
C SER A 426 -37.66 19.98 4.32
N ALA A 427 -37.23 20.13 5.57
CA ALA A 427 -38.01 20.77 6.60
C ALA A 427 -37.30 22.04 7.06
N PRO A 428 -37.78 23.22 6.68
CA PRO A 428 -37.05 24.45 7.02
C PRO A 428 -37.18 24.84 8.49
N LEU A 429 -36.04 25.08 9.14
CA LEU A 429 -36.00 25.48 10.54
C LEU A 429 -35.55 26.94 10.60
N THR A 430 -36.46 27.82 11.01
CA THR A 430 -36.10 29.20 11.26
C THR A 430 -35.09 29.29 12.40
N VAL A 431 -34.43 30.44 12.50
CA VAL A 431 -33.24 30.57 13.34
C VAL A 431 -33.55 30.36 14.80
N GLU A 432 -34.72 30.82 15.27
CA GLU A 432 -35.10 30.59 16.66
C GLU A 432 -35.33 29.10 16.91
N GLU A 433 -35.79 28.38 15.90
CA GLU A 433 -36.06 26.95 16.06
C GLU A 433 -34.76 26.16 16.22
N GLN A 434 -33.62 26.78 15.94
CA GLN A 434 -32.33 26.22 16.28
C GLN A 434 -31.77 26.77 17.58
N VAL A 435 -32.00 28.07 17.85
CA VAL A 435 -31.53 28.66 19.09
C VAL A 435 -32.13 27.95 20.30
N MET A 436 -33.45 27.69 20.26
CA MET A 436 -34.11 27.10 21.41
C MET A 436 -33.65 25.67 21.65
N THR A 437 -33.46 24.90 20.58
CA THR A 437 -33.06 23.50 20.76
C THR A 437 -31.62 23.41 21.24
N ILE A 438 -30.73 24.26 20.74
CA ILE A 438 -29.36 24.15 21.21
C ILE A 438 -29.24 24.73 22.62
N TYR A 439 -30.14 25.64 23.00
CA TYR A 439 -30.18 26.09 24.40
C TYR A 439 -30.57 24.96 25.33
N THR A 440 -31.74 24.36 25.08
CA THR A 440 -32.23 23.29 25.95
C THR A 440 -31.31 22.08 25.90
N GLY A 441 -30.49 21.98 24.86
CA GLY A 441 -29.53 20.88 24.81
C GLY A 441 -28.26 21.18 25.59
N THR A 442 -27.63 22.32 25.32
CA THR A 442 -26.34 22.61 25.95
C THR A 442 -26.50 22.82 27.45
N ASN A 443 -27.69 23.21 27.90
CA ASN A 443 -27.95 23.28 29.34
C ASN A 443 -28.58 21.96 29.77
N GLY A 444 -28.58 21.73 31.09
CA GLY A 444 -29.06 20.48 31.65
C GLY A 444 -30.54 20.20 31.46
N TYR A 445 -31.28 21.20 30.96
CA TYR A 445 -32.73 21.14 30.81
C TYR A 445 -33.22 19.88 30.12
N LEU A 446 -32.49 19.42 29.11
CA LEU A 446 -32.80 18.18 28.43
C LEU A 446 -32.10 16.98 29.05
N ASP A 447 -30.98 17.19 29.74
CA ASP A 447 -30.29 16.12 30.43
C ASP A 447 -31.17 15.55 31.54
N SER A 448 -32.00 16.39 32.15
CA SER A 448 -32.75 15.99 33.34
C SER A 448 -33.73 14.86 33.04
N LEU A 449 -34.74 15.11 32.21
CA LEU A 449 -35.81 14.14 32.00
C LEU A 449 -35.82 13.61 30.57
N GLU A 450 -35.02 12.57 30.34
CA GLU A 450 -35.11 11.74 29.14
C GLU A 450 -34.34 10.43 29.29
N LEU A 451 -34.51 9.52 28.33
CA LEU A 451 -33.70 8.31 28.19
C LEU A 451 -33.29 8.21 26.71
N ASP A 452 -32.98 9.38 26.12
CA ASP A 452 -32.67 9.64 24.72
C ASP A 452 -33.90 9.59 23.82
N GLN A 453 -35.10 9.75 24.37
CA GLN A 453 -36.28 10.02 23.54
C GLN A 453 -36.46 11.54 23.45
N VAL A 454 -35.46 12.22 22.89
CA VAL A 454 -35.45 13.69 22.88
C VAL A 454 -36.21 14.26 21.69
N ARG A 455 -36.73 13.42 20.80
CA ARG A 455 -37.43 13.92 19.61
C ARG A 455 -38.67 14.70 19.98
N LYS A 456 -39.58 14.08 20.75
CA LYS A 456 -40.86 14.71 21.04
C LYS A 456 -40.69 15.90 21.98
N TYR A 457 -39.76 15.80 22.93
CA TYR A 457 -39.49 16.93 23.83
C TYR A 457 -39.05 18.17 23.07
N LEU A 458 -38.39 18.00 21.92
CA LEU A 458 -37.95 19.15 21.15
C LEU A 458 -38.99 19.62 20.14
N VAL A 459 -39.68 18.70 19.46
CA VAL A 459 -40.72 19.12 18.52
C VAL A 459 -41.86 19.80 19.26
N GLU A 460 -42.25 19.26 20.41
CA GLU A 460 -43.28 19.90 21.24
C GLU A 460 -42.84 21.28 21.69
N LEU A 461 -41.59 21.40 22.16
CA LEU A 461 -41.09 22.69 22.60
C LEU A 461 -41.08 23.70 21.47
N ARG A 462 -40.71 23.25 20.27
CA ARG A 462 -40.68 24.13 19.11
C ARG A 462 -42.08 24.63 18.77
N THR A 463 -43.05 23.71 18.76
CA THR A 463 -44.44 24.11 18.50
C THR A 463 -44.95 25.06 19.58
N TYR A 464 -44.54 24.83 20.83
CA TYR A 464 -45.06 25.64 21.93
C TYR A 464 -44.49 27.05 21.89
N VAL A 465 -43.19 27.20 21.63
CA VAL A 465 -42.61 28.52 21.57
C VAL A 465 -42.97 29.20 20.25
N LYS A 466 -43.42 28.42 19.26
CA LYS A 466 -43.92 29.01 18.03
C LYS A 466 -45.31 29.60 18.23
N THR A 467 -46.20 28.85 18.90
CA THR A 467 -47.59 29.30 19.01
C THR A 467 -47.78 30.26 20.17
N ASN A 468 -47.15 29.98 21.31
CA ASN A 468 -47.22 30.84 22.48
C ASN A 468 -45.90 31.57 22.63
N LYS A 469 -45.89 32.57 23.52
CA LYS A 469 -44.73 33.41 23.78
C LYS A 469 -44.10 33.90 22.48
N PRO A 470 -44.84 34.66 21.66
CA PRO A 470 -44.39 34.92 20.29
C PRO A 470 -43.35 36.01 20.16
N GLU A 471 -43.04 36.74 21.23
CA GLU A 471 -42.04 37.81 21.13
C GLU A 471 -40.62 37.29 21.15
N PHE A 472 -40.42 35.99 21.44
CA PHE A 472 -39.11 35.38 21.23
C PHE A 472 -38.68 35.50 19.77
N GLN A 473 -39.60 35.23 18.85
CA GLN A 473 -39.28 35.36 17.43
C GLN A 473 -38.95 36.79 17.06
N GLU A 474 -39.66 37.75 17.64
CA GLU A 474 -39.38 39.15 17.33
C GLU A 474 -38.03 39.58 17.91
N ILE A 475 -37.66 39.03 19.07
CA ILE A 475 -36.35 39.33 19.64
C ILE A 475 -35.23 38.76 18.77
N ILE A 476 -35.37 37.51 18.32
CA ILE A 476 -34.34 36.89 17.48
C ILE A 476 -34.43 37.38 16.03
N SER A 477 -35.47 38.13 15.68
CA SER A 477 -35.57 38.69 14.35
C SER A 477 -34.98 40.10 14.29
N SER A 478 -35.44 40.98 15.17
CA SER A 478 -34.94 42.35 15.16
C SER A 478 -33.53 42.44 15.73
N THR A 479 -33.37 42.04 16.99
CA THR A 479 -32.08 42.20 17.65
C THR A 479 -31.14 41.03 17.35
N LYS A 480 -31.70 39.83 17.18
CA LYS A 480 -30.95 38.60 16.89
C LYS A 480 -29.92 38.29 17.98
N THR A 481 -30.14 38.77 19.19
CA THR A 481 -29.24 38.54 20.31
C THR A 481 -29.98 37.82 21.42
N PHE A 482 -29.37 36.76 21.96
CA PHE A 482 -29.97 36.02 23.06
C PHE A 482 -29.88 36.83 24.34
N THR A 483 -30.67 37.89 24.42
CA THR A 483 -30.53 38.86 25.50
C THR A 483 -31.01 38.30 26.83
N GLU A 484 -30.96 39.15 27.86
CA GLU A 484 -31.27 38.71 29.22
C GLU A 484 -32.74 38.34 29.35
N GLU A 485 -33.63 39.20 28.86
CA GLU A 485 -35.06 38.95 29.00
C GLU A 485 -35.54 37.80 28.13
N ALA A 486 -34.85 37.51 27.02
CA ALA A 486 -35.21 36.37 26.20
C ALA A 486 -34.85 35.04 26.85
N GLU A 487 -34.02 35.05 27.90
CA GLU A 487 -33.76 33.84 28.65
C GLU A 487 -34.96 33.45 29.50
N ALA A 488 -35.70 34.43 30.00
CA ALA A 488 -36.88 34.16 30.83
C ALA A 488 -37.97 33.49 30.02
N LEU A 489 -38.17 33.94 28.78
CA LEU A 489 -39.16 33.33 27.90
C LEU A 489 -38.87 31.84 27.71
N LEU A 490 -37.61 31.53 27.38
CA LEU A 490 -37.23 30.14 27.17
C LEU A 490 -37.28 29.35 28.47
N LYS A 491 -36.98 29.98 29.60
CA LYS A 491 -37.01 29.27 30.87
C LYS A 491 -38.44 28.88 31.24
N GLU A 492 -39.37 29.83 31.17
CA GLU A 492 -40.76 29.49 31.39
C GLU A 492 -41.26 28.48 30.37
N ALA A 493 -40.79 28.60 29.12
CA ALA A 493 -41.18 27.64 28.09
C ALA A 493 -40.76 26.23 28.44
N ILE A 494 -39.51 26.05 28.87
CA ILE A 494 -39.00 24.71 29.12
C ILE A 494 -39.58 24.14 30.42
N GLN A 495 -39.91 24.99 31.39
CA GLN A 495 -40.54 24.47 32.60
C GLN A 495 -41.99 24.06 32.35
N GLU A 496 -42.77 24.94 31.72
CA GLU A 496 -44.11 24.58 31.27
C GLU A 496 -44.06 23.34 30.37
N GLN A 497 -42.97 23.19 29.61
CA GLN A 497 -42.86 22.09 28.67
C GLN A 497 -42.57 20.78 29.40
N MET A 498 -41.67 20.80 30.38
CA MET A 498 -41.44 19.60 31.18
C MET A 498 -42.69 19.17 31.91
N GLU A 499 -43.47 20.14 32.41
CA GLU A 499 -44.69 19.78 33.12
C GLU A 499 -45.76 19.27 32.17
N ARG A 500 -45.87 19.87 30.98
CA ARG A 500 -46.80 19.36 29.97
C ARG A 500 -46.38 17.98 29.50
N PHE A 501 -45.07 17.73 29.49
CA PHE A 501 -44.54 16.42 29.11
C PHE A 501 -44.96 15.35 30.11
N LEU A 502 -44.74 15.62 31.41
CA LEU A 502 -45.10 14.64 32.42
C LEU A 502 -46.63 14.57 32.59
N LEU A 503 -47.35 15.60 32.15
CA LEU A 503 -48.79 15.62 32.24
C LEU A 503 -49.49 14.92 31.09
N GLN A 504 -48.90 14.92 29.89
CA GLN A 504 -49.62 14.45 28.71
C GLN A 504 -48.98 13.21 28.08
N GLU A 505 -47.69 13.27 27.79
CA GLU A 505 -47.06 12.25 26.94
C GLU A 505 -46.23 11.23 27.71
N GLN A 506 -46.43 11.10 29.01
CA GLN A 506 -45.74 10.08 29.79
C GLN A 506 -46.63 9.57 30.92
N ARG B 5 56.72 46.89 -2.20
CA ARG B 5 55.85 45.81 -2.64
C ARG B 5 54.74 46.34 -3.55
N ALA B 6 54.56 47.67 -3.55
CA ALA B 6 53.46 48.30 -4.27
C ALA B 6 53.51 47.97 -5.76
N ASP B 7 54.70 47.69 -6.29
CA ASP B 7 54.85 47.20 -7.64
C ASP B 7 55.49 45.82 -7.68
N GLU B 8 56.01 45.33 -6.55
CA GLU B 8 56.52 43.96 -6.50
C GLU B 8 55.38 42.95 -6.61
N ILE B 9 54.19 43.31 -6.13
CA ILE B 9 53.03 42.43 -6.31
C ILE B 9 52.74 42.24 -7.80
N SER B 10 52.86 43.30 -8.59
CA SER B 10 52.66 43.18 -10.03
C SER B 10 53.87 42.54 -10.70
N LYS B 11 55.05 42.67 -10.09
CA LYS B 11 56.23 41.97 -10.60
C LYS B 11 56.09 40.46 -10.45
N ILE B 12 55.37 40.02 -9.41
CA ILE B 12 55.11 38.59 -9.24
C ILE B 12 54.27 38.04 -10.39
N ILE B 13 53.37 38.88 -10.93
CA ILE B 13 52.54 38.51 -12.06
C ILE B 13 53.38 38.13 -13.29
N ARG B 14 54.52 38.82 -13.48
CA ARG B 14 55.37 38.59 -14.63
C ARG B 14 55.88 37.16 -14.69
N GLU B 15 56.01 36.49 -13.53
CA GLU B 15 56.45 35.11 -13.49
C GLU B 15 55.55 34.22 -14.33
N ARG B 16 54.26 34.15 -13.96
CA ARG B 16 53.32 33.32 -14.72
C ARG B 16 53.10 33.86 -16.12
N ILE B 17 53.11 35.19 -16.28
CA ILE B 17 52.91 35.78 -17.60
C ILE B 17 53.96 35.29 -18.59
N GLU B 18 55.22 35.23 -18.15
CA GLU B 18 56.27 34.72 -19.03
C GLU B 18 56.30 33.19 -19.03
N GLY B 19 55.74 32.56 -18.00
CA GLY B 19 55.72 31.12 -17.92
C GLY B 19 54.80 30.44 -18.91
N TYR B 20 53.52 30.82 -18.91
CA TYR B 20 52.54 30.18 -19.78
C TYR B 20 52.78 30.62 -21.22
N ASN B 21 52.97 29.65 -22.12
CA ASN B 21 53.32 29.93 -23.51
C ASN B 21 52.40 29.24 -24.51
N ARG B 22 51.43 28.45 -24.06
CA ARG B 22 50.28 28.04 -24.85
C ARG B 22 50.57 27.28 -26.13
N GLU B 23 51.07 26.04 -26.01
CA GLU B 23 51.15 25.13 -27.14
C GLU B 23 49.75 24.89 -27.72
N VAL B 24 49.71 24.52 -28.99
CA VAL B 24 48.43 24.34 -29.68
C VAL B 24 47.87 22.94 -29.43
N LYS B 25 46.89 22.85 -28.53
CA LYS B 25 46.21 21.60 -28.28
C LYS B 25 44.83 21.59 -28.96
N VAL B 26 44.18 20.43 -28.91
CA VAL B 26 42.83 20.30 -29.43
C VAL B 26 41.84 20.39 -28.27
N VAL B 27 40.94 21.37 -28.34
CA VAL B 27 39.88 21.51 -27.36
C VAL B 27 38.57 21.12 -28.03
N ASN B 28 37.95 20.05 -27.53
CA ASN B 28 36.65 19.66 -28.05
C ASN B 28 35.63 20.75 -27.75
N THR B 29 35.16 21.42 -28.80
CA THR B 29 34.34 22.61 -28.61
C THR B 29 33.12 22.52 -29.51
N GLY B 30 31.95 22.59 -28.87
CA GLY B 30 30.70 22.57 -29.61
C GLY B 30 29.79 23.64 -29.09
N THR B 31 28.68 23.83 -29.78
CA THR B 31 27.70 24.85 -29.45
C THR B 31 26.71 24.28 -28.44
N VAL B 32 25.96 25.18 -27.80
CA VAL B 32 24.95 24.81 -26.82
C VAL B 32 23.60 24.90 -27.48
N LEU B 33 22.95 23.75 -27.69
CA LEU B 33 21.58 23.75 -28.17
C LEU B 33 20.64 24.33 -27.14
N GLN B 34 20.61 23.75 -25.94
CA GLN B 34 19.49 23.92 -25.03
C GLN B 34 20.01 23.96 -23.60
N VAL B 35 19.57 24.95 -22.83
CA VAL B 35 19.85 25.02 -21.41
C VAL B 35 18.56 24.70 -20.67
N GLY B 36 18.55 23.57 -19.96
CA GLY B 36 17.33 22.98 -19.48
C GLY B 36 17.09 23.04 -17.99
N ASP B 37 17.37 24.20 -17.37
CA ASP B 37 17.14 24.42 -15.95
C ASP B 37 17.97 23.46 -15.11
N GLY B 38 19.28 23.53 -15.30
CA GLY B 38 20.21 22.61 -14.67
C GLY B 38 20.99 21.75 -15.62
N ILE B 39 20.45 21.45 -16.80
CA ILE B 39 21.15 20.69 -17.82
C ILE B 39 21.36 21.58 -19.03
N ALA B 40 22.49 21.40 -19.72
CA ALA B 40 22.77 22.16 -20.92
C ALA B 40 23.04 21.17 -22.06
N ARG B 41 22.02 20.91 -22.87
CA ARG B 41 22.14 19.89 -23.92
C ARG B 41 23.01 20.45 -25.06
N ILE B 42 24.31 20.52 -24.78
CA ILE B 42 25.23 21.06 -25.77
C ILE B 42 25.38 20.09 -26.94
N HIS B 43 25.76 20.64 -28.09
CA HIS B 43 25.81 19.90 -29.34
C HIS B 43 27.21 19.96 -29.91
N GLY B 44 27.61 18.93 -30.63
CA GLY B 44 28.82 18.93 -31.42
C GLY B 44 30.02 18.30 -30.77
N LEU B 45 30.04 18.14 -29.45
CA LEU B 45 31.16 17.47 -28.81
C LEU B 45 31.18 16.00 -29.19
N ASP B 46 32.11 15.63 -30.08
CA ASP B 46 32.17 14.26 -30.57
C ASP B 46 33.13 13.44 -29.71
N GLU B 47 34.39 13.85 -29.66
CA GLU B 47 35.42 13.08 -28.95
C GLU B 47 35.55 13.57 -27.52
N VAL B 48 34.46 13.38 -26.77
CA VAL B 48 34.43 13.71 -25.34
C VAL B 48 34.10 12.45 -24.56
N MET B 49 35.00 12.05 -23.66
CA MET B 49 34.78 10.84 -22.88
C MET B 49 33.64 11.06 -21.90
N ALA B 50 32.85 10.01 -21.67
CA ALA B 50 31.69 10.15 -20.81
C ALA B 50 32.13 10.42 -19.38
N GLY B 51 31.99 11.68 -18.96
CA GLY B 51 32.46 12.11 -17.67
C GLY B 51 33.41 13.28 -17.69
N GLU B 52 33.91 13.68 -18.86
CA GLU B 52 34.75 14.87 -18.92
C GLU B 52 33.92 16.10 -18.62
N LEU B 53 34.22 16.77 -17.50
CA LEU B 53 33.55 18.01 -17.18
C LEU B 53 33.95 19.08 -18.18
N VAL B 54 32.95 19.75 -18.74
CA VAL B 54 33.17 20.80 -19.74
C VAL B 54 33.17 22.14 -19.03
N GLU B 55 33.77 23.14 -19.66
CA GLU B 55 33.76 24.51 -19.15
C GLU B 55 33.19 25.41 -20.23
N PHE B 56 32.30 26.31 -19.84
CA PHE B 56 31.62 27.16 -20.80
C PHE B 56 32.40 28.45 -20.99
N GLU B 57 31.82 29.38 -21.76
CA GLU B 57 32.47 30.68 -21.93
C GLU B 57 32.37 31.52 -20.66
N GLU B 58 31.48 31.15 -19.74
CA GLU B 58 31.22 31.90 -18.53
C GLU B 58 31.80 31.20 -17.30
N GLY B 59 32.67 30.22 -17.52
CA GLY B 59 33.31 29.50 -16.42
C GLY B 59 32.35 28.71 -15.55
N THR B 60 31.28 28.18 -16.14
CA THR B 60 30.31 27.37 -15.42
C THR B 60 30.60 25.91 -15.74
N ILE B 61 31.51 25.31 -14.98
CA ILE B 61 31.95 23.95 -15.24
C ILE B 61 30.81 22.97 -15.00
N GLY B 62 30.67 21.98 -15.88
CA GLY B 62 29.66 20.95 -15.71
C GLY B 62 30.05 19.61 -16.30
N ILE B 63 29.56 18.52 -15.70
CA ILE B 63 29.95 17.18 -16.14
C ILE B 63 29.06 16.75 -17.31
N ALA B 64 29.61 15.88 -18.16
CA ALA B 64 28.91 15.41 -19.36
C ALA B 64 28.53 13.94 -19.18
N LEU B 65 27.32 13.72 -18.65
CA LEU B 65 26.88 12.35 -18.41
C LEU B 65 26.16 11.76 -19.60
N ASN B 66 25.07 12.39 -20.03
CA ASN B 66 24.16 11.82 -21.01
C ASN B 66 24.63 12.16 -22.42
N LEU B 67 25.40 11.26 -23.02
CA LEU B 67 25.98 11.45 -24.35
C LEU B 67 25.05 10.84 -25.39
N GLU B 68 24.03 11.58 -25.78
CA GLU B 68 23.18 11.16 -26.89
C GLU B 68 23.92 11.35 -28.21
N SER B 69 23.25 11.03 -29.32
CA SER B 69 23.90 11.02 -30.62
C SER B 69 24.24 12.44 -31.08
N ASN B 70 23.22 13.28 -31.24
CA ASN B 70 23.40 14.62 -31.79
C ASN B 70 23.49 15.71 -30.73
N ASN B 71 23.41 15.37 -29.44
CA ASN B 71 23.55 16.38 -28.40
C ASN B 71 24.03 15.72 -27.10
N VAL B 72 25.26 16.06 -26.71
CA VAL B 72 25.80 15.64 -25.43
C VAL B 72 25.11 16.41 -24.31
N GLY B 73 24.30 15.74 -23.52
CA GLY B 73 23.57 16.43 -22.47
C GLY B 73 24.34 16.54 -21.19
N VAL B 74 24.95 17.70 -20.95
CA VAL B 74 25.77 17.92 -19.76
C VAL B 74 24.86 18.48 -18.67
N VAL B 75 25.31 18.38 -17.44
CA VAL B 75 24.62 18.94 -16.29
C VAL B 75 25.55 19.94 -15.63
N LEU B 76 24.99 21.03 -15.13
CA LEU B 76 25.80 22.16 -14.68
C LEU B 76 26.12 22.08 -13.20
N MET B 77 27.40 22.13 -12.86
CA MET B 77 27.84 22.18 -11.48
C MET B 77 27.75 23.57 -10.88
N GLY B 78 27.15 24.53 -11.58
CA GLY B 78 26.96 25.85 -11.04
C GLY B 78 25.59 26.39 -11.42
N ASP B 79 25.29 27.57 -10.89
CA ASP B 79 24.11 28.28 -11.33
C ASP B 79 24.31 28.74 -12.77
N GLY B 80 23.68 28.01 -13.70
CA GLY B 80 23.89 28.21 -15.11
C GLY B 80 23.08 29.31 -15.75
N LEU B 81 22.85 30.42 -15.06
CA LEU B 81 21.99 31.47 -15.59
C LEU B 81 22.65 32.21 -16.76
N MET B 82 23.97 32.12 -16.87
CA MET B 82 24.67 33.01 -17.80
C MET B 82 24.87 32.40 -19.17
N ILE B 83 24.47 31.14 -19.37
CA ILE B 83 24.65 30.51 -20.67
C ILE B 83 23.72 31.17 -21.67
N GLN B 84 24.19 31.32 -22.92
CA GLN B 84 23.57 32.25 -23.86
C GLN B 84 23.03 31.53 -25.10
N GLU B 85 22.99 30.20 -25.05
CA GLU B 85 22.44 29.39 -26.13
C GLU B 85 23.15 29.68 -27.46
N GLY B 86 24.44 29.36 -27.52
CA GLY B 86 25.22 29.66 -28.69
C GLY B 86 26.66 29.95 -28.31
N SER B 87 26.88 30.19 -27.02
CA SER B 87 28.23 30.33 -26.51
C SER B 87 28.97 29.01 -26.60
N SER B 88 30.02 28.99 -27.44
CA SER B 88 30.80 27.79 -27.70
C SER B 88 31.41 27.28 -26.41
N VAL B 89 30.99 26.09 -25.99
CA VAL B 89 31.44 25.47 -24.75
C VAL B 89 32.57 24.51 -25.08
N LYS B 90 33.67 24.61 -24.34
CA LYS B 90 34.86 23.82 -24.58
C LYS B 90 34.91 22.64 -23.62
N ALA B 91 35.60 21.59 -24.03
CA ALA B 91 35.80 20.45 -23.15
C ALA B 91 37.14 20.57 -22.42
N THR B 92 37.28 19.77 -21.37
CA THR B 92 38.52 19.68 -20.61
C THR B 92 38.89 18.22 -20.46
N GLY B 93 40.19 17.93 -20.56
CA GLY B 93 40.66 16.57 -20.41
C GLY B 93 40.47 15.99 -19.02
N ARG B 94 40.06 16.80 -18.06
CA ARG B 94 39.73 16.29 -16.73
C ARG B 94 38.56 15.34 -16.83
N ILE B 95 38.54 14.35 -15.93
CA ILE B 95 37.51 13.33 -15.92
C ILE B 95 36.76 13.46 -14.60
N ALA B 96 36.55 14.70 -14.17
CA ALA B 96 35.95 15.01 -12.87
C ALA B 96 36.82 14.45 -11.75
N GLN B 97 37.99 15.04 -11.55
CA GLN B 97 38.87 14.71 -10.44
C GLN B 97 38.81 15.81 -9.41
N ILE B 98 39.41 15.55 -8.24
CA ILE B 98 39.60 16.57 -7.20
C ILE B 98 41.01 16.45 -6.62
N PRO B 99 41.66 17.56 -6.29
CA PRO B 99 42.93 17.48 -5.58
C PRO B 99 42.71 16.99 -4.15
N VAL B 100 43.68 16.22 -3.65
CA VAL B 100 43.60 15.65 -2.31
C VAL B 100 44.97 15.75 -1.66
N SER B 101 45.00 16.08 -0.37
CA SER B 101 46.25 16.20 0.37
C SER B 101 45.94 16.05 1.85
N GLU B 102 47.00 16.07 2.66
CA GLU B 102 46.83 16.01 4.11
C GLU B 102 46.28 17.31 4.67
N ALA B 103 46.47 18.42 3.95
CA ALA B 103 46.11 19.71 4.52
C ALA B 103 44.63 20.02 4.44
N TYR B 104 43.80 19.09 3.96
CA TYR B 104 42.36 19.26 4.03
C TYR B 104 41.82 19.05 5.43
N LEU B 105 42.66 18.68 6.38
CA LEU B 105 42.19 18.27 7.70
C LEU B 105 41.61 19.47 8.44
N GLY B 106 40.29 19.54 8.52
CA GLY B 106 39.61 20.51 9.34
C GLY B 106 38.85 21.56 8.58
N ARG B 107 39.09 21.71 7.28
CA ARG B 107 38.43 22.75 6.49
C ARG B 107 37.28 22.14 5.70
N VAL B 108 36.08 22.65 5.97
CA VAL B 108 34.86 22.18 5.30
C VAL B 108 34.95 22.60 3.85
N ILE B 109 34.54 21.71 2.95
CA ILE B 109 34.64 21.93 1.51
C ILE B 109 33.31 21.61 0.84
N ASN B 110 33.18 22.05 -0.40
CA ASN B 110 32.08 21.63 -1.24
C ASN B 110 32.51 20.45 -2.11
N ALA B 111 31.70 20.12 -3.11
CA ALA B 111 32.00 18.94 -3.94
C ALA B 111 33.14 19.22 -4.91
N LEU B 112 33.38 20.50 -5.23
CA LEU B 112 34.52 20.86 -6.06
C LEU B 112 35.84 20.75 -5.31
N ALA B 113 35.80 20.32 -4.04
CA ALA B 113 36.96 20.28 -3.14
C ALA B 113 37.56 21.66 -2.97
N LYS B 114 36.79 22.71 -3.26
CA LYS B 114 37.19 24.08 -3.00
C LYS B 114 36.76 24.46 -1.60
N PRO B 115 37.64 25.02 -0.78
CA PRO B 115 37.27 25.27 0.62
C PRO B 115 36.18 26.32 0.74
N ILE B 116 35.15 25.98 1.52
CA ILE B 116 34.01 26.86 1.74
C ILE B 116 34.06 27.53 3.10
N ASP B 117 34.85 27.01 4.04
CA ASP B 117 35.05 27.69 5.31
C ASP B 117 35.66 29.08 5.10
N GLY B 118 36.61 29.19 4.16
CA GLY B 118 37.22 30.44 3.78
C GLY B 118 38.44 30.80 4.60
N ARG B 119 38.79 29.98 5.59
CA ARG B 119 39.92 30.30 6.45
C ARG B 119 41.24 29.84 5.84
N GLY B 120 41.23 29.52 4.56
CA GLY B 120 42.44 29.17 3.85
C GLY B 120 42.10 28.61 2.47
N GLU B 121 43.16 28.22 1.76
CA GLU B 121 43.03 27.55 0.48
C GLU B 121 44.05 26.42 0.45
N ILE B 122 43.55 25.19 0.55
CA ILE B 122 44.40 24.01 0.73
C ILE B 122 45.19 23.78 -0.54
N THR B 123 46.49 23.49 -0.38
CA THR B 123 47.35 23.15 -1.50
C THR B 123 47.38 21.63 -1.65
N ALA B 124 47.59 21.18 -2.89
CA ALA B 124 47.58 19.75 -3.19
C ALA B 124 48.21 19.55 -4.56
N SER B 125 49.15 18.61 -4.65
CA SER B 125 49.70 18.18 -5.93
C SER B 125 49.18 16.81 -6.35
N GLU B 126 48.64 16.04 -5.41
CA GLU B 126 48.08 14.72 -5.69
C GLU B 126 46.58 14.87 -5.89
N SER B 127 46.05 14.20 -6.90
CA SER B 127 44.64 14.26 -7.22
C SER B 127 44.11 12.85 -7.41
N ARG B 128 43.06 12.51 -6.67
CA ARG B 128 42.36 11.24 -6.81
C ARG B 128 41.08 11.46 -7.59
N LEU B 129 40.89 10.68 -8.65
CA LEU B 129 39.68 10.81 -9.46
C LEU B 129 38.46 10.49 -8.62
N ILE B 130 37.42 11.31 -8.78
CA ILE B 130 36.28 11.26 -7.87
C ILE B 130 35.57 9.91 -7.97
N GLU B 131 35.30 9.45 -9.18
CA GLU B 131 34.86 8.08 -9.41
C GLU B 131 36.08 7.24 -9.72
N SER B 132 36.13 6.03 -9.17
CA SER B 132 37.28 5.17 -9.30
C SER B 132 36.87 3.74 -9.01
N PRO B 133 37.56 2.76 -9.59
CA PRO B 133 37.30 1.36 -9.24
C PRO B 133 37.56 1.11 -7.76
N ALA B 134 36.61 0.44 -7.12
CA ALA B 134 36.70 0.08 -5.72
C ALA B 134 37.75 -1.00 -5.51
N PRO B 135 38.19 -1.21 -4.25
CA PRO B 135 39.14 -2.29 -3.99
C PRO B 135 38.68 -3.65 -4.49
N GLY B 136 39.57 -4.35 -5.21
CA GLY B 136 39.26 -5.68 -5.70
C GLY B 136 39.31 -6.71 -4.60
N ILE B 137 38.87 -7.92 -4.93
CA ILE B 137 38.76 -8.97 -3.93
C ILE B 137 40.11 -9.60 -3.66
N MET B 138 41.12 -9.26 -4.47
CA MET B 138 42.49 -9.65 -4.14
C MET B 138 43.06 -8.73 -3.07
N SER B 139 42.53 -7.51 -2.95
CA SER B 139 43.11 -6.53 -2.06
C SER B 139 42.30 -6.40 -0.77
N ARG B 140 40.99 -6.53 -0.87
CA ARG B 140 40.11 -6.41 0.29
C ARG B 140 40.38 -7.53 1.26
N ARG B 141 40.20 -7.27 2.56
CA ARG B 141 40.34 -8.29 3.58
C ARG B 141 39.14 -8.30 4.52
N SER B 142 39.13 -9.26 5.42
CA SER B 142 38.05 -9.37 6.39
C SER B 142 38.30 -8.39 7.54
N VAL B 143 37.22 -8.08 8.26
CA VAL B 143 37.24 -7.02 9.25
C VAL B 143 37.83 -7.54 10.56
N TYR B 144 38.98 -7.00 10.94
CA TYR B 144 39.61 -7.40 12.20
C TYR B 144 39.25 -6.46 13.35
N GLU B 145 39.58 -5.18 13.20
CA GLU B 145 39.61 -4.27 14.32
C GLU B 145 38.32 -3.45 14.37
N PRO B 146 37.80 -3.16 15.57
CA PRO B 146 36.54 -2.43 15.68
C PRO B 146 36.70 -0.92 15.66
N LEU B 147 35.66 -0.25 15.20
CA LEU B 147 35.57 1.20 15.19
C LEU B 147 34.67 1.60 16.36
N GLN B 148 35.27 2.13 17.42
CA GLN B 148 34.53 2.47 18.62
C GLN B 148 33.55 3.61 18.33
N THR B 149 32.28 3.25 18.18
CA THR B 149 31.26 4.24 17.85
C THR B 149 30.81 5.01 19.08
N GLY B 150 31.42 4.77 20.22
CA GLY B 150 31.12 5.47 21.45
C GLY B 150 29.80 5.12 22.09
N LEU B 151 28.94 4.39 21.40
CA LEU B 151 27.64 4.03 21.92
C LEU B 151 27.65 2.58 22.37
N ILE B 152 27.06 2.33 23.53
CA ILE B 152 26.97 0.96 24.03
C ILE B 152 26.03 0.14 23.14
N ALA B 153 24.99 0.78 22.62
CA ALA B 153 24.03 0.07 21.78
C ALA B 153 24.67 -0.39 20.47
N ILE B 154 25.51 0.45 19.85
CA ILE B 154 26.10 0.10 18.56
C ILE B 154 27.58 -0.26 18.76
N ASP B 155 27.93 -0.67 19.96
CA ASP B 155 29.23 -1.31 20.14
C ASP B 155 29.19 -2.53 21.05
N ALA B 156 28.02 -2.94 21.53
CA ALA B 156 27.91 -4.17 22.31
C ALA B 156 27.03 -5.19 21.62
N MET B 157 25.76 -4.87 21.33
CA MET B 157 24.87 -5.87 20.75
C MET B 157 25.04 -5.91 19.23
N ILE B 158 25.43 -4.80 18.62
CA ILE B 158 25.66 -4.75 17.19
C ILE B 158 26.92 -3.93 16.90
N PRO B 159 28.03 -4.59 16.56
CA PRO B 159 29.29 -3.86 16.40
C PRO B 159 29.43 -3.23 15.03
N VAL B 160 30.46 -2.38 14.93
CA VAL B 160 30.87 -1.79 13.66
C VAL B 160 32.39 -1.86 13.62
N GLY B 161 32.92 -2.82 12.86
CA GLY B 161 34.35 -2.95 12.76
C GLY B 161 34.92 -2.06 11.69
N ARG B 162 36.21 -1.77 11.75
CA ARG B 162 36.83 -0.95 10.72
C ARG B 162 36.82 -1.70 9.40
N GLY B 163 36.19 -1.08 8.40
CA GLY B 163 36.02 -1.69 7.10
C GLY B 163 34.61 -2.15 6.78
N GLN B 164 33.74 -2.23 7.77
CA GLN B 164 32.38 -2.67 7.59
C GLN B 164 31.48 -1.45 7.44
N ARG B 165 30.66 -1.43 6.39
CA ARG B 165 29.84 -0.27 6.06
C ARG B 165 28.44 -0.45 6.66
N GLU B 166 28.34 -0.17 7.95
CA GLU B 166 27.06 -0.25 8.64
C GLU B 166 26.13 0.83 8.10
N LEU B 167 24.87 0.82 8.57
CA LEU B 167 23.86 1.72 8.02
C LEU B 167 23.07 2.35 9.16
N ILE B 168 23.20 3.66 9.30
CA ILE B 168 22.41 4.40 10.29
C ILE B 168 21.13 4.87 9.60
N ILE B 169 20.12 4.00 9.60
CA ILE B 169 18.86 4.26 8.91
C ILE B 169 17.74 4.34 9.95
N GLY B 170 16.84 5.30 9.79
CA GLY B 170 15.75 5.42 10.73
C GLY B 170 14.75 6.47 10.29
N ASP B 171 13.75 6.68 11.15
CA ASP B 171 12.71 7.65 10.88
C ASP B 171 13.30 9.06 10.81
N ARG B 172 12.49 9.98 10.31
CA ARG B 172 12.86 11.39 10.31
C ARG B 172 13.06 11.89 11.74
N GLN B 173 14.18 12.57 11.98
CA GLN B 173 14.49 13.16 13.28
C GLN B 173 14.47 12.10 14.37
N THR B 174 15.46 11.22 14.36
CA THR B 174 15.59 10.21 15.40
C THR B 174 16.96 10.24 16.05
N GLY B 175 17.92 10.90 15.42
CA GLY B 175 19.27 10.95 15.96
C GLY B 175 20.34 10.38 15.06
N LYS B 176 20.06 10.24 13.77
CA LYS B 176 21.06 9.71 12.85
C LYS B 176 22.28 10.61 12.76
N THR B 177 22.07 11.90 12.52
CA THR B 177 23.16 12.87 12.53
C THR B 177 23.84 12.95 13.89
N ALA B 178 23.08 12.93 14.99
CA ALA B 178 23.66 12.96 16.32
C ALA B 178 24.46 11.70 16.64
N VAL B 179 24.03 10.52 16.18
CA VAL B 179 24.80 9.31 16.45
C VAL B 179 26.07 9.29 15.60
N ALA B 180 25.97 9.73 14.34
CA ALA B 180 27.17 9.81 13.52
C ALA B 180 28.17 10.81 14.09
N THR B 181 27.67 11.94 14.63
CA THR B 181 28.56 12.89 15.28
C THR B 181 29.14 12.33 16.58
N ASP B 182 28.36 11.56 17.33
CA ASP B 182 28.90 10.90 18.52
C ASP B 182 30.03 9.96 18.15
N THR B 183 29.90 9.25 17.04
CA THR B 183 30.98 8.38 16.58
C THR B 183 32.22 9.18 16.20
N ILE B 184 32.04 10.23 15.38
CA ILE B 184 33.17 11.08 14.99
C ILE B 184 33.79 11.79 16.18
N LEU B 185 33.00 12.15 17.19
CA LEU B 185 33.55 12.77 18.40
C LEU B 185 34.26 11.80 19.31
N ASN B 186 33.81 10.55 19.41
CA ASN B 186 34.58 9.55 20.13
C ASN B 186 35.90 9.28 19.43
N GLN B 187 35.90 9.25 18.10
CA GLN B 187 37.08 8.80 17.37
C GLN B 187 38.20 9.85 17.45
N GLN B 188 38.67 10.06 18.69
CA GLN B 188 39.67 11.07 19.01
C GLN B 188 41.00 10.45 19.40
N GLY B 189 41.00 9.51 20.35
CA GLY B 189 42.24 8.85 20.72
C GLY B 189 42.82 8.05 19.58
N GLN B 190 41.95 7.41 18.79
CA GLN B 190 42.38 6.63 17.65
C GLN B 190 42.90 7.54 16.54
N ASN B 191 43.33 6.94 15.45
CA ASN B 191 43.97 7.68 14.36
C ASN B 191 43.10 7.79 13.12
N VAL B 192 41.78 7.60 13.23
CA VAL B 192 40.95 7.58 12.03
C VAL B 192 40.65 9.01 11.59
N ILE B 193 40.83 9.26 10.30
CA ILE B 193 40.50 10.54 9.68
C ILE B 193 39.04 10.48 9.25
N CYS B 194 38.17 11.09 10.05
CA CYS B 194 36.73 10.93 9.89
C CYS B 194 36.19 11.98 8.93
N VAL B 195 35.86 11.56 7.71
CA VAL B 195 35.33 12.47 6.70
C VAL B 195 33.80 12.45 6.77
N TYR B 196 33.21 13.59 7.09
CA TYR B 196 31.77 13.70 7.31
C TYR B 196 31.14 14.50 6.18
N VAL B 197 30.69 13.82 5.12
CA VAL B 197 30.08 14.53 4.01
C VAL B 197 28.61 14.78 4.32
N ALA B 198 28.15 15.99 4.07
CA ALA B 198 26.77 16.39 4.34
C ALA B 198 26.09 16.76 3.04
N ILE B 199 25.15 15.93 2.61
CA ILE B 199 24.47 16.10 1.33
C ILE B 199 23.08 16.67 1.63
N GLY B 200 22.80 17.84 1.08
CA GLY B 200 21.48 18.42 1.12
C GLY B 200 21.05 18.98 2.46
N GLN B 201 21.79 18.69 3.53
CA GLN B 201 21.50 19.30 4.82
C GLN B 201 21.64 20.81 4.73
N LYS B 202 20.79 21.53 5.47
CA LYS B 202 20.79 22.98 5.45
C LYS B 202 22.13 23.54 5.90
N ALA B 203 22.38 24.80 5.53
CA ALA B 203 23.63 25.45 5.91
C ALA B 203 23.77 25.58 7.42
N SER B 204 22.65 25.86 8.10
CA SER B 204 22.72 26.07 9.55
C SER B 204 23.06 24.79 10.29
N SER B 205 22.56 23.64 9.83
CA SER B 205 22.92 22.38 10.48
C SER B 205 24.39 22.03 10.25
N VAL B 206 24.92 22.32 9.06
CA VAL B 206 26.33 22.08 8.83
C VAL B 206 27.19 23.02 9.67
N ALA B 207 26.74 24.27 9.85
CA ALA B 207 27.44 25.18 10.75
C ALA B 207 27.41 24.66 12.18
N GLN B 208 26.27 24.15 12.62
CA GLN B 208 26.16 23.64 13.98
C GLN B 208 27.06 22.42 14.18
N VAL B 209 27.12 21.54 13.17
CA VAL B 209 27.98 20.36 13.29
C VAL B 209 29.46 20.73 13.26
N VAL B 210 29.86 21.66 12.40
CA VAL B 210 31.28 22.04 12.35
C VAL B 210 31.68 22.79 13.62
N THR B 211 30.78 23.60 14.17
CA THR B 211 31.15 24.30 15.40
C THR B 211 31.11 23.35 16.58
N ASN B 212 30.32 22.29 16.50
CA ASN B 212 30.37 21.25 17.53
C ASN B 212 31.69 20.51 17.48
N PHE B 213 32.17 20.18 16.27
CA PHE B 213 33.47 19.55 16.15
C PHE B 213 34.58 20.46 16.65
N GLN B 214 34.54 21.75 16.31
CA GLN B 214 35.58 22.66 16.76
C GLN B 214 35.53 22.88 18.27
N GLU B 215 34.34 22.87 18.86
CA GLU B 215 34.22 22.97 20.31
C GLU B 215 34.80 21.73 20.98
N ARG B 216 34.50 20.55 20.46
CA ARG B 216 35.01 19.34 21.08
C ARG B 216 36.46 19.06 20.74
N GLY B 217 37.05 19.79 19.80
CA GLY B 217 38.43 19.58 19.45
C GLY B 217 38.67 18.46 18.46
N ALA B 218 37.62 17.78 18.02
CA ALA B 218 37.74 16.70 17.05
C ALA B 218 37.72 17.18 15.62
N MET B 219 37.80 18.49 15.39
CA MET B 219 37.84 19.05 14.05
C MET B 219 39.25 19.10 13.48
N GLU B 220 40.25 18.66 14.22
CA GLU B 220 41.60 18.58 13.68
C GLU B 220 41.68 17.60 12.53
N TYR B 221 40.86 16.56 12.54
CA TYR B 221 41.02 15.45 11.60
C TYR B 221 39.76 15.12 10.82
N THR B 222 38.93 16.13 10.50
CA THR B 222 37.60 15.85 9.98
C THR B 222 37.32 16.80 8.81
N ILE B 223 37.23 16.23 7.61
CA ILE B 223 36.86 16.99 6.43
C ILE B 223 35.35 16.96 6.27
N VAL B 224 34.66 18.01 6.69
CA VAL B 224 33.20 18.05 6.55
C VAL B 224 32.85 18.57 5.16
N VAL B 225 32.76 17.68 4.18
CA VAL B 225 32.31 18.07 2.85
C VAL B 225 30.86 18.50 2.95
N ALA B 226 30.61 19.78 2.71
CA ALA B 226 29.31 20.39 2.97
C ALA B 226 28.65 20.77 1.66
N GLU B 227 27.42 20.28 1.47
CA GLU B 227 26.59 20.63 0.33
C GLU B 227 25.32 21.28 0.82
N THR B 228 25.24 22.61 0.67
CA THR B 228 24.06 23.33 1.06
C THR B 228 22.91 23.02 0.09
N ALA B 229 21.71 23.45 0.46
CA ALA B 229 20.52 23.11 -0.33
C ALA B 229 20.54 23.79 -1.69
N ASP B 230 20.86 25.09 -1.73
CA ASP B 230 20.82 25.82 -3.00
C ASP B 230 22.01 25.47 -3.88
N SER B 231 22.95 24.69 -3.37
CA SER B 231 23.99 24.13 -4.21
C SER B 231 23.31 23.29 -5.29
N PRO B 232 23.79 23.29 -6.52
CA PRO B 232 23.04 22.66 -7.61
C PRO B 232 22.93 21.16 -7.44
N ALA B 233 22.17 20.53 -8.33
CA ALA B 233 21.91 19.10 -8.22
C ALA B 233 23.18 18.28 -8.37
N THR B 234 24.09 18.72 -9.22
CA THR B 234 25.28 17.93 -9.49
C THR B 234 26.19 17.84 -8.27
N LEU B 235 26.30 18.91 -7.48
CA LEU B 235 27.16 18.85 -6.30
C LEU B 235 26.56 17.98 -5.21
N GLN B 236 25.24 18.09 -4.97
CA GLN B 236 24.60 17.19 -4.03
C GLN B 236 24.67 15.75 -4.52
N TYR B 237 24.85 15.56 -5.82
CA TYR B 237 25.10 14.24 -6.36
C TYR B 237 26.54 13.79 -6.13
N LEU B 238 27.48 14.72 -6.22
CA LEU B 238 28.90 14.40 -6.30
C LEU B 238 29.58 14.36 -4.93
N ALA B 239 28.95 14.93 -3.91
CA ALA B 239 29.54 15.05 -2.58
C ALA B 239 30.01 13.73 -1.96
N PRO B 240 29.19 12.64 -2.00
CA PRO B 240 29.70 11.38 -1.44
C PRO B 240 30.93 10.90 -2.16
N TYR B 241 30.96 11.09 -3.48
CA TYR B 241 32.13 10.67 -4.24
C TYR B 241 33.34 11.53 -3.92
N THR B 242 33.12 12.81 -3.62
CA THR B 242 34.23 13.70 -3.24
C THR B 242 34.83 13.28 -1.90
N GLY B 243 33.98 13.11 -0.89
CA GLY B 243 34.46 12.58 0.37
C GLY B 243 35.08 11.21 0.26
N ALA B 244 34.56 10.37 -0.63
CA ALA B 244 35.14 9.06 -0.87
C ALA B 244 36.53 9.18 -1.49
N ALA B 245 36.72 10.12 -2.40
CA ALA B 245 38.05 10.33 -2.97
C ALA B 245 39.04 10.91 -1.98
N LEU B 246 38.57 11.66 -0.99
CA LEU B 246 39.48 12.10 0.08
C LEU B 246 39.84 10.93 1.00
N ALA B 247 38.83 10.21 1.47
CA ALA B 247 39.08 9.11 2.41
C ALA B 247 39.81 7.95 1.75
N GLU B 248 39.65 7.78 0.43
CA GLU B 248 40.37 6.73 -0.26
C GLU B 248 41.86 7.03 -0.32
N TYR B 249 42.23 8.29 -0.53
CA TYR B 249 43.63 8.69 -0.42
C TYR B 249 44.14 8.42 0.98
N PHE B 250 43.41 8.91 2.00
CA PHE B 250 43.87 8.73 3.37
C PHE B 250 43.93 7.25 3.76
N MET B 251 43.16 6.39 3.08
CA MET B 251 43.20 4.96 3.37
C MET B 251 44.37 4.30 2.66
N TYR B 252 44.55 4.60 1.38
CA TYR B 252 45.67 4.06 0.61
C TYR B 252 47.02 4.51 1.14
N ARG B 253 47.06 5.57 1.95
CA ARG B 253 48.30 5.93 2.64
C ARG B 253 48.33 5.44 4.09
N GLU B 254 47.78 4.25 4.35
CA GLU B 254 47.89 3.43 5.56
C GLU B 254 46.99 3.91 6.71
N ARG B 255 46.33 5.06 6.61
CA ARG B 255 45.54 5.56 7.73
C ARG B 255 44.12 5.01 7.64
N HIS B 256 43.70 4.31 8.69
CA HIS B 256 42.29 3.98 8.84
C HIS B 256 41.46 5.24 8.79
N THR B 257 40.31 5.20 8.13
CA THR B 257 39.43 6.34 8.05
C THR B 257 38.02 5.93 8.43
N LEU B 258 37.12 6.90 8.35
CA LEU B 258 35.71 6.71 8.67
C LEU B 258 34.95 7.78 7.90
N ILE B 259 34.34 7.40 6.78
CA ILE B 259 33.57 8.36 6.01
C ILE B 259 32.11 8.19 6.38
N ILE B 260 31.50 9.27 6.85
CA ILE B 260 30.11 9.24 7.30
C ILE B 260 29.32 10.13 6.34
N TYR B 261 28.54 9.49 5.48
CA TYR B 261 27.69 10.23 4.58
C TYR B 261 26.47 10.74 5.34
N ASP B 262 25.73 11.65 4.72
CA ASP B 262 24.52 12.20 5.31
C ASP B 262 23.44 12.21 4.25
N ASP B 263 22.32 11.54 4.55
CA ASP B 263 21.15 11.52 3.67
C ASP B 263 21.45 10.99 2.29
N LEU B 264 21.80 9.69 2.19
CA LEU B 264 21.85 9.05 0.89
C LEU B 264 20.51 9.08 0.18
N SER B 265 19.40 9.17 0.92
CA SER B 265 18.12 9.42 0.28
C SER B 265 18.12 10.76 -0.44
N LYS B 266 18.75 11.78 0.14
CA LYS B 266 18.91 13.08 -0.51
C LYS B 266 19.90 13.03 -1.66
N GLN B 267 20.97 12.25 -1.54
CA GLN B 267 21.85 12.02 -2.67
C GLN B 267 21.15 11.37 -3.85
N ALA B 268 20.37 10.31 -3.60
CA ALA B 268 19.61 9.68 -4.67
C ALA B 268 18.52 10.62 -5.18
N GLN B 269 18.03 11.52 -4.34
CA GLN B 269 17.07 12.52 -4.80
C GLN B 269 17.73 13.50 -5.76
N ALA B 270 18.98 13.87 -5.50
CA ALA B 270 19.70 14.74 -6.41
C ALA B 270 20.02 14.03 -7.72
N TYR B 271 20.35 12.74 -7.64
CA TYR B 271 20.53 11.97 -8.87
C TYR B 271 19.23 11.84 -9.65
N ARG B 272 18.11 11.67 -8.94
CA ARG B 272 16.80 11.67 -9.57
C ARG B 272 16.56 12.97 -10.31
N GLN B 273 16.87 14.09 -9.66
CA GLN B 273 16.79 15.40 -10.29
C GLN B 273 17.55 15.43 -11.59
N MET B 274 18.85 15.15 -11.54
CA MET B 274 19.70 15.40 -12.70
C MET B 274 19.39 14.41 -13.82
N SER B 275 18.99 13.19 -13.49
CA SER B 275 18.65 12.23 -14.52
C SER B 275 17.32 12.58 -15.19
N LEU B 276 16.28 12.82 -14.39
CA LEU B 276 14.98 13.14 -14.96
C LEU B 276 15.03 14.42 -15.77
N LEU B 277 15.89 15.37 -15.37
CA LEU B 277 16.16 16.51 -16.24
C LEU B 277 16.85 16.07 -17.52
N LEU B 278 17.85 15.19 -17.40
CA LEU B 278 18.58 14.68 -18.55
C LEU B 278 17.75 13.72 -19.40
N ARG B 279 16.49 13.46 -19.01
CA ARG B 279 15.59 12.57 -19.71
C ARG B 279 16.14 11.15 -19.79
N ARG B 280 16.40 10.56 -18.64
CA ARG B 280 16.76 9.15 -18.53
C ARG B 280 15.58 8.39 -17.95
N PRO B 281 15.24 7.22 -18.48
CA PRO B 281 14.00 6.54 -18.08
C PRO B 281 13.99 6.21 -16.60
N PRO B 282 12.87 6.44 -15.91
CA PRO B 282 12.81 6.18 -14.47
C PRO B 282 12.28 4.80 -14.12
N GLY B 283 12.82 4.21 -13.07
CA GLY B 283 12.38 2.94 -12.53
C GLY B 283 11.36 3.10 -11.43
N ARG B 284 11.53 2.34 -10.35
CA ARG B 284 10.62 2.44 -9.23
C ARG B 284 10.80 3.76 -8.50
N GLU B 285 9.71 4.26 -7.91
CA GLU B 285 9.66 5.51 -7.15
C GLU B 285 10.15 6.70 -7.95
N ALA B 286 10.19 6.59 -9.28
CA ALA B 286 10.76 7.52 -10.25
C ALA B 286 12.26 7.68 -10.10
N TYR B 287 12.91 6.94 -9.20
CA TYR B 287 14.36 6.94 -9.18
C TYR B 287 14.88 6.35 -10.48
N PRO B 288 16.01 6.82 -10.98
CA PRO B 288 16.42 6.47 -12.34
C PRO B 288 16.87 5.02 -12.47
N GLY B 289 17.35 4.65 -13.65
CA GLY B 289 17.85 3.32 -13.91
C GLY B 289 18.89 2.86 -12.92
N ASP B 290 20.03 3.53 -12.87
CA ASP B 290 21.17 3.07 -12.05
C ASP B 290 21.25 3.79 -10.70
N VAL B 291 20.28 3.53 -9.82
CA VAL B 291 20.44 3.96 -8.43
C VAL B 291 21.29 2.96 -7.67
N PHE B 292 20.95 1.67 -7.76
CA PHE B 292 21.70 0.65 -7.06
C PHE B 292 23.17 0.64 -7.48
N TYR B 293 23.41 0.71 -8.79
CA TYR B 293 24.77 0.85 -9.30
C TYR B 293 25.45 2.06 -8.68
N LEU B 294 24.72 3.16 -8.57
CA LEU B 294 25.29 4.40 -8.04
C LEU B 294 25.72 4.23 -6.59
N HIS B 295 24.76 3.85 -5.73
CA HIS B 295 25.05 3.71 -4.30
C HIS B 295 26.15 2.69 -4.05
N SER B 296 26.18 1.61 -4.84
CA SER B 296 27.27 0.66 -4.68
C SER B 296 28.60 1.28 -5.08
N ARG B 297 28.62 2.07 -6.15
CA ARG B 297 29.87 2.59 -6.68
C ARG B 297 30.54 3.53 -5.69
N LEU B 298 29.76 4.22 -4.86
CA LEU B 298 30.34 5.08 -3.84
C LEU B 298 30.39 4.42 -2.47
N LEU B 299 29.72 3.30 -2.30
CA LEU B 299 29.58 2.68 -0.99
C LEU B 299 30.33 1.36 -0.86
N GLU B 300 30.70 0.73 -1.98
CA GLU B 300 31.46 -0.51 -1.93
C GLU B 300 32.96 -0.26 -2.04
N ARG B 301 33.38 0.99 -2.16
CA ARG B 301 34.80 1.34 -2.09
C ARG B 301 35.26 1.56 -0.66
N ALA B 302 34.57 0.97 0.32
CA ALA B 302 34.86 1.16 1.73
C ALA B 302 35.11 -0.20 2.38
N ALA B 303 36.37 -0.52 2.62
CA ALA B 303 36.74 -1.77 3.26
C ALA B 303 38.21 -1.73 3.69
N LYS B 304 38.61 -2.79 4.40
CA LYS B 304 39.98 -2.96 4.86
C LYS B 304 40.83 -3.49 3.70
N LEU B 305 41.89 -2.75 3.37
CA LEU B 305 42.84 -3.24 2.38
C LEU B 305 43.74 -4.31 3.00
N SER B 306 44.53 -4.97 2.15
CA SER B 306 45.39 -6.05 2.62
C SER B 306 46.70 -5.51 3.16
N SER B 307 47.62 -6.42 3.50
CA SER B 307 48.89 -6.02 4.06
C SER B 307 49.82 -5.44 3.00
N LEU B 308 49.73 -5.95 1.76
CA LEU B 308 50.66 -5.49 0.73
C LEU B 308 50.20 -4.17 0.11
N LEU B 309 48.96 -3.75 0.37
CA LEU B 309 48.50 -2.45 -0.09
C LEU B 309 48.63 -1.35 0.96
N GLY B 310 48.76 -1.69 2.24
CA GLY B 310 49.00 -0.65 3.21
C GLY B 310 48.17 -0.69 4.48
N GLU B 311 47.37 -1.73 4.67
CA GLU B 311 46.61 -2.03 5.89
C GLU B 311 45.50 -1.02 6.14
N GLY B 312 45.35 0.00 5.29
CA GLY B 312 44.36 1.02 5.52
C GLY B 312 42.94 0.48 5.44
N SER B 313 41.98 1.32 5.83
CA SER B 313 40.59 0.93 5.91
C SER B 313 39.70 2.16 5.84
N MET B 314 38.81 2.17 4.85
CA MET B 314 37.76 3.19 4.78
C MET B 314 36.50 2.55 5.33
N THR B 315 36.06 3.01 6.49
CA THR B 315 34.87 2.46 7.12
C THR B 315 33.70 3.41 6.90
N ALA B 316 32.92 3.18 5.86
CA ALA B 316 31.75 4.00 5.59
C ALA B 316 30.74 3.83 6.71
N LEU B 317 29.86 4.81 6.84
CA LEU B 317 28.77 4.78 7.81
C LEU B 317 27.64 5.67 7.29
N PRO B 318 26.94 5.24 6.24
CA PRO B 318 25.92 6.09 5.63
C PRO B 318 24.79 6.42 6.60
N ILE B 319 23.96 7.34 6.17
CA ILE B 319 22.77 7.74 6.90
C ILE B 319 21.64 7.80 5.87
N VAL B 320 20.77 6.80 5.89
CA VAL B 320 19.66 6.73 4.96
C VAL B 320 18.40 7.12 5.71
N GLU B 321 17.84 8.29 5.37
CA GLU B 321 16.63 8.76 6.02
C GLU B 321 15.43 8.12 5.34
N THR B 322 14.73 7.26 6.05
CA THR B 322 13.56 6.57 5.54
C THR B 322 12.33 7.13 6.24
N GLN B 323 11.27 7.37 5.48
CA GLN B 323 10.10 8.04 6.02
C GLN B 323 9.05 7.02 6.44
N ALA B 324 8.31 7.38 7.49
CA ALA B 324 7.34 6.52 8.16
C ALA B 324 7.97 5.26 8.74
N GLY B 325 9.29 5.28 8.96
CA GLY B 325 10.01 4.18 9.57
C GLY B 325 9.80 2.85 8.90
N ASP B 326 10.24 2.73 7.65
CA ASP B 326 10.07 1.50 6.88
C ASP B 326 11.33 1.20 6.09
N VAL B 327 11.42 -0.01 5.56
CA VAL B 327 12.51 -0.35 4.66
C VAL B 327 11.96 -0.79 3.30
N SER B 328 10.65 -0.65 3.10
CA SER B 328 10.04 -1.13 1.86
C SER B 328 10.38 -0.22 0.69
N ALA B 329 10.63 1.06 0.96
CA ALA B 329 10.88 2.02 -0.10
C ALA B 329 12.15 1.66 -0.88
N TYR B 330 12.32 2.31 -2.02
CA TYR B 330 13.36 1.91 -2.96
C TYR B 330 14.75 2.13 -2.39
N ILE B 331 15.04 3.36 -1.96
CA ILE B 331 16.39 3.68 -1.48
C ILE B 331 16.76 2.91 -0.22
N PRO B 332 15.91 2.85 0.82
CA PRO B 332 16.34 2.08 2.00
C PRO B 332 16.56 0.60 1.72
N THR B 333 15.73 -0.04 0.90
CA THR B 333 16.00 -1.46 0.64
C THR B 333 17.23 -1.64 -0.26
N ASN B 334 17.50 -0.70 -1.16
CA ASN B 334 18.70 -0.81 -1.98
C ASN B 334 19.96 -0.65 -1.13
N VAL B 335 20.00 0.38 -0.30
CA VAL B 335 21.19 0.58 0.53
C VAL B 335 21.29 -0.49 1.61
N ILE B 336 20.16 -1.11 1.99
CA ILE B 336 20.25 -2.23 2.92
C ILE B 336 20.83 -3.46 2.22
N SER B 337 20.49 -3.66 0.95
CA SER B 337 21.11 -4.76 0.21
C SER B 337 22.59 -4.49 -0.02
N ILE B 338 22.98 -3.23 -0.08
CA ILE B 338 24.40 -2.92 -0.32
C ILE B 338 25.21 -3.02 0.97
N THR B 339 24.66 -2.57 2.09
CA THR B 339 25.45 -2.38 3.30
C THR B 339 25.48 -3.63 4.16
N ASP B 340 26.63 -3.88 4.79
CA ASP B 340 26.80 -5.02 5.70
C ASP B 340 26.07 -4.71 7.01
N GLY B 341 24.78 -4.97 7.00
CA GLY B 341 23.95 -4.75 8.16
C GLY B 341 23.31 -3.37 8.14
N GLN B 342 22.75 -3.01 9.30
CA GLN B 342 22.06 -1.75 9.48
C GLN B 342 21.75 -1.57 10.97
N ILE B 343 21.51 -0.33 11.35
CA ILE B 343 20.97 -0.02 12.67
C ILE B 343 19.71 0.80 12.46
N PHE B 344 18.67 0.49 13.21
CA PHE B 344 17.37 1.14 13.05
C PHE B 344 17.16 2.10 14.20
N LEU B 345 17.18 3.39 13.89
CA LEU B 345 16.81 4.38 14.88
C LEU B 345 15.31 4.67 14.75
N SER B 346 14.54 4.20 15.72
CA SER B 346 13.09 4.27 15.66
C SER B 346 12.59 5.45 16.47
N ALA B 347 11.66 6.21 15.89
CA ALA B 347 11.17 7.42 16.55
C ALA B 347 10.37 7.09 17.80
N ASP B 348 9.78 5.90 17.86
CA ASP B 348 9.05 5.48 19.05
C ASP B 348 10.01 5.26 20.22
N LEU B 349 11.08 4.50 19.98
CA LEU B 349 12.10 4.32 21.00
C LEU B 349 12.82 5.64 21.30
N PHE B 350 12.76 6.59 20.37
CA PHE B 350 13.38 7.89 20.61
C PHE B 350 12.54 8.73 21.56
N ASN B 351 11.25 8.85 21.30
CA ASN B 351 10.36 9.60 22.16
C ASN B 351 10.12 8.91 23.50
N ALA B 352 10.33 7.60 23.57
CA ALA B 352 10.18 6.88 24.83
C ALA B 352 11.39 7.02 25.73
N GLY B 353 12.28 7.98 25.45
CA GLY B 353 13.39 8.27 26.33
C GLY B 353 14.67 7.52 26.04
N ILE B 354 14.63 6.46 25.24
CA ILE B 354 15.83 5.69 24.93
C ILE B 354 16.65 6.46 23.90
N ARG B 355 17.67 7.18 24.37
CA ARG B 355 18.58 7.92 23.52
C ARG B 355 19.99 7.41 23.71
N PRO B 356 20.65 6.87 22.67
CA PRO B 356 20.26 6.78 21.27
C PRO B 356 19.11 5.80 21.05
N ALA B 357 18.32 6.03 20.01
CA ALA B 357 17.12 5.22 19.80
C ALA B 357 17.41 4.00 18.95
N ILE B 358 18.42 3.22 19.33
CA ILE B 358 18.86 2.10 18.50
C ILE B 358 17.95 0.92 18.76
N ASN B 359 17.22 0.49 17.73
CA ASN B 359 16.34 -0.66 17.85
C ASN B 359 17.17 -1.91 18.14
N VAL B 360 16.86 -2.57 19.25
CA VAL B 360 17.72 -3.65 19.73
C VAL B 360 17.46 -4.93 18.94
N GLY B 361 16.49 -4.92 18.05
CA GLY B 361 16.07 -6.13 17.39
C GLY B 361 16.63 -6.29 15.99
N ILE B 362 15.78 -5.98 15.01
CA ILE B 362 15.98 -6.25 13.59
C ILE B 362 17.24 -5.57 13.06
N SER B 363 17.82 -4.65 13.82
CA SER B 363 19.02 -3.93 13.42
C SER B 363 20.26 -4.81 13.43
N VAL B 364 20.31 -5.81 12.54
CA VAL B 364 21.37 -6.81 12.58
C VAL B 364 22.67 -6.21 12.07
N SER B 365 23.79 -6.86 12.39
CA SER B 365 25.10 -6.51 11.85
C SER B 365 25.72 -7.77 11.25
N ARG B 366 26.10 -7.70 9.98
CA ARG B 366 26.54 -8.90 9.26
C ARG B 366 27.86 -9.43 9.79
N VAL B 367 28.74 -8.55 10.24
CA VAL B 367 30.04 -8.99 10.74
C VAL B 367 29.88 -9.84 11.99
N GLY B 368 29.04 -9.39 12.92
CA GLY B 368 28.90 -10.10 14.17
C GLY B 368 30.08 -9.82 15.09
N SER B 369 30.25 -10.74 16.05
CA SER B 369 31.25 -10.56 17.10
C SER B 369 32.68 -10.72 16.60
N ALA B 370 32.91 -10.86 15.30
CA ALA B 370 34.27 -10.91 14.78
C ALA B 370 34.94 -9.54 14.86
N ALA B 371 34.15 -8.48 14.98
CA ALA B 371 34.71 -7.14 15.02
C ALA B 371 35.09 -6.75 16.44
N GLN B 372 34.33 -7.21 17.43
CA GLN B 372 34.52 -6.74 18.80
C GLN B 372 35.83 -7.27 19.39
N ILE B 373 36.38 -6.50 20.33
CA ILE B 373 37.56 -6.90 21.08
C ILE B 373 37.18 -8.00 22.07
N LYS B 374 38.19 -8.64 22.67
CA LYS B 374 37.96 -9.81 23.51
C LYS B 374 37.10 -9.47 24.72
N ALA B 375 37.30 -8.27 25.30
CA ALA B 375 36.45 -7.82 26.40
C ALA B 375 34.99 -7.75 25.97
N MET B 376 34.73 -7.09 24.84
CA MET B 376 33.38 -7.08 24.30
C MET B 376 32.93 -8.48 23.89
N LYS B 377 33.84 -9.27 23.33
CA LYS B 377 33.49 -10.64 22.94
C LYS B 377 33.02 -11.46 24.13
N LYS B 378 33.46 -11.11 25.34
CA LYS B 378 33.04 -11.86 26.52
C LYS B 378 31.79 -11.26 27.15
N VAL B 379 31.71 -9.93 27.20
CA VAL B 379 30.63 -9.30 27.97
C VAL B 379 29.40 -9.05 27.10
N ALA B 380 29.61 -8.52 25.90
CA ALA B 380 28.48 -8.18 25.04
C ALA B 380 27.72 -9.41 24.58
N GLY B 381 28.31 -10.60 24.70
CA GLY B 381 27.57 -11.82 24.45
C GLY B 381 26.42 -11.96 25.43
N LYS B 382 26.74 -11.86 26.72
CA LYS B 382 25.70 -11.88 27.74
C LYS B 382 24.77 -10.69 27.61
N LEU B 383 25.30 -9.54 27.17
CA LEU B 383 24.42 -8.38 26.97
C LEU B 383 23.39 -8.65 25.88
N LYS B 384 23.84 -9.16 24.73
CA LYS B 384 22.92 -9.46 23.63
C LYS B 384 21.92 -10.53 24.04
N LEU B 385 22.39 -11.56 24.77
CA LEU B 385 21.48 -12.61 25.20
C LEU B 385 20.43 -12.07 26.16
N GLU B 386 20.84 -11.22 27.10
CA GLU B 386 19.90 -10.70 28.09
C GLU B 386 18.96 -9.69 27.48
N LEU B 387 19.41 -8.94 26.47
CA LEU B 387 18.50 -8.02 25.79
C LEU B 387 17.51 -8.76 24.92
N ALA B 388 17.94 -9.88 24.32
CA ALA B 388 17.00 -10.73 23.60
C ALA B 388 15.94 -11.30 24.55
N GLN B 389 16.38 -11.77 25.72
CA GLN B 389 15.42 -12.31 26.68
C GLN B 389 14.51 -11.23 27.23
N PHE B 390 15.03 -10.02 27.43
CA PHE B 390 14.19 -8.93 27.91
C PHE B 390 13.20 -8.47 26.85
N ALA B 391 13.60 -8.55 25.58
CA ALA B 391 12.68 -8.19 24.50
C ALA B 391 11.60 -9.26 24.34
N GLU B 392 11.95 -10.52 24.63
CA GLU B 392 10.93 -11.56 24.67
C GLU B 392 9.98 -11.36 25.84
N LEU B 393 10.50 -10.96 26.99
CA LEU B 393 9.70 -10.68 28.18
C LEU B 393 9.22 -9.23 28.23
N GLU B 394 9.26 -8.52 27.10
CA GLU B 394 8.75 -7.15 27.08
C GLU B 394 7.23 -7.14 27.14
N ALA B 395 6.60 -8.27 26.85
CA ALA B 395 5.15 -8.36 26.95
C ALA B 395 4.70 -8.48 28.40
N PHE B 396 5.51 -9.13 29.25
CA PHE B 396 5.24 -9.21 30.68
C PHE B 396 5.80 -8.03 31.46
N ALA B 397 6.02 -6.89 30.81
CA ALA B 397 6.70 -5.77 31.46
C ALA B 397 5.91 -5.29 32.67
N GLN B 398 4.61 -5.08 32.52
CA GLN B 398 3.78 -4.65 33.63
C GLN B 398 3.01 -5.79 34.28
N PHE B 399 2.70 -6.84 33.53
CA PHE B 399 1.89 -7.95 34.02
C PHE B 399 2.69 -8.98 34.78
N ALA B 400 3.96 -8.70 35.10
CA ALA B 400 4.70 -9.60 35.98
C ALA B 400 4.18 -9.44 37.40
N SER B 401 3.19 -10.27 37.75
CA SER B 401 2.49 -10.16 39.03
C SER B 401 2.98 -11.28 39.93
N ASP B 402 4.06 -11.00 40.67
CA ASP B 402 4.63 -11.93 41.64
C ASP B 402 4.95 -13.28 40.99
N LEU B 403 5.36 -13.23 39.72
CA LEU B 403 5.60 -14.44 38.96
C LEU B 403 6.87 -15.14 39.44
N ASP B 404 7.28 -16.16 38.68
CA ASP B 404 8.50 -16.90 38.98
C ASP B 404 9.68 -15.95 39.13
N LYS B 405 10.58 -16.29 40.06
CA LYS B 405 11.67 -15.37 40.39
C LYS B 405 12.69 -15.29 39.27
N ALA B 406 12.84 -16.35 38.48
CA ALA B 406 13.67 -16.25 37.27
C ALA B 406 13.14 -15.17 36.35
N THR B 407 11.84 -15.23 36.05
CA THR B 407 11.20 -14.22 35.20
C THR B 407 11.35 -12.82 35.80
N GLN B 408 11.09 -12.68 37.10
CA GLN B 408 11.13 -11.36 37.72
C GLN B 408 12.53 -10.77 37.69
N ASN B 409 13.54 -11.56 38.10
CA ASN B 409 14.91 -11.07 38.12
C ASN B 409 15.39 -10.74 36.71
N GLN B 410 15.10 -11.60 35.74
CA GLN B 410 15.53 -11.36 34.38
C GLN B 410 14.89 -10.10 33.80
N LEU B 411 13.60 -9.90 34.09
CA LEU B 411 12.91 -8.73 33.57
C LEU B 411 13.42 -7.45 34.22
N ALA B 412 13.71 -7.49 35.52
CA ALA B 412 14.24 -6.31 36.19
C ALA B 412 15.64 -5.98 35.67
N ARG B 413 16.46 -7.01 35.46
CA ARG B 413 17.80 -6.76 34.93
C ARG B 413 17.74 -6.23 33.51
N GLY B 414 16.78 -6.70 32.72
CA GLY B 414 16.61 -6.13 31.38
C GLY B 414 16.18 -4.68 31.41
N GLN B 415 15.22 -4.36 32.28
CA GLN B 415 14.78 -2.98 32.43
C GLN B 415 15.94 -2.07 32.85
N ARG B 416 16.85 -2.60 33.67
CA ARG B 416 18.04 -1.81 34.03
C ARG B 416 19.03 -1.75 32.87
N LEU B 417 19.08 -2.81 32.06
CA LEU B 417 20.04 -2.85 30.97
C LEU B 417 19.70 -1.84 29.90
N ARG B 418 18.41 -1.57 29.70
CA ARG B 418 18.07 -0.59 28.68
C ARG B 418 18.42 0.84 29.13
N GLU B 419 18.47 1.08 30.45
CA GLU B 419 18.97 2.38 30.90
C GLU B 419 20.49 2.40 30.99
N LEU B 420 21.14 1.23 30.98
CA LEU B 420 22.54 1.20 30.57
C LEU B 420 22.69 1.66 29.14
N LEU B 421 21.83 1.16 28.26
CA LEU B 421 21.91 1.47 26.84
C LEU B 421 21.79 2.98 26.60
N LYS B 422 20.72 3.58 27.10
CA LYS B 422 20.52 5.01 26.85
C LYS B 422 21.61 5.86 27.52
N GLN B 423 22.04 6.90 26.83
CA GLN B 423 23.21 7.67 27.22
C GLN B 423 23.10 9.11 26.69
N PRO B 424 23.79 10.09 27.28
CA PRO B 424 23.49 11.49 26.98
C PRO B 424 23.90 11.89 25.56
N GLN B 425 23.60 13.14 25.23
CA GLN B 425 23.88 13.66 23.90
C GLN B 425 25.35 13.96 23.74
N SER B 426 25.90 13.53 22.59
CA SER B 426 27.29 13.75 22.22
C SER B 426 28.25 13.30 23.32
N ALA B 427 27.85 12.31 24.11
CA ALA B 427 28.68 11.78 25.18
C ALA B 427 29.47 10.59 24.66
N PRO B 428 30.77 10.72 24.44
CA PRO B 428 31.53 9.57 23.93
C PRO B 428 31.99 8.65 25.04
N LEU B 429 31.63 7.37 24.95
CA LEU B 429 32.06 6.37 25.90
C LEU B 429 33.27 5.64 25.33
N THR B 430 34.46 6.02 25.78
CA THR B 430 35.66 5.29 25.43
C THR B 430 35.55 3.86 25.96
N VAL B 431 36.05 2.91 25.16
CA VAL B 431 35.79 1.48 25.37
C VAL B 431 36.14 1.07 26.80
N GLU B 432 37.18 1.67 27.36
CA GLU B 432 37.61 1.33 28.72
C GLU B 432 36.50 1.58 29.73
N GLU B 433 35.57 2.49 29.41
CA GLU B 433 34.46 2.76 30.30
C GLU B 433 33.26 1.87 29.97
N GLN B 434 32.98 1.69 28.68
CA GLN B 434 31.76 0.98 28.31
C GLN B 434 31.86 -0.51 28.60
N VAL B 435 33.08 -1.08 28.58
CA VAL B 435 33.21 -2.48 28.98
C VAL B 435 32.80 -2.66 30.43
N MET B 436 33.29 -1.79 31.31
CA MET B 436 32.94 -1.90 32.71
C MET B 436 31.46 -1.63 32.93
N THR B 437 30.87 -0.75 32.11
CA THR B 437 29.44 -0.45 32.25
C THR B 437 28.60 -1.66 31.89
N ILE B 438 28.87 -2.25 30.72
CA ILE B 438 28.11 -3.42 30.28
C ILE B 438 28.32 -4.58 31.23
N TYR B 439 29.54 -4.71 31.79
CA TYR B 439 29.78 -5.74 32.79
C TYR B 439 28.91 -5.54 34.02
N THR B 440 28.93 -4.32 34.57
CA THR B 440 28.18 -4.02 35.77
C THR B 440 26.69 -4.24 35.56
N GLY B 441 26.21 -3.99 34.35
CA GLY B 441 24.80 -4.18 34.08
C GLY B 441 24.44 -5.65 33.86
N THR B 442 25.30 -6.39 33.17
CA THR B 442 24.96 -7.75 32.78
C THR B 442 25.27 -8.77 33.87
N ASN B 443 26.00 -8.40 34.92
CA ASN B 443 26.25 -9.33 36.01
C ASN B 443 25.49 -8.97 37.27
N GLY B 444 24.32 -8.35 37.15
CA GLY B 444 23.44 -8.12 38.28
C GLY B 444 23.95 -7.18 39.34
N TYR B 445 25.15 -6.60 39.18
CA TYR B 445 25.74 -5.80 40.25
C TYR B 445 24.96 -4.52 40.51
N LEU B 446 24.04 -4.14 39.61
CA LEU B 446 23.17 -2.99 39.82
C LEU B 446 21.71 -3.38 39.85
N ASP B 447 21.39 -4.62 40.23
CA ASP B 447 20.00 -5.02 40.41
C ASP B 447 19.39 -4.39 41.65
N SER B 448 20.22 -3.94 42.59
CA SER B 448 19.68 -3.37 43.83
C SER B 448 19.02 -2.02 43.59
N LEU B 449 19.58 -1.22 42.69
CA LEU B 449 19.04 0.10 42.42
C LEU B 449 17.75 0.01 41.60
N GLU B 450 16.96 1.07 41.67
CA GLU B 450 15.72 1.15 40.93
C GLU B 450 16.02 1.45 39.45
N LEU B 451 14.96 1.67 38.68
CA LEU B 451 15.12 1.94 37.25
C LEU B 451 15.71 3.33 37.01
N ASP B 452 15.51 4.24 37.96
CA ASP B 452 15.83 5.65 37.72
C ASP B 452 17.32 5.91 37.89
N GLN B 453 17.90 5.44 38.99
CA GLN B 453 19.23 5.85 39.41
C GLN B 453 20.37 5.10 38.73
N VAL B 454 20.08 4.21 37.77
CA VAL B 454 21.14 3.48 37.10
C VAL B 454 22.07 4.43 36.37
N ARG B 455 21.50 5.48 35.77
CA ARG B 455 22.30 6.43 35.01
C ARG B 455 23.27 7.18 35.93
N LYS B 456 22.76 7.74 37.02
CA LYS B 456 23.61 8.47 37.95
C LYS B 456 24.67 7.56 38.57
N TYR B 457 24.26 6.36 38.98
CA TYR B 457 25.19 5.40 39.56
C TYR B 457 26.29 5.05 38.58
N LEU B 458 25.95 4.86 37.31
CA LEU B 458 26.95 4.43 36.34
C LEU B 458 27.89 5.56 35.97
N VAL B 459 27.38 6.79 35.87
CA VAL B 459 28.27 7.92 35.63
C VAL B 459 29.25 8.08 36.78
N GLU B 460 28.75 8.01 38.02
CA GLU B 460 29.62 8.16 39.17
C GLU B 460 30.62 7.01 39.26
N LEU B 461 30.20 5.80 38.91
CA LEU B 461 31.09 4.66 38.93
C LEU B 461 32.19 4.81 37.89
N ARG B 462 31.84 5.26 36.69
CA ARG B 462 32.84 5.40 35.65
C ARG B 462 33.84 6.48 36.02
N THR B 463 33.37 7.59 36.58
CA THR B 463 34.29 8.64 37.04
C THR B 463 35.23 8.09 38.10
N TYR B 464 34.67 7.45 39.14
CA TYR B 464 35.51 6.96 40.24
C TYR B 464 36.54 5.95 39.76
N VAL B 465 36.13 5.05 38.86
CA VAL B 465 37.08 4.06 38.35
C VAL B 465 38.18 4.74 37.57
N LYS B 466 37.82 5.59 36.59
CA LYS B 466 38.84 6.15 35.70
C LYS B 466 39.75 7.14 36.44
N THR B 467 39.35 7.59 37.63
CA THR B 467 40.22 8.46 38.42
C THR B 467 41.01 7.70 39.48
N ASN B 468 40.54 6.53 39.92
CA ASN B 468 41.20 5.92 41.07
C ASN B 468 41.75 4.52 40.82
N LYS B 469 41.56 3.94 39.64
CA LYS B 469 42.12 2.65 39.29
C LYS B 469 42.66 2.70 37.87
N PRO B 470 43.78 3.41 37.66
CA PRO B 470 44.30 3.58 36.30
C PRO B 470 44.96 2.35 35.70
N GLU B 471 45.06 1.25 36.46
CA GLU B 471 45.58 0.02 35.89
C GLU B 471 44.57 -0.61 34.93
N PHE B 472 43.28 -0.39 35.18
CA PHE B 472 42.25 -0.81 34.23
C PHE B 472 42.47 -0.17 32.87
N GLN B 473 42.93 1.08 32.86
CA GLN B 473 43.24 1.75 31.60
C GLN B 473 44.34 0.99 30.84
N GLU B 474 45.43 0.66 31.54
CA GLU B 474 46.51 -0.09 30.91
C GLU B 474 46.02 -1.42 30.36
N ILE B 475 45.20 -2.13 31.15
CA ILE B 475 44.74 -3.46 30.74
C ILE B 475 43.86 -3.37 29.50
N ILE B 476 42.86 -2.48 29.53
CA ILE B 476 41.88 -2.46 28.45
C ILE B 476 42.44 -1.80 27.21
N SER B 477 43.32 -0.80 27.37
CA SER B 477 43.88 -0.13 26.22
C SER B 477 44.98 -0.97 25.57
N SER B 478 45.77 -1.68 26.37
CA SER B 478 46.93 -2.42 25.87
C SER B 478 46.65 -3.90 25.68
N THR B 479 46.20 -4.58 26.74
CA THR B 479 46.04 -6.03 26.66
C THR B 479 44.76 -6.39 25.91
N LYS B 480 43.71 -5.59 26.06
CA LYS B 480 42.46 -5.73 25.30
C LYS B 480 41.82 -7.10 25.48
N THR B 481 41.91 -7.64 26.68
CA THR B 481 41.17 -8.85 27.05
C THR B 481 40.80 -8.77 28.52
N PHE B 482 39.55 -9.09 28.83
CA PHE B 482 39.01 -8.95 30.18
C PHE B 482 39.54 -10.06 31.07
N THR B 483 40.81 -9.91 31.44
CA THR B 483 41.49 -10.94 32.22
C THR B 483 41.17 -10.81 33.71
N GLU B 484 41.84 -11.64 34.51
CA GLU B 484 41.46 -11.82 35.91
C GLU B 484 41.74 -10.58 36.74
N GLU B 485 42.89 -9.94 36.52
CA GLU B 485 43.23 -8.75 37.31
C GLU B 485 42.26 -7.61 37.02
N ALA B 486 41.92 -7.42 35.75
CA ALA B 486 40.94 -6.39 35.40
C ALA B 486 39.58 -6.71 35.99
N GLU B 487 39.18 -7.98 35.95
CA GLU B 487 37.89 -8.37 36.49
C GLU B 487 37.80 -8.10 37.99
N ALA B 488 38.83 -8.52 38.73
CA ALA B 488 38.83 -8.32 40.19
C ALA B 488 38.90 -6.84 40.55
N LEU B 489 39.72 -6.08 39.81
CA LEU B 489 39.80 -4.64 40.03
C LEU B 489 38.45 -3.98 39.81
N LEU B 490 37.74 -4.39 38.76
CA LEU B 490 36.43 -3.82 38.48
C LEU B 490 35.43 -4.18 39.57
N LYS B 491 35.48 -5.42 40.06
CA LYS B 491 34.55 -5.82 41.11
C LYS B 491 34.78 -5.00 42.37
N GLU B 492 36.04 -4.83 42.77
CA GLU B 492 36.34 -4.06 43.98
C GLU B 492 35.94 -2.59 43.81
N ALA B 493 36.20 -2.03 42.63
CA ALA B 493 35.82 -0.64 42.37
C ALA B 493 34.31 -0.48 42.42
N ILE B 494 33.57 -1.43 41.85
CA ILE B 494 32.10 -1.39 41.89
C ILE B 494 31.61 -1.43 43.34
N GLN B 495 32.24 -2.28 44.17
CA GLN B 495 31.82 -2.38 45.55
C GLN B 495 32.05 -1.07 46.30
N GLU B 496 33.23 -0.48 46.14
CA GLU B 496 33.53 0.78 46.84
C GLU B 496 32.61 1.90 46.37
N GLN B 497 32.36 1.97 45.05
CA GLN B 497 31.51 3.02 44.52
C GLN B 497 30.06 2.83 44.96
N MET B 498 29.59 1.59 45.02
CA MET B 498 28.24 1.34 45.49
C MET B 498 28.09 1.74 46.95
N GLU B 499 29.13 1.50 47.76
CA GLU B 499 29.08 1.92 49.15
C GLU B 499 28.99 3.44 49.27
N ARG B 500 29.90 4.15 48.61
CA ARG B 500 29.86 5.61 48.74
C ARG B 500 28.65 6.21 48.04
N PHE B 501 28.04 5.48 47.11
CA PHE B 501 26.81 5.98 46.50
C PHE B 501 25.62 5.79 47.43
N LEU B 502 25.60 4.68 48.18
CA LEU B 502 24.61 4.55 49.25
C LEU B 502 24.80 5.64 50.29
N LEU B 503 26.06 6.03 50.53
CA LEU B 503 26.29 7.17 51.41
C LEU B 503 25.93 8.49 50.74
N GLN B 504 25.77 8.49 49.42
CA GLN B 504 25.25 9.63 48.66
C GLN B 504 26.08 10.90 48.82
N ALA C 2 5.16 9.56 -36.36
CA ALA C 2 6.39 9.33 -35.63
C ALA C 2 7.56 10.03 -36.31
N THR C 3 8.35 10.77 -35.54
CA THR C 3 9.55 11.40 -36.08
C THR C 3 10.58 10.35 -36.48
N ILE C 4 10.83 9.38 -35.59
CA ILE C 4 11.64 8.23 -35.95
C ILE C 4 10.69 7.10 -36.33
N ARG C 5 10.30 7.06 -37.61
CA ARG C 5 9.44 5.99 -38.10
C ARG C 5 10.28 4.76 -38.41
N ALA C 6 9.67 3.59 -38.23
CA ALA C 6 10.38 2.35 -38.52
C ALA C 6 10.68 2.21 -40.01
N ASP C 7 9.95 2.93 -40.85
CA ASP C 7 10.25 2.94 -42.28
C ASP C 7 11.14 4.14 -42.60
N GLU C 8 12.28 4.24 -41.94
CA GLU C 8 13.24 5.31 -42.19
C GLU C 8 14.68 4.84 -42.20
N ILE C 9 14.91 3.52 -42.33
CA ILE C 9 16.26 3.04 -42.51
C ILE C 9 16.77 3.53 -43.85
N SER C 10 18.06 3.87 -43.92
CA SER C 10 18.62 4.47 -45.13
C SER C 10 18.49 3.53 -46.32
N LYS C 11 18.77 2.24 -46.12
CA LYS C 11 18.60 1.26 -47.18
C LYS C 11 17.14 1.18 -47.63
N ILE C 12 16.21 1.26 -46.67
CA ILE C 12 14.79 1.12 -47.00
C ILE C 12 14.31 2.31 -47.82
N ILE C 13 14.67 3.52 -47.40
CA ILE C 13 14.24 4.69 -48.16
C ILE C 13 15.00 4.78 -49.48
N ARG C 14 16.16 4.13 -49.59
CA ARG C 14 16.81 4.02 -50.89
C ARG C 14 15.92 3.24 -51.86
N GLU C 15 15.29 2.17 -51.39
CA GLU C 15 14.41 1.36 -52.22
C GLU C 15 13.24 2.18 -52.76
N ARG C 16 12.75 3.13 -51.97
CA ARG C 16 11.64 3.97 -52.41
C ARG C 16 12.12 5.14 -53.24
N ILE C 17 13.37 5.55 -53.05
CA ILE C 17 13.87 6.74 -53.72
C ILE C 17 14.49 6.40 -55.07
N GLU C 18 14.75 5.13 -55.36
CA GLU C 18 15.12 4.76 -56.72
C GLU C 18 13.96 5.00 -57.68
N GLY C 19 12.74 4.73 -57.25
CA GLY C 19 11.57 5.07 -58.03
C GLY C 19 10.44 5.69 -57.23
N TYR C 20 10.09 6.94 -57.54
CA TYR C 20 9.05 7.62 -56.78
C TYR C 20 7.66 7.15 -57.19
N ASN C 21 7.31 7.34 -58.45
CA ASN C 21 5.99 7.02 -58.99
C ASN C 21 6.21 6.10 -60.19
N ARG C 22 6.99 5.05 -59.96
CA ARG C 22 7.53 4.18 -61.00
C ARG C 22 6.98 2.77 -60.80
N GLU C 23 7.66 1.83 -61.45
CA GLU C 23 7.30 0.41 -61.67
C GLU C 23 6.66 -0.20 -60.41
N VAL C 24 5.73 -1.13 -60.62
CA VAL C 24 4.84 -1.69 -59.61
C VAL C 24 5.63 -2.19 -58.41
N LYS C 25 5.04 -2.02 -57.23
CA LYS C 25 5.70 -2.13 -55.94
C LYS C 25 6.07 -3.58 -55.62
N VAL C 26 6.59 -3.77 -54.41
CA VAL C 26 6.99 -5.09 -53.93
C VAL C 26 5.74 -5.82 -53.47
N VAL C 27 5.58 -7.07 -53.92
CA VAL C 27 4.34 -7.80 -53.64
C VAL C 27 4.45 -8.60 -52.35
N ASN C 28 5.50 -9.42 -52.21
CA ASN C 28 5.55 -10.37 -51.12
C ASN C 28 6.94 -10.49 -50.50
N THR C 29 7.90 -9.68 -50.94
CA THR C 29 9.27 -9.75 -50.44
C THR C 29 9.54 -8.54 -49.57
N GLY C 30 9.96 -8.79 -48.33
CA GLY C 30 10.25 -7.71 -47.41
C GLY C 30 11.47 -7.97 -46.55
N THR C 31 12.28 -6.93 -46.33
CA THR C 31 13.46 -7.03 -45.49
C THR C 31 13.08 -6.68 -44.06
N VAL C 32 13.39 -7.58 -43.13
CA VAL C 32 13.08 -7.33 -41.73
C VAL C 32 13.97 -6.22 -41.19
N LEU C 33 13.40 -5.35 -40.37
CA LEU C 33 14.14 -4.30 -39.69
C LEU C 33 13.59 -4.13 -38.29
N GLN C 34 14.46 -3.70 -37.37
CA GLN C 34 14.08 -3.45 -35.98
C GLN C 34 13.50 -4.71 -35.34
N VAL C 35 14.20 -5.83 -35.53
CA VAL C 35 13.74 -7.09 -34.98
C VAL C 35 14.20 -7.18 -33.54
N GLY C 36 13.41 -6.60 -32.64
CA GLY C 36 13.84 -6.43 -31.26
C GLY C 36 13.09 -7.29 -30.28
N ASP C 37 12.09 -6.70 -29.64
CA ASP C 37 11.39 -7.31 -28.51
C ASP C 37 10.39 -8.36 -28.99
N GLY C 38 10.91 -9.33 -29.74
CA GLY C 38 10.07 -10.36 -30.31
C GLY C 38 9.12 -9.86 -31.39
N ILE C 39 9.27 -8.59 -31.77
CA ILE C 39 8.35 -7.94 -32.70
C ILE C 39 9.13 -7.38 -33.87
N ALA C 40 9.22 -8.14 -34.95
CA ALA C 40 9.95 -7.69 -36.13
C ALA C 40 9.06 -6.79 -36.99
N ARG C 41 9.54 -5.59 -37.28
CA ARG C 41 8.86 -4.68 -38.18
C ARG C 41 9.36 -4.90 -39.60
N ILE C 42 8.53 -5.47 -40.45
CA ILE C 42 8.90 -5.80 -41.82
C ILE C 42 8.45 -4.68 -42.74
N HIS C 43 9.33 -4.26 -43.64
CA HIS C 43 8.94 -3.33 -44.68
C HIS C 43 8.35 -4.07 -45.87
N GLY C 44 7.33 -3.46 -46.46
CA GLY C 44 6.68 -4.08 -47.61
C GLY C 44 5.56 -5.00 -47.19
N LEU C 45 5.42 -6.10 -47.94
CA LEU C 45 4.39 -7.11 -47.70
C LEU C 45 2.99 -6.49 -47.71
N ASP C 46 2.66 -5.83 -48.83
CA ASP C 46 1.37 -5.18 -48.94
C ASP C 46 0.24 -6.18 -49.15
N GLU C 47 0.57 -7.42 -49.50
CA GLU C 47 -0.45 -8.44 -49.70
C GLU C 47 -0.78 -9.19 -48.41
N VAL C 48 -0.18 -8.81 -47.29
CA VAL C 48 -0.37 -9.55 -46.04
C VAL C 48 -1.77 -9.31 -45.49
N MET C 49 -2.52 -10.39 -45.32
CA MET C 49 -3.78 -10.32 -44.58
C MET C 49 -3.49 -10.04 -43.12
N ALA C 50 -4.30 -9.19 -42.50
CA ALA C 50 -4.14 -8.90 -41.09
C ALA C 50 -4.30 -10.18 -40.28
N GLY C 51 -3.20 -10.67 -39.74
CA GLY C 51 -3.17 -11.98 -39.14
C GLY C 51 -2.48 -13.04 -39.96
N GLU C 52 -1.62 -12.65 -40.90
CA GLU C 52 -0.94 -13.60 -41.75
C GLU C 52 0.07 -14.42 -40.95
N LEU C 53 0.57 -15.47 -41.59
CA LEU C 53 1.59 -16.34 -41.01
C LEU C 53 2.86 -16.14 -41.82
N VAL C 54 3.63 -15.12 -41.48
CA VAL C 54 4.82 -14.75 -42.24
C VAL C 54 6.01 -15.56 -41.72
N GLU C 55 6.80 -16.09 -42.65
CA GLU C 55 7.99 -16.85 -42.30
C GLU C 55 9.23 -15.96 -42.46
N PHE C 56 10.32 -16.39 -41.84
CA PHE C 56 11.56 -15.63 -41.81
C PHE C 56 12.67 -16.42 -42.49
N GLU C 57 13.88 -15.90 -42.40
CA GLU C 57 15.02 -16.54 -43.07
C GLU C 57 15.46 -17.79 -42.32
N GLU C 58 15.64 -17.68 -41.00
CA GLU C 58 16.03 -18.85 -40.20
C GLU C 58 14.94 -19.92 -40.23
N GLY C 59 13.67 -19.50 -40.20
CA GLY C 59 12.57 -20.45 -40.18
C GLY C 59 11.65 -20.25 -38.99
N THR C 60 11.63 -19.03 -38.45
CA THR C 60 10.85 -18.71 -37.27
C THR C 60 9.54 -18.03 -37.69
N ILE C 61 8.42 -18.67 -37.37
CA ILE C 61 7.12 -18.24 -37.86
C ILE C 61 6.64 -17.02 -37.07
N GLY C 62 5.98 -16.09 -37.76
CA GLY C 62 5.43 -14.92 -37.10
C GLY C 62 4.02 -14.56 -37.51
N ILE C 63 3.21 -14.14 -36.55
CA ILE C 63 1.87 -13.64 -36.82
C ILE C 63 1.97 -12.15 -37.13
N ALA C 64 1.31 -11.71 -38.19
CA ALA C 64 1.34 -10.30 -38.58
C ALA C 64 0.15 -9.54 -37.99
N LEU C 65 0.13 -9.36 -36.68
CA LEU C 65 -1.03 -8.76 -36.00
C LEU C 65 -1.28 -7.31 -36.41
N ASN C 66 -0.34 -6.41 -36.11
CA ASN C 66 -0.56 -4.97 -36.24
C ASN C 66 0.34 -4.42 -37.34
N LEU C 67 -0.25 -4.14 -38.49
CA LEU C 67 0.48 -3.76 -39.70
C LEU C 67 0.13 -2.33 -40.08
N GLU C 68 1.12 -1.44 -40.00
CA GLU C 68 0.91 -0.01 -40.16
C GLU C 68 1.08 0.40 -41.62
N SER C 69 1.20 1.70 -41.86
CA SER C 69 1.13 2.23 -43.22
C SER C 69 2.25 1.72 -44.10
N ASN C 70 3.45 1.58 -43.53
CA ASN C 70 4.59 1.02 -44.27
C ASN C 70 5.07 -0.28 -43.64
N ASN C 71 5.33 -0.28 -42.33
CA ASN C 71 5.88 -1.47 -41.69
C ASN C 71 4.75 -2.42 -41.28
N VAL C 72 4.83 -3.66 -41.74
CA VAL C 72 3.94 -4.72 -41.28
C VAL C 72 4.57 -5.34 -40.04
N GLY C 73 4.28 -4.75 -38.89
CA GLY C 73 4.84 -5.26 -37.65
C GLY C 73 4.27 -6.61 -37.29
N VAL C 74 5.12 -7.63 -37.21
CA VAL C 74 4.67 -8.99 -36.94
C VAL C 74 5.11 -9.39 -35.54
N VAL C 75 4.51 -10.45 -35.03
CA VAL C 75 4.87 -11.01 -33.73
C VAL C 75 5.48 -12.39 -33.98
N LEU C 76 6.80 -12.44 -34.09
CA LEU C 76 7.48 -13.69 -34.40
C LEU C 76 7.38 -14.66 -33.24
N MET C 77 7.03 -15.92 -33.55
CA MET C 77 6.73 -16.88 -32.50
C MET C 77 8.00 -17.41 -31.84
N GLY C 78 8.86 -18.05 -32.62
CA GLY C 78 10.17 -18.42 -32.12
C GLY C 78 10.96 -17.19 -31.73
N ASP C 79 11.90 -17.38 -30.81
CA ASP C 79 12.70 -16.26 -30.32
C ASP C 79 13.46 -15.61 -31.47
N GLY C 80 13.34 -14.28 -31.58
CA GLY C 80 13.97 -13.55 -32.65
C GLY C 80 15.43 -13.26 -32.35
N LEU C 81 16.20 -14.32 -32.06
CA LEU C 81 17.61 -14.13 -31.76
C LEU C 81 18.45 -14.13 -33.03
N MET C 82 18.41 -15.23 -33.79
CA MET C 82 19.27 -15.34 -34.96
C MET C 82 18.81 -14.46 -36.12
N ILE C 83 17.66 -13.81 -36.01
CA ILE C 83 17.18 -12.95 -37.09
C ILE C 83 17.94 -11.63 -37.06
N GLN C 84 18.69 -11.35 -38.13
CA GLN C 84 19.45 -10.13 -38.26
C GLN C 84 18.69 -9.15 -39.14
N GLU C 85 18.90 -7.86 -38.89
CA GLU C 85 18.26 -6.82 -39.68
C GLU C 85 18.72 -6.89 -41.13
N GLY C 86 17.78 -6.80 -42.06
CA GLY C 86 18.06 -6.90 -43.47
C GLY C 86 17.78 -8.26 -44.08
N SER C 87 17.43 -9.25 -43.27
CA SER C 87 17.05 -10.55 -43.79
C SER C 87 15.74 -10.44 -44.55
N SER C 88 15.56 -11.30 -45.54
CA SER C 88 14.33 -11.29 -46.34
C SER C 88 13.31 -12.24 -45.74
N VAL C 89 12.06 -11.79 -45.66
CA VAL C 89 10.95 -12.61 -45.18
C VAL C 89 9.97 -12.79 -46.31
N LYS C 90 9.04 -13.72 -46.13
CA LYS C 90 8.00 -13.99 -47.11
C LYS C 90 6.74 -14.45 -46.40
N ALA C 91 5.61 -13.87 -46.78
CA ALA C 91 4.33 -14.32 -46.25
C ALA C 91 3.95 -15.65 -46.88
N THR C 92 3.16 -16.43 -46.16
CA THR C 92 2.78 -17.76 -46.62
C THR C 92 1.40 -17.80 -47.26
N GLY C 93 0.60 -16.74 -47.11
CA GLY C 93 -0.72 -16.71 -47.71
C GLY C 93 -1.80 -17.41 -46.92
N ARG C 94 -1.58 -17.67 -45.64
CA ARG C 94 -2.55 -18.33 -44.79
C ARG C 94 -2.76 -17.50 -43.53
N ILE C 95 -3.96 -17.55 -42.98
CA ILE C 95 -4.37 -16.65 -41.90
C ILE C 95 -4.26 -17.43 -40.58
N ALA C 96 -3.10 -17.31 -39.93
CA ALA C 96 -2.85 -17.86 -38.59
C ALA C 96 -3.20 -19.34 -38.50
N GLN C 97 -2.85 -20.11 -39.52
CA GLN C 97 -3.31 -21.48 -39.67
C GLN C 97 -2.38 -22.42 -38.93
N ILE C 98 -2.89 -23.55 -38.46
CA ILE C 98 -2.12 -24.52 -37.69
C ILE C 98 -2.35 -25.90 -38.29
N PRO C 99 -1.31 -26.70 -38.49
CA PRO C 99 -1.51 -28.09 -38.90
C PRO C 99 -2.03 -28.93 -37.73
N VAL C 100 -3.16 -29.60 -37.96
CA VAL C 100 -3.78 -30.43 -36.93
C VAL C 100 -4.37 -31.66 -37.59
N SER C 101 -4.26 -32.81 -36.93
CA SER C 101 -4.85 -34.05 -37.40
C SER C 101 -5.17 -34.98 -36.24
N GLU C 102 -5.69 -36.17 -36.54
CA GLU C 102 -5.91 -37.19 -35.52
C GLU C 102 -4.65 -37.98 -35.22
N ALA C 103 -3.49 -37.52 -35.68
CA ALA C 103 -2.23 -38.17 -35.38
C ALA C 103 -1.51 -37.50 -34.21
N TYR C 104 -2.04 -36.40 -33.67
CA TYR C 104 -1.40 -35.75 -32.55
C TYR C 104 -1.63 -36.47 -31.24
N LEU C 105 -2.59 -37.39 -31.19
CA LEU C 105 -2.92 -38.08 -29.96
C LEU C 105 -1.72 -38.87 -29.46
N GLY C 106 -1.11 -38.39 -28.38
CA GLY C 106 0.07 -38.99 -27.80
C GLY C 106 1.33 -38.14 -27.90
N ARG C 107 1.36 -37.20 -28.82
CA ARG C 107 2.57 -36.42 -29.05
C ARG C 107 2.74 -35.36 -27.97
N VAL C 108 3.83 -34.60 -28.10
CA VAL C 108 4.15 -33.52 -27.17
C VAL C 108 4.49 -32.30 -28.02
N ILE C 109 3.50 -31.43 -28.23
CA ILE C 109 3.64 -30.32 -29.17
C ILE C 109 4.24 -29.11 -28.47
N ASN C 110 5.04 -28.34 -29.22
CA ASN C 110 5.75 -27.18 -28.70
C ASN C 110 5.07 -25.87 -29.08
N ALA C 111 3.74 -25.83 -29.08
CA ALA C 111 2.88 -24.66 -29.24
C ALA C 111 2.94 -24.04 -30.64
N LEU C 112 3.61 -24.65 -31.60
CA LEU C 112 3.55 -24.23 -32.99
C LEU C 112 3.17 -25.38 -33.91
N ALA C 113 2.46 -26.38 -33.38
CA ALA C 113 2.21 -27.64 -34.06
C ALA C 113 3.52 -28.28 -34.51
N LYS C 114 4.54 -28.18 -33.66
CA LYS C 114 5.84 -28.80 -33.90
C LYS C 114 6.14 -29.77 -32.77
N PRO C 115 6.39 -31.04 -33.04
CA PRO C 115 6.68 -31.98 -31.96
C PRO C 115 8.02 -31.66 -31.30
N ILE C 116 8.06 -31.80 -29.98
CA ILE C 116 9.27 -31.59 -29.20
C ILE C 116 9.71 -32.86 -28.49
N ASP C 117 8.94 -33.94 -28.61
CA ASP C 117 9.38 -35.22 -28.05
C ASP C 117 10.56 -35.78 -28.83
N GLY C 118 10.68 -35.43 -30.11
CA GLY C 118 11.78 -35.86 -30.93
C GLY C 118 11.56 -37.15 -31.68
N ARG C 119 10.47 -37.86 -31.43
CA ARG C 119 10.17 -39.09 -32.17
C ARG C 119 9.22 -38.78 -33.33
N GLY C 120 9.83 -38.47 -34.46
CA GLY C 120 9.09 -38.28 -35.70
C GLY C 120 8.36 -36.96 -35.77
N GLU C 121 7.94 -36.63 -36.99
CA GLU C 121 7.20 -35.41 -37.27
C GLU C 121 5.78 -35.79 -37.69
N ILE C 122 4.82 -34.90 -37.44
CA ILE C 122 3.42 -35.23 -37.65
C ILE C 122 2.91 -34.60 -38.93
N THR C 123 2.11 -35.37 -39.67
CA THR C 123 1.46 -34.88 -40.88
C THR C 123 0.00 -34.58 -40.57
N ALA C 124 -0.62 -33.76 -41.42
CA ALA C 124 -1.97 -33.28 -41.13
C ALA C 124 -2.57 -32.64 -42.37
N SER C 125 -3.84 -32.29 -42.24
CA SER C 125 -4.51 -31.30 -43.08
C SER C 125 -4.84 -30.12 -42.17
N GLU C 126 -4.30 -28.95 -42.53
CA GLU C 126 -4.15 -27.85 -41.56
C GLU C 126 -5.49 -27.44 -40.96
N SER C 127 -6.36 -26.83 -41.77
CA SER C 127 -7.80 -26.81 -41.58
C SER C 127 -8.30 -26.16 -40.28
N ARG C 128 -7.41 -25.61 -39.45
CA ARG C 128 -7.82 -24.96 -38.21
C ARG C 128 -7.09 -23.64 -38.05
N LEU C 129 -7.74 -22.69 -37.39
CA LEU C 129 -7.23 -21.33 -37.24
C LEU C 129 -6.98 -21.01 -35.77
N ILE C 130 -6.08 -20.07 -35.52
CA ILE C 130 -5.83 -19.62 -34.15
C ILE C 130 -6.95 -18.72 -33.67
N GLU C 131 -7.16 -17.60 -34.36
CA GLU C 131 -8.29 -16.71 -34.10
C GLU C 131 -9.55 -17.21 -34.79
N SER C 132 -10.09 -18.32 -34.28
CA SER C 132 -11.25 -18.93 -34.88
C SER C 132 -12.51 -18.22 -34.44
N PRO C 133 -13.57 -18.28 -35.26
CA PRO C 133 -14.89 -17.85 -34.78
C PRO C 133 -15.35 -18.73 -33.63
N ALA C 134 -15.47 -18.12 -32.46
CA ALA C 134 -15.97 -18.84 -31.30
C ALA C 134 -17.41 -19.31 -31.57
N PRO C 135 -17.80 -20.44 -30.98
CA PRO C 135 -19.13 -20.99 -31.25
C PRO C 135 -20.24 -19.99 -30.92
N GLY C 136 -21.18 -19.85 -31.85
CA GLY C 136 -22.22 -18.86 -31.71
C GLY C 136 -23.20 -19.18 -30.60
N ILE C 137 -24.28 -18.40 -30.54
CA ILE C 137 -25.24 -18.53 -29.44
C ILE C 137 -26.22 -19.66 -29.74
N MET C 138 -26.58 -19.83 -31.02
CA MET C 138 -27.54 -20.86 -31.39
C MET C 138 -26.92 -22.25 -31.36
N SER C 139 -25.60 -22.34 -31.36
CA SER C 139 -24.95 -23.63 -31.52
C SER C 139 -24.68 -24.30 -30.19
N ARG C 140 -24.73 -23.55 -29.10
CA ARG C 140 -24.41 -24.12 -27.80
C ARG C 140 -25.65 -24.67 -27.12
N ARG C 141 -25.58 -25.93 -26.70
CA ARG C 141 -26.65 -26.57 -25.95
C ARG C 141 -26.18 -26.80 -24.52
N SER C 142 -27.08 -26.61 -23.56
CA SER C 142 -26.71 -26.58 -22.15
C SER C 142 -26.02 -27.86 -21.72
N VAL C 143 -25.15 -27.74 -20.72
CA VAL C 143 -24.29 -28.85 -20.34
C VAL C 143 -25.06 -29.85 -19.50
N TYR C 144 -25.12 -31.10 -19.97
CA TYR C 144 -25.83 -32.15 -19.25
C TYR C 144 -24.97 -33.39 -19.09
N GLU C 145 -24.08 -33.64 -20.05
CA GLU C 145 -23.26 -34.84 -20.00
C GLU C 145 -22.24 -34.74 -18.88
N PRO C 146 -22.27 -35.65 -17.90
CA PRO C 146 -21.30 -35.60 -16.81
C PRO C 146 -19.89 -35.87 -17.31
N LEU C 147 -18.93 -35.31 -16.59
CA LEU C 147 -17.52 -35.53 -16.87
C LEU C 147 -16.85 -36.08 -15.62
N GLN C 148 -16.44 -37.34 -15.67
CA GLN C 148 -15.94 -38.04 -14.49
C GLN C 148 -14.55 -37.54 -14.12
N THR C 149 -14.50 -36.44 -13.37
CA THR C 149 -13.21 -35.91 -12.91
C THR C 149 -12.46 -36.94 -12.08
N GLY C 150 -13.18 -37.76 -11.32
CA GLY C 150 -12.56 -38.83 -10.57
C GLY C 150 -12.49 -38.53 -9.09
N LEU C 151 -12.16 -37.28 -8.76
CA LEU C 151 -12.05 -36.88 -7.36
C LEU C 151 -13.44 -36.79 -6.73
N ILE C 152 -13.54 -37.35 -5.52
CA ILE C 152 -14.82 -37.41 -4.82
C ILE C 152 -15.36 -36.01 -4.59
N ALA C 153 -14.54 -35.11 -4.05
CA ALA C 153 -15.00 -33.78 -3.71
C ALA C 153 -15.49 -33.04 -4.94
N ILE C 154 -14.68 -33.02 -6.00
CA ILE C 154 -15.02 -32.30 -7.23
C ILE C 154 -16.30 -32.84 -7.83
N ASP C 155 -16.33 -34.14 -8.13
CA ASP C 155 -17.50 -34.66 -8.85
C ASP C 155 -18.67 -34.93 -7.92
N ALA C 156 -18.53 -34.61 -6.64
CA ALA C 156 -19.65 -34.78 -5.73
C ALA C 156 -20.35 -33.46 -5.45
N MET C 157 -19.59 -32.40 -5.15
CA MET C 157 -20.20 -31.11 -4.86
C MET C 157 -20.01 -30.06 -5.94
N ILE C 158 -18.90 -30.08 -6.66
CA ILE C 158 -18.60 -29.06 -7.66
C ILE C 158 -18.51 -29.76 -9.01
N PRO C 159 -19.60 -30.27 -9.55
CA PRO C 159 -19.51 -31.17 -10.70
C PRO C 159 -19.12 -30.42 -11.96
N VAL C 160 -18.44 -31.13 -12.86
CA VAL C 160 -18.01 -30.60 -14.14
C VAL C 160 -18.66 -31.42 -15.23
N GLY C 161 -19.23 -30.74 -16.23
CA GLY C 161 -19.89 -31.41 -17.33
C GLY C 161 -19.18 -31.09 -18.63
N ARG C 162 -19.32 -32.00 -19.60
CA ARG C 162 -18.69 -31.82 -20.90
C ARG C 162 -19.19 -30.55 -21.57
N GLY C 163 -18.30 -29.57 -21.70
CA GLY C 163 -18.64 -28.31 -22.31
C GLY C 163 -18.82 -27.16 -21.33
N GLN C 164 -18.54 -27.36 -20.05
CA GLN C 164 -18.69 -26.33 -19.04
C GLN C 164 -17.31 -26.01 -18.48
N ARG C 165 -16.77 -24.87 -18.88
CA ARG C 165 -15.46 -24.44 -18.41
C ARG C 165 -15.49 -24.25 -16.89
N GLU C 166 -14.41 -24.63 -16.22
CA GLU C 166 -14.37 -24.66 -14.76
C GLU C 166 -12.94 -24.50 -14.30
N LEU C 167 -12.56 -23.29 -13.88
CA LEU C 167 -11.17 -23.04 -13.54
C LEU C 167 -10.80 -23.71 -12.22
N ILE C 168 -9.49 -23.89 -12.02
CA ILE C 168 -8.95 -24.49 -10.81
C ILE C 168 -8.05 -23.45 -10.14
N ILE C 169 -8.61 -22.64 -9.25
CA ILE C 169 -7.93 -21.46 -8.72
C ILE C 169 -7.32 -21.82 -7.36
N GLY C 170 -6.10 -22.30 -7.37
CA GLY C 170 -5.44 -22.61 -6.12
C GLY C 170 -4.47 -21.54 -5.68
N ASP C 171 -3.41 -21.98 -5.01
CA ASP C 171 -2.25 -21.17 -4.71
C ASP C 171 -1.04 -21.88 -5.29
N ARG C 172 0.15 -21.30 -5.10
CA ARG C 172 1.35 -21.95 -5.59
C ARG C 172 1.64 -23.21 -4.76
N GLN C 173 2.18 -24.22 -5.43
CA GLN C 173 2.61 -25.48 -4.82
C GLN C 173 1.52 -26.16 -4.00
N THR C 174 0.26 -26.04 -4.40
CA THR C 174 -0.84 -26.79 -3.78
C THR C 174 -1.81 -27.31 -4.82
N GLY C 175 -1.56 -28.53 -5.30
CA GLY C 175 -2.52 -29.18 -6.17
C GLY C 175 -2.57 -28.54 -7.55
N LYS C 176 -3.70 -28.76 -8.22
CA LYS C 176 -4.10 -28.28 -9.54
C LYS C 176 -3.34 -28.93 -10.68
N THR C 177 -2.14 -29.46 -10.40
CA THR C 177 -1.38 -30.08 -11.48
C THR C 177 -1.54 -31.58 -11.43
N ALA C 178 -1.23 -32.18 -10.29
CA ALA C 178 -1.66 -33.56 -10.07
C ALA C 178 -3.17 -33.65 -10.05
N VAL C 179 -3.86 -32.57 -9.66
CA VAL C 179 -5.32 -32.59 -9.64
C VAL C 179 -5.88 -32.57 -11.06
N ALA C 180 -5.34 -31.72 -11.94
CA ALA C 180 -5.78 -31.75 -13.34
C ALA C 180 -5.35 -33.04 -14.04
N THR C 181 -4.15 -33.53 -13.71
CA THR C 181 -3.68 -34.81 -14.23
C THR C 181 -4.61 -35.95 -13.83
N ASP C 182 -5.14 -35.89 -12.60
CA ASP C 182 -6.09 -36.90 -12.16
C ASP C 182 -7.35 -36.88 -13.02
N THR C 183 -7.85 -35.69 -13.33
CA THR C 183 -9.06 -35.58 -14.15
C THR C 183 -8.80 -36.09 -15.56
N ILE C 184 -7.62 -35.81 -16.10
CA ILE C 184 -7.26 -36.36 -17.41
C ILE C 184 -7.15 -37.87 -17.33
N LEU C 185 -6.56 -38.37 -16.25
CA LEU C 185 -6.22 -39.79 -16.14
C LEU C 185 -7.46 -40.64 -15.97
N ASN C 186 -8.47 -40.11 -15.29
CA ASN C 186 -9.70 -40.87 -15.07
C ASN C 186 -10.47 -41.07 -16.37
N GLN C 187 -10.08 -40.39 -17.43
CA GLN C 187 -10.80 -40.40 -18.69
C GLN C 187 -10.39 -41.57 -19.58
N GLN C 188 -9.83 -42.63 -18.99
CA GLN C 188 -9.30 -43.73 -19.79
C GLN C 188 -10.40 -44.45 -20.56
N GLY C 189 -11.45 -44.89 -19.85
CA GLY C 189 -12.47 -45.71 -20.50
C GLY C 189 -13.33 -44.92 -21.47
N GLN C 190 -13.93 -43.83 -20.99
CA GLN C 190 -14.76 -43.00 -21.86
C GLN C 190 -13.89 -42.28 -22.89
N ASN C 191 -14.44 -42.04 -24.06
CA ASN C 191 -13.67 -41.43 -25.14
C ASN C 191 -13.64 -39.92 -24.96
N VAL C 192 -12.46 -39.37 -24.67
CA VAL C 192 -12.20 -37.95 -24.75
C VAL C 192 -10.85 -37.78 -25.43
N ILE C 193 -10.63 -36.64 -26.07
CA ILE C 193 -9.30 -36.33 -26.59
C ILE C 193 -8.74 -35.19 -25.76
N CYS C 194 -7.99 -35.53 -24.72
CA CYS C 194 -7.48 -34.51 -23.82
C CYS C 194 -6.44 -33.64 -24.51
N VAL C 195 -6.30 -32.42 -24.02
CA VAL C 195 -5.23 -31.50 -24.42
C VAL C 195 -4.74 -30.86 -23.14
N TYR C 196 -3.62 -31.36 -22.60
CA TYR C 196 -3.03 -30.77 -21.40
C TYR C 196 -1.98 -29.78 -21.86
N VAL C 197 -2.37 -28.52 -21.98
CA VAL C 197 -1.50 -27.48 -22.51
C VAL C 197 -0.90 -26.70 -21.34
N ALA C 198 0.37 -26.95 -21.07
CA ALA C 198 1.08 -26.31 -19.96
C ALA C 198 1.65 -24.99 -20.46
N ILE C 199 1.08 -23.88 -19.99
CA ILE C 199 1.52 -22.57 -20.46
C ILE C 199 2.88 -22.22 -19.88
N GLY C 200 2.94 -22.07 -18.57
CA GLY C 200 4.22 -21.92 -17.92
C GLY C 200 4.42 -22.97 -16.85
N GLN C 201 5.33 -23.91 -17.12
CA GLN C 201 5.72 -24.93 -16.17
C GLN C 201 7.21 -25.18 -16.36
N LYS C 202 7.91 -25.36 -15.25
CA LYS C 202 9.29 -25.78 -15.32
C LYS C 202 9.37 -27.10 -16.09
N ALA C 203 10.35 -27.19 -17.00
CA ALA C 203 10.40 -28.31 -17.93
C ALA C 203 10.43 -29.65 -17.20
N SER C 204 10.98 -29.68 -15.99
CA SER C 204 10.99 -30.91 -15.22
C SER C 204 9.60 -31.31 -14.80
N SER C 205 8.74 -30.33 -14.51
CA SER C 205 7.38 -30.66 -14.09
C SER C 205 6.56 -31.23 -15.24
N VAL C 206 6.70 -30.66 -16.44
CA VAL C 206 5.95 -31.20 -17.57
C VAL C 206 6.56 -32.52 -18.01
N ALA C 207 7.87 -32.73 -17.79
CA ALA C 207 8.46 -34.03 -18.04
C ALA C 207 7.88 -35.07 -17.09
N GLN C 208 7.76 -34.73 -15.82
CA GLN C 208 7.18 -35.64 -14.85
C GLN C 208 5.72 -35.97 -15.20
N VAL C 209 4.96 -34.96 -15.61
CA VAL C 209 3.55 -35.17 -15.94
C VAL C 209 3.41 -36.03 -17.19
N VAL C 210 4.22 -35.74 -18.22
CA VAL C 210 4.10 -36.49 -19.46
C VAL C 210 4.55 -37.93 -19.25
N THR C 211 5.50 -38.16 -18.35
CA THR C 211 5.92 -39.54 -18.11
C THR C 211 4.91 -40.28 -17.23
N ASN C 212 4.25 -39.56 -16.32
CA ASN C 212 3.10 -40.13 -15.61
C ASN C 212 2.05 -40.61 -16.59
N PHE C 213 1.71 -39.76 -17.56
CA PHE C 213 0.77 -40.16 -18.61
C PHE C 213 1.29 -41.38 -19.38
N GLN C 214 2.58 -41.37 -19.71
CA GLN C 214 3.19 -42.49 -20.42
C GLN C 214 2.94 -43.81 -19.70
N GLU C 215 3.36 -43.89 -18.44
CA GLU C 215 3.31 -45.18 -17.76
C GLU C 215 1.88 -45.54 -17.32
N ARG C 216 0.99 -44.54 -17.21
CA ARG C 216 -0.35 -44.88 -16.75
C ARG C 216 -1.37 -44.95 -17.87
N GLY C 217 -0.97 -44.75 -19.12
CA GLY C 217 -1.82 -45.10 -20.24
C GLY C 217 -2.70 -44.01 -20.79
N ALA C 218 -2.58 -42.78 -20.30
CA ALA C 218 -3.39 -41.69 -20.84
C ALA C 218 -2.85 -41.16 -22.16
N MET C 219 -1.65 -41.56 -22.56
CA MET C 219 -1.07 -41.09 -23.81
C MET C 219 -1.82 -41.61 -25.02
N GLU C 220 -2.71 -42.59 -24.86
CA GLU C 220 -3.46 -43.09 -26.00
C GLU C 220 -4.46 -42.04 -26.49
N TYR C 221 -4.73 -41.01 -25.69
CA TYR C 221 -5.69 -39.99 -26.07
C TYR C 221 -5.23 -38.57 -25.77
N THR C 222 -4.30 -38.37 -24.83
CA THR C 222 -3.95 -37.03 -24.37
C THR C 222 -2.95 -36.41 -25.34
N ILE C 223 -2.85 -35.08 -25.30
CA ILE C 223 -2.01 -34.30 -26.20
C ILE C 223 -1.38 -33.18 -25.36
N VAL C 224 -0.12 -33.34 -25.00
CA VAL C 224 0.57 -32.38 -24.14
C VAL C 224 1.15 -31.29 -25.04
N VAL C 225 0.39 -30.23 -25.25
CA VAL C 225 0.93 -29.06 -25.96
C VAL C 225 1.70 -28.26 -24.92
N ALA C 226 2.99 -28.54 -24.79
CA ALA C 226 3.74 -28.07 -23.63
C ALA C 226 4.66 -26.92 -24.02
N GLU C 227 4.71 -25.90 -23.18
CA GLU C 227 5.58 -24.75 -23.36
C GLU C 227 6.30 -24.48 -22.04
N THR C 228 7.62 -24.57 -22.06
CA THR C 228 8.40 -24.42 -20.84
C THR C 228 8.36 -22.98 -20.35
N ALA C 229 8.97 -22.77 -19.19
CA ALA C 229 9.13 -21.40 -18.69
C ALA C 229 10.28 -20.69 -19.40
N ASP C 230 11.19 -21.46 -19.99
CA ASP C 230 12.25 -20.90 -20.84
C ASP C 230 11.74 -20.87 -22.28
N SER C 231 10.87 -19.91 -22.54
CA SER C 231 10.31 -19.70 -23.86
C SER C 231 9.92 -18.23 -24.01
N PRO C 232 10.11 -17.67 -25.19
CA PRO C 232 9.72 -16.27 -25.40
C PRO C 232 8.24 -16.07 -25.11
N ALA C 233 7.90 -14.89 -24.58
CA ALA C 233 6.56 -14.66 -24.06
C ALA C 233 5.50 -14.78 -25.14
N THR C 234 5.87 -14.62 -26.40
CA THR C 234 4.90 -14.81 -27.47
C THR C 234 4.48 -16.26 -27.61
N LEU C 235 5.41 -17.20 -27.41
CA LEU C 235 5.05 -18.61 -27.47
C LEU C 235 4.22 -19.01 -26.25
N GLN C 236 4.55 -18.49 -25.07
CA GLN C 236 3.70 -18.74 -23.91
C GLN C 236 2.36 -18.03 -24.04
N TYR C 237 2.27 -17.04 -24.92
CA TYR C 237 1.01 -16.35 -25.15
C TYR C 237 0.13 -17.15 -26.10
N LEU C 238 0.72 -17.76 -27.11
CA LEU C 238 -0.05 -18.48 -28.12
C LEU C 238 -0.19 -19.98 -27.83
N ALA C 239 0.55 -20.51 -26.85
CA ALA C 239 0.40 -21.91 -26.47
C ALA C 239 -1.03 -22.34 -26.17
N PRO C 240 -1.82 -21.61 -25.39
CA PRO C 240 -3.19 -22.08 -25.19
C PRO C 240 -4.06 -21.89 -26.42
N TYR C 241 -3.67 -20.97 -27.32
CA TYR C 241 -4.45 -20.80 -28.54
C TYR C 241 -4.28 -21.99 -29.47
N THR C 242 -3.06 -22.48 -29.63
CA THR C 242 -2.87 -23.70 -30.41
C THR C 242 -3.44 -24.90 -29.68
N GLY C 243 -3.36 -24.93 -28.35
CA GLY C 243 -4.04 -25.99 -27.61
C GLY C 243 -5.53 -26.02 -27.88
N ALA C 244 -6.16 -24.84 -27.92
CA ALA C 244 -7.60 -24.76 -28.09
C ALA C 244 -8.00 -25.06 -29.52
N ALA C 245 -7.22 -24.60 -30.50
CA ALA C 245 -7.51 -24.96 -31.88
C ALA C 245 -7.33 -26.46 -32.11
N LEU C 246 -6.34 -27.05 -31.46
CA LEU C 246 -6.08 -28.47 -31.64
C LEU C 246 -7.17 -29.31 -30.99
N ALA C 247 -7.70 -28.84 -29.85
CA ALA C 247 -8.83 -29.54 -29.25
C ALA C 247 -10.12 -29.28 -30.02
N GLU C 248 -10.24 -28.11 -30.66
CA GLU C 248 -11.43 -27.83 -31.45
C GLU C 248 -11.47 -28.63 -32.74
N TYR C 249 -10.32 -29.04 -33.27
CA TYR C 249 -10.34 -29.92 -34.42
C TYR C 249 -11.05 -31.23 -34.11
N PHE C 250 -11.03 -31.64 -32.84
CA PHE C 250 -11.74 -32.86 -32.46
C PHE C 250 -13.11 -32.54 -31.88
N MET C 251 -13.31 -31.31 -31.40
CA MET C 251 -14.64 -30.94 -30.92
C MET C 251 -15.62 -30.75 -32.06
N TYR C 252 -15.16 -30.20 -33.18
CA TYR C 252 -16.06 -29.95 -34.30
C TYR C 252 -16.39 -31.21 -35.08
N ARG C 253 -15.60 -32.28 -34.92
CA ARG C 253 -15.85 -33.53 -35.62
C ARG C 253 -16.65 -34.52 -34.79
N GLU C 254 -17.52 -34.04 -33.89
CA GLU C 254 -18.38 -34.90 -33.07
C GLU C 254 -17.55 -35.86 -32.23
N ARG C 255 -16.78 -35.31 -31.30
CA ARG C 255 -16.02 -36.11 -30.35
C ARG C 255 -15.74 -35.27 -29.11
N HIS C 256 -16.15 -35.77 -27.95
CA HIS C 256 -15.96 -35.04 -26.71
C HIS C 256 -14.47 -34.88 -26.41
N THR C 257 -14.11 -33.69 -25.93
CA THR C 257 -12.72 -33.40 -25.59
C THR C 257 -12.66 -32.75 -24.22
N LEU C 258 -11.45 -32.71 -23.67
CA LEU C 258 -11.16 -32.09 -22.38
C LEU C 258 -9.82 -31.40 -22.50
N ILE C 259 -9.84 -30.07 -22.55
CA ILE C 259 -8.61 -29.30 -22.63
C ILE C 259 -8.33 -28.77 -21.23
N ILE C 260 -7.05 -28.76 -20.85
CA ILE C 260 -6.65 -28.26 -19.53
C ILE C 260 -5.48 -27.32 -19.76
N TYR C 261 -5.75 -26.03 -19.61
CA TYR C 261 -4.67 -25.06 -19.55
C TYR C 261 -4.02 -25.15 -18.18
N ASP C 262 -2.69 -25.02 -18.15
CA ASP C 262 -1.96 -25.02 -16.90
C ASP C 262 -1.28 -23.68 -16.74
N ASP C 263 -1.47 -23.06 -15.58
CA ASP C 263 -1.03 -21.70 -15.29
C ASP C 263 -1.54 -20.73 -16.36
N LEU C 264 -2.87 -20.58 -16.37
CA LEU C 264 -3.46 -19.57 -17.23
C LEU C 264 -3.13 -18.17 -16.74
N SER C 265 -2.72 -18.03 -15.48
CA SER C 265 -2.12 -16.79 -15.03
C SER C 265 -0.80 -16.53 -15.75
N LYS C 266 -0.09 -17.61 -16.13
CA LYS C 266 1.18 -17.44 -16.79
C LYS C 266 1.00 -16.99 -18.23
N GLN C 267 -0.10 -17.36 -18.88
CA GLN C 267 -0.35 -16.79 -20.20
C GLN C 267 -0.61 -15.30 -20.11
N ALA C 268 -1.35 -14.87 -19.08
CA ALA C 268 -1.57 -13.45 -18.89
C ALA C 268 -0.27 -12.73 -18.55
N GLN C 269 0.63 -13.42 -17.83
CA GLN C 269 1.92 -12.81 -17.53
C GLN C 269 2.79 -12.69 -18.78
N ALA C 270 2.71 -13.68 -19.67
CA ALA C 270 3.48 -13.60 -20.91
C ALA C 270 2.87 -12.57 -21.86
N TYR C 271 1.55 -12.37 -21.78
CA TYR C 271 0.94 -11.30 -22.56
C TYR C 271 1.29 -9.93 -21.97
N ARG C 272 1.41 -9.85 -20.64
CA ARG C 272 1.90 -8.65 -20.00
C ARG C 272 3.30 -8.30 -20.49
N GLN C 273 4.16 -9.31 -20.59
CA GLN C 273 5.49 -9.08 -21.14
C GLN C 273 5.41 -8.64 -22.60
N MET C 274 4.67 -9.39 -23.41
CA MET C 274 4.53 -9.12 -24.85
C MET C 274 3.92 -7.76 -25.14
N SER C 275 3.20 -7.18 -24.20
CA SER C 275 2.63 -5.85 -24.38
C SER C 275 3.48 -4.73 -23.79
N LEU C 276 4.02 -4.92 -22.58
CA LEU C 276 4.87 -3.89 -22.01
C LEU C 276 6.19 -3.76 -22.74
N LEU C 277 6.57 -4.77 -23.53
CA LEU C 277 7.66 -4.56 -24.47
C LEU C 277 7.23 -3.67 -25.63
N LEU C 278 5.96 -3.78 -26.04
CA LEU C 278 5.41 -2.87 -27.03
C LEU C 278 5.19 -1.47 -26.48
N ARG C 279 5.23 -1.32 -25.15
CA ARG C 279 4.88 -0.09 -24.45
C ARG C 279 3.43 0.30 -24.69
N ARG C 280 2.56 -0.67 -24.93
CA ARG C 280 1.14 -0.40 -24.92
C ARG C 280 0.70 -0.14 -23.47
N PRO C 281 -0.22 0.80 -23.26
CA PRO C 281 -0.48 1.29 -21.90
C PRO C 281 -1.14 0.23 -21.03
N PRO C 282 -0.54 -0.09 -19.89
CA PRO C 282 -1.11 -1.10 -19.00
C PRO C 282 -2.20 -0.52 -18.12
N GLY C 283 -2.79 -1.40 -17.31
CA GLY C 283 -3.87 -1.03 -16.43
C GLY C 283 -3.62 -1.43 -14.99
N ARG C 284 -4.50 -2.25 -14.42
CA ARG C 284 -4.33 -2.72 -13.06
C ARG C 284 -3.25 -3.80 -13.03
N GLU C 285 -2.38 -3.74 -12.03
CA GLU C 285 -1.26 -4.65 -11.85
C GLU C 285 -0.39 -4.75 -13.09
N ALA C 286 -0.30 -3.68 -13.89
CA ALA C 286 0.48 -3.56 -15.10
C ALA C 286 0.07 -4.55 -16.20
N TYR C 287 -1.04 -5.26 -16.04
CA TYR C 287 -1.59 -5.99 -17.16
C TYR C 287 -2.10 -5.00 -18.20
N PRO C 288 -1.99 -5.30 -19.49
CA PRO C 288 -2.28 -4.29 -20.51
C PRO C 288 -3.76 -4.03 -20.69
N GLY C 289 -4.60 -4.55 -19.79
CA GLY C 289 -6.04 -4.40 -19.89
C GLY C 289 -6.69 -5.32 -20.89
N ASP C 290 -5.93 -5.84 -21.85
CA ASP C 290 -6.44 -6.72 -22.88
C ASP C 290 -6.55 -8.16 -22.40
N VAL C 291 -6.20 -8.45 -21.15
CA VAL C 291 -6.18 -9.82 -20.66
C VAL C 291 -7.57 -10.41 -20.62
N PHE C 292 -8.61 -9.59 -20.47
CA PHE C 292 -9.96 -10.14 -20.47
C PHE C 292 -10.35 -10.60 -21.86
N TYR C 293 -10.04 -9.80 -22.88
CA TYR C 293 -10.29 -10.24 -24.25
C TYR C 293 -9.43 -11.46 -24.57
N LEU C 294 -8.22 -11.49 -24.03
CA LEU C 294 -7.32 -12.63 -24.23
C LEU C 294 -7.94 -13.91 -23.70
N HIS C 295 -8.35 -13.92 -22.44
CA HIS C 295 -8.97 -15.08 -21.83
C HIS C 295 -10.43 -15.24 -22.20
N SER C 296 -10.97 -14.37 -23.05
CA SER C 296 -12.30 -14.59 -23.59
C SER C 296 -12.19 -15.39 -24.88
N ARG C 297 -11.33 -14.95 -25.81
CA ARG C 297 -11.13 -15.73 -27.03
C ARG C 297 -10.69 -17.15 -26.70
N LEU C 298 -9.96 -17.32 -25.61
CA LEU C 298 -9.39 -18.62 -25.28
C LEU C 298 -10.41 -19.51 -24.59
N LEU C 299 -10.99 -19.04 -23.49
CA LEU C 299 -11.89 -19.87 -22.70
C LEU C 299 -13.28 -19.98 -23.28
N GLU C 300 -13.71 -19.02 -24.11
CA GLU C 300 -15.08 -19.03 -24.61
C GLU C 300 -15.27 -19.95 -25.79
N ARG C 301 -14.19 -20.44 -26.40
CA ARG C 301 -14.29 -21.39 -27.48
C ARG C 301 -14.26 -22.83 -26.98
N ALA C 302 -14.69 -23.03 -25.73
CA ALA C 302 -14.76 -24.35 -25.11
C ALA C 302 -16.15 -24.50 -24.50
N ALA C 303 -17.09 -24.97 -25.31
CA ALA C 303 -18.45 -25.23 -24.86
C ALA C 303 -19.07 -26.31 -25.74
N LYS C 304 -20.14 -26.92 -25.24
CA LYS C 304 -20.78 -28.03 -25.92
C LYS C 304 -21.61 -27.51 -27.09
N LEU C 305 -21.40 -28.11 -28.26
CA LEU C 305 -22.15 -27.72 -29.45
C LEU C 305 -23.44 -28.52 -29.58
N SER C 306 -24.45 -27.88 -30.18
CA SER C 306 -25.74 -28.52 -30.36
C SER C 306 -25.66 -29.60 -31.44
N SER C 307 -26.76 -30.34 -31.60
CA SER C 307 -26.79 -31.46 -32.53
C SER C 307 -26.73 -30.99 -33.98
N LEU C 308 -26.91 -29.69 -34.23
CA LEU C 308 -26.79 -29.17 -35.58
C LEU C 308 -25.38 -29.37 -36.12
N LEU C 309 -24.37 -28.94 -35.36
CA LEU C 309 -22.98 -29.14 -35.72
C LEU C 309 -22.41 -30.44 -35.16
N GLY C 310 -23.27 -31.40 -34.82
CA GLY C 310 -22.77 -32.61 -34.20
C GLY C 310 -22.51 -32.43 -32.72
N GLU C 311 -22.81 -33.47 -31.95
CA GLU C 311 -22.64 -33.40 -30.50
C GLU C 311 -21.15 -33.43 -30.18
N GLY C 312 -20.57 -32.24 -30.08
CA GLY C 312 -19.20 -32.09 -29.63
C GLY C 312 -19.17 -31.34 -28.32
N SER C 313 -18.03 -31.33 -27.63
CA SER C 313 -17.95 -30.68 -26.33
C SER C 313 -16.50 -30.48 -25.96
N MET C 314 -16.26 -29.49 -25.12
CA MET C 314 -14.93 -29.23 -24.58
C MET C 314 -15.00 -28.50 -23.26
N THR C 315 -14.83 -29.20 -22.15
CA THR C 315 -14.58 -28.51 -20.89
C THR C 315 -13.20 -27.89 -20.96
N ALA C 316 -13.01 -26.79 -20.25
CA ALA C 316 -11.79 -26.01 -20.44
C ALA C 316 -10.82 -26.10 -19.28
N LEU C 317 -11.32 -26.32 -18.06
CA LEU C 317 -10.55 -26.53 -16.84
C LEU C 317 -9.25 -25.73 -16.75
N PRO C 318 -9.28 -24.41 -16.90
CA PRO C 318 -8.04 -23.65 -16.79
C PRO C 318 -7.54 -23.60 -15.36
N ILE C 319 -6.25 -23.31 -15.23
CA ILE C 319 -5.63 -23.31 -13.91
C ILE C 319 -4.99 -21.97 -13.65
N VAL C 320 -5.69 -21.07 -12.96
CA VAL C 320 -5.09 -19.82 -12.56
C VAL C 320 -4.44 -20.00 -11.20
N GLU C 321 -3.27 -19.41 -11.01
CA GLU C 321 -2.53 -19.52 -9.77
C GLU C 321 -2.56 -18.17 -9.05
N THR C 322 -3.24 -18.12 -7.90
CA THR C 322 -3.25 -16.92 -7.08
C THR C 322 -1.93 -16.82 -6.31
N GLN C 323 -0.86 -16.52 -7.07
CA GLN C 323 0.44 -16.27 -6.46
C GLN C 323 0.34 -15.19 -5.39
N ALA C 324 -0.53 -14.21 -5.60
CA ALA C 324 -0.72 -13.16 -4.61
C ALA C 324 -1.35 -13.71 -3.34
N GLY C 325 -1.93 -14.91 -3.39
CA GLY C 325 -2.72 -15.41 -2.30
C GLY C 325 -4.05 -14.72 -2.14
N ASP C 326 -4.46 -13.91 -3.11
CA ASP C 326 -5.71 -13.17 -3.07
C ASP C 326 -6.52 -13.51 -4.32
N VAL C 327 -7.72 -14.05 -4.11
CA VAL C 327 -8.61 -14.32 -5.24
C VAL C 327 -9.08 -13.03 -5.88
N SER C 328 -9.06 -11.92 -5.15
CA SER C 328 -9.45 -10.63 -5.72
C SER C 328 -8.21 -9.89 -6.24
N ALA C 329 -7.43 -10.61 -7.02
CA ALA C 329 -6.38 -10.00 -7.84
C ALA C 329 -6.91 -9.90 -9.25
N TYR C 330 -6.18 -9.18 -10.11
CA TYR C 330 -6.74 -8.82 -11.41
C TYR C 330 -7.02 -10.06 -12.25
N ILE C 331 -6.00 -10.86 -12.52
CA ILE C 331 -6.22 -11.98 -13.44
C ILE C 331 -7.01 -13.12 -12.80
N PRO C 332 -6.93 -13.43 -11.50
CA PRO C 332 -7.85 -14.45 -10.98
C PRO C 332 -9.31 -14.03 -11.02
N THR C 333 -9.64 -12.81 -10.60
CA THR C 333 -11.04 -12.39 -10.68
C THR C 333 -11.48 -12.25 -12.13
N ASN C 334 -10.53 -11.96 -13.02
CA ASN C 334 -10.86 -11.82 -14.43
C ASN C 334 -11.21 -13.17 -15.04
N VAL C 335 -10.39 -14.20 -14.76
CA VAL C 335 -10.70 -15.53 -15.28
C VAL C 335 -11.93 -16.10 -14.57
N ILE C 336 -12.19 -15.70 -13.33
CA ILE C 336 -13.42 -16.13 -12.67
C ILE C 336 -14.63 -15.51 -13.34
N SER C 337 -14.51 -14.27 -13.80
CA SER C 337 -15.61 -13.63 -14.50
C SER C 337 -15.82 -14.21 -15.89
N ILE C 338 -14.75 -14.69 -16.54
CA ILE C 338 -14.86 -15.27 -17.87
C ILE C 338 -15.26 -16.74 -17.84
N THR C 339 -15.03 -17.44 -16.73
CA THR C 339 -15.29 -18.86 -16.64
C THR C 339 -16.68 -19.13 -16.09
N ASP C 340 -17.14 -20.37 -16.24
CA ASP C 340 -18.40 -20.84 -15.67
C ASP C 340 -18.24 -21.57 -14.34
N GLY C 341 -17.59 -20.97 -13.36
CA GLY C 341 -17.47 -21.59 -12.04
C GLY C 341 -16.05 -21.77 -11.57
N GLN C 342 -15.85 -21.94 -10.25
CA GLN C 342 -14.52 -22.01 -9.69
C GLN C 342 -14.39 -23.22 -8.79
N ILE C 343 -13.23 -23.86 -8.87
CA ILE C 343 -12.87 -24.94 -7.94
C ILE C 343 -11.66 -24.46 -7.15
N PHE C 344 -11.91 -23.88 -5.98
CA PHE C 344 -10.85 -23.28 -5.20
C PHE C 344 -10.07 -24.36 -4.47
N LEU C 345 -8.75 -24.41 -4.68
CA LEU C 345 -7.85 -25.30 -3.96
C LEU C 345 -7.13 -24.48 -2.89
N SER C 346 -7.69 -24.47 -1.68
CA SER C 346 -7.12 -23.69 -0.60
C SER C 346 -5.72 -24.18 -0.26
N ALA C 347 -4.84 -23.25 0.09
CA ALA C 347 -3.47 -23.61 0.47
C ALA C 347 -3.44 -24.15 1.89
N ASP C 348 -4.25 -23.57 2.78
CA ASP C 348 -4.19 -23.97 4.18
C ASP C 348 -4.70 -25.38 4.39
N LEU C 349 -5.70 -25.81 3.62
CA LEU C 349 -6.20 -27.17 3.77
C LEU C 349 -5.22 -28.20 3.23
N PHE C 350 -4.54 -27.88 2.12
CA PHE C 350 -3.52 -28.79 1.61
C PHE C 350 -2.32 -28.87 2.56
N ASN C 351 -1.98 -27.75 3.20
CA ASN C 351 -0.95 -27.79 4.23
C ASN C 351 -1.46 -28.53 5.46
N ALA C 352 -2.77 -28.58 5.65
CA ALA C 352 -3.33 -29.32 6.78
C ALA C 352 -3.34 -30.82 6.52
N GLY C 353 -3.65 -31.24 5.29
CA GLY C 353 -3.59 -32.65 4.98
C GLY C 353 -4.62 -33.17 3.99
N ILE C 354 -5.70 -32.42 3.76
CA ILE C 354 -6.70 -32.86 2.79
C ILE C 354 -6.08 -32.75 1.40
N ARG C 355 -5.77 -33.90 0.78
CA ARG C 355 -4.87 -33.89 -0.37
C ARG C 355 -5.50 -33.36 -1.64
N PRO C 356 -6.77 -33.67 -1.98
CA PRO C 356 -7.48 -32.76 -2.88
C PRO C 356 -7.95 -31.56 -2.09
N ALA C 357 -7.28 -30.43 -2.26
CA ALA C 357 -7.39 -29.30 -1.34
C ALA C 357 -8.72 -28.57 -1.45
N ILE C 358 -9.68 -29.15 -2.14
CA ILE C 358 -10.98 -28.55 -2.41
C ILE C 358 -11.65 -28.12 -1.11
N ASN C 359 -11.93 -26.83 -0.97
CA ASN C 359 -12.87 -26.40 0.06
C ASN C 359 -14.24 -26.20 -0.57
N VAL C 360 -15.27 -26.63 0.15
CA VAL C 360 -16.57 -26.84 -0.49
C VAL C 360 -17.40 -25.57 -0.48
N GLY C 361 -17.21 -24.73 0.55
CA GLY C 361 -18.00 -23.52 0.65
C GLY C 361 -17.77 -22.56 -0.52
N ILE C 362 -16.50 -22.31 -0.83
CA ILE C 362 -16.17 -21.31 -1.85
C ILE C 362 -16.33 -21.89 -3.24
N SER C 363 -15.77 -23.08 -3.46
CA SER C 363 -15.76 -23.68 -4.80
C SER C 363 -17.17 -24.06 -5.23
N VAL C 364 -17.71 -23.35 -6.21
CA VAL C 364 -19.04 -23.60 -6.74
C VAL C 364 -18.95 -23.97 -8.21
N SER C 365 -19.94 -24.70 -8.70
CA SER C 365 -20.06 -25.04 -10.11
C SER C 365 -21.41 -24.53 -10.58
N ARG C 366 -21.39 -23.55 -11.50
CA ARG C 366 -22.64 -22.89 -11.89
C ARG C 366 -23.55 -23.84 -12.67
N VAL C 367 -22.98 -24.81 -13.39
CA VAL C 367 -23.82 -25.74 -14.13
C VAL C 367 -24.63 -26.61 -13.19
N GLY C 368 -24.12 -26.82 -11.97
CA GLY C 368 -24.91 -27.41 -10.90
C GLY C 368 -25.19 -28.90 -11.08
N SER C 369 -26.29 -29.33 -10.45
CA SER C 369 -26.68 -30.74 -10.48
C SER C 369 -27.15 -31.18 -11.86
N ALA C 370 -27.33 -30.25 -12.80
CA ALA C 370 -27.67 -30.63 -14.17
C ALA C 370 -26.53 -31.41 -14.81
N ALA C 371 -25.31 -31.23 -14.31
CA ALA C 371 -24.16 -31.91 -14.90
C ALA C 371 -24.05 -33.35 -14.40
N GLN C 372 -24.34 -33.58 -13.13
CA GLN C 372 -24.17 -34.89 -12.51
C GLN C 372 -25.04 -35.95 -13.17
N ILE C 373 -24.67 -37.21 -12.93
CA ILE C 373 -25.49 -38.33 -13.39
C ILE C 373 -26.80 -38.35 -12.62
N LYS C 374 -27.79 -39.05 -13.20
CA LYS C 374 -29.09 -39.16 -12.54
C LYS C 374 -28.99 -39.95 -11.25
N ALA C 375 -27.93 -40.75 -11.10
CA ALA C 375 -27.74 -41.53 -9.89
C ALA C 375 -27.29 -40.65 -8.74
N MET C 376 -26.28 -39.80 -9.00
CA MET C 376 -25.57 -39.16 -7.90
C MET C 376 -26.29 -37.92 -7.36
N LYS C 377 -27.34 -37.44 -8.03
CA LYS C 377 -27.93 -36.16 -7.65
C LYS C 377 -28.47 -36.18 -6.22
N LYS C 378 -29.27 -37.19 -5.88
CA LYS C 378 -29.88 -37.24 -4.55
C LYS C 378 -28.83 -37.49 -3.46
N VAL C 379 -27.91 -38.44 -3.72
CA VAL C 379 -26.95 -38.82 -2.68
C VAL C 379 -25.92 -37.72 -2.47
N ALA C 380 -25.55 -37.00 -3.54
CA ALA C 380 -24.65 -35.88 -3.39
C ALA C 380 -25.35 -34.68 -2.77
N GLY C 381 -26.67 -34.56 -2.97
CA GLY C 381 -27.42 -33.55 -2.24
C GLY C 381 -27.40 -33.81 -0.75
N LYS C 382 -27.60 -35.07 -0.35
CA LYS C 382 -27.52 -35.43 1.07
C LYS C 382 -26.10 -35.19 1.61
N LEU C 383 -25.08 -35.54 0.83
CA LEU C 383 -23.71 -35.29 1.26
C LEU C 383 -23.44 -33.80 1.41
N LYS C 384 -23.94 -32.98 0.48
CA LYS C 384 -23.74 -31.54 0.59
C LYS C 384 -24.46 -30.99 1.82
N LEU C 385 -25.63 -31.54 2.14
CA LEU C 385 -26.29 -31.18 3.40
C LEU C 385 -25.40 -31.49 4.60
N GLU C 386 -24.85 -32.70 4.65
CA GLU C 386 -23.97 -33.07 5.76
C GLU C 386 -22.74 -32.19 5.81
N LEU C 387 -22.24 -31.77 4.64
CA LEU C 387 -21.05 -30.92 4.63
C LEU C 387 -21.36 -29.52 5.11
N ALA C 388 -22.55 -29.00 4.79
CA ALA C 388 -23.00 -27.74 5.36
C ALA C 388 -23.07 -27.83 6.89
N GLN C 389 -23.65 -28.94 7.38
CA GLN C 389 -23.72 -29.16 8.83
C GLN C 389 -22.34 -29.13 9.46
N PHE C 390 -21.40 -29.91 8.91
CA PHE C 390 -20.06 -29.98 9.48
C PHE C 390 -19.34 -28.65 9.38
N ALA C 391 -19.50 -27.95 8.25
CA ALA C 391 -18.88 -26.65 8.07
C ALA C 391 -19.32 -25.68 9.15
N GLU C 392 -20.62 -25.64 9.45
CA GLU C 392 -21.05 -24.74 10.52
C GLU C 392 -20.56 -25.21 11.88
N LEU C 393 -20.68 -26.52 12.16
CA LEU C 393 -20.29 -27.04 13.47
C LEU C 393 -18.80 -26.83 13.75
N GLU C 394 -17.97 -26.77 12.71
CA GLU C 394 -16.54 -26.58 12.94
C GLU C 394 -16.15 -25.11 12.84
N ALA C 395 -16.86 -24.32 12.03
CA ALA C 395 -16.48 -22.93 11.85
C ALA C 395 -16.98 -22.06 13.00
N PHE C 396 -18.06 -22.48 13.66
CA PHE C 396 -18.75 -21.67 14.66
C PHE C 396 -18.85 -22.48 15.94
N ALA C 397 -19.76 -22.07 16.82
CA ALA C 397 -19.97 -22.67 18.13
C ALA C 397 -20.20 -24.18 18.06
N GLN C 398 -20.28 -24.82 19.23
CA GLN C 398 -19.85 -26.20 19.48
C GLN C 398 -18.33 -26.30 19.52
N PHE C 399 -17.76 -25.53 20.45
CA PHE C 399 -16.45 -25.82 21.04
C PHE C 399 -16.57 -26.29 22.48
N ALA C 400 -17.26 -25.54 23.33
CA ALA C 400 -17.81 -26.03 24.59
C ALA C 400 -18.88 -27.03 24.20
N SER C 401 -19.15 -28.00 25.10
CA SER C 401 -19.78 -29.29 24.73
C SER C 401 -21.04 -29.04 23.90
N ASP C 402 -22.19 -28.72 24.52
CA ASP C 402 -23.21 -27.74 24.10
C ASP C 402 -24.55 -28.00 24.76
N LEU C 403 -25.53 -27.15 24.42
CA LEU C 403 -26.91 -27.61 24.31
C LEU C 403 -27.06 -28.60 23.16
N ASP C 404 -26.39 -28.31 22.03
CA ASP C 404 -26.38 -29.22 20.88
C ASP C 404 -25.67 -30.53 21.20
N LYS C 405 -24.43 -30.45 21.70
CA LYS C 405 -23.59 -31.60 22.03
C LYS C 405 -23.35 -32.49 20.80
N ALA C 406 -22.58 -31.94 19.87
CA ALA C 406 -22.16 -32.70 18.70
C ALA C 406 -21.01 -33.65 19.07
N THR C 407 -20.42 -34.26 18.04
CA THR C 407 -19.43 -35.33 18.07
C THR C 407 -20.12 -36.63 18.49
N GLN C 408 -21.39 -36.52 18.85
CA GLN C 408 -22.25 -37.65 19.13
C GLN C 408 -23.31 -37.84 18.05
N ASN C 409 -23.67 -36.78 17.34
CA ASN C 409 -24.70 -36.86 16.32
C ASN C 409 -24.19 -36.51 14.92
N GLN C 410 -23.53 -35.36 14.78
CA GLN C 410 -23.27 -34.83 13.44
C GLN C 410 -21.81 -34.47 13.19
N LEU C 411 -21.08 -34.00 14.22
CA LEU C 411 -19.69 -33.61 13.99
C LEU C 411 -18.83 -34.81 13.64
N ALA C 412 -19.10 -35.96 14.26
CA ALA C 412 -18.36 -37.17 13.93
C ALA C 412 -18.59 -37.58 12.48
N ARG C 413 -19.84 -37.49 12.02
CA ARG C 413 -20.14 -37.88 10.65
C ARG C 413 -19.58 -36.88 9.65
N GLY C 414 -19.61 -35.59 9.97
CA GLY C 414 -18.99 -34.60 9.12
C GLY C 414 -17.48 -34.77 9.03
N GLN C 415 -16.85 -35.14 10.15
CA GLN C 415 -15.43 -35.42 10.14
C GLN C 415 -15.12 -36.66 9.32
N ARG C 416 -16.00 -37.68 9.39
CA ARG C 416 -15.83 -38.84 8.53
C ARG C 416 -15.91 -38.45 7.06
N LEU C 417 -16.86 -37.58 6.71
CA LEU C 417 -16.98 -37.11 5.33
C LEU C 417 -15.72 -36.38 4.88
N ARG C 418 -15.24 -35.45 5.71
CA ARG C 418 -14.08 -34.65 5.31
C ARG C 418 -12.81 -35.50 5.23
N GLU C 419 -12.68 -36.50 6.11
CA GLU C 419 -11.54 -37.40 6.01
C GLU C 419 -11.75 -38.46 4.95
N LEU C 420 -12.97 -38.55 4.41
CA LEU C 420 -13.24 -39.47 3.33
C LEU C 420 -12.97 -38.81 1.97
N LEU C 421 -13.10 -37.49 1.91
CA LEU C 421 -12.94 -36.80 0.64
C LEU C 421 -11.49 -36.85 0.14
N LYS C 422 -10.54 -37.07 1.03
CA LYS C 422 -9.14 -37.08 0.62
C LYS C 422 -8.82 -38.31 -0.21
N GLN C 423 -8.12 -38.10 -1.32
CA GLN C 423 -7.75 -39.15 -2.26
C GLN C 423 -6.32 -39.59 -2.03
N PRO C 424 -5.88 -40.67 -2.69
CA PRO C 424 -4.44 -40.89 -2.80
C PRO C 424 -3.87 -40.02 -3.90
N GLN C 425 -2.57 -40.13 -4.16
CA GLN C 425 -1.93 -39.36 -5.22
C GLN C 425 -2.20 -40.05 -6.55
N SER C 426 -2.99 -39.41 -7.41
CA SER C 426 -3.25 -39.87 -8.77
C SER C 426 -3.81 -41.29 -8.77
N ALA C 427 -4.82 -41.53 -7.95
CA ALA C 427 -5.57 -42.79 -7.92
C ALA C 427 -7.01 -42.45 -8.26
N PRO C 428 -7.37 -42.47 -9.54
CA PRO C 428 -8.72 -42.06 -9.93
C PRO C 428 -9.77 -43.07 -9.48
N LEU C 429 -10.96 -42.56 -9.24
CA LEU C 429 -12.09 -43.37 -8.79
C LEU C 429 -13.16 -43.39 -9.87
N THR C 430 -13.69 -44.58 -10.15
CA THR C 430 -14.73 -44.71 -11.15
C THR C 430 -16.03 -44.07 -10.65
N VAL C 431 -17.04 -44.12 -11.51
CA VAL C 431 -18.32 -43.46 -11.17
C VAL C 431 -19.04 -44.23 -10.06
N GLU C 432 -19.20 -45.54 -10.22
CA GLU C 432 -19.92 -46.33 -9.23
C GLU C 432 -19.16 -46.36 -7.90
N GLU C 433 -17.84 -46.40 -7.96
CA GLU C 433 -17.05 -46.48 -6.74
C GLU C 433 -17.18 -45.21 -5.92
N GLN C 434 -17.09 -44.05 -6.57
CA GLN C 434 -17.26 -42.81 -5.82
C GLN C 434 -18.72 -42.62 -5.42
N VAL C 435 -19.66 -43.22 -6.15
CA VAL C 435 -21.05 -43.21 -5.72
C VAL C 435 -21.20 -43.91 -4.37
N MET C 436 -20.62 -45.11 -4.26
CA MET C 436 -20.71 -45.85 -3.00
C MET C 436 -19.91 -45.17 -1.89
N THR C 437 -18.75 -44.61 -2.23
CA THR C 437 -17.97 -43.87 -1.25
C THR C 437 -18.74 -42.69 -0.70
N ILE C 438 -19.44 -41.96 -1.57
CA ILE C 438 -20.31 -40.88 -1.11
C ILE C 438 -21.42 -41.43 -0.23
N TYR C 439 -22.09 -42.49 -0.67
CA TYR C 439 -23.28 -42.98 0.02
C TYR C 439 -22.95 -43.48 1.41
N THR C 440 -21.84 -44.20 1.57
CA THR C 440 -21.43 -44.77 2.85
C THR C 440 -21.40 -43.73 3.97
N GLY C 441 -20.86 -42.55 3.67
CA GLY C 441 -20.69 -41.55 4.72
C GLY C 441 -21.93 -40.71 4.96
N THR C 442 -22.68 -40.41 3.89
CA THR C 442 -23.74 -39.40 4.02
C THR C 442 -24.97 -39.97 4.72
N ASN C 443 -25.45 -41.15 4.32
CA ASN C 443 -26.65 -41.74 4.88
C ASN C 443 -26.35 -42.63 6.07
N GLY C 444 -25.19 -42.46 6.72
CA GLY C 444 -24.92 -43.11 7.98
C GLY C 444 -24.81 -44.62 7.92
N TYR C 445 -24.02 -45.14 6.98
CA TYR C 445 -23.71 -46.56 7.01
C TYR C 445 -22.57 -46.85 7.98
N LEU C 446 -21.61 -45.93 8.07
CA LEU C 446 -20.48 -46.06 8.97
C LEU C 446 -20.22 -44.70 9.62
N ASP C 447 -20.43 -44.62 10.93
CA ASP C 447 -20.21 -43.39 11.68
C ASP C 447 -19.20 -43.52 12.81
N SER C 448 -19.23 -44.61 13.59
CA SER C 448 -18.41 -44.75 14.78
C SER C 448 -17.04 -45.35 14.51
N LEU C 449 -16.62 -45.44 13.25
CA LEU C 449 -15.32 -46.00 12.92
C LEU C 449 -14.20 -45.12 13.45
N GLU C 450 -12.98 -45.67 13.44
CA GLU C 450 -11.81 -44.87 13.77
C GLU C 450 -11.57 -43.85 12.67
N LEU C 451 -11.84 -42.58 12.98
CA LEU C 451 -11.91 -41.51 11.98
C LEU C 451 -10.63 -41.33 11.19
N ASP C 452 -9.49 -41.80 11.69
CA ASP C 452 -8.22 -41.58 10.99
C ASP C 452 -8.12 -42.43 9.74
N GLN C 453 -8.80 -43.58 9.70
CA GLN C 453 -8.56 -44.59 8.69
C GLN C 453 -9.83 -45.00 7.95
N VAL C 454 -10.69 -44.03 7.65
CA VAL C 454 -11.85 -44.32 6.80
C VAL C 454 -11.40 -44.65 5.39
N ARG C 455 -10.38 -43.94 4.90
CA ARG C 455 -9.78 -44.29 3.61
C ARG C 455 -9.15 -45.68 3.65
N LYS C 456 -8.47 -46.00 4.76
CA LYS C 456 -7.78 -47.27 4.86
C LYS C 456 -8.76 -48.43 4.97
N TYR C 457 -9.99 -48.15 5.43
CA TYR C 457 -11.05 -49.15 5.33
C TYR C 457 -11.59 -49.23 3.91
N LEU C 458 -11.80 -48.07 3.28
CA LEU C 458 -12.59 -48.05 2.07
C LEU C 458 -11.78 -48.53 0.87
N VAL C 459 -10.45 -48.57 1.00
CA VAL C 459 -9.65 -49.26 -0.01
C VAL C 459 -9.99 -50.75 -0.04
N GLU C 460 -10.11 -51.38 1.14
CA GLU C 460 -10.54 -52.77 1.17
C GLU C 460 -11.98 -52.92 0.72
N LEU C 461 -12.83 -51.97 1.11
CA LEU C 461 -14.23 -51.98 0.67
C LEU C 461 -14.34 -51.97 -0.86
N ARG C 462 -13.65 -51.03 -1.51
CA ARG C 462 -13.69 -50.93 -2.97
C ARG C 462 -13.08 -52.17 -3.62
N THR C 463 -12.02 -52.72 -3.01
CA THR C 463 -11.42 -53.91 -3.58
C THR C 463 -12.37 -55.09 -3.53
N TYR C 464 -13.20 -55.17 -2.48
CA TYR C 464 -14.03 -56.34 -2.29
C TYR C 464 -15.36 -56.23 -3.04
N VAL C 465 -15.96 -55.04 -3.08
CA VAL C 465 -17.37 -54.93 -3.45
C VAL C 465 -17.59 -55.29 -4.91
N LYS C 466 -16.74 -54.80 -5.81
CA LYS C 466 -16.96 -55.04 -7.24
C LYS C 466 -16.68 -56.49 -7.60
N THR C 467 -15.74 -57.11 -6.88
CA THR C 467 -15.44 -58.52 -7.13
C THR C 467 -16.47 -59.43 -6.47
N ASN C 468 -17.22 -58.90 -5.50
CA ASN C 468 -18.28 -59.67 -4.87
C ASN C 468 -19.60 -59.49 -5.62
N LYS C 469 -19.98 -58.24 -5.88
CA LYS C 469 -21.26 -57.93 -6.50
C LYS C 469 -21.04 -57.15 -7.79
N PRO C 470 -20.65 -57.81 -8.89
CA PRO C 470 -20.60 -57.10 -10.18
C PRO C 470 -21.96 -56.60 -10.65
N GLU C 471 -23.03 -56.92 -9.94
CA GLU C 471 -24.34 -56.36 -10.26
C GLU C 471 -24.35 -54.84 -10.06
N PHE C 472 -23.60 -54.35 -9.08
CA PHE C 472 -23.61 -52.91 -8.82
C PHE C 472 -22.96 -52.14 -9.95
N GLN C 473 -21.79 -52.60 -10.40
CA GLN C 473 -21.14 -51.93 -11.53
C GLN C 473 -22.03 -51.97 -12.76
N GLU C 474 -22.82 -53.03 -12.91
CA GLU C 474 -23.71 -53.13 -14.07
C GLU C 474 -24.89 -52.17 -13.94
N ILE C 475 -25.48 -52.06 -12.74
CA ILE C 475 -26.65 -51.19 -12.58
C ILE C 475 -26.23 -49.73 -12.70
N ILE C 476 -24.99 -49.41 -12.30
CA ILE C 476 -24.54 -48.02 -12.42
C ILE C 476 -23.99 -47.74 -13.82
N SER C 477 -23.51 -48.77 -14.52
CA SER C 477 -22.90 -48.54 -15.83
C SER C 477 -23.93 -48.55 -16.95
N SER C 478 -25.01 -49.31 -16.78
CA SER C 478 -26.02 -49.43 -17.82
C SER C 478 -27.17 -48.45 -17.60
N THR C 479 -27.79 -48.50 -16.43
CA THR C 479 -28.92 -47.62 -16.15
C THR C 479 -28.47 -46.19 -15.88
N LYS C 480 -27.25 -46.03 -15.38
CA LYS C 480 -26.69 -44.76 -14.89
C LYS C 480 -27.53 -44.15 -13.78
N THR C 481 -28.39 -44.92 -13.13
CA THR C 481 -29.29 -44.41 -12.11
C THR C 481 -29.19 -45.30 -10.86
N PHE C 482 -29.22 -44.64 -9.70
CA PHE C 482 -28.99 -45.30 -8.42
C PHE C 482 -30.33 -45.85 -7.94
N THR C 483 -30.70 -47.01 -8.43
CA THR C 483 -31.97 -47.61 -8.03
C THR C 483 -31.87 -48.17 -6.62
N GLU C 484 -33.04 -48.40 -6.02
CA GLU C 484 -33.08 -48.83 -4.63
C GLU C 484 -32.73 -50.31 -4.49
N GLU C 485 -32.93 -51.10 -5.54
CA GLU C 485 -32.41 -52.46 -5.54
C GLU C 485 -30.89 -52.46 -5.51
N ALA C 486 -30.28 -51.48 -6.17
CA ALA C 486 -28.85 -51.30 -6.05
C ALA C 486 -28.46 -50.92 -4.63
N GLU C 487 -29.29 -50.12 -3.96
CA GLU C 487 -29.05 -49.81 -2.56
C GLU C 487 -29.09 -51.07 -1.70
N ALA C 488 -30.04 -51.96 -1.97
CA ALA C 488 -30.14 -53.20 -1.21
C ALA C 488 -28.90 -54.08 -1.43
N LEU C 489 -28.50 -54.24 -2.70
CA LEU C 489 -27.38 -55.14 -2.97
C LEU C 489 -26.07 -54.56 -2.46
N LEU C 490 -25.91 -53.24 -2.51
CA LEU C 490 -24.69 -52.66 -1.94
C LEU C 490 -24.75 -52.71 -0.42
N LYS C 491 -25.95 -52.66 0.16
CA LYS C 491 -26.07 -52.88 1.59
C LYS C 491 -25.57 -54.26 1.98
N GLU C 492 -25.95 -55.28 1.19
CA GLU C 492 -25.46 -56.64 1.44
C GLU C 492 -23.94 -56.71 1.28
N ALA C 493 -23.41 -56.07 0.23
CA ALA C 493 -21.98 -56.10 -0.02
C ALA C 493 -21.19 -55.43 1.09
N ILE C 494 -21.69 -54.30 1.60
CA ILE C 494 -20.97 -53.58 2.64
C ILE C 494 -21.17 -54.26 4.00
N GLN C 495 -22.28 -55.00 4.15
CA GLN C 495 -22.41 -55.88 5.31
C GLN C 495 -21.31 -56.93 5.32
N GLU C 496 -21.11 -57.59 4.19
CA GLU C 496 -20.07 -58.62 4.10
C GLU C 496 -18.68 -58.01 4.26
N GLN C 497 -18.46 -56.81 3.72
CA GLN C 497 -17.18 -56.14 3.88
C GLN C 497 -16.94 -55.74 5.32
N MET C 498 -17.96 -55.24 6.01
CA MET C 498 -17.83 -54.94 7.43
C MET C 498 -17.52 -56.20 8.23
N GLU C 499 -18.10 -57.33 7.82
CA GLU C 499 -17.77 -58.60 8.45
C GLU C 499 -16.28 -58.94 8.29
N ARG C 500 -15.79 -58.92 7.04
CA ARG C 500 -14.41 -59.32 6.80
C ARG C 500 -13.42 -58.28 7.34
N PHE C 501 -13.88 -57.06 7.59
CA PHE C 501 -13.03 -56.08 8.26
C PHE C 501 -13.01 -56.31 9.76
N LEU C 502 -14.16 -56.72 10.33
CA LEU C 502 -14.20 -57.14 11.73
C LEU C 502 -13.25 -58.30 11.95
N LEU C 503 -13.21 -59.24 11.01
CA LEU C 503 -12.24 -60.34 11.08
C LEU C 503 -11.23 -60.24 9.95
N LYS D 17 -23.75 7.36 -55.22
CA LYS D 17 -22.31 7.20 -55.27
C LYS D 17 -21.66 7.62 -53.95
N LYS D 18 -21.61 6.67 -53.01
CA LYS D 18 -20.89 6.90 -51.76
C LYS D 18 -19.38 6.76 -52.00
N ASN D 19 -18.66 7.85 -51.77
CA ASN D 19 -17.24 7.91 -52.13
C ASN D 19 -16.45 6.89 -51.33
N LEU D 20 -15.82 5.95 -52.04
CA LEU D 20 -15.10 4.85 -51.43
C LEU D 20 -13.62 5.22 -51.32
N GLY D 21 -12.99 4.77 -50.23
CA GLY D 21 -11.56 4.91 -50.05
C GLY D 21 -10.90 3.56 -49.91
N ARG D 22 -9.57 3.59 -49.79
CA ARG D 22 -8.78 2.38 -49.65
C ARG D 22 -8.30 2.27 -48.21
N ILE D 23 -8.44 1.07 -47.64
CA ILE D 23 -7.93 0.83 -46.30
C ILE D 23 -6.41 0.78 -46.36
N ALA D 24 -5.76 1.44 -45.40
CA ALA D 24 -4.31 1.62 -45.43
C ALA D 24 -3.60 0.95 -44.26
N GLN D 25 -4.00 1.24 -43.02
CA GLN D 25 -3.27 0.82 -41.84
C GLN D 25 -4.22 0.08 -40.91
N ILE D 26 -3.80 -1.08 -40.44
CA ILE D 26 -4.62 -1.95 -39.61
C ILE D 26 -3.83 -2.27 -38.35
N ILE D 27 -4.38 -1.92 -37.19
CA ILE D 27 -3.77 -2.22 -35.90
C ILE D 27 -4.77 -2.99 -35.07
N GLY D 28 -4.69 -4.33 -35.13
CA GLY D 28 -5.60 -5.18 -34.40
C GLY D 28 -7.03 -5.02 -34.88
N PRO D 29 -7.95 -4.72 -33.97
CA PRO D 29 -9.34 -4.41 -34.35
C PRO D 29 -9.59 -2.95 -34.72
N VAL D 30 -8.54 -2.15 -34.93
CA VAL D 30 -8.67 -0.74 -35.29
C VAL D 30 -7.91 -0.52 -36.59
N LEU D 31 -8.62 -0.09 -37.62
CA LEU D 31 -8.07 0.02 -38.96
C LEU D 31 -8.20 1.45 -39.48
N ASP D 32 -7.10 1.99 -39.99
CA ASP D 32 -7.08 3.34 -40.53
C ASP D 32 -7.31 3.31 -42.03
N VAL D 33 -8.31 4.05 -42.49
CA VAL D 33 -8.74 4.04 -43.88
C VAL D 33 -8.34 5.35 -44.54
N ALA D 34 -7.80 5.26 -45.75
CA ALA D 34 -7.47 6.44 -46.55
C ALA D 34 -8.62 6.70 -47.53
N PHE D 35 -9.18 7.90 -47.47
CA PHE D 35 -10.24 8.31 -48.37
C PHE D 35 -9.72 9.29 -49.41
N PRO D 36 -10.47 9.52 -50.48
CA PRO D 36 -10.12 10.60 -51.41
C PRO D 36 -10.16 11.94 -50.70
N PRO D 37 -9.33 12.90 -51.12
CA PRO D 37 -9.18 14.14 -50.34
C PRO D 37 -10.45 14.97 -50.24
N GLY D 38 -11.39 14.79 -51.16
CA GLY D 38 -12.58 15.62 -51.15
C GLY D 38 -13.51 15.33 -49.98
N LYS D 39 -14.02 14.11 -49.89
CA LYS D 39 -15.08 13.78 -48.95
C LYS D 39 -14.60 12.72 -47.97
N MET D 40 -14.53 13.09 -46.70
CA MET D 40 -14.28 12.17 -45.61
C MET D 40 -15.57 11.96 -44.83
N PRO D 41 -15.78 10.77 -44.25
CA PRO D 41 -17.05 10.52 -43.55
C PRO D 41 -17.14 11.33 -42.27
N ASN D 42 -18.38 11.47 -41.78
CA ASN D 42 -18.60 12.11 -40.50
C ASN D 42 -18.11 11.22 -39.37
N ILE D 43 -18.04 11.79 -38.17
CA ILE D 43 -17.71 10.98 -36.99
C ILE D 43 -18.83 9.96 -36.79
N TYR D 44 -18.44 8.74 -36.43
CA TYR D 44 -19.32 7.60 -36.14
C TYR D 44 -20.10 7.16 -37.37
N ASN D 45 -19.66 7.51 -38.56
CA ASN D 45 -20.33 7.09 -39.79
C ASN D 45 -19.79 5.72 -40.20
N ALA D 46 -20.68 4.74 -40.31
CA ALA D 46 -20.26 3.35 -40.45
C ALA D 46 -19.61 3.10 -41.80
N LEU D 47 -18.45 2.47 -41.79
CA LEU D 47 -17.77 2.00 -42.99
C LEU D 47 -17.92 0.49 -43.08
N ILE D 48 -18.82 0.02 -43.95
CA ILE D 48 -18.94 -1.42 -44.18
C ILE D 48 -17.81 -1.81 -45.13
N VAL D 49 -16.72 -2.32 -44.56
CA VAL D 49 -15.54 -2.65 -45.35
C VAL D 49 -15.84 -3.86 -46.22
N LYS D 50 -15.68 -3.69 -47.53
CA LYS D 50 -15.90 -4.79 -48.46
C LYS D 50 -14.72 -5.74 -48.43
N GLY D 51 -14.71 -6.73 -49.32
CA GLY D 51 -13.56 -7.59 -49.25
C GLY D 51 -13.90 -9.05 -49.00
N ARG D 52 -12.85 -9.82 -48.73
CA ARG D 52 -12.94 -11.27 -48.67
C ARG D 52 -12.14 -11.78 -47.48
N ASP D 53 -12.74 -12.69 -46.73
CA ASP D 53 -12.16 -13.18 -45.48
C ASP D 53 -12.04 -14.70 -45.51
N THR D 54 -12.25 -15.29 -46.70
CA THR D 54 -12.25 -16.73 -46.85
C THR D 54 -12.14 -17.11 -48.32
N ALA D 55 -12.37 -18.39 -48.65
CA ALA D 55 -12.44 -18.78 -50.06
C ALA D 55 -13.58 -18.08 -50.79
N GLY D 56 -14.68 -17.82 -50.09
CA GLY D 56 -15.78 -17.07 -50.65
C GLY D 56 -15.54 -15.57 -50.63
N GLN D 57 -16.60 -14.82 -50.36
CA GLN D 57 -16.57 -13.35 -50.31
C GLN D 57 -17.68 -12.81 -49.42
N PRO D 58 -17.56 -12.93 -48.09
CA PRO D 58 -18.47 -12.16 -47.21
C PRO D 58 -17.90 -10.79 -46.84
N MET D 59 -18.63 -9.73 -47.17
CA MET D 59 -18.18 -8.36 -46.90
C MET D 59 -18.85 -7.84 -45.62
N ASN D 60 -18.52 -8.49 -44.51
CA ASN D 60 -19.25 -8.28 -43.26
C ASN D 60 -18.41 -7.61 -42.18
N VAL D 61 -17.24 -7.08 -42.52
CA VAL D 61 -16.43 -6.38 -41.53
C VAL D 61 -16.84 -4.92 -41.54
N THR D 62 -17.87 -4.57 -40.77
CA THR D 62 -18.29 -3.17 -40.71
C THR D 62 -17.51 -2.44 -39.64
N CYS D 63 -17.21 -1.16 -39.92
CA CYS D 63 -16.42 -0.35 -39.01
C CYS D 63 -17.09 0.99 -38.82
N GLU D 64 -16.74 1.68 -37.73
CA GLU D 64 -17.31 2.96 -37.39
C GLU D 64 -16.17 3.98 -37.25
N VAL D 65 -16.33 5.13 -37.92
CA VAL D 65 -15.28 6.15 -37.93
C VAL D 65 -15.19 6.77 -36.55
N GLN D 66 -14.12 6.44 -35.81
CA GLN D 66 -13.93 7.03 -34.49
C GLN D 66 -13.42 8.46 -34.58
N GLN D 67 -12.26 8.65 -35.20
CA GLN D 67 -11.63 9.96 -35.22
C GLN D 67 -10.97 10.19 -36.57
N LEU D 68 -11.00 11.43 -37.04
CA LEU D 68 -10.36 11.84 -38.27
C LEU D 68 -8.88 12.11 -37.98
N LEU D 69 -8.00 11.30 -38.56
CA LEU D 69 -6.56 11.52 -38.37
C LEU D 69 -6.02 12.68 -39.19
N GLY D 70 -6.84 13.27 -40.05
CA GLY D 70 -6.34 14.29 -40.95
C GLY D 70 -5.61 13.68 -42.12
N ASN D 71 -5.25 14.55 -43.06
CA ASN D 71 -4.72 14.17 -44.38
C ASN D 71 -5.47 12.96 -44.95
N ASN D 72 -6.77 13.17 -45.22
CA ASN D 72 -7.76 12.19 -45.69
C ASN D 72 -7.52 10.76 -45.17
N ARG D 73 -7.36 10.64 -43.85
CA ARG D 73 -7.25 9.34 -43.19
C ARG D 73 -8.11 9.35 -41.93
N VAL D 74 -8.84 8.26 -41.70
CA VAL D 74 -9.76 8.15 -40.59
C VAL D 74 -9.50 6.83 -39.86
N ARG D 75 -9.38 6.89 -38.54
CA ARG D 75 -9.34 5.66 -37.77
C ARG D 75 -10.76 5.11 -37.62
N ALA D 76 -10.94 3.84 -37.95
CA ALA D 76 -12.23 3.19 -37.83
C ALA D 76 -12.03 1.88 -37.11
N VAL D 77 -12.83 1.63 -36.08
CA VAL D 77 -12.75 0.40 -35.33
C VAL D 77 -13.74 -0.61 -35.90
N ALA D 78 -13.29 -1.84 -36.10
CA ALA D 78 -14.08 -2.85 -36.78
C ALA D 78 -14.95 -3.60 -35.79
N MET D 79 -16.25 -3.66 -36.08
CA MET D 79 -17.21 -4.37 -35.24
C MET D 79 -17.09 -5.88 -35.33
N SER D 80 -16.22 -6.39 -36.20
CA SER D 80 -15.93 -7.81 -36.30
C SER D 80 -14.42 -8.02 -36.28
N ALA D 81 -14.00 -9.26 -36.42
CA ALA D 81 -12.58 -9.56 -36.47
C ALA D 81 -11.96 -9.02 -37.75
N THR D 82 -10.73 -8.53 -37.64
CA THR D 82 -10.04 -7.95 -38.79
C THR D 82 -9.19 -8.95 -39.55
N ASP D 83 -9.26 -10.23 -39.21
CA ASP D 83 -8.53 -11.24 -39.98
C ASP D 83 -9.05 -11.30 -41.41
N GLY D 84 -8.12 -11.46 -42.34
CA GLY D 84 -8.47 -11.49 -43.75
C GLY D 84 -8.58 -10.13 -44.40
N LEU D 85 -8.00 -9.10 -43.81
CA LEU D 85 -8.01 -7.76 -44.38
C LEU D 85 -6.61 -7.40 -44.84
N THR D 86 -6.47 -7.09 -46.12
CA THR D 86 -5.19 -6.67 -46.68
C THR D 86 -5.15 -5.16 -46.80
N ARG D 87 -3.94 -4.61 -46.61
CA ARG D 87 -3.75 -3.19 -46.85
C ARG D 87 -3.91 -2.88 -48.33
N GLY D 88 -4.95 -2.13 -48.66
CA GLY D 88 -5.24 -1.75 -50.03
C GLY D 88 -6.55 -2.24 -50.59
N MET D 89 -7.49 -2.64 -49.74
CA MET D 89 -8.81 -3.05 -50.19
C MET D 89 -9.67 -1.81 -50.44
N GLU D 90 -10.97 -2.04 -50.65
CA GLU D 90 -11.91 -0.96 -50.95
C GLU D 90 -13.04 -0.98 -49.93
N VAL D 91 -13.28 0.16 -49.30
CA VAL D 91 -14.30 0.30 -48.27
C VAL D 91 -15.24 1.43 -48.68
N ILE D 92 -16.52 1.30 -48.33
CA ILE D 92 -17.51 2.32 -48.62
C ILE D 92 -18.09 2.83 -47.30
N ASP D 93 -18.58 4.07 -47.31
CA ASP D 93 -19.24 4.66 -46.16
C ASP D 93 -20.75 4.71 -46.44
N THR D 94 -21.54 4.29 -45.45
CA THR D 94 -22.99 4.26 -45.64
C THR D 94 -23.56 5.68 -45.74
N GLY D 95 -22.94 6.63 -45.05
CA GLY D 95 -23.44 7.99 -45.00
C GLY D 95 -24.17 8.32 -43.72
N ALA D 96 -24.74 7.33 -43.05
CA ALA D 96 -25.43 7.45 -41.78
C ALA D 96 -24.78 6.50 -40.80
N PRO D 97 -24.89 6.76 -39.50
CA PRO D 97 -24.32 5.86 -38.50
C PRO D 97 -24.86 4.44 -38.63
N LEU D 98 -24.19 3.51 -37.93
CA LEU D 98 -24.47 2.09 -38.06
C LEU D 98 -25.92 1.79 -37.73
N SER D 99 -26.67 1.37 -38.75
CA SER D 99 -28.11 1.16 -38.66
C SER D 99 -28.41 -0.25 -38.18
N VAL D 100 -29.31 -0.37 -37.23
CA VAL D 100 -29.75 -1.66 -36.69
C VAL D 100 -31.25 -1.77 -36.93
N PRO D 101 -31.78 -2.95 -37.24
CA PRO D 101 -33.23 -3.06 -37.44
C PRO D 101 -33.98 -3.07 -36.12
N VAL D 102 -35.08 -2.32 -36.09
CA VAL D 102 -35.96 -2.22 -34.94
C VAL D 102 -37.39 -2.48 -35.41
N GLY D 103 -38.31 -2.52 -34.45
CA GLY D 103 -39.72 -2.68 -34.74
C GLY D 103 -40.25 -4.04 -34.33
N GLY D 104 -41.42 -4.36 -34.86
CA GLY D 104 -42.02 -5.66 -34.58
C GLY D 104 -41.22 -6.81 -35.17
N ALA D 105 -40.52 -6.56 -36.28
CA ALA D 105 -39.70 -7.59 -36.90
C ALA D 105 -38.49 -7.92 -36.03
N THR D 106 -38.22 -7.10 -35.02
CA THR D 106 -37.04 -7.31 -34.18
C THR D 106 -37.34 -8.26 -33.04
N LEU D 107 -38.54 -8.16 -32.45
CA LEU D 107 -38.87 -8.90 -31.24
C LEU D 107 -38.73 -10.40 -31.45
N GLY D 108 -37.80 -11.01 -30.74
CA GLY D 108 -37.70 -12.45 -30.70
C GLY D 108 -36.51 -13.06 -31.40
N ARG D 109 -35.46 -12.29 -31.64
CA ARG D 109 -34.29 -12.79 -32.36
C ARG D 109 -33.02 -12.36 -31.65
N ILE D 110 -32.11 -13.31 -31.45
CA ILE D 110 -30.81 -13.02 -30.88
C ILE D 110 -30.01 -12.17 -31.86
N PHE D 111 -29.72 -10.93 -31.47
CA PHE D 111 -29.10 -9.96 -32.35
C PHE D 111 -27.62 -9.79 -32.02
N ASN D 112 -26.85 -9.45 -33.04
CA ASN D 112 -25.48 -8.99 -32.84
C ASN D 112 -25.42 -7.47 -32.94
N VAL D 113 -24.21 -6.91 -32.86
CA VAL D 113 -24.04 -5.47 -32.96
C VAL D 113 -24.46 -4.98 -34.34
N LEU D 114 -24.02 -5.68 -35.38
CA LEU D 114 -24.32 -5.32 -36.76
C LEU D 114 -25.80 -5.16 -37.01
N GLY D 115 -26.64 -5.99 -36.39
CA GLY D 115 -28.05 -6.00 -36.66
C GLY D 115 -28.55 -7.22 -37.40
N GLU D 116 -27.76 -8.25 -37.50
CA GLU D 116 -28.21 -9.47 -38.17
C GLU D 116 -28.57 -10.53 -37.15
N PRO D 117 -29.65 -11.27 -37.34
CA PRO D 117 -30.05 -12.30 -36.37
C PRO D 117 -29.07 -13.46 -36.39
N VAL D 118 -28.72 -13.94 -35.20
CA VAL D 118 -27.77 -15.04 -35.06
C VAL D 118 -28.49 -16.38 -34.94
N ASP D 119 -29.75 -16.40 -34.54
CA ASP D 119 -30.53 -17.62 -34.42
C ASP D 119 -30.95 -18.20 -35.76
N ASN D 120 -30.48 -17.63 -36.88
CA ASN D 120 -30.63 -18.12 -38.26
C ASN D 120 -31.97 -18.80 -38.53
N LEU D 121 -33.05 -18.14 -38.11
CA LEU D 121 -34.40 -18.63 -38.39
C LEU D 121 -35.22 -17.65 -39.21
N GLY D 122 -35.09 -16.36 -38.97
CA GLY D 122 -35.79 -15.36 -39.74
C GLY D 122 -34.92 -14.20 -40.17
N PRO D 123 -34.77 -14.00 -41.47
CA PRO D 123 -34.09 -12.79 -41.96
C PRO D 123 -34.94 -11.55 -41.70
N VAL D 124 -34.38 -10.63 -40.92
CA VAL D 124 -35.16 -9.49 -40.43
C VAL D 124 -35.48 -8.54 -41.59
N ASP D 125 -36.41 -7.63 -41.32
CA ASP D 125 -36.83 -6.61 -42.28
C ASP D 125 -36.32 -5.26 -41.81
N THR D 126 -35.36 -4.69 -42.55
CA THR D 126 -34.67 -3.48 -42.14
C THR D 126 -35.35 -2.22 -42.69
N ARG D 127 -36.63 -2.31 -43.05
CA ARG D 127 -37.34 -1.12 -43.53
C ARG D 127 -37.53 -0.10 -42.40
N THR D 128 -37.88 -0.57 -41.21
CA THR D 128 -38.02 0.27 -40.03
C THR D 128 -36.74 0.14 -39.21
N THR D 129 -35.83 1.07 -39.38
CA THR D 129 -34.52 1.00 -38.73
C THR D 129 -34.18 2.34 -38.11
N SER D 130 -33.14 2.35 -37.28
CA SER D 130 -32.66 3.54 -36.63
C SER D 130 -31.16 3.48 -36.46
N PRO D 131 -30.45 4.61 -36.56
CA PRO D 131 -29.02 4.60 -36.25
C PRO D 131 -28.79 4.42 -34.76
N ILE D 132 -27.68 3.77 -34.42
CA ILE D 132 -27.41 3.47 -33.01
C ILE D 132 -26.97 4.72 -32.27
N HIS D 133 -26.35 5.67 -32.98
CA HIS D 133 -25.86 6.89 -32.38
C HIS D 133 -26.93 7.98 -32.52
N ARG D 134 -27.57 8.31 -31.41
CA ARG D 134 -28.54 9.38 -31.34
C ARG D 134 -28.15 10.35 -30.23
N SER D 135 -28.62 11.60 -30.36
CA SER D 135 -28.40 12.57 -29.30
C SER D 135 -29.23 12.21 -28.08
N ALA D 136 -28.84 12.78 -26.94
CA ALA D 136 -29.56 12.53 -25.71
C ALA D 136 -30.97 13.11 -25.79
N PRO D 137 -31.94 12.53 -25.10
CA PRO D 137 -33.26 13.15 -25.01
C PRO D 137 -33.17 14.47 -24.26
N ALA D 138 -33.77 15.51 -24.83
CA ALA D 138 -33.69 16.84 -24.26
C ALA D 138 -34.28 16.88 -22.86
N PHE D 139 -33.89 17.90 -22.09
CA PHE D 139 -34.26 17.94 -20.68
C PHE D 139 -35.75 18.15 -20.49
N THR D 140 -36.42 18.75 -21.48
CA THR D 140 -37.84 19.05 -21.32
C THR D 140 -38.67 17.78 -21.20
N GLN D 141 -38.37 16.76 -22.00
CA GLN D 141 -39.19 15.55 -22.07
C GLN D 141 -38.61 14.44 -21.21
N LEU D 142 -38.66 14.67 -19.90
CA LEU D 142 -38.42 13.62 -18.90
C LEU D 142 -39.69 13.38 -18.11
N ASP D 143 -39.61 12.50 -17.12
CA ASP D 143 -40.75 12.09 -16.31
C ASP D 143 -40.63 12.60 -14.89
N THR D 144 -41.75 13.12 -14.37
CA THR D 144 -41.93 13.32 -12.94
C THR D 144 -42.48 12.09 -12.25
N LYS D 145 -42.32 10.92 -12.86
CA LYS D 145 -42.74 9.66 -12.26
C LYS D 145 -41.63 9.13 -11.38
N LEU D 146 -41.87 9.11 -10.07
CA LEU D 146 -40.90 8.63 -9.10
C LEU D 146 -41.42 7.39 -8.38
N SER D 147 -42.06 6.50 -9.12
CA SER D 147 -42.75 5.37 -8.50
C SER D 147 -41.77 4.25 -8.15
N ILE D 148 -41.99 3.65 -6.99
CA ILE D 148 -41.28 2.44 -6.57
C ILE D 148 -41.87 1.26 -7.34
N PHE D 149 -41.03 0.28 -7.65
CA PHE D 149 -41.51 -0.99 -8.17
C PHE D 149 -41.10 -2.14 -7.27
N GLU D 150 -41.86 -3.21 -7.31
CA GLU D 150 -41.60 -4.40 -6.50
C GLU D 150 -40.85 -5.42 -7.36
N THR D 151 -39.61 -5.71 -6.99
CA THR D 151 -38.82 -6.67 -7.75
C THR D 151 -39.25 -8.10 -7.47
N GLY D 152 -39.25 -8.48 -6.20
CA GLY D 152 -39.53 -9.84 -5.81
C GLY D 152 -38.40 -10.43 -5.01
N ILE D 153 -37.60 -9.58 -4.38
CA ILE D 153 -36.50 -10.00 -3.51
C ILE D 153 -36.59 -9.19 -2.23
N LYS D 154 -36.36 -9.86 -1.09
CA LYS D 154 -36.43 -9.19 0.20
C LYS D 154 -35.46 -8.01 0.26
N VAL D 155 -34.19 -8.24 -0.07
CA VAL D 155 -33.17 -7.23 0.19
C VAL D 155 -33.28 -6.06 -0.77
N VAL D 156 -33.39 -6.34 -2.07
CA VAL D 156 -33.40 -5.24 -3.04
C VAL D 156 -34.79 -4.66 -3.16
N ASP D 157 -35.76 -5.20 -2.42
CA ASP D 157 -37.08 -4.60 -2.42
C ASP D 157 -37.33 -3.84 -1.12
N LEU D 158 -36.60 -4.18 -0.05
CA LEU D 158 -36.73 -3.47 1.20
C LEU D 158 -35.69 -2.36 1.33
N LEU D 159 -34.41 -2.73 1.29
CA LEU D 159 -33.36 -1.79 1.65
C LEU D 159 -33.15 -0.74 0.57
N ALA D 160 -32.88 -1.15 -0.66
CA ALA D 160 -32.71 -0.24 -1.79
C ALA D 160 -33.79 -0.56 -2.82
N PRO D 161 -35.00 -0.05 -2.62
CA PRO D 161 -36.08 -0.34 -3.56
C PRO D 161 -35.77 0.23 -4.93
N TYR D 162 -36.09 -0.54 -5.96
CA TYR D 162 -35.80 -0.13 -7.32
C TYR D 162 -36.76 0.97 -7.74
N ARG D 163 -36.49 1.58 -8.89
CA ARG D 163 -37.27 2.70 -9.38
C ARG D 163 -37.77 2.43 -10.79
N ARG D 164 -39.08 2.42 -10.95
CA ARG D 164 -39.68 2.39 -12.28
C ARG D 164 -39.25 3.62 -13.06
N GLY D 165 -38.97 3.44 -14.34
CA GLY D 165 -38.52 4.53 -15.19
C GLY D 165 -37.13 5.04 -14.91
N GLY D 166 -36.22 4.19 -14.41
CA GLY D 166 -34.89 4.65 -14.06
C GLY D 166 -33.88 3.53 -14.20
N LYS D 167 -32.62 3.95 -14.35
CA LYS D 167 -31.52 3.01 -14.52
C LYS D 167 -31.13 2.43 -13.17
N ILE D 168 -31.13 1.09 -13.07
CA ILE D 168 -30.96 0.42 -11.79
C ILE D 168 -29.80 -0.56 -11.85
N GLY D 169 -28.63 -0.12 -11.42
CA GLY D 169 -27.48 -0.99 -11.48
C GLY D 169 -27.33 -1.84 -10.24
N LEU D 170 -26.63 -2.96 -10.42
CA LEU D 170 -26.31 -3.88 -9.33
C LEU D 170 -24.84 -4.27 -9.46
N PHE D 171 -24.00 -3.53 -8.74
CA PHE D 171 -22.56 -3.73 -8.80
C PHE D 171 -22.19 -5.06 -8.13
N GLY D 172 -20.94 -5.48 -8.31
CA GLY D 172 -20.49 -6.68 -7.65
C GLY D 172 -19.28 -7.29 -8.33
N GLY D 173 -18.43 -7.91 -7.51
CA GLY D 173 -17.25 -8.59 -8.02
C GLY D 173 -17.61 -9.82 -8.85
N ALA D 174 -16.57 -10.53 -9.25
CA ALA D 174 -16.75 -11.76 -10.00
C ALA D 174 -17.16 -12.89 -9.07
N GLY D 175 -18.08 -13.73 -9.52
CA GLY D 175 -18.44 -14.89 -8.73
C GLY D 175 -19.35 -14.59 -7.55
N VAL D 176 -20.04 -13.45 -7.60
CA VAL D 176 -20.97 -13.11 -6.53
C VAL D 176 -22.29 -12.60 -7.12
N GLY D 177 -23.16 -13.55 -7.47
CA GLY D 177 -24.56 -13.32 -7.77
C GLY D 177 -24.88 -12.22 -8.75
N LYS D 178 -23.90 -11.68 -9.47
CA LYS D 178 -24.16 -10.46 -10.23
C LYS D 178 -24.99 -10.75 -11.48
N THR D 179 -24.99 -12.00 -11.94
CA THR D 179 -25.81 -12.38 -13.08
C THR D 179 -27.03 -13.19 -12.68
N VAL D 180 -27.00 -13.88 -11.54
CA VAL D 180 -28.18 -14.58 -11.07
C VAL D 180 -29.26 -13.61 -10.61
N LEU D 181 -28.89 -12.42 -10.15
CA LEU D 181 -29.90 -11.40 -9.87
C LEU D 181 -30.53 -10.89 -11.15
N ILE D 182 -29.74 -10.75 -12.22
CA ILE D 182 -30.32 -10.33 -13.49
C ILE D 182 -31.29 -11.38 -14.00
N MET D 183 -30.89 -12.65 -13.92
CA MET D 183 -31.76 -13.73 -14.41
C MET D 183 -33.01 -13.87 -13.54
N GLU D 184 -32.86 -13.79 -12.22
CA GLU D 184 -34.01 -13.91 -11.34
C GLU D 184 -34.94 -12.73 -11.48
N LEU D 185 -34.40 -11.54 -11.75
CA LEU D 185 -35.23 -10.36 -11.93
C LEU D 185 -35.96 -10.43 -13.27
N ILE D 186 -35.32 -10.99 -14.29
CA ILE D 186 -36.02 -11.35 -15.52
C ILE D 186 -37.19 -12.27 -15.21
N ASN D 187 -36.92 -13.33 -14.44
CA ASN D 187 -37.94 -14.33 -14.13
C ASN D 187 -39.08 -13.72 -13.33
N ASN D 188 -38.78 -12.75 -12.48
CA ASN D 188 -39.82 -12.15 -11.65
C ASN D 188 -40.65 -11.15 -12.45
N ILE D 189 -39.99 -10.26 -13.20
CA ILE D 189 -40.73 -9.32 -14.02
C ILE D 189 -40.26 -9.39 -15.48
N ALA D 190 -40.87 -10.28 -16.25
CA ALA D 190 -40.81 -10.21 -17.71
C ALA D 190 -42.21 -10.13 -18.30
N LYS D 191 -43.13 -10.99 -17.85
CA LYS D 191 -44.48 -10.96 -18.37
C LYS D 191 -45.32 -9.89 -17.68
N ALA D 192 -45.02 -9.60 -16.40
CA ALA D 192 -45.76 -8.58 -15.68
C ALA D 192 -45.68 -7.23 -16.37
N HIS D 193 -44.47 -6.74 -16.60
CA HIS D 193 -44.30 -5.54 -17.43
C HIS D 193 -44.54 -5.90 -18.89
N GLY D 194 -45.76 -5.64 -19.37
CA GLY D 194 -46.14 -5.91 -20.75
C GLY D 194 -45.28 -5.22 -21.78
N GLY D 195 -44.47 -4.23 -21.38
CA GLY D 195 -43.47 -3.70 -22.28
C GLY D 195 -42.48 -4.77 -22.68
N VAL D 196 -41.98 -4.66 -23.90
CA VAL D 196 -41.17 -5.74 -24.47
C VAL D 196 -39.73 -5.59 -24.00
N SER D 197 -39.29 -6.51 -23.14
CA SER D 197 -37.95 -6.41 -22.57
C SER D 197 -36.90 -6.63 -23.65
N VAL D 198 -35.76 -5.96 -23.50
CA VAL D 198 -34.69 -6.09 -24.47
C VAL D 198 -33.39 -6.44 -23.76
N PHE D 199 -33.10 -7.72 -23.61
CA PHE D 199 -31.85 -8.12 -22.99
C PHE D 199 -30.69 -7.77 -23.90
N GLY D 200 -29.80 -6.91 -23.41
CA GLY D 200 -28.72 -6.39 -24.21
C GLY D 200 -27.33 -6.75 -23.71
N GLY D 201 -27.15 -7.99 -23.29
CA GLY D 201 -25.89 -8.44 -22.71
C GLY D 201 -24.65 -8.07 -23.50
N VAL D 202 -23.84 -7.18 -22.93
CA VAL D 202 -22.61 -6.72 -23.54
C VAL D 202 -21.44 -7.28 -22.73
N GLY D 203 -20.66 -8.16 -23.34
CA GLY D 203 -19.71 -8.90 -22.54
C GLY D 203 -20.42 -9.91 -21.64
N GLU D 204 -21.02 -10.93 -22.23
CA GLU D 204 -21.73 -11.95 -21.48
C GLU D 204 -21.19 -13.32 -21.83
N ARG D 205 -21.09 -14.20 -20.83
CA ARG D 205 -20.68 -15.57 -21.09
C ARG D 205 -21.74 -16.24 -21.95
N THR D 206 -21.43 -16.42 -23.24
CA THR D 206 -22.46 -16.82 -24.19
C THR D 206 -23.07 -18.18 -23.87
N ARG D 207 -22.41 -18.95 -23.00
CA ARG D 207 -23.08 -20.10 -22.41
C ARG D 207 -24.30 -19.66 -21.62
N GLU D 208 -24.14 -18.64 -20.77
CA GLU D 208 -25.33 -18.00 -20.18
C GLU D 208 -26.23 -17.42 -21.26
N GLY D 209 -25.67 -17.12 -22.44
CA GLY D 209 -26.50 -16.70 -23.55
C GLY D 209 -27.50 -17.78 -23.97
N ASN D 210 -27.01 -19.00 -24.20
CA ASN D 210 -27.92 -20.07 -24.59
C ASN D 210 -28.85 -20.40 -23.44
N ASP D 211 -28.32 -20.35 -22.20
CA ASP D 211 -29.15 -20.59 -21.02
C ASP D 211 -30.32 -19.61 -20.97
N LEU D 212 -30.05 -18.33 -21.20
CA LEU D 212 -31.10 -17.33 -21.10
C LEU D 212 -32.07 -17.42 -22.25
N TYR D 213 -31.57 -17.69 -23.47
CA TYR D 213 -32.49 -17.83 -24.60
C TYR D 213 -33.39 -19.04 -24.42
N MET D 214 -32.84 -20.13 -23.88
CA MET D 214 -33.64 -21.33 -23.64
C MET D 214 -34.63 -21.09 -22.51
N GLU D 215 -34.23 -20.36 -21.47
CA GLU D 215 -35.16 -20.03 -20.39
C GLU D 215 -36.27 -19.12 -20.89
N MET D 216 -35.96 -18.24 -21.84
CA MET D 216 -37.00 -17.41 -22.44
C MET D 216 -38.00 -18.27 -23.21
N LYS D 217 -37.51 -19.20 -24.04
CA LYS D 217 -38.45 -19.99 -24.83
C LYS D 217 -39.07 -21.12 -24.00
N GLU D 218 -38.63 -21.26 -22.75
CA GLU D 218 -39.31 -22.18 -21.84
C GLU D 218 -40.39 -21.44 -21.03
N SER D 219 -40.08 -20.22 -20.58
CA SER D 219 -41.03 -19.46 -19.77
C SER D 219 -42.16 -18.87 -20.60
N GLY D 220 -42.15 -19.07 -21.91
CA GLY D 220 -43.25 -18.68 -22.75
C GLY D 220 -43.24 -17.24 -23.20
N VAL D 221 -42.23 -16.46 -22.84
CA VAL D 221 -42.17 -15.07 -23.29
C VAL D 221 -41.89 -15.04 -24.79
N ILE D 222 -40.73 -15.55 -25.22
CA ILE D 222 -40.47 -15.69 -26.64
C ILE D 222 -41.12 -16.96 -27.14
N ASN D 223 -41.72 -16.90 -28.32
CA ASN D 223 -42.57 -17.98 -28.84
C ASN D 223 -41.89 -18.61 -30.04
N GLU D 224 -41.68 -19.93 -29.95
CA GLU D 224 -41.08 -20.65 -31.08
C GLU D 224 -42.07 -20.83 -32.21
N GLN D 225 -43.36 -20.60 -31.95
CA GLN D 225 -44.35 -20.62 -33.03
C GLN D 225 -44.46 -19.26 -33.70
N ASN D 226 -44.53 -18.19 -32.92
CA ASN D 226 -44.77 -16.85 -33.43
C ASN D 226 -43.60 -15.95 -33.07
N ILE D 227 -43.05 -15.25 -34.06
CA ILE D 227 -41.95 -14.33 -33.79
C ILE D 227 -42.48 -13.00 -33.28
N ALA D 228 -43.58 -12.51 -33.84
CA ALA D 228 -44.12 -11.23 -33.43
C ALA D 228 -44.62 -11.26 -31.99
N GLU D 229 -45.09 -12.40 -31.53
CA GLU D 229 -45.67 -12.54 -30.20
C GLU D 229 -44.63 -12.85 -29.14
N SER D 230 -43.38 -12.48 -29.37
CA SER D 230 -42.30 -12.91 -28.50
C SER D 230 -42.03 -11.92 -27.38
N LYS D 231 -42.32 -10.64 -27.62
CA LYS D 231 -42.17 -9.54 -26.67
C LYS D 231 -40.83 -9.55 -25.92
N VAL D 232 -39.75 -9.92 -26.60
CA VAL D 232 -38.40 -9.81 -26.07
C VAL D 232 -37.43 -9.78 -27.25
N ALA D 233 -36.39 -8.97 -27.16
CA ALA D 233 -35.43 -8.80 -28.25
C ALA D 233 -34.02 -8.88 -27.71
N LEU D 234 -33.46 -10.09 -27.68
CA LEU D 234 -32.14 -10.32 -27.13
C LEU D 234 -31.11 -9.72 -28.07
N VAL D 235 -30.08 -9.08 -27.51
CA VAL D 235 -28.93 -8.59 -28.26
C VAL D 235 -27.68 -9.13 -27.59
N TYR D 236 -26.88 -9.87 -28.33
CA TYR D 236 -25.71 -10.53 -27.78
C TYR D 236 -24.43 -10.04 -28.45
N GLY D 237 -23.57 -9.42 -27.66
CA GLY D 237 -22.24 -9.02 -28.06
C GLY D 237 -21.20 -9.74 -27.22
N GLN D 238 -21.38 -11.05 -27.09
CA GLN D 238 -20.77 -11.88 -26.05
C GLN D 238 -19.25 -11.77 -26.06
N MET D 239 -18.64 -12.36 -25.04
CA MET D 239 -17.23 -12.10 -24.71
C MET D 239 -16.31 -12.71 -25.76
N ASN D 240 -16.31 -12.10 -26.93
CA ASN D 240 -15.44 -12.39 -28.08
C ASN D 240 -15.66 -11.24 -29.03
N GLU D 241 -15.28 -11.39 -30.30
CA GLU D 241 -15.68 -10.41 -31.32
C GLU D 241 -15.10 -9.03 -31.02
N PRO D 242 -13.85 -8.79 -31.44
CA PRO D 242 -12.96 -7.79 -30.81
C PRO D 242 -13.62 -6.45 -30.56
N PRO D 243 -13.07 -5.66 -29.61
CA PRO D 243 -13.90 -4.69 -28.87
C PRO D 243 -14.63 -3.65 -29.72
N GLY D 244 -14.48 -3.67 -31.05
CA GLY D 244 -15.42 -2.92 -31.88
C GLY D 244 -16.86 -3.30 -31.57
N ALA D 245 -17.12 -4.59 -31.38
CA ALA D 245 -18.46 -5.03 -31.03
C ALA D 245 -18.83 -4.62 -29.62
N ARG D 246 -18.04 -5.07 -28.63
CA ARG D 246 -18.42 -4.88 -27.23
C ARG D 246 -18.48 -3.41 -26.83
N MET D 247 -17.89 -2.52 -27.63
CA MET D 247 -18.07 -1.10 -27.39
C MET D 247 -19.43 -0.60 -27.87
N ARG D 248 -20.13 -1.37 -28.69
CA ARG D 248 -21.38 -0.90 -29.28
C ARG D 248 -22.56 -1.82 -29.06
N VAL D 249 -22.38 -2.94 -28.35
CA VAL D 249 -23.53 -3.77 -27.99
C VAL D 249 -24.51 -2.97 -27.15
N GLY D 250 -23.99 -2.23 -26.17
CA GLY D 250 -24.85 -1.40 -25.35
C GLY D 250 -25.61 -0.40 -26.17
N LEU D 251 -24.94 0.26 -27.12
CA LEU D 251 -25.60 1.25 -27.95
C LEU D 251 -26.67 0.62 -28.83
N THR D 252 -26.40 -0.55 -29.41
CA THR D 252 -27.37 -1.11 -30.34
C THR D 252 -28.58 -1.70 -29.61
N ALA D 253 -28.36 -2.35 -28.47
CA ALA D 253 -29.48 -2.82 -27.67
C ALA D 253 -30.26 -1.65 -27.11
N LEU D 254 -29.57 -0.56 -26.82
CA LEU D 254 -30.23 0.61 -26.26
C LEU D 254 -31.07 1.31 -27.31
N THR D 255 -30.59 1.35 -28.55
CA THR D 255 -31.40 1.87 -29.64
C THR D 255 -32.60 0.98 -29.89
N MET D 256 -32.41 -0.34 -29.80
CA MET D 256 -33.51 -1.28 -29.98
C MET D 256 -34.58 -1.05 -28.91
N ALA D 257 -34.17 -0.70 -27.69
CA ALA D 257 -35.16 -0.44 -26.64
C ALA D 257 -35.79 0.93 -26.79
N GLU D 258 -35.01 1.94 -27.19
CA GLU D 258 -35.55 3.29 -27.22
C GLU D 258 -36.50 3.47 -28.38
N TYR D 259 -36.34 2.67 -29.44
CA TYR D 259 -37.33 2.71 -30.52
C TYR D 259 -38.70 2.28 -30.00
N PHE D 260 -38.72 1.30 -29.10
CA PHE D 260 -40.00 0.87 -28.53
C PHE D 260 -40.51 1.89 -27.54
N ARG D 261 -39.61 2.54 -26.80
CA ARG D 261 -40.07 3.49 -25.79
C ARG D 261 -40.50 4.82 -26.40
N ASP D 262 -40.09 5.09 -27.65
CA ASP D 262 -40.35 6.41 -28.21
C ASP D 262 -41.35 6.38 -29.37
N VAL D 263 -41.56 5.23 -30.00
CA VAL D 263 -42.44 5.13 -31.16
C VAL D 263 -43.68 4.31 -30.86
N ASN D 264 -43.53 3.26 -30.04
CA ASN D 264 -44.66 2.39 -29.73
C ASN D 264 -45.23 2.64 -28.33
N GLU D 265 -44.56 3.46 -27.52
CA GLU D 265 -45.03 3.85 -26.19
C GLU D 265 -45.29 2.61 -25.32
N GLN D 266 -44.20 1.93 -24.98
CA GLN D 266 -44.26 0.76 -24.13
C GLN D 266 -43.27 0.92 -22.99
N ASP D 267 -43.48 0.14 -21.93
CA ASP D 267 -42.63 0.18 -20.73
C ASP D 267 -41.57 -0.90 -20.83
N VAL D 268 -40.69 -0.74 -21.82
CA VAL D 268 -39.74 -1.79 -22.14
C VAL D 268 -38.60 -1.76 -21.15
N LEU D 269 -37.99 -2.93 -20.92
CA LEU D 269 -36.86 -3.09 -20.02
C LEU D 269 -35.66 -3.49 -20.86
N LEU D 270 -34.47 -3.05 -20.45
CA LEU D 270 -33.24 -3.51 -21.08
C LEU D 270 -32.27 -3.92 -19.98
N PHE D 271 -32.14 -5.23 -19.79
CA PHE D 271 -31.23 -5.79 -18.80
C PHE D 271 -29.81 -5.85 -19.36
N ILE D 272 -29.26 -4.66 -19.64
CA ILE D 272 -27.88 -4.58 -20.10
C ILE D 272 -26.98 -5.26 -19.08
N ASP D 273 -26.19 -6.22 -19.56
CA ASP D 273 -25.40 -7.07 -18.69
C ASP D 273 -23.93 -6.72 -18.84
N ASN D 274 -23.26 -6.50 -17.71
CA ASN D 274 -21.84 -6.16 -17.65
C ASN D 274 -21.55 -4.86 -18.42
N ILE D 275 -22.09 -3.77 -17.88
CA ILE D 275 -21.65 -2.43 -18.28
C ILE D 275 -20.14 -2.31 -18.25
N PHE D 276 -19.49 -2.90 -17.24
CA PHE D 276 -18.03 -2.80 -17.17
C PHE D 276 -17.36 -3.38 -18.40
N ARG D 277 -17.98 -4.37 -19.03
CA ARG D 277 -17.37 -4.94 -20.23
C ARG D 277 -17.41 -3.95 -21.37
N PHE D 278 -18.45 -3.11 -21.41
CA PHE D 278 -18.49 -2.01 -22.37
C PHE D 278 -17.35 -1.02 -22.12
N VAL D 279 -17.16 -0.61 -20.87
CA VAL D 279 -16.10 0.34 -20.55
C VAL D 279 -14.73 -0.27 -20.80
N GLN D 280 -14.56 -1.56 -20.53
CA GLN D 280 -13.28 -2.20 -20.76
C GLN D 280 -13.01 -2.39 -22.25
N ALA D 281 -14.06 -2.61 -23.05
CA ALA D 281 -13.89 -2.61 -24.50
C ALA D 281 -13.47 -1.24 -24.99
N GLY D 282 -14.06 -0.20 -24.41
CA GLY D 282 -13.56 1.16 -24.66
C GLY D 282 -12.10 1.31 -24.29
N SER D 283 -11.69 0.69 -23.19
CA SER D 283 -10.30 0.74 -22.77
C SER D 283 -9.39 0.12 -23.82
N GLU D 284 -9.76 -1.07 -24.31
CA GLU D 284 -8.97 -1.71 -25.36
C GLU D 284 -8.88 -0.81 -26.59
N VAL D 285 -10.03 -0.38 -27.11
CA VAL D 285 -10.03 0.33 -28.38
C VAL D 285 -9.27 1.65 -28.25
N SER D 286 -9.35 2.30 -27.09
CA SER D 286 -8.69 3.59 -26.96
C SER D 286 -7.23 3.44 -26.55
N ALA D 287 -6.84 2.26 -26.07
CA ALA D 287 -5.41 1.97 -25.97
C ALA D 287 -4.82 1.70 -27.34
N LEU D 288 -5.64 1.20 -28.27
CA LEU D 288 -5.18 1.00 -29.64
C LEU D 288 -5.54 2.15 -30.57
N LEU D 289 -6.47 3.02 -30.21
CA LEU D 289 -6.86 4.14 -31.06
C LEU D 289 -5.91 5.32 -30.93
N GLY D 290 -4.83 5.19 -30.19
CA GLY D 290 -3.90 6.29 -30.01
C GLY D 290 -4.32 7.32 -29.00
N ARG D 291 -5.54 7.25 -28.49
CA ARG D 291 -5.99 8.19 -27.47
C ARG D 291 -5.17 8.01 -26.20
N MET D 292 -4.81 9.11 -25.56
CA MET D 292 -3.84 9.08 -24.48
C MET D 292 -4.43 8.34 -23.28
N PRO D 293 -3.64 7.56 -22.55
CA PRO D 293 -4.19 6.81 -21.41
C PRO D 293 -4.66 7.74 -20.30
N SER D 294 -5.48 7.16 -19.43
CA SER D 294 -6.24 7.88 -18.40
C SER D 294 -6.01 7.22 -17.05
N ALA D 295 -6.94 7.44 -16.12
CA ALA D 295 -6.94 6.70 -14.87
C ALA D 295 -6.92 5.19 -15.14
N VAL D 296 -6.75 4.41 -14.08
CA VAL D 296 -5.79 3.31 -14.02
C VAL D 296 -5.47 2.67 -15.37
N GLY D 297 -6.48 2.31 -16.16
CA GLY D 297 -6.22 1.86 -17.51
C GLY D 297 -7.16 2.35 -18.58
N TYR D 298 -8.24 3.06 -18.23
CA TYR D 298 -9.34 3.21 -19.15
C TYR D 298 -9.09 4.34 -20.15
N GLN D 299 -10.03 4.47 -21.08
CA GLN D 299 -9.99 5.55 -22.05
C GLN D 299 -10.07 6.90 -21.33
N PRO D 300 -9.59 7.97 -21.97
CA PRO D 300 -9.82 9.30 -21.37
C PRO D 300 -11.29 9.66 -21.34
N THR D 301 -12.05 9.21 -22.34
CA THR D 301 -13.50 9.47 -22.39
C THR D 301 -14.29 8.35 -21.73
N LEU D 302 -13.92 8.05 -20.49
CA LEU D 302 -14.62 7.05 -19.70
C LEU D 302 -15.83 7.62 -18.96
N SER D 303 -16.04 8.93 -19.03
CA SER D 303 -17.18 9.58 -18.40
C SER D 303 -18.07 10.30 -19.41
N THR D 304 -17.79 10.20 -20.70
CA THR D 304 -18.65 10.70 -21.75
C THR D 304 -19.16 9.59 -22.66
N GLU D 305 -18.35 8.57 -22.93
CA GLU D 305 -18.83 7.41 -23.66
C GLU D 305 -19.88 6.65 -22.86
N MET D 306 -19.59 6.34 -21.60
CA MET D 306 -20.61 5.68 -20.80
C MET D 306 -21.72 6.65 -20.43
N GLY D 307 -21.45 7.95 -20.53
CA GLY D 307 -22.54 8.91 -20.47
C GLY D 307 -23.48 8.78 -21.64
N SER D 308 -22.92 8.52 -22.82
CA SER D 308 -23.75 8.29 -24.00
C SER D 308 -24.54 6.99 -23.86
N LEU D 309 -24.00 6.04 -23.10
CA LEU D 309 -24.81 4.88 -22.74
C LEU D 309 -25.93 5.26 -21.79
N GLN D 310 -25.59 5.77 -20.60
CA GLN D 310 -26.58 5.88 -19.53
C GLN D 310 -27.61 6.95 -19.82
N GLU D 311 -27.19 8.13 -20.31
CA GLU D 311 -28.10 9.25 -20.42
C GLU D 311 -29.12 9.03 -21.54
N ARG D 312 -28.86 8.09 -22.44
CA ARG D 312 -29.91 7.75 -23.40
C ARG D 312 -30.98 6.88 -22.77
N ILE D 313 -30.67 6.26 -21.62
CA ILE D 313 -31.67 5.51 -20.87
C ILE D 313 -32.37 6.47 -19.91
N THR D 314 -33.37 7.20 -20.40
CA THR D 314 -34.16 8.09 -19.56
C THR D 314 -35.63 7.91 -19.89
N SER D 315 -36.45 7.84 -18.85
CA SER D 315 -37.88 7.68 -19.02
C SER D 315 -38.51 8.95 -19.58
N THR D 316 -38.92 8.91 -20.84
CA THR D 316 -39.53 10.06 -21.49
C THR D 316 -41.02 10.14 -21.13
N LYS D 317 -41.64 11.27 -21.49
CA LYS D 317 -43.03 11.49 -21.13
C LYS D 317 -43.97 10.55 -21.89
N GLU D 318 -43.47 9.92 -22.95
CA GLU D 318 -44.28 8.90 -23.63
C GLU D 318 -44.19 7.55 -22.93
N GLY D 319 -42.98 6.98 -22.86
CA GLY D 319 -42.80 5.71 -22.20
C GLY D 319 -41.62 5.75 -21.26
N SER D 320 -41.53 4.74 -20.40
CA SER D 320 -40.48 4.65 -19.41
C SER D 320 -39.71 3.34 -19.61
N ILE D 321 -38.40 3.39 -19.35
CA ILE D 321 -37.55 2.20 -19.43
C ILE D 321 -36.85 2.01 -18.10
N THR D 322 -36.90 0.79 -17.58
CA THR D 322 -36.25 0.45 -16.32
C THR D 322 -35.10 -0.50 -16.64
N SER D 323 -33.95 0.06 -16.98
CA SER D 323 -32.77 -0.73 -17.29
C SER D 323 -32.20 -1.28 -16.00
N ILE D 324 -31.69 -2.51 -16.05
CA ILE D 324 -31.01 -3.13 -14.94
C ILE D 324 -29.61 -3.48 -15.42
N GLN D 325 -28.63 -2.68 -15.03
CA GLN D 325 -27.28 -2.76 -15.57
C GLN D 325 -26.38 -3.46 -14.57
N ALA D 326 -25.95 -4.68 -14.91
CA ALA D 326 -25.11 -5.46 -14.00
C ALA D 326 -23.65 -5.02 -14.12
N VAL D 327 -23.43 -3.75 -13.80
CA VAL D 327 -22.08 -3.19 -13.83
C VAL D 327 -21.18 -3.96 -12.88
N TYR D 328 -19.94 -4.19 -13.32
CA TYR D 328 -19.00 -5.07 -12.64
C TYR D 328 -17.83 -4.28 -12.09
N VAL D 329 -17.68 -4.25 -10.78
CA VAL D 329 -16.49 -3.67 -10.18
C VAL D 329 -15.32 -4.62 -10.42
N PRO D 330 -14.20 -4.13 -10.95
CA PRO D 330 -13.05 -5.00 -11.19
C PRO D 330 -12.21 -5.12 -9.94
N ALA D 331 -11.68 -6.33 -9.73
CA ALA D 331 -10.83 -6.67 -8.59
C ALA D 331 -11.52 -6.39 -7.24
N ASP D 332 -12.85 -6.22 -7.27
CA ASP D 332 -13.68 -6.12 -6.07
C ASP D 332 -13.31 -4.91 -5.20
N ASP D 333 -13.12 -3.75 -5.83
CA ASP D 333 -13.00 -2.50 -5.10
C ASP D 333 -13.88 -1.44 -5.76
N LEU D 334 -14.65 -0.73 -4.95
CA LEU D 334 -15.64 0.21 -5.47
C LEU D 334 -15.03 1.55 -5.83
N THR D 335 -13.77 1.80 -5.47
CA THR D 335 -13.12 3.07 -5.76
C THR D 335 -12.70 3.15 -7.23
N ASP D 336 -12.74 2.04 -7.95
CA ASP D 336 -12.31 2.01 -9.34
C ASP D 336 -13.12 2.99 -10.18
N PRO D 337 -12.51 3.63 -11.19
CA PRO D 337 -13.25 4.64 -11.95
C PRO D 337 -14.33 4.08 -12.85
N ALA D 338 -14.16 2.87 -13.40
CA ALA D 338 -15.15 2.34 -14.32
C ALA D 338 -16.49 2.04 -13.65
N PRO D 339 -16.56 1.58 -12.40
CA PRO D 339 -17.86 1.60 -11.72
C PRO D 339 -18.13 2.90 -10.96
N ALA D 340 -17.09 3.68 -10.66
CA ALA D 340 -17.29 4.92 -9.92
C ALA D 340 -18.03 5.94 -10.78
N THR D 341 -17.83 5.88 -12.10
CA THR D 341 -18.56 6.78 -12.99
C THR D 341 -19.96 6.25 -13.26
N THR D 342 -20.23 5.01 -12.86
CA THR D 342 -21.57 4.46 -13.03
C THR D 342 -22.42 4.67 -11.78
N PHE D 343 -21.75 4.78 -10.62
CA PHE D 343 -22.45 5.10 -9.39
C PHE D 343 -23.17 6.43 -9.49
N ALA D 344 -22.54 7.40 -10.16
CA ALA D 344 -23.13 8.73 -10.26
C ALA D 344 -24.33 8.73 -11.20
N HIS D 345 -24.38 7.77 -12.13
CA HIS D 345 -25.48 7.75 -13.09
C HIS D 345 -26.64 6.92 -12.59
N LEU D 346 -26.37 5.85 -11.84
CA LEU D 346 -27.44 4.99 -11.35
C LEU D 346 -28.15 5.64 -10.18
N ASP D 347 -29.35 5.13 -9.86
CA ASP D 347 -30.15 5.71 -8.80
C ASP D 347 -30.64 4.69 -7.77
N ALA D 348 -30.49 3.40 -8.02
CA ALA D 348 -30.90 2.36 -7.10
C ALA D 348 -29.79 1.31 -7.02
N THR D 349 -28.56 1.79 -6.89
CA THR D 349 -27.38 0.92 -6.89
C THR D 349 -27.44 -0.07 -5.73
N THR D 350 -27.20 -1.34 -6.03
CA THR D 350 -27.17 -2.40 -5.03
C THR D 350 -25.87 -3.17 -5.19
N VAL D 351 -24.96 -3.00 -4.23
CA VAL D 351 -23.61 -3.53 -4.33
C VAL D 351 -23.62 -4.97 -3.83
N LEU D 352 -23.45 -5.92 -4.74
CA LEU D 352 -23.35 -7.34 -4.40
C LEU D 352 -21.92 -7.63 -3.94
N SER D 353 -21.65 -7.29 -2.68
CA SER D 353 -20.32 -7.50 -2.12
C SER D 353 -20.05 -8.98 -1.92
N ARG D 354 -18.83 -9.40 -2.22
CA ARG D 354 -18.48 -10.82 -2.16
C ARG D 354 -18.43 -11.36 -0.74
N GLY D 355 -18.50 -10.50 0.27
CA GLY D 355 -18.47 -10.94 1.65
C GLY D 355 -19.61 -11.87 2.02
N LEU D 356 -20.83 -11.44 1.72
CA LEU D 356 -22.00 -12.23 2.11
C LEU D 356 -22.12 -13.50 1.25
N ALA D 357 -21.45 -13.54 0.10
CA ALA D 357 -21.44 -14.77 -0.68
C ALA D 357 -20.35 -15.71 -0.20
N ALA D 358 -19.26 -15.16 0.33
CA ALA D 358 -18.27 -16.00 1.00
C ALA D 358 -18.83 -16.59 2.28
N LYS D 359 -19.78 -15.87 2.91
CA LYS D 359 -20.49 -16.42 4.05
C LYS D 359 -21.62 -17.35 3.64
N GLY D 360 -21.95 -17.43 2.36
CA GLY D 360 -23.02 -18.29 1.89
C GLY D 360 -24.40 -17.67 1.83
N ILE D 361 -24.51 -16.35 2.05
CA ILE D 361 -25.79 -15.67 2.07
C ILE D 361 -26.11 -15.16 0.66
N TYR D 362 -26.90 -15.92 -0.07
CA TYR D 362 -27.29 -15.49 -1.41
C TYR D 362 -28.74 -15.01 -1.41
N PRO D 363 -29.02 -13.85 -2.03
CA PRO D 363 -28.09 -12.94 -2.71
C PRO D 363 -27.19 -12.20 -1.74
N ALA D 364 -26.02 -11.81 -2.22
CA ALA D 364 -25.03 -11.20 -1.33
C ALA D 364 -25.15 -9.68 -1.34
N VAL D 365 -26.36 -9.17 -1.58
CA VAL D 365 -26.57 -7.73 -1.63
C VAL D 365 -26.22 -7.13 -0.29
N ASP D 366 -25.12 -6.38 -0.25
CA ASP D 366 -24.62 -5.85 1.01
C ASP D 366 -25.56 -4.75 1.49
N PRO D 367 -26.22 -4.92 2.64
CA PRO D 367 -27.31 -4.01 3.01
C PRO D 367 -26.85 -2.58 3.31
N LEU D 368 -25.60 -2.41 3.73
CA LEU D 368 -25.10 -1.06 3.99
C LEU D 368 -24.77 -0.34 2.69
N ASP D 369 -24.05 -1.00 1.78
CA ASP D 369 -23.67 -0.35 0.53
C ASP D 369 -24.86 -0.20 -0.42
N SER D 370 -25.80 -1.14 -0.35
CA SER D 370 -26.97 -1.08 -1.21
C SER D 370 -27.85 0.10 -0.81
N THR D 371 -28.12 0.99 -1.77
CA THR D 371 -28.81 2.24 -1.48
C THR D 371 -29.56 2.72 -2.71
N SER D 372 -30.60 3.51 -2.47
CA SER D 372 -31.46 3.96 -3.55
C SER D 372 -31.98 5.35 -3.26
N THR D 373 -32.16 6.14 -4.32
CA THR D 373 -32.81 7.43 -4.18
C THR D 373 -34.31 7.32 -3.96
N MET D 374 -34.86 6.10 -4.00
CA MET D 374 -36.28 5.89 -3.76
C MET D 374 -36.59 5.54 -2.31
N LEU D 375 -35.57 5.47 -1.46
CA LEU D 375 -35.78 5.31 -0.01
C LEU D 375 -36.09 6.66 0.62
N GLN D 376 -37.21 7.23 0.19
CA GLN D 376 -37.68 8.53 0.60
C GLN D 376 -39.06 8.40 1.24
N PRO D 377 -39.48 9.37 2.05
CA PRO D 377 -40.81 9.26 2.69
C PRO D 377 -41.95 9.32 1.71
N ARG D 378 -41.87 10.20 0.70
CA ARG D 378 -42.99 10.38 -0.22
C ARG D 378 -43.26 9.12 -1.05
N ILE D 379 -42.20 8.38 -1.39
CA ILE D 379 -42.31 7.30 -2.35
C ILE D 379 -42.89 6.04 -1.72
N VAL D 380 -42.27 5.57 -0.64
CA VAL D 380 -42.60 4.26 -0.10
C VAL D 380 -43.54 4.32 1.10
N GLY D 381 -43.88 5.51 1.56
CA GLY D 381 -44.63 5.60 2.80
C GLY D 381 -43.73 5.56 4.02
N GLU D 382 -44.17 6.22 5.08
CA GLU D 382 -43.34 6.32 6.28
C GLU D 382 -43.15 4.96 6.94
N GLU D 383 -44.07 4.02 6.70
CA GLU D 383 -43.97 2.68 7.27
C GLU D 383 -42.72 1.95 6.74
N HIS D 384 -42.69 1.73 5.43
CA HIS D 384 -41.59 0.99 4.83
C HIS D 384 -40.27 1.75 4.97
N TYR D 385 -40.33 3.08 4.86
CA TYR D 385 -39.13 3.90 5.04
C TYR D 385 -38.58 3.74 6.45
N GLU D 386 -39.46 3.78 7.46
CA GLU D 386 -39.00 3.68 8.84
C GLU D 386 -38.41 2.31 9.13
N ILE D 387 -39.00 1.26 8.56
CA ILE D 387 -38.43 -0.08 8.77
C ILE D 387 -37.10 -0.23 8.05
N ALA D 388 -36.97 0.36 6.86
CA ALA D 388 -35.69 0.36 6.17
C ALA D 388 -34.63 1.09 6.98
N GLN D 389 -35.00 2.22 7.59
CA GLN D 389 -34.05 2.94 8.42
C GLN D 389 -33.65 2.13 9.64
N ARG D 390 -34.62 1.44 10.25
CA ARG D 390 -34.29 0.65 11.44
C ARG D 390 -33.40 -0.54 11.11
N VAL D 391 -33.63 -1.20 9.97
CA VAL D 391 -32.80 -2.35 9.62
C VAL D 391 -31.40 -1.89 9.22
N LYS D 392 -31.30 -0.77 8.50
CA LYS D 392 -29.97 -0.25 8.20
C LYS D 392 -29.25 0.20 9.46
N GLU D 393 -30.00 0.71 10.45
CA GLU D 393 -29.41 1.03 11.75
C GLU D 393 -28.83 -0.19 12.44
N THR D 394 -29.60 -1.27 12.52
CA THR D 394 -29.12 -2.47 13.18
C THR D 394 -27.89 -3.03 12.45
N LEU D 395 -27.94 -3.07 11.12
CA LEU D 395 -26.83 -3.63 10.37
C LEU D 395 -25.59 -2.74 10.46
N GLN D 396 -25.77 -1.42 10.51
CA GLN D 396 -24.63 -0.54 10.62
C GLN D 396 -23.98 -0.66 11.99
N ARG D 397 -24.80 -0.78 13.04
CA ARG D 397 -24.23 -0.98 14.37
C ARG D 397 -23.47 -2.29 14.42
N TYR D 398 -23.99 -3.34 13.76
CA TYR D 398 -23.27 -4.60 13.73
C TYR D 398 -21.94 -4.46 12.99
N LYS D 399 -21.95 -3.76 11.85
CA LYS D 399 -20.72 -3.66 11.06
C LYS D 399 -19.68 -2.81 11.79
N GLU D 400 -20.12 -1.85 12.60
CA GLU D 400 -19.15 -1.00 13.29
C GLU D 400 -18.62 -1.67 14.55
N LEU D 401 -19.40 -2.57 15.16
CA LEU D 401 -18.82 -3.35 16.26
C LEU D 401 -18.24 -4.68 15.78
N GLN D 402 -18.22 -4.92 14.47
CA GLN D 402 -17.44 -6.03 13.94
C GLN D 402 -15.95 -5.87 14.26
N ASP D 403 -15.50 -4.63 14.48
CA ASP D 403 -14.12 -4.42 14.90
C ASP D 403 -13.87 -4.95 16.30
N ILE D 404 -14.93 -5.17 17.07
CA ILE D 404 -14.79 -5.77 18.40
C ILE D 404 -15.10 -7.27 18.35
N ILE D 405 -15.99 -7.68 17.43
CA ILE D 405 -16.18 -9.10 17.16
C ILE D 405 -14.96 -9.66 16.42
N ALA D 406 -14.03 -8.78 16.07
CA ALA D 406 -12.64 -9.07 15.81
C ALA D 406 -11.98 -9.41 17.15
N ILE D 407 -10.67 -9.14 17.25
CA ILE D 407 -9.70 -9.78 18.14
C ILE D 407 -10.30 -10.37 19.42
N LEU D 408 -11.27 -9.71 20.04
CA LEU D 408 -11.92 -10.18 21.25
C LEU D 408 -12.94 -11.26 20.87
N GLY D 409 -13.88 -11.62 21.74
CA GLY D 409 -14.91 -12.57 21.36
C GLY D 409 -16.28 -11.93 21.40
N LEU D 410 -17.28 -12.72 21.03
CA LEU D 410 -18.67 -12.24 21.07
C LEU D 410 -19.12 -11.93 22.49
N ASP D 411 -18.54 -12.62 23.48
CA ASP D 411 -18.98 -12.48 24.87
C ASP D 411 -18.71 -11.10 25.44
N GLU D 412 -17.67 -10.41 24.96
CA GLU D 412 -17.23 -9.18 25.64
C GLU D 412 -18.24 -8.06 25.49
N LEU D 413 -19.14 -8.19 24.53
CA LEU D 413 -20.24 -7.23 24.42
C LEU D 413 -21.12 -7.26 25.65
N SER D 414 -21.65 -6.10 26.01
CA SER D 414 -22.67 -6.02 27.04
C SER D 414 -24.00 -6.53 26.48
N GLU D 415 -25.05 -6.44 27.29
CA GLU D 415 -26.34 -6.97 26.86
C GLU D 415 -26.91 -6.19 25.68
N GLU D 416 -26.64 -4.88 25.63
CA GLU D 416 -27.09 -4.06 24.52
C GLU D 416 -26.50 -4.55 23.19
N ASP D 417 -25.17 -4.60 23.12
CA ASP D 417 -24.51 -5.03 21.90
C ASP D 417 -24.81 -6.49 21.59
N ARG D 418 -25.00 -7.31 22.62
CA ARG D 418 -25.33 -8.71 22.38
C ARG D 418 -26.70 -8.85 21.73
N LEU D 419 -27.69 -8.10 22.21
CA LEU D 419 -29.02 -8.15 21.61
C LEU D 419 -29.00 -7.60 20.19
N THR D 420 -28.28 -6.49 19.96
CA THR D 420 -28.27 -5.93 18.61
C THR D 420 -27.49 -6.83 17.65
N VAL D 421 -26.54 -7.62 18.16
CA VAL D 421 -25.83 -8.56 17.31
C VAL D 421 -26.71 -9.76 16.97
N ALA D 422 -27.48 -10.24 17.95
CA ALA D 422 -28.42 -11.32 17.66
C ALA D 422 -29.46 -10.89 16.64
N ARG D 423 -29.98 -9.67 16.80
CA ARG D 423 -30.96 -9.17 15.84
C ARG D 423 -30.33 -8.95 14.47
N ALA D 424 -29.09 -8.45 14.43
CA ALA D 424 -28.43 -8.20 13.16
C ALA D 424 -28.11 -9.50 12.44
N ARG D 425 -27.75 -10.55 13.19
CA ARG D 425 -27.51 -11.84 12.57
C ARG D 425 -28.81 -12.42 12.03
N LYS D 426 -29.91 -12.29 12.78
CA LYS D 426 -31.21 -12.70 12.28
C LYS D 426 -31.55 -11.98 10.98
N ILE D 427 -31.27 -10.68 10.92
CA ILE D 427 -31.62 -9.90 9.73
C ILE D 427 -30.74 -10.30 8.55
N GLU D 428 -29.43 -10.32 8.74
CA GLU D 428 -28.51 -10.59 7.64
C GLU D 428 -28.61 -12.04 7.18
N ARG D 429 -29.22 -12.90 8.00
CA ARG D 429 -29.59 -14.21 7.51
C ARG D 429 -30.91 -14.16 6.74
N PHE D 430 -31.87 -13.36 7.22
CA PHE D 430 -33.17 -13.29 6.58
C PHE D 430 -33.08 -12.68 5.20
N LEU D 431 -32.06 -11.84 4.95
CA LEU D 431 -31.95 -11.15 3.67
C LEU D 431 -31.52 -12.08 2.55
N SER D 432 -31.38 -13.36 2.85
CA SER D 432 -31.15 -14.39 1.84
C SER D 432 -32.49 -14.89 1.34
N GLN D 433 -32.50 -15.47 0.14
CA GLN D 433 -33.72 -15.97 -0.46
C GLN D 433 -33.40 -16.98 -1.55
N PRO D 434 -33.98 -18.17 -1.52
CA PRO D 434 -33.84 -19.08 -2.66
C PRO D 434 -34.52 -18.51 -3.89
N PHE D 435 -33.74 -18.18 -4.91
CA PHE D 435 -34.28 -17.56 -6.11
C PHE D 435 -35.13 -18.52 -6.91
N PHE D 436 -35.98 -17.96 -7.76
CA PHE D 436 -36.76 -18.80 -8.67
C PHE D 436 -35.91 -19.28 -9.84
N VAL D 437 -34.71 -18.74 -9.99
CA VAL D 437 -33.78 -19.20 -11.02
C VAL D 437 -32.58 -19.91 -10.42
N ALA D 438 -32.42 -19.86 -9.10
CA ALA D 438 -31.39 -20.62 -8.41
C ALA D 438 -31.90 -21.97 -7.94
N GLU D 439 -32.92 -22.51 -8.60
CA GLU D 439 -33.28 -23.91 -8.41
C GLU D 439 -32.22 -24.83 -8.97
N VAL D 440 -31.40 -24.31 -9.89
CA VAL D 440 -30.42 -25.15 -10.60
C VAL D 440 -29.23 -25.43 -9.71
N PHE D 441 -28.67 -24.39 -9.08
CA PHE D 441 -27.45 -24.56 -8.30
C PHE D 441 -27.68 -25.47 -7.10
N THR D 442 -28.46 -24.99 -6.13
CA THR D 442 -28.74 -25.73 -4.90
C THR D 442 -29.85 -25.00 -4.15
N GLY D 443 -30.77 -25.77 -3.58
CA GLY D 443 -31.72 -25.25 -2.63
C GLY D 443 -33.16 -25.49 -3.07
N SER D 444 -34.06 -24.77 -2.40
CA SER D 444 -35.49 -24.92 -2.57
C SER D 444 -35.94 -24.27 -3.87
N PRO D 445 -37.11 -24.66 -4.38
CA PRO D 445 -37.74 -23.86 -5.43
C PRO D 445 -37.99 -22.43 -4.95
N GLY D 446 -38.00 -21.50 -5.90
CA GLY D 446 -37.95 -20.10 -5.54
C GLY D 446 -39.26 -19.63 -4.91
N LYS D 447 -39.15 -18.60 -4.07
CA LYS D 447 -40.29 -18.02 -3.38
C LYS D 447 -40.35 -16.53 -3.71
N TYR D 448 -41.48 -16.10 -4.25
CA TYR D 448 -41.70 -14.70 -4.58
C TYR D 448 -42.17 -13.96 -3.34
N VAL D 449 -41.38 -13.01 -2.86
CA VAL D 449 -41.64 -12.31 -1.61
C VAL D 449 -42.02 -10.87 -1.93
N GLY D 450 -43.20 -10.45 -1.47
CA GLY D 450 -43.68 -9.12 -1.77
C GLY D 450 -43.23 -8.08 -0.78
N LEU D 451 -43.41 -6.81 -1.17
CA LEU D 451 -43.04 -5.69 -0.31
C LEU D 451 -43.87 -5.66 0.95
N ALA D 452 -45.21 -5.64 0.81
CA ALA D 452 -46.08 -5.62 1.98
C ALA D 452 -46.01 -6.93 2.76
N GLU D 453 -45.31 -7.93 2.22
CA GLU D 453 -45.12 -9.18 2.94
C GLU D 453 -43.79 -9.19 3.69
N THR D 454 -42.71 -8.72 3.07
CA THR D 454 -41.42 -8.67 3.75
C THR D 454 -41.40 -7.58 4.83
N ILE D 455 -42.23 -6.55 4.66
CA ILE D 455 -42.33 -5.52 5.69
C ILE D 455 -42.85 -6.12 6.98
N ARG D 456 -43.73 -7.13 6.87
CA ARG D 456 -44.21 -7.82 8.06
C ARG D 456 -43.09 -8.61 8.73
N GLY D 457 -42.29 -9.29 7.93
CA GLY D 457 -41.19 -10.07 8.48
C GLY D 457 -40.17 -9.20 9.21
N PHE D 458 -39.85 -8.05 8.63
CA PHE D 458 -38.85 -7.19 9.25
C PHE D 458 -39.42 -6.45 10.46
N GLN D 459 -40.69 -6.05 10.41
CA GLN D 459 -41.35 -5.53 11.61
C GLN D 459 -41.34 -6.56 12.72
N LEU D 460 -41.56 -7.83 12.38
CA LEU D 460 -41.61 -8.88 13.40
C LEU D 460 -40.22 -9.12 14.00
N ILE D 461 -39.19 -9.16 13.15
CA ILE D 461 -37.84 -9.40 13.66
C ILE D 461 -37.37 -8.23 14.52
N LEU D 462 -37.61 -7.00 14.05
CA LEU D 462 -37.14 -5.84 14.81
C LEU D 462 -38.00 -5.57 16.03
N SER D 463 -39.21 -6.13 16.09
CA SER D 463 -40.07 -5.90 17.24
C SER D 463 -39.67 -6.76 18.43
N GLY D 464 -38.69 -7.65 18.26
CA GLY D 464 -38.21 -8.46 19.35
C GLY D 464 -39.03 -9.69 19.66
N GLU D 465 -40.19 -9.86 19.01
CA GLU D 465 -41.08 -10.98 19.29
C GLU D 465 -40.61 -12.30 18.69
N LEU D 466 -39.39 -12.38 18.15
CA LEU D 466 -38.89 -13.60 17.53
C LEU D 466 -37.49 -13.95 18.01
N ASP D 467 -37.23 -13.78 19.32
CA ASP D 467 -35.91 -14.11 19.85
C ASP D 467 -35.72 -15.62 19.99
N SER D 468 -36.82 -16.37 19.96
CA SER D 468 -36.74 -17.80 20.24
C SER D 468 -36.11 -18.58 19.09
N LEU D 469 -36.14 -18.03 17.89
CA LEU D 469 -35.71 -18.79 16.72
C LEU D 469 -34.19 -18.79 16.61
N PRO D 470 -33.57 -19.91 16.22
CA PRO D 470 -32.14 -19.92 15.98
C PRO D 470 -31.81 -19.28 14.64
N GLU D 471 -30.51 -19.20 14.36
CA GLU D 471 -30.04 -18.45 13.19
C GLU D 471 -30.29 -19.22 11.90
N GLN D 472 -29.98 -20.52 11.88
CA GLN D 472 -30.15 -21.30 10.66
C GLN D 472 -31.62 -21.55 10.34
N ALA D 473 -32.53 -20.96 11.10
CA ALA D 473 -33.95 -21.07 10.77
C ALA D 473 -34.37 -20.01 9.77
N PHE D 474 -33.85 -18.79 9.92
CA PHE D 474 -34.18 -17.71 8.99
C PHE D 474 -33.44 -17.84 7.67
N TYR D 475 -32.36 -18.61 7.63
CA TYR D 475 -31.51 -18.64 6.45
C TYR D 475 -32.20 -19.35 5.29
N LEU D 476 -32.19 -18.71 4.13
CA LEU D 476 -32.71 -19.26 2.88
C LEU D 476 -34.18 -19.64 3.00
N VAL D 477 -34.97 -18.69 3.47
CA VAL D 477 -36.40 -18.88 3.64
C VAL D 477 -37.12 -17.69 2.99
N GLY D 478 -38.41 -17.85 2.77
CA GLY D 478 -39.22 -16.79 2.22
C GLY D 478 -39.84 -15.93 3.31
N ASN D 479 -41.16 -15.96 3.40
CA ASN D 479 -41.89 -15.08 4.29
C ASN D 479 -41.60 -15.45 5.75
N ILE D 480 -42.04 -14.59 6.67
CA ILE D 480 -41.69 -14.79 8.08
C ILE D 480 -42.48 -15.95 8.67
N ASP D 481 -43.70 -16.20 8.20
CA ASP D 481 -44.45 -17.36 8.65
C ASP D 481 -43.73 -18.64 8.22
N GLU D 482 -43.16 -18.63 7.02
CA GLU D 482 -42.39 -19.77 6.56
C GLU D 482 -41.07 -19.88 7.32
N ALA D 483 -40.54 -18.75 7.81
CA ALA D 483 -39.36 -18.80 8.66
C ALA D 483 -39.66 -19.49 9.98
N THR D 484 -40.79 -19.13 10.59
CA THR D 484 -41.21 -19.80 11.82
C THR D 484 -41.51 -21.28 11.58
N ALA D 485 -42.08 -21.60 10.42
CA ALA D 485 -42.32 -22.99 10.06
C ALA D 485 -40.99 -23.76 9.92
N LYS D 486 -40.01 -23.14 9.28
CA LYS D 486 -38.70 -23.75 9.14
C LYS D 486 -38.04 -23.96 10.49
N ALA D 487 -38.23 -23.01 11.42
CA ALA D 487 -37.69 -23.19 12.77
C ALA D 487 -38.35 -24.35 13.49
N MET D 488 -39.68 -24.45 13.38
CA MET D 488 -40.40 -25.55 14.02
C MET D 488 -39.95 -26.89 13.46
N ASN D 489 -39.84 -27.00 12.12
CA ASN D 489 -39.40 -28.24 11.52
C ASN D 489 -37.94 -28.54 11.87
N LEU D 490 -37.11 -27.50 12.03
CA LEU D 490 -35.74 -27.70 12.49
C LEU D 490 -35.72 -28.29 13.89
N GLU D 491 -36.64 -27.84 14.75
CA GLU D 491 -36.69 -28.39 16.10
C GLU D 491 -37.21 -29.82 16.09
N MET D 492 -38.14 -30.13 15.19
CA MET D 492 -38.65 -31.50 15.10
C MET D 492 -37.58 -32.46 14.59
N GLU D 493 -36.82 -32.03 13.57
CA GLU D 493 -35.75 -32.87 13.05
C GLU D 493 -34.53 -32.84 13.97
N SER D 494 -34.52 -31.94 14.95
CA SER D 494 -33.46 -31.79 15.95
C SER D 494 -32.07 -31.65 15.31
N GLU E 16 34.83 -12.81 -33.98
CA GLU E 16 34.39 -13.33 -35.28
C GLU E 16 34.90 -12.46 -36.42
N LYS E 17 34.46 -11.20 -36.44
CA LYS E 17 34.77 -10.28 -37.51
C LYS E 17 35.15 -8.93 -36.92
N LYS E 18 35.92 -8.16 -37.70
CA LYS E 18 36.24 -6.77 -37.37
C LYS E 18 35.04 -5.87 -37.68
N ASN E 19 33.95 -6.13 -36.98
CA ASN E 19 32.70 -5.38 -37.14
C ASN E 19 32.81 -4.05 -36.42
N LEU E 20 33.68 -3.19 -36.94
CA LEU E 20 33.87 -1.88 -36.32
C LEU E 20 32.62 -1.04 -36.46
N GLY E 21 32.12 -0.58 -35.32
CA GLY E 21 31.07 0.42 -35.29
C GLY E 21 31.47 1.54 -34.37
N ARG E 22 30.60 2.53 -34.28
CA ARG E 22 30.83 3.68 -33.42
C ARG E 22 29.86 3.64 -32.26
N ILE E 23 30.32 3.96 -31.07
CA ILE E 23 29.46 3.94 -29.89
C ILE E 23 28.68 5.24 -29.89
N ALA E 24 27.53 5.25 -30.57
CA ALA E 24 26.82 6.49 -30.83
C ALA E 24 26.35 7.16 -29.54
N GLN E 25 25.47 6.51 -28.80
CA GLN E 25 24.87 7.07 -27.60
C GLN E 25 25.33 6.29 -26.38
N ILE E 26 25.82 7.02 -25.36
CA ILE E 26 26.19 6.39 -24.10
C ILE E 26 25.37 7.05 -22.99
N ILE E 27 24.23 6.47 -22.64
CA ILE E 27 23.46 6.95 -21.51
C ILE E 27 23.82 6.11 -20.29
N GLY E 28 24.56 6.70 -19.36
CA GLY E 28 25.00 6.01 -18.17
C GLY E 28 25.74 4.73 -18.46
N PRO E 29 25.19 3.60 -18.00
CA PRO E 29 25.80 2.31 -18.35
C PRO E 29 25.45 1.83 -19.74
N VAL E 30 24.24 2.13 -20.22
CA VAL E 30 23.81 1.68 -21.52
C VAL E 30 24.53 2.48 -22.60
N LEU E 31 25.12 1.78 -23.56
CA LEU E 31 25.86 2.42 -24.64
C LEU E 31 25.33 1.90 -25.98
N ASP E 32 24.60 2.77 -26.69
CA ASP E 32 24.08 2.45 -28.00
C ASP E 32 25.17 2.55 -29.05
N VAL E 33 25.50 1.42 -29.67
CA VAL E 33 26.55 1.36 -30.68
C VAL E 33 25.89 1.21 -32.04
N ALA E 34 26.44 1.87 -33.05
CA ALA E 34 25.99 1.70 -34.42
C ALA E 34 26.88 0.68 -35.12
N PHE E 35 26.43 0.22 -36.28
CA PHE E 35 27.15 -0.79 -37.05
C PHE E 35 26.99 -0.51 -38.54
N PRO E 36 27.92 -0.97 -39.36
CA PRO E 36 27.73 -0.87 -40.80
C PRO E 36 26.54 -1.70 -41.23
N PRO E 37 25.87 -1.31 -42.32
CA PRO E 37 24.62 -1.98 -42.70
C PRO E 37 24.80 -3.43 -43.14
N GLY E 38 26.04 -3.86 -43.41
CA GLY E 38 26.25 -5.23 -43.82
C GLY E 38 26.03 -6.22 -42.69
N LYS E 39 26.92 -6.19 -41.69
CA LYS E 39 26.93 -7.19 -40.63
C LYS E 39 26.51 -6.55 -39.32
N MET E 40 25.68 -7.28 -38.55
CA MET E 40 25.15 -6.79 -37.31
C MET E 40 25.17 -7.90 -36.27
N PRO E 41 25.63 -7.64 -35.05
CA PRO E 41 25.54 -8.66 -34.01
C PRO E 41 24.10 -8.79 -33.51
N ASN E 42 23.61 -10.04 -33.48
CA ASN E 42 22.26 -10.29 -33.02
C ASN E 42 22.18 -10.14 -31.50
N ILE E 43 20.99 -10.40 -30.96
CA ILE E 43 20.76 -10.20 -29.53
C ILE E 43 21.66 -11.13 -28.73
N TYR E 44 22.16 -10.62 -27.60
CA TYR E 44 23.02 -11.30 -26.64
C TYR E 44 24.38 -11.65 -27.21
N ASN E 45 24.71 -11.17 -28.41
CA ASN E 45 26.01 -11.41 -29.02
C ASN E 45 27.00 -10.41 -28.45
N ALA E 46 27.90 -10.90 -27.60
CA ALA E 46 28.82 -10.02 -26.88
C ALA E 46 29.67 -9.21 -27.84
N LEU E 47 30.02 -8.00 -27.43
CA LEU E 47 30.91 -7.14 -28.18
C LEU E 47 31.79 -6.37 -27.22
N ILE E 48 33.10 -6.39 -27.47
CA ILE E 48 34.06 -5.65 -26.68
C ILE E 48 34.36 -4.36 -27.42
N VAL E 49 34.42 -3.25 -26.68
CA VAL E 49 34.80 -1.99 -27.29
C VAL E 49 36.27 -1.72 -26.99
N LYS E 50 37.01 -1.29 -28.01
CA LYS E 50 38.43 -0.99 -27.84
C LYS E 50 38.57 0.38 -27.19
N GLY E 51 38.19 0.42 -25.91
CA GLY E 51 38.15 1.67 -25.19
C GLY E 51 39.52 2.17 -24.77
N ARG E 52 39.55 3.42 -24.33
CA ARG E 52 40.75 4.08 -23.87
C ARG E 52 40.46 4.73 -22.53
N ASP E 53 41.17 4.29 -21.49
CA ASP E 53 40.92 4.80 -20.16
C ASP E 53 41.56 6.18 -19.98
N THR E 54 41.18 6.87 -18.91
CA THR E 54 41.74 8.18 -18.60
C THR E 54 43.23 8.07 -18.28
N ALA E 55 43.68 6.92 -17.79
CA ALA E 55 45.06 6.76 -17.38
C ALA E 55 46.04 6.68 -18.54
N GLY E 56 45.59 6.24 -19.72
CA GLY E 56 46.47 6.06 -20.84
C GLY E 56 46.74 4.62 -21.23
N GLN E 57 45.90 3.68 -20.79
CA GLN E 57 46.00 2.28 -21.18
C GLN E 57 44.74 1.88 -21.93
N PRO E 58 44.84 1.05 -22.96
CA PRO E 58 43.66 0.69 -23.76
C PRO E 58 42.83 -0.43 -23.15
N MET E 59 42.23 -0.15 -21.99
CA MET E 59 41.33 -1.10 -21.37
C MET E 59 40.04 -1.23 -22.19
N ASN E 60 39.57 -2.46 -22.33
CA ASN E 60 38.41 -2.76 -23.16
C ASN E 60 37.27 -3.29 -22.29
N VAL E 61 36.21 -2.50 -22.17
CA VAL E 61 35.04 -2.87 -21.38
C VAL E 61 34.09 -3.64 -22.29
N THR E 62 33.68 -4.83 -21.85
CA THR E 62 32.89 -5.71 -22.71
C THR E 62 31.40 -5.45 -22.53
N CYS E 63 30.64 -5.73 -23.58
CA CYS E 63 29.21 -5.45 -23.60
C CYS E 63 28.49 -6.61 -24.28
N GLU E 64 27.17 -6.63 -24.13
CA GLU E 64 26.32 -7.54 -24.89
C GLU E 64 25.10 -6.79 -25.41
N VAL E 65 24.63 -7.19 -26.58
CA VAL E 65 23.49 -6.55 -27.22
C VAL E 65 22.21 -6.98 -26.51
N GLN E 66 21.67 -6.10 -25.67
CA GLN E 66 20.41 -6.40 -25.00
C GLN E 66 19.23 -6.17 -25.92
N GLN E 67 19.36 -5.27 -26.89
CA GLN E 67 18.23 -4.84 -27.69
C GLN E 67 18.71 -4.26 -29.00
N LEU E 68 17.92 -4.47 -30.06
CA LEU E 68 18.15 -3.86 -31.36
C LEU E 68 17.22 -2.66 -31.50
N LEU E 69 17.74 -1.56 -32.06
CA LEU E 69 16.94 -0.38 -32.29
C LEU E 69 16.75 -0.04 -33.77
N GLY E 70 16.98 -1.00 -34.66
CA GLY E 70 16.56 -0.84 -36.05
C GLY E 70 17.57 -0.25 -37.01
N ASN E 71 17.91 1.02 -36.84
CA ASN E 71 18.75 1.73 -37.81
C ASN E 71 20.22 1.37 -37.58
N ASN E 72 20.51 0.08 -37.66
CA ASN E 72 21.82 -0.52 -37.48
C ASN E 72 22.45 -0.20 -36.13
N ARG E 73 21.68 0.27 -35.16
CA ARG E 73 22.18 0.67 -33.86
C ARG E 73 21.64 -0.29 -32.81
N VAL E 74 22.52 -1.13 -32.28
CA VAL E 74 22.14 -2.16 -31.32
C VAL E 74 22.41 -1.64 -29.91
N ARG E 75 21.35 -1.50 -29.12
CA ARG E 75 21.48 -0.97 -27.77
C ARG E 75 22.10 -2.01 -26.86
N ALA E 76 23.33 -1.73 -26.40
CA ALA E 76 24.11 -2.71 -25.64
C ALA E 76 24.41 -2.16 -24.25
N VAL E 77 24.37 -3.05 -23.26
CA VAL E 77 24.66 -2.71 -21.87
C VAL E 77 26.08 -3.15 -21.54
N ALA E 78 26.77 -2.41 -20.67
CA ALA E 78 28.20 -2.60 -20.44
C ALA E 78 28.45 -3.42 -19.19
N MET E 79 29.48 -4.26 -19.25
CA MET E 79 29.91 -5.09 -18.13
C MET E 79 30.96 -4.41 -17.25
N SER E 80 31.26 -3.15 -17.51
CA SER E 80 32.16 -2.37 -16.68
C SER E 80 31.80 -0.91 -16.84
N ALA E 81 32.45 -0.05 -16.05
CA ALA E 81 32.06 1.35 -16.01
C ALA E 81 32.25 2.01 -17.37
N THR E 82 31.27 2.81 -17.77
CA THR E 82 31.35 3.56 -19.01
C THR E 82 31.97 4.94 -18.83
N ASP E 83 32.59 5.19 -17.68
CA ASP E 83 33.24 6.47 -17.46
C ASP E 83 34.51 6.56 -18.31
N GLY E 84 34.41 7.24 -19.44
CA GLY E 84 35.54 7.36 -20.34
C GLY E 84 35.40 6.66 -21.66
N LEU E 85 34.20 6.65 -22.26
CA LEU E 85 33.99 6.06 -23.57
C LEU E 85 33.53 7.14 -24.53
N THR E 86 34.45 7.69 -25.30
CA THR E 86 34.11 8.64 -26.36
C THR E 86 33.18 7.97 -27.36
N ARG E 87 32.31 8.76 -27.98
CA ARG E 87 31.54 8.24 -29.10
C ARG E 87 32.45 8.13 -30.31
N GLY E 88 32.26 7.07 -31.08
CA GLY E 88 33.16 6.77 -32.18
C GLY E 88 34.24 5.77 -31.87
N MET E 89 34.26 5.22 -30.65
CA MET E 89 35.26 4.21 -30.31
C MET E 89 34.98 2.93 -31.09
N GLU E 90 36.05 2.23 -31.46
CA GLU E 90 35.91 0.98 -32.19
C GLU E 90 35.31 -0.10 -31.30
N VAL E 91 34.10 -0.53 -31.65
CA VAL E 91 33.44 -1.65 -30.99
C VAL E 91 33.58 -2.87 -31.89
N ILE E 92 33.99 -3.99 -31.31
CA ILE E 92 34.32 -5.20 -32.05
C ILE E 92 33.35 -6.30 -31.65
N ASP E 93 32.72 -6.92 -32.65
CA ASP E 93 31.77 -8.01 -32.42
C ASP E 93 32.53 -9.32 -32.22
N THR E 94 32.00 -10.19 -31.37
CA THR E 94 32.60 -11.50 -31.20
C THR E 94 31.86 -12.58 -31.98
N GLY E 95 30.67 -12.27 -32.48
CA GLY E 95 29.89 -13.21 -33.25
C GLY E 95 29.18 -14.27 -32.43
N ALA E 96 29.44 -14.34 -31.14
CA ALA E 96 28.87 -15.33 -30.24
C ALA E 96 28.70 -14.66 -28.89
N PRO E 97 27.83 -15.20 -28.02
CA PRO E 97 27.68 -14.65 -26.68
C PRO E 97 28.99 -14.71 -25.89
N LEU E 98 28.95 -14.11 -24.71
CA LEU E 98 30.16 -13.97 -23.89
C LEU E 98 30.82 -15.32 -23.65
N SER E 99 32.01 -15.49 -24.19
CA SER E 99 32.74 -16.73 -24.05
C SER E 99 33.26 -16.86 -22.62
N VAL E 100 32.76 -17.85 -21.90
CA VAL E 100 33.14 -18.10 -20.52
C VAL E 100 34.16 -19.23 -20.49
N PRO E 101 35.33 -19.04 -19.86
CA PRO E 101 36.37 -20.06 -19.92
C PRO E 101 36.03 -21.29 -19.08
N VAL E 102 35.09 -22.10 -19.56
CA VAL E 102 34.70 -23.30 -18.83
C VAL E 102 35.82 -24.33 -18.90
N GLY E 103 35.69 -25.36 -18.06
CA GLY E 103 36.58 -26.48 -18.10
C GLY E 103 37.02 -26.90 -16.71
N GLY E 104 37.90 -27.90 -16.66
CA GLY E 104 38.51 -28.25 -15.39
C GLY E 104 39.43 -27.20 -14.86
N ALA E 105 39.89 -26.29 -15.72
CA ALA E 105 40.77 -25.21 -15.31
C ALA E 105 40.08 -24.28 -14.32
N THR E 106 38.84 -23.88 -14.64
CA THR E 106 38.06 -22.98 -13.79
C THR E 106 37.47 -23.75 -12.61
N LEU E 107 38.37 -24.32 -11.81
CA LEU E 107 37.99 -25.03 -10.60
C LEU E 107 38.85 -24.48 -9.45
N GLY E 108 38.40 -23.39 -8.84
CA GLY E 108 39.09 -22.83 -7.70
C GLY E 108 39.24 -21.33 -7.74
N ARG E 109 39.37 -20.75 -8.93
CA ARG E 109 39.66 -19.34 -9.01
C ARG E 109 38.37 -18.52 -9.00
N ILE E 110 38.52 -17.24 -8.70
CA ILE E 110 37.42 -16.28 -8.67
C ILE E 110 37.27 -15.69 -10.06
N PHE E 111 36.03 -15.39 -10.46
CA PHE E 111 35.76 -14.87 -11.79
C PHE E 111 34.79 -13.69 -11.71
N ASN E 112 34.96 -12.72 -12.59
CA ASN E 112 33.90 -11.75 -12.85
C ASN E 112 33.07 -12.24 -14.03
N VAL E 113 32.21 -11.38 -14.56
CA VAL E 113 31.18 -11.85 -15.49
C VAL E 113 31.78 -12.18 -16.84
N LEU E 114 32.79 -11.43 -17.28
CA LEU E 114 33.34 -11.67 -18.61
C LEU E 114 34.25 -12.88 -18.63
N GLY E 115 34.65 -13.36 -17.45
CA GLY E 115 35.41 -14.59 -17.37
C GLY E 115 36.91 -14.38 -17.25
N GLU E 116 37.32 -13.31 -16.58
CA GLU E 116 38.73 -13.05 -16.32
C GLU E 116 38.98 -13.19 -14.83
N PRO E 117 39.91 -14.04 -14.40
CA PRO E 117 40.17 -14.20 -12.96
C PRO E 117 40.60 -12.91 -12.29
N VAL E 118 39.90 -12.52 -11.22
CA VAL E 118 40.23 -11.30 -10.49
C VAL E 118 41.01 -11.62 -9.22
N ASP E 119 41.14 -12.90 -8.85
CA ASP E 119 41.93 -13.26 -7.68
C ASP E 119 43.43 -13.17 -7.95
N ASN E 120 43.82 -12.75 -9.16
CA ASN E 120 45.18 -12.46 -9.61
C ASN E 120 46.13 -13.65 -9.53
N LEU E 121 45.64 -14.85 -9.24
CA LEU E 121 46.51 -16.03 -9.20
C LEU E 121 47.20 -16.26 -10.54
N GLY E 122 46.41 -16.34 -11.61
CA GLY E 122 46.95 -16.52 -12.93
C GLY E 122 45.89 -16.63 -14.00
N PRO E 123 46.31 -16.82 -15.24
CA PRO E 123 45.33 -16.97 -16.33
C PRO E 123 44.73 -18.36 -16.33
N VAL E 124 43.53 -18.45 -16.89
CA VAL E 124 42.77 -19.70 -16.93
C VAL E 124 42.75 -20.20 -18.37
N ASP E 125 42.82 -21.52 -18.53
CA ASP E 125 42.90 -22.12 -19.86
C ASP E 125 41.61 -21.88 -20.64
N THR E 126 41.68 -20.99 -21.63
CA THR E 126 40.57 -20.73 -22.52
C THR E 126 40.57 -21.63 -23.74
N ARG E 127 41.22 -22.81 -23.64
CA ARG E 127 41.21 -23.77 -24.74
C ARG E 127 39.79 -24.20 -25.06
N THR E 128 38.94 -24.32 -24.04
CA THR E 128 37.53 -24.66 -24.21
C THR E 128 36.69 -23.57 -23.56
N THR E 129 35.65 -23.14 -24.25
CA THR E 129 34.74 -22.11 -23.74
C THR E 129 33.35 -22.34 -24.31
N SER E 130 32.34 -22.20 -23.46
CA SER E 130 30.97 -22.32 -23.90
C SER E 130 30.27 -20.97 -23.83
N PRO E 131 29.35 -20.69 -24.75
CA PRO E 131 28.61 -19.41 -24.67
C PRO E 131 27.71 -19.38 -23.44
N ILE E 132 27.43 -18.17 -22.96
CA ILE E 132 26.54 -18.02 -21.82
C ILE E 132 25.12 -18.42 -22.18
N HIS E 133 24.55 -17.82 -23.22
CA HIS E 133 23.14 -18.00 -23.54
C HIS E 133 22.89 -19.20 -24.43
N ARG E 134 23.39 -20.37 -24.04
CA ARG E 134 22.94 -21.61 -24.65
C ARG E 134 21.50 -21.89 -24.21
N SER E 135 20.70 -22.42 -25.13
CA SER E 135 19.28 -22.55 -24.88
C SER E 135 19.01 -23.70 -23.91
N ALA E 136 17.72 -23.97 -23.70
CA ALA E 136 17.28 -24.94 -22.74
C ALA E 136 17.66 -26.37 -23.16
N PRO E 137 17.69 -27.29 -22.21
CA PRO E 137 17.66 -28.72 -22.57
C PRO E 137 16.30 -29.09 -23.14
N ALA E 138 16.19 -30.33 -23.63
CA ALA E 138 14.99 -30.72 -24.33
C ALA E 138 14.12 -31.65 -23.48
N PHE E 139 12.92 -31.93 -23.99
CA PHE E 139 11.98 -32.79 -23.27
C PHE E 139 12.50 -34.21 -23.19
N THR E 140 13.14 -34.69 -24.25
CA THR E 140 13.70 -36.03 -24.24
C THR E 140 14.97 -36.08 -23.39
N GLN E 141 15.62 -34.94 -23.20
CA GLN E 141 16.87 -34.92 -22.45
C GLN E 141 16.62 -34.76 -20.95
N LEU E 142 15.46 -34.21 -20.58
CA LEU E 142 15.10 -34.17 -19.16
C LEU E 142 14.87 -35.57 -18.62
N ASP E 143 15.11 -35.73 -17.32
CA ASP E 143 15.00 -37.04 -16.67
C ASP E 143 13.67 -37.17 -15.94
N THR E 144 13.17 -38.40 -15.86
CA THR E 144 11.83 -38.64 -15.37
C THR E 144 11.79 -38.71 -13.84
N LYS E 145 12.58 -39.63 -13.27
CA LYS E 145 12.47 -39.97 -11.86
C LYS E 145 12.82 -38.80 -10.96
N LEU E 146 11.90 -38.47 -10.06
CA LEU E 146 12.10 -37.42 -9.07
C LEU E 146 13.04 -37.95 -8.01
N SER E 147 14.34 -37.77 -8.22
CA SER E 147 15.37 -38.45 -7.45
C SER E 147 15.82 -37.58 -6.28
N ILE E 148 15.78 -38.15 -5.07
CA ILE E 148 16.22 -37.43 -3.88
C ILE E 148 17.72 -37.18 -3.97
N PHE E 149 18.14 -36.00 -3.51
CA PHE E 149 19.54 -35.59 -3.54
C PHE E 149 20.10 -35.64 -2.12
N GLU E 150 20.93 -36.65 -1.86
CA GLU E 150 21.49 -36.86 -0.52
C GLU E 150 22.52 -35.77 -0.26
N THR E 151 22.16 -34.80 0.57
CA THR E 151 23.06 -33.69 0.87
C THR E 151 24.15 -34.12 1.84
N GLY E 152 23.77 -34.75 2.94
CA GLY E 152 24.68 -35.01 4.03
C GLY E 152 24.40 -34.23 5.29
N ILE E 153 23.35 -33.43 5.31
CA ILE E 153 22.83 -32.80 6.52
C ILE E 153 21.63 -33.61 6.96
N LYS E 154 21.60 -33.98 8.24
CA LYS E 154 20.53 -34.83 8.72
C LYS E 154 19.18 -34.11 8.63
N VAL E 155 19.17 -32.80 8.88
CA VAL E 155 17.91 -32.05 8.84
C VAL E 155 17.35 -32.03 7.43
N VAL E 156 18.19 -31.67 6.46
CA VAL E 156 17.73 -31.58 5.08
C VAL E 156 17.34 -32.96 4.56
N ASP E 157 18.13 -33.98 4.88
CA ASP E 157 17.86 -35.30 4.32
C ASP E 157 16.61 -35.93 4.94
N LEU E 158 16.30 -35.60 6.19
CA LEU E 158 15.09 -36.15 6.82
C LEU E 158 13.86 -35.32 6.50
N LEU E 159 13.87 -34.05 6.89
CA LEU E 159 12.63 -33.28 6.94
C LEU E 159 12.30 -32.65 5.60
N ALA E 160 13.27 -32.01 4.96
CA ALA E 160 13.02 -31.22 3.76
C ALA E 160 14.04 -31.60 2.70
N PRO E 161 13.86 -32.76 2.05
CA PRO E 161 14.85 -33.24 1.08
C PRO E 161 15.00 -32.29 -0.09
N TYR E 162 16.16 -32.38 -0.73
CA TYR E 162 16.48 -31.55 -1.89
C TYR E 162 16.36 -32.39 -3.15
N ARG E 163 15.84 -31.78 -4.21
CA ARG E 163 15.66 -32.48 -5.47
C ARG E 163 16.90 -32.31 -6.34
N ARG E 164 17.54 -33.42 -6.70
CA ARG E 164 18.62 -33.34 -7.66
C ARG E 164 18.04 -32.99 -9.03
N GLY E 165 18.66 -32.00 -9.68
CA GLY E 165 18.05 -31.38 -10.83
C GLY E 165 16.99 -30.35 -10.52
N GLY E 166 16.66 -30.15 -9.24
CA GLY E 166 15.66 -29.20 -8.84
C GLY E 166 16.26 -27.89 -8.36
N LYS E 167 15.46 -27.15 -7.60
CA LYS E 167 15.87 -25.86 -7.05
C LYS E 167 15.68 -25.88 -5.55
N ILE E 168 16.46 -25.07 -4.84
CA ILE E 168 16.50 -25.07 -3.38
C ILE E 168 16.64 -23.64 -2.89
N GLY E 169 15.82 -23.26 -1.91
CA GLY E 169 15.89 -21.93 -1.34
C GLY E 169 16.41 -21.86 0.08
N LEU E 170 17.49 -21.11 0.31
CA LEU E 170 18.02 -20.87 1.65
C LEU E 170 17.55 -19.51 2.13
N PHE E 171 16.36 -19.50 2.75
CA PHE E 171 15.73 -18.25 3.15
C PHE E 171 16.53 -17.50 4.20
N GLY E 172 17.37 -18.18 4.97
CA GLY E 172 18.06 -17.52 6.07
C GLY E 172 19.10 -16.54 5.57
N GLY E 173 19.23 -15.43 6.28
CA GLY E 173 20.23 -14.44 5.94
C GLY E 173 21.61 -14.81 6.40
N ALA E 174 22.52 -13.86 6.27
CA ALA E 174 23.89 -14.05 6.74
C ALA E 174 23.98 -13.80 8.23
N GLY E 175 24.99 -14.41 8.86
CA GLY E 175 25.11 -14.41 10.30
C GLY E 175 24.42 -15.58 10.97
N VAL E 176 23.54 -16.27 10.26
CA VAL E 176 22.81 -17.41 10.76
C VAL E 176 23.60 -18.70 10.58
N GLY E 177 24.69 -18.64 9.83
CA GLY E 177 25.45 -19.82 9.50
C GLY E 177 25.31 -20.28 8.07
N LYS E 178 24.89 -19.41 7.16
CA LYS E 178 24.72 -19.81 5.77
C LYS E 178 26.05 -20.20 5.13
N THR E 179 27.13 -19.53 5.52
CA THR E 179 28.42 -19.80 4.90
C THR E 179 28.97 -21.16 5.30
N VAL E 180 28.80 -21.55 6.57
CA VAL E 180 29.28 -22.87 6.98
C VAL E 180 28.39 -23.96 6.41
N LEU E 181 27.10 -23.64 6.20
CA LEU E 181 26.21 -24.62 5.60
C LEU E 181 26.56 -24.88 4.14
N ILE E 182 26.82 -23.81 3.38
CA ILE E 182 27.15 -24.00 1.98
C ILE E 182 28.54 -24.62 1.83
N MET E 183 29.46 -24.30 2.74
CA MET E 183 30.77 -24.95 2.70
C MET E 183 30.65 -26.43 2.99
N GLU E 184 29.84 -26.80 3.98
CA GLU E 184 29.57 -28.20 4.23
C GLU E 184 28.97 -28.87 3.00
N LEU E 185 28.03 -28.20 2.34
CA LEU E 185 27.38 -28.81 1.18
C LEU E 185 28.37 -29.04 0.05
N ILE E 186 29.27 -28.08 -0.19
CA ILE E 186 30.25 -28.23 -1.26
C ILE E 186 31.24 -29.34 -0.93
N ASN E 187 31.77 -29.33 0.29
CA ASN E 187 32.75 -30.35 0.66
C ASN E 187 32.12 -31.74 0.67
N ASN E 188 30.85 -31.84 1.06
CA ASN E 188 30.20 -33.15 1.09
C ASN E 188 29.84 -33.60 -0.32
N ILE E 189 29.58 -32.66 -1.23
CA ILE E 189 29.41 -33.04 -2.64
C ILE E 189 30.71 -33.60 -3.20
N ALA E 190 31.83 -32.95 -2.88
CA ALA E 190 33.11 -33.43 -3.39
C ALA E 190 33.52 -34.72 -2.72
N LYS E 191 33.05 -34.96 -1.50
CA LYS E 191 33.46 -36.16 -0.76
C LYS E 191 32.60 -37.36 -1.12
N ALA E 192 31.29 -37.26 -0.89
CA ALA E 192 30.38 -38.39 -1.08
C ALA E 192 30.02 -38.59 -2.54
N HIS E 193 29.40 -37.60 -3.16
CA HIS E 193 29.10 -37.66 -4.58
C HIS E 193 30.39 -37.51 -5.39
N GLY E 194 30.27 -37.68 -6.70
CA GLY E 194 31.41 -37.55 -7.58
C GLY E 194 31.59 -36.19 -8.21
N GLY E 195 30.68 -35.25 -7.95
CA GLY E 195 30.72 -33.99 -8.66
C GLY E 195 31.36 -32.87 -7.88
N VAL E 196 31.34 -31.69 -8.49
CA VAL E 196 31.91 -30.47 -7.92
C VAL E 196 30.82 -29.42 -7.87
N SER E 197 31.03 -28.38 -7.06
CA SER E 197 30.07 -27.31 -6.97
C SER E 197 30.57 -26.05 -7.66
N VAL E 198 29.66 -25.12 -7.90
CA VAL E 198 29.98 -23.83 -8.49
C VAL E 198 29.26 -22.74 -7.71
N PHE E 199 29.95 -22.08 -6.78
CA PHE E 199 29.36 -20.92 -6.14
C PHE E 199 29.19 -19.81 -7.17
N GLY E 200 27.98 -19.26 -7.22
CA GLY E 200 27.63 -18.33 -8.28
C GLY E 200 27.19 -16.98 -7.78
N GLY E 201 27.90 -16.44 -6.79
CA GLY E 201 27.50 -15.20 -6.14
C GLY E 201 27.17 -14.07 -7.08
N VAL E 202 25.88 -13.73 -7.12
CA VAL E 202 25.33 -12.71 -7.99
C VAL E 202 25.08 -11.46 -7.16
N GLY E 203 25.76 -10.37 -7.52
CA GLY E 203 25.70 -9.15 -6.75
C GLY E 203 26.19 -9.33 -5.33
N GLU E 204 27.33 -9.98 -5.18
CA GLU E 204 27.80 -10.30 -3.85
C GLU E 204 28.63 -9.15 -3.29
N ARG E 205 28.22 -8.65 -2.12
CA ARG E 205 28.95 -7.57 -1.47
C ARG E 205 30.38 -7.99 -1.21
N THR E 206 31.32 -7.19 -1.73
CA THR E 206 32.70 -7.65 -1.89
C THR E 206 33.32 -8.05 -0.57
N ARG E 207 32.95 -7.38 0.53
CA ARG E 207 33.43 -7.79 1.84
C ARG E 207 32.99 -9.21 2.16
N GLU E 208 31.72 -9.53 1.89
CA GLU E 208 31.25 -10.90 2.11
C GLU E 208 31.85 -11.85 1.08
N GLY E 209 32.19 -11.35 -0.09
CA GLY E 209 32.86 -12.16 -1.10
C GLY E 209 34.22 -12.62 -0.63
N ASN E 210 35.03 -11.69 -0.10
CA ASN E 210 36.34 -12.06 0.40
C ASN E 210 36.23 -12.87 1.69
N ASP E 211 35.21 -12.58 2.50
CA ASP E 211 34.90 -13.43 3.64
C ASP E 211 34.72 -14.88 3.20
N LEU E 212 33.85 -15.10 2.21
CA LEU E 212 33.59 -16.45 1.73
C LEU E 212 34.83 -17.08 1.12
N TYR E 213 35.59 -16.31 0.35
CA TYR E 213 36.78 -16.86 -0.29
C TYR E 213 37.82 -17.29 0.73
N MET E 214 38.00 -16.49 1.79
CA MET E 214 38.97 -16.88 2.81
C MET E 214 38.46 -18.03 3.66
N GLU E 215 37.15 -18.08 3.91
CA GLU E 215 36.56 -19.23 4.60
C GLU E 215 36.80 -20.51 3.81
N MET E 216 36.61 -20.44 2.49
CA MET E 216 36.93 -21.56 1.62
C MET E 216 38.39 -21.96 1.74
N LYS E 217 39.30 -20.99 1.57
CA LYS E 217 40.71 -21.32 1.52
C LYS E 217 41.22 -21.83 2.86
N GLU E 218 40.54 -21.51 3.96
CA GLU E 218 40.97 -22.01 5.25
C GLU E 218 40.19 -23.25 5.67
N SER E 219 39.15 -23.60 4.93
CA SER E 219 38.37 -24.79 5.23
C SER E 219 38.64 -25.96 4.30
N GLY E 220 39.72 -25.93 3.53
CA GLY E 220 40.04 -27.02 2.63
C GLY E 220 39.09 -27.22 1.48
N VAL E 221 38.10 -26.33 1.30
CA VAL E 221 37.15 -26.47 0.20
C VAL E 221 37.84 -26.19 -1.13
N ILE E 222 38.65 -25.14 -1.18
CA ILE E 222 39.56 -24.90 -2.29
C ILE E 222 40.97 -24.79 -1.72
N ASN E 223 41.93 -25.42 -2.38
CA ASN E 223 43.30 -25.48 -1.91
C ASN E 223 44.10 -24.36 -2.55
N GLU E 224 44.67 -23.48 -1.72
CA GLU E 224 45.49 -22.40 -2.22
C GLU E 224 46.79 -22.94 -2.82
N GLN E 225 47.23 -24.10 -2.35
CA GLN E 225 48.45 -24.70 -2.89
C GLN E 225 48.15 -25.56 -4.11
N ASN E 226 46.90 -25.99 -4.25
CA ASN E 226 46.51 -26.94 -5.30
C ASN E 226 45.21 -26.49 -5.94
N ILE E 227 45.32 -25.83 -7.09
CA ILE E 227 44.17 -25.51 -7.93
C ILE E 227 44.03 -26.63 -8.95
N ALA E 228 42.83 -26.74 -9.53
CA ALA E 228 42.40 -27.81 -10.45
C ALA E 228 42.27 -29.13 -9.71
N GLU E 229 42.47 -29.11 -8.40
CA GLU E 229 42.10 -30.20 -7.51
C GLU E 229 40.99 -29.77 -6.56
N SER E 230 40.63 -28.49 -6.58
CA SER E 230 39.64 -27.92 -5.69
C SER E 230 38.24 -28.25 -6.15
N LYS E 231 37.25 -27.73 -5.40
CA LYS E 231 35.87 -28.17 -5.51
C LYS E 231 34.87 -27.03 -5.73
N VAL E 232 35.34 -25.84 -6.12
CA VAL E 232 34.48 -24.68 -6.32
C VAL E 232 34.93 -23.94 -7.57
N ALA E 233 33.96 -23.40 -8.31
CA ALA E 233 34.23 -22.47 -9.40
C ALA E 233 33.61 -21.13 -9.03
N LEU E 234 34.35 -20.31 -8.30
CA LEU E 234 33.82 -19.04 -7.83
C LEU E 234 33.56 -18.08 -8.99
N VAL E 235 32.35 -17.57 -9.05
CA VAL E 235 31.97 -16.51 -9.99
C VAL E 235 31.42 -15.37 -9.16
N TYR E 236 32.22 -14.33 -8.95
CA TYR E 236 31.85 -13.19 -8.13
C TYR E 236 31.53 -12.00 -9.03
N GLY E 237 30.25 -11.70 -9.16
CA GLY E 237 29.86 -10.42 -9.70
C GLY E 237 29.63 -9.42 -8.60
N GLN E 238 30.62 -8.59 -8.35
CA GLN E 238 30.54 -7.61 -7.28
C GLN E 238 29.53 -6.54 -7.64
N MET E 239 28.91 -5.93 -6.62
CA MET E 239 27.89 -4.92 -6.87
C MET E 239 28.49 -3.64 -7.41
N ASN E 240 29.82 -3.53 -7.42
CA ASN E 240 30.49 -2.44 -8.11
C ASN E 240 30.14 -2.43 -9.59
N GLU E 241 30.00 -3.60 -10.19
CA GLU E 241 29.88 -3.71 -11.63
C GLU E 241 28.50 -3.23 -12.09
N PRO E 242 28.40 -2.77 -13.34
CA PRO E 242 27.15 -2.21 -13.84
C PRO E 242 26.03 -3.23 -13.83
N PRO E 243 24.77 -2.81 -14.01
CA PRO E 243 23.66 -3.75 -13.86
C PRO E 243 23.67 -4.87 -14.89
N GLY E 244 24.21 -4.62 -16.09
CA GLY E 244 24.33 -5.68 -17.07
C GLY E 244 25.29 -6.78 -16.62
N ALA E 245 26.18 -6.46 -15.68
CA ALA E 245 27.17 -7.43 -15.25
C ALA E 245 26.61 -8.38 -14.21
N ARG E 246 26.18 -7.84 -13.07
CA ARG E 246 25.72 -8.71 -11.99
C ARG E 246 24.39 -9.36 -12.35
N MET E 247 23.78 -8.96 -13.46
CA MET E 247 22.67 -9.76 -13.99
C MET E 247 23.18 -11.00 -14.69
N ARG E 248 24.21 -10.84 -15.52
CA ARG E 248 24.73 -11.96 -16.29
C ARG E 248 25.67 -12.85 -15.49
N VAL E 249 25.98 -12.50 -14.24
CA VAL E 249 26.84 -13.36 -13.43
C VAL E 249 26.13 -14.67 -13.09
N GLY E 250 24.81 -14.62 -12.87
CA GLY E 250 24.07 -15.85 -12.68
C GLY E 250 24.18 -16.78 -13.87
N LEU E 251 24.03 -16.24 -15.07
CA LEU E 251 24.12 -17.06 -16.27
C LEU E 251 25.55 -17.52 -16.54
N THR E 252 26.53 -16.71 -16.14
CA THR E 252 27.93 -17.15 -16.24
C THR E 252 28.20 -18.36 -15.36
N ALA E 253 27.83 -18.27 -14.08
CA ALA E 253 27.93 -19.43 -13.19
C ALA E 253 27.15 -20.60 -13.75
N LEU E 254 26.01 -20.33 -14.37
CA LEU E 254 25.15 -21.38 -14.89
C LEU E 254 25.84 -22.14 -16.02
N THR E 255 26.48 -21.43 -16.94
CA THR E 255 27.14 -22.13 -18.04
C THR E 255 28.44 -22.78 -17.58
N MET E 256 29.10 -22.19 -16.58
CA MET E 256 30.31 -22.81 -16.03
C MET E 256 29.99 -24.10 -15.32
N ALA E 257 28.76 -24.20 -14.79
CA ALA E 257 28.34 -25.46 -14.17
C ALA E 257 27.75 -26.41 -15.20
N GLU E 258 27.17 -25.86 -16.28
CA GLU E 258 26.57 -26.72 -17.30
C GLU E 258 27.65 -27.43 -18.11
N TYR E 259 28.82 -26.81 -18.27
CA TYR E 259 29.92 -27.55 -18.87
C TYR E 259 30.29 -28.75 -18.01
N PHE E 260 30.42 -28.55 -16.70
CA PHE E 260 30.68 -29.66 -15.79
C PHE E 260 29.65 -30.76 -15.97
N ARG E 261 28.37 -30.39 -15.92
CA ARG E 261 27.30 -31.37 -16.08
C ARG E 261 27.44 -32.15 -17.38
N ASP E 262 27.36 -31.47 -18.52
CA ASP E 262 27.31 -32.18 -19.80
C ASP E 262 28.68 -32.54 -20.35
N VAL E 263 29.75 -32.48 -19.56
CA VAL E 263 31.03 -32.95 -20.06
C VAL E 263 31.64 -34.00 -19.14
N ASN E 264 31.35 -33.93 -17.84
CA ASN E 264 31.84 -34.95 -16.92
C ASN E 264 30.72 -35.80 -16.33
N GLU E 265 29.46 -35.55 -16.69
CA GLU E 265 28.32 -36.37 -16.27
C GLU E 265 28.22 -36.47 -14.75
N GLN E 266 28.61 -35.40 -14.06
CA GLN E 266 28.68 -35.39 -12.60
C GLN E 266 27.67 -34.41 -12.03
N ASP E 267 27.29 -34.65 -10.79
CA ASP E 267 26.32 -33.82 -10.08
C ASP E 267 26.97 -32.49 -9.75
N VAL E 268 26.37 -31.39 -10.19
CA VAL E 268 26.93 -30.06 -9.98
C VAL E 268 26.00 -29.30 -9.04
N LEU E 269 26.58 -28.41 -8.23
CA LEU E 269 25.81 -27.55 -7.34
C LEU E 269 26.05 -26.10 -7.70
N LEU E 270 24.97 -25.36 -7.95
CA LEU E 270 25.05 -23.92 -8.14
C LEU E 270 24.57 -23.24 -6.88
N PHE E 271 25.46 -22.51 -6.23
CA PHE E 271 25.09 -21.70 -5.07
C PHE E 271 24.88 -20.28 -5.55
N ILE E 272 23.87 -20.08 -6.38
CA ILE E 272 23.50 -18.75 -6.83
C ILE E 272 23.05 -17.96 -5.61
N ASP E 273 23.72 -16.83 -5.37
CA ASP E 273 23.42 -16.02 -4.20
C ASP E 273 22.07 -15.36 -4.46
N ASN E 274 21.53 -14.65 -3.45
CA ASN E 274 20.10 -14.36 -3.37
C ASN E 274 19.50 -13.85 -4.68
N ILE E 275 18.58 -14.64 -5.23
CA ILE E 275 18.00 -14.42 -6.56
C ILE E 275 17.43 -13.01 -6.68
N PHE E 276 16.99 -12.43 -5.58
CA PHE E 276 16.38 -11.10 -5.63
C PHE E 276 17.37 -10.06 -6.12
N ARG E 277 18.68 -10.31 -5.99
CA ARG E 277 19.65 -9.41 -6.61
C ARG E 277 19.68 -9.60 -8.13
N PHE E 278 19.49 -10.83 -8.60
CA PHE E 278 19.43 -11.04 -10.04
C PHE E 278 18.22 -10.37 -10.64
N VAL E 279 17.07 -10.51 -9.98
CA VAL E 279 15.85 -9.84 -10.44
C VAL E 279 16.00 -8.33 -10.30
N GLN E 280 16.68 -7.88 -9.25
CA GLN E 280 16.95 -6.46 -9.10
C GLN E 280 17.78 -5.94 -10.26
N ALA E 281 18.84 -6.66 -10.63
CA ALA E 281 19.69 -6.26 -11.74
C ALA E 281 18.92 -6.26 -13.05
N GLY E 282 18.01 -7.23 -13.22
CA GLY E 282 17.13 -7.21 -14.37
C GLY E 282 16.26 -5.97 -14.41
N SER E 283 15.71 -5.58 -13.26
CA SER E 283 14.94 -4.34 -13.19
C SER E 283 15.80 -3.13 -13.52
N GLU E 284 17.03 -3.12 -13.01
CA GLU E 284 17.96 -2.02 -13.29
C GLU E 284 18.20 -1.89 -14.78
N VAL E 285 18.51 -3.01 -15.44
CA VAL E 285 18.89 -2.95 -16.85
C VAL E 285 17.68 -2.66 -17.72
N SER E 286 16.48 -3.09 -17.29
CA SER E 286 15.31 -2.79 -18.09
C SER E 286 14.90 -1.33 -17.95
N ALA E 287 14.97 -0.78 -16.74
CA ALA E 287 14.74 0.64 -16.57
C ALA E 287 15.77 1.47 -17.32
N LEU E 288 16.98 0.94 -17.47
CA LEU E 288 18.00 1.62 -18.27
C LEU E 288 17.66 1.55 -19.76
N LEU E 289 17.20 0.38 -20.23
CA LEU E 289 16.78 0.26 -21.62
C LEU E 289 15.49 1.00 -21.92
N GLY E 290 14.79 1.47 -20.89
CA GLY E 290 13.57 2.22 -21.10
C GLY E 290 12.33 1.40 -21.35
N ARG E 291 12.45 0.08 -21.38
CA ARG E 291 11.29 -0.78 -21.57
C ARG E 291 10.33 -0.61 -20.39
N MET E 292 9.07 -0.34 -20.72
CA MET E 292 8.10 0.13 -19.73
C MET E 292 7.98 -0.85 -18.56
N PRO E 293 8.17 -0.39 -17.33
CA PRO E 293 8.18 -1.33 -16.20
C PRO E 293 6.83 -2.00 -15.98
N SER E 294 6.92 -3.20 -15.41
CA SER E 294 5.80 -4.09 -15.11
C SER E 294 5.23 -3.76 -13.74
N ALA E 295 4.59 -4.77 -13.12
CA ALA E 295 4.20 -4.69 -11.71
C ALA E 295 5.44 -4.42 -10.86
N VAL E 296 5.28 -4.44 -9.54
CA VAL E 296 5.80 -3.45 -8.59
C VAL E 296 7.02 -2.63 -9.04
N GLY E 297 7.78 -3.13 -10.01
CA GLY E 297 8.87 -2.36 -10.56
C GLY E 297 9.97 -3.19 -11.16
N TYR E 298 9.86 -4.50 -11.08
CA TYR E 298 10.76 -5.39 -11.80
C TYR E 298 10.42 -5.37 -13.29
N GLN E 299 11.35 -5.88 -14.08
CA GLN E 299 11.24 -5.79 -15.53
C GLN E 299 9.98 -6.48 -16.03
N PRO E 300 9.49 -6.11 -17.23
CA PRO E 300 8.37 -6.87 -17.80
C PRO E 300 8.74 -8.30 -18.08
N THR E 301 9.94 -8.54 -18.61
CA THR E 301 10.41 -9.90 -18.89
C THR E 301 10.99 -10.54 -17.63
N LEU E 302 10.23 -10.40 -16.54
CA LEU E 302 10.68 -10.96 -15.26
C LEU E 302 10.52 -12.46 -15.23
N SER E 303 9.32 -12.94 -15.56
CA SER E 303 9.09 -14.39 -15.60
C SER E 303 10.00 -15.04 -16.63
N THR E 304 10.09 -14.46 -17.83
CA THR E 304 10.93 -15.03 -18.87
C THR E 304 12.39 -15.04 -18.49
N GLU E 305 12.88 -13.93 -17.90
CA GLU E 305 14.31 -13.85 -17.59
C GLU E 305 14.68 -14.77 -16.43
N MET E 306 13.89 -14.74 -15.36
CA MET E 306 14.22 -15.59 -14.22
C MET E 306 13.98 -17.06 -14.55
N GLY E 307 13.07 -17.33 -15.48
CA GLY E 307 12.91 -18.70 -15.95
C GLY E 307 14.05 -19.14 -16.84
N SER E 308 14.62 -18.20 -17.60
CA SER E 308 15.79 -18.54 -18.40
C SER E 308 17.01 -18.78 -17.52
N LEU E 309 17.03 -18.14 -16.34
CA LEU E 309 18.09 -18.43 -15.39
C LEU E 309 17.87 -19.76 -14.69
N GLN E 310 16.62 -20.06 -14.32
CA GLN E 310 16.38 -21.22 -13.46
C GLN E 310 15.73 -22.38 -14.18
N GLU E 311 15.78 -22.40 -15.52
CA GLU E 311 15.28 -23.57 -16.24
C GLU E 311 16.41 -24.42 -16.74
N ARG E 312 17.61 -23.84 -16.89
CA ARG E 312 18.78 -24.63 -17.19
C ARG E 312 19.27 -25.39 -15.96
N ILE E 313 18.58 -25.25 -14.83
CA ILE E 313 18.80 -26.10 -13.67
C ILE E 313 17.89 -27.31 -13.80
N THR E 314 18.35 -28.32 -14.55
CA THR E 314 17.56 -29.51 -14.81
C THR E 314 18.47 -30.72 -14.90
N SER E 315 18.00 -31.84 -14.35
CA SER E 315 18.77 -33.08 -14.33
C SER E 315 18.70 -33.74 -15.70
N THR E 316 19.65 -33.39 -16.56
CA THR E 316 19.72 -34.01 -17.88
C THR E 316 20.22 -35.45 -17.73
N LYS E 317 20.00 -36.25 -18.77
CA LYS E 317 20.40 -37.66 -18.74
C LYS E 317 21.90 -37.81 -18.48
N GLU E 318 22.69 -36.80 -18.82
CA GLU E 318 24.12 -36.82 -18.53
C GLU E 318 24.37 -36.74 -17.04
N GLY E 319 23.79 -35.75 -16.37
CA GLY E 319 24.01 -35.59 -14.95
C GLY E 319 23.16 -34.47 -14.39
N SER E 320 23.04 -34.45 -13.07
CA SER E 320 22.22 -33.45 -12.43
C SER E 320 23.00 -32.16 -12.23
N ILE E 321 22.27 -31.04 -12.25
CA ILE E 321 22.89 -29.73 -12.11
C ILE E 321 22.16 -28.96 -11.00
N THR E 322 21.64 -29.70 -10.02
CA THR E 322 20.86 -29.12 -8.93
C THR E 322 21.52 -27.89 -8.32
N SER E 323 20.73 -26.83 -8.13
CA SER E 323 21.24 -25.56 -7.65
C SER E 323 20.74 -25.32 -6.24
N ILE E 324 21.31 -24.33 -5.56
CA ILE E 324 20.88 -23.93 -4.23
C ILE E 324 20.86 -22.41 -4.23
N GLN E 325 19.67 -21.83 -4.23
CA GLN E 325 19.48 -20.41 -4.51
C GLN E 325 18.90 -19.73 -3.29
N ALA E 326 19.70 -18.89 -2.63
CA ALA E 326 19.15 -18.01 -1.62
C ALA E 326 18.08 -17.12 -2.24
N VAL E 327 17.05 -16.81 -1.46
CA VAL E 327 15.98 -15.93 -1.89
C VAL E 327 15.70 -14.94 -0.78
N TYR E 328 15.71 -13.66 -1.11
CA TYR E 328 15.49 -12.59 -0.14
C TYR E 328 14.22 -11.85 -0.52
N VAL E 329 13.13 -12.13 0.19
CA VAL E 329 11.85 -11.48 -0.03
C VAL E 329 11.98 -10.02 0.38
N PRO E 330 11.61 -9.06 -0.47
CA PRO E 330 11.60 -7.66 -0.04
C PRO E 330 10.31 -7.37 0.72
N ALA E 331 10.47 -6.69 1.86
CA ALA E 331 9.36 -6.39 2.77
C ALA E 331 8.62 -7.64 3.25
N ASP E 332 9.24 -8.82 3.06
CA ASP E 332 8.75 -10.08 3.62
C ASP E 332 7.34 -10.41 3.16
N ASP E 333 7.16 -10.58 1.86
CA ASP E 333 5.89 -11.04 1.30
C ASP E 333 6.14 -12.04 0.18
N LEU E 334 5.39 -13.14 0.20
CA LEU E 334 5.39 -14.08 -0.90
C LEU E 334 4.55 -13.61 -2.07
N THR E 335 3.98 -12.40 -1.98
CA THR E 335 2.95 -11.99 -2.91
C THR E 335 3.53 -11.29 -4.14
N ASP E 336 4.49 -10.39 -3.93
CA ASP E 336 5.02 -9.57 -5.01
C ASP E 336 5.71 -10.44 -6.07
N PRO E 337 5.79 -9.95 -7.31
CA PRO E 337 6.13 -10.86 -8.43
C PRO E 337 7.48 -11.57 -8.32
N ALA E 338 8.54 -10.87 -7.89
CA ALA E 338 9.86 -11.50 -7.88
C ALA E 338 9.92 -12.71 -6.96
N PRO E 339 9.52 -12.62 -5.68
CA PRO E 339 9.44 -13.86 -4.89
C PRO E 339 8.35 -14.79 -5.39
N ALA E 340 7.29 -14.27 -6.01
CA ALA E 340 6.27 -15.14 -6.57
C ALA E 340 6.82 -15.95 -7.74
N THR E 341 7.49 -15.29 -8.68
CA THR E 341 8.01 -16.01 -9.83
C THR E 341 9.18 -16.90 -9.44
N THR E 342 9.85 -16.60 -8.33
CA THR E 342 10.91 -17.48 -7.85
C THR E 342 10.33 -18.72 -7.17
N PHE E 343 9.39 -18.52 -6.24
CA PHE E 343 8.79 -19.64 -5.53
C PHE E 343 7.92 -20.48 -6.45
N ALA E 344 7.58 -19.96 -7.63
CA ALA E 344 6.96 -20.81 -8.63
C ALA E 344 7.94 -21.84 -9.17
N HIS E 345 9.25 -21.62 -8.96
CA HIS E 345 10.25 -22.52 -9.52
C HIS E 345 10.89 -23.39 -8.45
N LEU E 346 11.02 -22.89 -7.22
CA LEU E 346 11.73 -23.64 -6.18
C LEU E 346 11.04 -24.96 -5.88
N ASP E 347 11.86 -25.97 -5.59
CA ASP E 347 11.38 -27.31 -5.31
C ASP E 347 11.62 -27.74 -3.88
N ALA E 348 12.34 -26.94 -3.08
CA ALA E 348 12.58 -27.23 -1.69
C ALA E 348 13.03 -25.94 -1.00
N THR E 349 12.31 -25.54 0.04
CA THR E 349 12.58 -24.28 0.70
C THR E 349 12.97 -24.51 2.15
N THR E 350 14.22 -24.23 2.49
CA THR E 350 14.74 -24.46 3.83
C THR E 350 15.24 -23.14 4.40
N VAL E 351 14.64 -22.70 5.50
CA VAL E 351 14.97 -21.43 6.13
C VAL E 351 15.99 -21.67 7.23
N LEU E 352 17.00 -20.81 7.30
CA LEU E 352 17.95 -20.85 8.41
C LEU E 352 17.51 -19.85 9.47
N SER E 353 17.29 -20.34 10.69
CA SER E 353 16.63 -19.57 11.74
C SER E 353 17.65 -18.92 12.65
N ARG E 354 17.49 -17.62 12.88
CA ARG E 354 18.47 -16.86 13.64
C ARG E 354 18.50 -17.26 15.11
N GLY E 355 17.33 -17.45 15.71
CA GLY E 355 17.29 -17.88 17.10
C GLY E 355 17.91 -19.25 17.30
N LEU E 356 17.68 -20.16 16.36
CA LEU E 356 18.28 -21.49 16.43
C LEU E 356 19.79 -21.39 16.27
N ALA E 357 20.27 -20.52 15.39
CA ALA E 357 21.70 -20.30 15.23
C ALA E 357 22.32 -19.76 16.51
N ALA E 358 21.64 -18.82 17.16
CA ALA E 358 22.16 -18.26 18.42
C ALA E 358 22.15 -19.32 19.51
N LYS E 359 21.17 -20.23 19.48
CA LYS E 359 21.19 -21.36 20.39
C LYS E 359 22.41 -22.24 20.17
N GLY E 360 22.77 -22.51 18.92
CA GLY E 360 23.87 -23.41 18.66
C GLY E 360 23.42 -24.82 18.33
N ILE E 361 22.49 -24.92 17.38
CA ILE E 361 21.95 -26.18 16.90
C ILE E 361 22.41 -26.32 15.45
N TYR E 362 23.64 -25.87 15.20
CA TYR E 362 24.21 -25.84 13.86
C TYR E 362 24.11 -27.21 13.19
N PRO E 363 23.55 -27.30 11.97
CA PRO E 363 23.11 -26.18 11.13
C PRO E 363 21.78 -25.57 11.57
N ALA E 364 21.67 -24.26 11.40
CA ALA E 364 20.54 -23.50 11.94
C ALA E 364 19.26 -23.68 11.14
N VAL E 365 19.22 -24.61 10.18
CA VAL E 365 18.03 -24.80 9.37
C VAL E 365 16.85 -25.16 10.24
N ASP E 366 15.77 -24.42 10.09
CA ASP E 366 14.59 -24.59 10.94
C ASP E 366 13.85 -25.86 10.54
N PRO E 367 13.65 -26.80 11.46
CA PRO E 367 13.02 -28.07 11.09
C PRO E 367 11.54 -27.94 10.76
N LEU E 368 10.87 -26.94 11.31
CA LEU E 368 9.42 -26.85 11.18
C LEU E 368 9.02 -26.04 9.95
N ASP E 369 9.57 -24.84 9.79
CA ASP E 369 9.09 -23.94 8.74
C ASP E 369 9.67 -24.30 7.39
N SER E 370 10.71 -25.13 7.36
CA SER E 370 11.27 -25.58 6.10
C SER E 370 10.39 -26.66 5.50
N THR E 371 10.18 -26.60 4.19
CA THR E 371 9.35 -27.57 3.49
C THR E 371 9.94 -27.88 2.12
N SER E 372 9.52 -29.00 1.55
CA SER E 372 9.95 -29.41 0.23
C SER E 372 8.83 -30.15 -0.49
N THR E 373 8.76 -29.93 -1.81
CA THR E 373 7.78 -30.64 -2.62
C THR E 373 8.19 -32.09 -2.83
N MET E 374 9.43 -32.43 -2.52
CA MET E 374 9.87 -33.81 -2.66
C MET E 374 9.42 -34.70 -1.51
N LEU E 375 9.04 -34.10 -0.38
CA LEU E 375 8.75 -34.85 0.85
C LEU E 375 7.65 -35.90 0.67
N GLN E 376 6.84 -35.80 -0.38
CA GLN E 376 5.70 -36.70 -0.55
C GLN E 376 6.15 -38.16 -0.63
N PRO E 377 5.30 -39.11 -0.21
CA PRO E 377 5.76 -40.50 -0.09
C PRO E 377 6.18 -41.14 -1.40
N ARG E 378 5.45 -40.91 -2.49
CA ARG E 378 5.82 -41.52 -3.76
C ARG E 378 7.21 -41.09 -4.21
N ILE E 379 7.71 -39.98 -3.66
CA ILE E 379 9.03 -39.49 -4.03
C ILE E 379 10.09 -40.00 -3.06
N VAL E 380 9.82 -39.89 -1.75
CA VAL E 380 10.88 -40.22 -0.79
C VAL E 380 10.90 -41.72 -0.47
N GLY E 381 9.73 -42.31 -0.25
CA GLY E 381 9.63 -43.61 0.40
C GLY E 381 8.54 -43.51 1.45
N GLU E 382 7.73 -44.57 1.60
CA GLU E 382 6.61 -44.49 2.52
C GLU E 382 7.08 -44.34 3.96
N GLU E 383 8.13 -45.07 4.32
CA GLU E 383 8.65 -44.96 5.68
C GLU E 383 9.29 -43.60 5.93
N HIS E 384 9.97 -43.05 4.91
CA HIS E 384 10.56 -41.73 5.06
C HIS E 384 9.48 -40.67 5.23
N TYR E 385 8.41 -40.74 4.43
CA TYR E 385 7.32 -39.79 4.60
C TYR E 385 6.67 -39.92 5.97
N GLU E 386 6.48 -41.15 6.45
CA GLU E 386 5.86 -41.34 7.75
C GLU E 386 6.73 -40.78 8.87
N ILE E 387 8.03 -41.09 8.85
CA ILE E 387 8.90 -40.64 9.93
C ILE E 387 9.11 -39.12 9.86
N ALA E 388 9.12 -38.57 8.65
CA ALA E 388 9.29 -37.12 8.52
C ALA E 388 8.06 -36.39 9.02
N GLN E 389 6.86 -36.88 8.67
CA GLN E 389 5.64 -36.25 9.17
C GLN E 389 5.53 -36.41 10.67
N ARG E 390 6.00 -37.53 11.22
CA ARG E 390 5.92 -37.73 12.67
C ARG E 390 6.91 -36.83 13.38
N VAL E 391 8.09 -36.59 12.80
CA VAL E 391 9.04 -35.68 13.40
C VAL E 391 8.52 -34.25 13.34
N LYS E 392 7.88 -33.88 12.23
CA LYS E 392 7.33 -32.54 12.13
C LYS E 392 6.18 -32.33 13.11
N GLU E 393 5.37 -33.38 13.35
CA GLU E 393 4.30 -33.27 14.34
C GLU E 393 4.88 -33.20 15.75
N THR E 394 5.96 -33.94 16.01
CA THR E 394 6.60 -33.88 17.33
C THR E 394 7.18 -32.50 17.59
N LEU E 395 7.83 -31.92 16.58
CA LEU E 395 8.41 -30.59 16.77
C LEU E 395 7.33 -29.52 16.82
N GLN E 396 6.19 -29.77 16.17
CA GLN E 396 5.02 -28.91 16.37
C GLN E 396 4.54 -28.99 17.81
N ARG E 397 4.44 -30.19 18.36
CA ARG E 397 4.03 -30.36 19.75
C ARG E 397 4.98 -29.64 20.69
N TYR E 398 6.28 -29.69 20.39
CA TYR E 398 7.23 -29.02 21.28
C TYR E 398 7.18 -27.51 21.12
N LYS E 399 6.96 -27.00 19.91
CA LYS E 399 6.81 -25.57 19.74
C LYS E 399 5.56 -25.07 20.45
N GLU E 400 4.53 -25.91 20.52
CA GLU E 400 3.35 -25.57 21.30
C GLU E 400 3.65 -25.57 22.79
N LEU E 401 4.23 -26.67 23.29
CA LEU E 401 4.42 -26.84 24.72
C LEU E 401 5.60 -26.04 25.27
N GLN E 402 6.35 -25.33 24.42
CA GLN E 402 7.35 -24.41 24.94
C GLN E 402 6.70 -23.30 25.75
N ASP E 403 5.46 -22.97 25.40
CA ASP E 403 4.67 -22.02 26.18
C ASP E 403 4.41 -22.56 27.59
N ILE E 404 4.11 -23.85 27.70
CA ILE E 404 3.47 -24.38 28.91
C ILE E 404 4.51 -25.01 29.84
N ILE E 405 5.64 -25.47 29.30
CA ILE E 405 6.67 -26.05 30.16
C ILE E 405 7.34 -24.98 31.00
N ALA E 406 7.06 -23.71 30.71
CA ALA E 406 7.48 -22.62 31.58
C ALA E 406 6.58 -22.54 32.81
N ILE E 407 5.28 -22.77 32.63
CA ILE E 407 4.33 -22.61 33.71
C ILE E 407 4.21 -23.90 34.52
N LEU E 408 3.91 -25.01 33.85
CA LEU E 408 3.61 -26.26 34.53
C LEU E 408 4.87 -27.00 34.95
N GLY E 409 5.93 -26.92 34.15
CA GLY E 409 7.11 -27.73 34.39
C GLY E 409 7.05 -29.03 33.63
N LEU E 410 8.20 -29.71 33.58
CA LEU E 410 8.28 -30.95 32.81
C LEU E 410 7.58 -32.10 33.51
N ASP E 411 7.33 -31.96 34.82
CA ASP E 411 6.79 -33.08 35.58
C ASP E 411 5.27 -32.98 35.70
N GLU E 412 4.74 -31.77 35.86
CA GLU E 412 3.32 -31.61 36.14
C GLU E 412 2.45 -32.06 34.97
N LEU E 413 2.87 -31.74 33.74
CA LEU E 413 2.10 -32.12 32.57
C LEU E 413 2.08 -33.63 32.41
N SER E 414 1.17 -34.11 31.55
CA SER E 414 0.89 -35.54 31.46
C SER E 414 2.08 -36.31 30.91
N GLU E 415 2.29 -37.50 31.45
CA GLU E 415 3.44 -38.32 31.07
C GLU E 415 3.19 -39.14 29.80
N GLU E 416 2.12 -38.86 29.06
CA GLU E 416 1.98 -39.43 27.73
C GLU E 416 2.60 -38.51 26.69
N ASP E 417 2.71 -37.22 27.01
CA ASP E 417 3.38 -36.24 26.18
C ASP E 417 4.64 -35.69 26.82
N ARG E 418 4.94 -36.06 28.07
CA ARG E 418 6.29 -35.89 28.56
C ARG E 418 7.27 -36.69 27.71
N LEU E 419 6.83 -37.86 27.24
CA LEU E 419 7.61 -38.61 26.27
C LEU E 419 7.77 -37.82 24.98
N THR E 420 6.73 -37.10 24.56
CA THR E 420 6.81 -36.29 23.36
C THR E 420 7.82 -35.17 23.51
N VAL E 421 7.82 -34.52 24.67
CA VAL E 421 8.77 -33.42 24.91
C VAL E 421 10.20 -33.97 25.00
N ALA E 422 10.37 -35.12 25.65
CA ALA E 422 11.70 -35.72 25.74
C ALA E 422 12.23 -36.10 24.37
N ARG E 423 11.43 -36.81 23.58
CA ARG E 423 11.86 -37.16 22.23
C ARG E 423 11.98 -35.93 21.35
N ALA E 424 11.29 -34.84 21.70
CA ALA E 424 11.42 -33.61 20.92
C ALA E 424 12.76 -32.94 21.19
N ARG E 425 13.18 -32.91 22.46
CA ARG E 425 14.53 -32.46 22.76
C ARG E 425 15.56 -33.35 22.08
N LYS E 426 15.31 -34.65 22.07
CA LYS E 426 16.24 -35.58 21.45
C LYS E 426 16.34 -35.34 19.94
N ILE E 427 15.21 -35.08 19.28
CA ILE E 427 15.21 -34.80 17.85
C ILE E 427 15.88 -33.47 17.56
N GLU E 428 15.48 -32.43 18.30
CA GLU E 428 16.05 -31.09 18.09
C GLU E 428 17.57 -31.10 18.28
N ARG E 429 18.07 -31.96 19.17
CA ARG E 429 19.52 -32.07 19.31
C ARG E 429 20.12 -32.96 18.21
N PHE E 430 19.46 -34.08 17.90
CA PHE E 430 19.99 -35.02 16.92
C PHE E 430 20.05 -34.41 15.54
N LEU E 431 19.26 -33.36 15.29
CA LEU E 431 19.31 -32.69 14.00
C LEU E 431 20.60 -31.91 13.83
N SER E 432 21.20 -31.46 14.93
CA SER E 432 22.47 -30.77 14.86
C SER E 432 23.57 -31.74 14.48
N GLN E 433 24.28 -31.44 13.41
CA GLN E 433 25.32 -32.31 12.89
C GLN E 433 26.65 -31.56 12.81
N PRO E 434 27.75 -32.15 13.28
CA PRO E 434 29.05 -31.51 13.08
C PRO E 434 29.49 -31.64 11.63
N PHE E 435 30.16 -30.61 11.13
CA PHE E 435 30.44 -30.51 9.71
C PHE E 435 31.91 -30.77 9.40
N PHE E 436 32.16 -31.18 8.16
CA PHE E 436 33.54 -31.30 7.68
C PHE E 436 34.21 -29.95 7.52
N VAL E 437 33.47 -28.85 7.75
CA VAL E 437 34.01 -27.50 7.65
C VAL E 437 34.25 -26.87 9.02
N ALA E 438 33.43 -27.20 10.02
CA ALA E 438 33.56 -26.65 11.36
C ALA E 438 34.81 -27.16 12.09
N GLU E 439 35.64 -27.97 11.44
CA GLU E 439 36.85 -28.47 12.10
C GLU E 439 37.84 -27.34 12.35
N VAL E 440 37.80 -26.29 11.53
CA VAL E 440 38.74 -25.18 11.70
C VAL E 440 38.35 -24.34 12.92
N PHE E 441 37.07 -24.36 13.29
CA PHE E 441 36.62 -23.55 14.41
C PHE E 441 36.72 -24.31 15.73
N THR E 442 36.04 -25.46 15.83
CA THR E 442 35.87 -26.13 17.11
C THR E 442 36.78 -27.33 17.30
N GLY E 443 37.07 -28.10 16.26
CA GLY E 443 37.91 -29.27 16.38
C GLY E 443 37.19 -30.59 16.29
N SER E 444 35.86 -30.60 16.15
CA SER E 444 35.14 -31.84 15.94
C SER E 444 35.46 -32.40 14.55
N PRO E 445 35.57 -33.72 14.41
CA PRO E 445 36.01 -34.28 13.12
C PRO E 445 35.05 -34.02 11.98
N GLY E 446 33.75 -34.25 12.18
CA GLY E 446 32.79 -34.07 11.13
C GLY E 446 32.29 -35.39 10.58
N LYS E 447 30.97 -35.58 10.58
CA LYS E 447 30.37 -36.84 10.16
C LYS E 447 29.40 -36.61 9.03
N TYR E 448 29.55 -37.38 7.96
CA TYR E 448 28.59 -37.41 6.87
C TYR E 448 27.56 -38.49 7.20
N VAL E 449 26.28 -38.11 7.14
CA VAL E 449 25.19 -38.99 7.54
C VAL E 449 24.34 -39.29 6.31
N GLY E 450 24.36 -40.55 5.88
CA GLY E 450 23.51 -40.95 4.78
C GLY E 450 22.04 -40.86 5.12
N LEU E 451 21.20 -40.95 4.08
CA LEU E 451 19.76 -40.85 4.28
C LEU E 451 19.23 -42.05 5.05
N ALA E 452 19.71 -43.25 4.73
CA ALA E 452 19.26 -44.44 5.42
C ALA E 452 19.61 -44.39 6.90
N GLU E 453 20.82 -43.89 7.20
CA GLU E 453 21.28 -43.86 8.59
C GLU E 453 20.45 -42.90 9.42
N THR E 454 20.18 -41.70 8.89
CA THR E 454 19.36 -40.75 9.65
C THR E 454 17.92 -41.21 9.73
N ILE E 455 17.44 -41.92 8.70
CA ILE E 455 16.07 -42.46 8.75
C ILE E 455 15.95 -43.47 9.88
N ARG E 456 16.87 -44.42 9.95
CA ARG E 456 16.81 -45.42 11.01
C ARG E 456 17.06 -44.80 12.38
N GLY E 457 17.94 -43.80 12.44
CA GLY E 457 18.17 -43.11 13.70
C GLY E 457 16.94 -42.40 14.21
N PHE E 458 16.25 -41.67 13.34
CA PHE E 458 15.03 -40.98 13.75
C PHE E 458 13.92 -41.97 14.06
N GLN E 459 13.88 -43.09 13.36
CA GLN E 459 12.89 -44.11 13.68
C GLN E 459 13.14 -44.70 15.07
N LEU E 460 14.41 -44.88 15.43
CA LEU E 460 14.72 -45.42 16.76
C LEU E 460 14.47 -44.37 17.84
N ILE E 461 14.74 -43.10 17.53
CA ILE E 461 14.53 -42.03 18.51
C ILE E 461 13.04 -41.84 18.78
N LEU E 462 12.24 -41.82 17.71
CA LEU E 462 10.84 -41.46 17.83
C LEU E 462 9.97 -42.66 18.15
N SER E 463 10.44 -43.88 17.86
CA SER E 463 9.64 -45.07 18.13
C SER E 463 9.51 -45.31 19.63
N GLY E 464 10.59 -45.12 20.37
CA GLY E 464 10.54 -45.21 21.82
C GLY E 464 11.63 -46.03 22.46
N GLU E 465 12.59 -46.56 21.69
CA GLU E 465 13.70 -47.29 22.30
C GLU E 465 14.57 -46.37 23.12
N LEU E 466 15.15 -45.35 22.48
CA LEU E 466 16.10 -44.46 23.14
C LEU E 466 15.36 -43.35 23.90
N ASP E 467 14.61 -43.77 24.91
CA ASP E 467 14.02 -42.85 25.87
C ASP E 467 14.85 -42.68 27.12
N SER E 468 15.98 -43.39 27.21
CA SER E 468 16.82 -43.35 28.40
C SER E 468 18.14 -42.61 28.19
N LEU E 469 18.58 -42.49 26.95
CA LEU E 469 19.82 -41.78 26.67
C LEU E 469 19.67 -40.31 27.04
N PRO E 470 20.72 -39.66 27.51
CA PRO E 470 20.59 -38.26 27.92
C PRO E 470 20.43 -37.33 26.72
N GLU E 471 19.86 -36.15 26.99
CA GLU E 471 19.54 -35.22 25.91
C GLU E 471 20.79 -34.69 25.24
N GLN E 472 21.86 -34.46 26.00
CA GLN E 472 23.09 -33.95 25.42
C GLN E 472 23.95 -35.02 24.78
N ALA E 473 23.46 -36.25 24.68
CA ALA E 473 24.19 -37.29 23.96
C ALA E 473 23.88 -37.26 22.47
N PHE E 474 22.78 -36.59 22.10
CA PHE E 474 22.39 -36.51 20.69
C PHE E 474 22.96 -35.25 20.05
N TYR E 475 23.48 -34.33 20.85
CA TYR E 475 23.93 -33.05 20.34
C TYR E 475 25.29 -33.17 19.68
N LEU E 476 25.36 -32.77 18.41
CA LEU E 476 26.59 -32.77 17.62
C LEU E 476 27.16 -34.17 17.47
N VAL E 477 26.36 -35.05 16.86
CA VAL E 477 26.75 -36.43 16.63
C VAL E 477 26.22 -36.85 15.26
N GLY E 478 26.84 -37.89 14.69
CA GLY E 478 26.48 -38.35 13.37
C GLY E 478 25.42 -39.44 13.38
N ASN E 479 25.81 -40.66 13.05
CA ASN E 479 24.88 -41.79 13.09
C ASN E 479 24.36 -42.02 14.50
N ILE E 480 23.23 -42.72 14.60
CA ILE E 480 22.60 -42.92 15.90
C ILE E 480 23.42 -43.84 16.79
N ASP E 481 24.13 -44.82 16.21
CA ASP E 481 25.00 -45.66 17.00
C ASP E 481 26.15 -44.85 17.60
N GLU E 482 26.57 -43.79 16.90
CA GLU E 482 27.56 -42.89 17.49
C GLU E 482 26.96 -42.10 18.63
N ALA E 483 25.66 -41.82 18.59
CA ALA E 483 25.00 -41.17 19.71
C ALA E 483 24.94 -42.10 20.91
N THR E 484 24.66 -43.39 20.66
CA THR E 484 24.70 -44.36 21.74
C THR E 484 26.11 -44.51 22.29
N ALA E 485 27.13 -44.39 21.43
CA ALA E 485 28.51 -44.41 21.90
C ALA E 485 28.81 -43.21 22.79
N LYS E 486 28.34 -42.03 22.39
CA LYS E 486 28.49 -40.85 23.24
C LYS E 486 27.81 -41.06 24.59
N ALA E 487 26.61 -41.63 24.59
CA ALA E 487 25.89 -41.85 25.84
C ALA E 487 26.58 -42.90 26.71
N MET E 488 27.16 -43.92 26.08
CA MET E 488 27.87 -44.95 26.84
C MET E 488 29.15 -44.39 27.43
N ASN E 489 29.80 -43.46 26.73
CA ASN E 489 30.99 -42.82 27.30
C ASN E 489 30.60 -41.91 28.47
N LEU E 490 29.48 -41.21 28.34
CA LEU E 490 28.99 -40.42 29.47
C LEU E 490 28.63 -41.32 30.65
N GLU E 491 28.12 -42.52 30.37
CA GLU E 491 27.85 -43.48 31.44
C GLU E 491 29.13 -43.96 32.10
N MET E 492 30.17 -44.19 31.30
CA MET E 492 31.47 -44.56 31.85
C MET E 492 32.01 -43.48 32.77
N GLU E 493 31.87 -42.21 32.38
CA GLU E 493 32.40 -41.11 33.18
C GLU E 493 31.46 -40.67 34.30
N SER E 494 30.23 -41.17 34.32
CA SER E 494 29.27 -40.78 35.36
C SER E 494 29.78 -41.13 36.76
N LYS E 495 30.47 -42.27 36.90
CA LYS E 495 30.98 -42.65 38.21
C LYS E 495 32.09 -41.70 38.67
N LEU E 496 32.80 -41.10 37.74
CA LEU E 496 33.89 -40.19 38.07
C LEU E 496 33.56 -38.77 37.59
N LYS F 17 14.57 46.01 -22.24
CA LYS F 17 15.43 46.15 -23.41
C LYS F 17 14.60 46.40 -24.67
N LYS F 18 15.05 45.86 -25.80
CA LYS F 18 14.46 46.13 -27.10
C LYS F 18 14.26 44.87 -27.93
N ASN F 19 14.56 43.70 -27.39
CA ASN F 19 14.61 42.47 -28.18
C ASN F 19 13.21 41.89 -28.30
N LEU F 20 12.52 42.23 -29.38
CA LEU F 20 11.14 41.79 -29.57
C LEU F 20 11.07 40.27 -29.69
N GLY F 21 9.99 39.68 -29.20
CA GLY F 21 9.94 38.25 -29.03
C GLY F 21 9.09 37.41 -29.96
N ARG F 22 7.88 37.86 -30.30
CA ARG F 22 6.98 37.09 -31.16
C ARG F 22 6.65 35.72 -30.57
N ILE F 23 5.89 35.69 -29.47
CA ILE F 23 5.49 34.48 -28.76
C ILE F 23 4.98 33.44 -29.76
N ALA F 24 5.56 32.24 -29.72
CA ALA F 24 5.20 31.21 -30.70
C ALA F 24 4.03 30.36 -30.23
N GLN F 25 4.19 29.64 -29.12
CA GLN F 25 3.16 28.74 -28.62
C GLN F 25 2.70 29.21 -27.26
N ILE F 26 1.42 29.00 -26.96
CA ILE F 26 0.89 29.26 -25.62
C ILE F 26 0.15 28.03 -25.14
N ILE F 27 0.85 27.11 -24.48
CA ILE F 27 0.25 25.88 -23.98
C ILE F 27 -0.05 26.08 -22.50
N GLY F 28 -1.23 26.59 -22.19
CA GLY F 28 -1.59 26.82 -20.82
C GLY F 28 -0.82 27.98 -20.22
N PRO F 29 -0.46 27.86 -18.94
CA PRO F 29 0.32 28.94 -18.30
C PRO F 29 1.74 29.04 -18.83
N VAL F 30 2.24 28.01 -19.50
CA VAL F 30 3.60 28.03 -20.01
C VAL F 30 3.59 28.47 -21.46
N LEU F 31 4.21 29.61 -21.75
CA LEU F 31 4.27 30.17 -23.09
C LEU F 31 5.73 30.30 -23.49
N ASP F 32 6.07 29.83 -24.68
CA ASP F 32 7.43 29.88 -25.19
C ASP F 32 7.51 30.83 -26.38
N VAL F 33 8.54 31.66 -26.40
CA VAL F 33 8.63 32.82 -27.27
C VAL F 33 9.89 32.74 -28.11
N ALA F 34 9.75 32.93 -29.43
CA ALA F 34 10.82 32.68 -30.39
C ALA F 34 11.59 33.96 -30.66
N PHE F 35 12.59 34.22 -29.82
CA PHE F 35 13.44 35.39 -29.96
C PHE F 35 14.30 35.31 -31.22
N PRO F 36 14.85 36.45 -31.65
CA PRO F 36 15.88 36.40 -32.68
C PRO F 36 17.10 35.64 -32.18
N PRO F 37 17.95 35.13 -33.08
CA PRO F 37 19.04 34.24 -32.63
C PRO F 37 20.10 34.96 -31.83
N GLY F 38 20.53 36.14 -32.26
CA GLY F 38 21.62 36.81 -31.59
C GLY F 38 21.24 37.36 -30.23
N LYS F 39 20.01 37.82 -30.09
CA LYS F 39 19.55 38.54 -28.90
C LYS F 39 18.57 37.66 -28.13
N MET F 40 19.07 36.83 -27.23
CA MET F 40 18.27 35.90 -26.48
C MET F 40 18.42 36.16 -24.98
N PRO F 41 17.32 36.22 -24.23
CA PRO F 41 17.46 36.48 -22.79
C PRO F 41 18.05 35.28 -22.06
N ASN F 42 18.59 35.54 -20.87
CA ASN F 42 19.12 34.49 -20.04
C ASN F 42 17.98 33.79 -19.29
N ILE F 43 18.35 32.80 -18.49
CA ILE F 43 17.34 32.12 -17.68
C ILE F 43 16.89 33.03 -16.53
N TYR F 44 15.65 32.84 -16.11
CA TYR F 44 15.04 33.63 -15.03
C TYR F 44 15.11 35.11 -15.32
N ASN F 45 14.74 35.48 -16.54
CA ASN F 45 14.76 36.85 -17.02
C ASN F 45 13.34 37.29 -17.32
N ALA F 46 12.90 38.37 -16.71
CA ALA F 46 11.51 38.81 -16.84
C ALA F 46 11.20 39.21 -18.27
N LEU F 47 10.00 38.85 -18.72
CA LEU F 47 9.53 39.08 -20.09
C LEU F 47 8.16 39.74 -20.03
N ILE F 48 8.12 41.07 -20.05
CA ILE F 48 6.84 41.77 -20.09
C ILE F 48 6.25 41.66 -21.48
N VAL F 49 5.07 41.06 -21.58
CA VAL F 49 4.42 40.81 -22.86
C VAL F 49 3.49 41.98 -23.17
N LYS F 50 3.82 42.74 -24.22
CA LYS F 50 2.98 43.83 -24.66
C LYS F 50 1.77 43.26 -25.37
N GLY F 51 0.80 42.78 -24.60
CA GLY F 51 -0.33 42.06 -25.17
C GLY F 51 -1.64 42.75 -24.86
N ARG F 52 -2.64 42.42 -25.66
CA ARG F 52 -3.97 42.99 -25.51
C ARG F 52 -4.69 42.37 -24.32
N ASP F 53 -5.64 43.11 -23.77
CA ASP F 53 -6.51 42.60 -22.71
C ASP F 53 -7.83 42.12 -23.32
N THR F 54 -8.73 41.67 -22.45
CA THR F 54 -10.06 41.26 -22.91
C THR F 54 -10.82 42.43 -23.50
N ALA F 55 -10.68 43.62 -22.91
CA ALA F 55 -11.29 44.84 -23.41
C ALA F 55 -10.26 45.96 -23.38
N GLY F 56 -9.87 46.44 -24.55
CA GLY F 56 -8.86 47.46 -24.65
C GLY F 56 -7.50 46.93 -25.05
N GLN F 57 -6.67 47.84 -25.56
CA GLN F 57 -5.37 47.50 -26.11
C GLN F 57 -4.27 47.27 -25.06
N PRO F 58 -4.05 48.17 -24.07
CA PRO F 58 -2.83 48.03 -23.26
C PRO F 58 -2.97 47.04 -22.10
N MET F 59 -1.98 46.16 -21.96
CA MET F 59 -1.90 45.22 -20.85
C MET F 59 -0.50 44.62 -20.83
N ASN F 60 0.13 44.62 -19.66
CA ASN F 60 1.47 44.07 -19.49
C ASN F 60 1.41 42.87 -18.57
N VAL F 61 1.50 41.67 -19.16
CA VAL F 61 1.58 40.43 -18.40
C VAL F 61 3.05 40.02 -18.37
N THR F 62 3.51 39.55 -17.21
CA THR F 62 4.93 39.30 -16.99
C THR F 62 5.21 37.81 -17.10
N CYS F 63 6.39 37.47 -17.62
CA CYS F 63 6.83 36.08 -17.74
C CYS F 63 8.32 36.01 -17.41
N GLU F 64 8.73 34.93 -16.76
CA GLU F 64 10.14 34.69 -16.51
C GLU F 64 10.60 33.46 -17.29
N VAL F 65 11.76 33.58 -17.94
CA VAL F 65 12.27 32.48 -18.75
C VAL F 65 12.66 31.32 -17.84
N GLN F 66 12.15 30.13 -18.15
CA GLN F 66 12.47 28.95 -17.37
C GLN F 66 13.53 28.08 -18.01
N GLN F 67 13.59 28.03 -19.34
CA GLN F 67 14.62 27.27 -20.04
C GLN F 67 14.67 27.70 -21.50
N LEU F 68 15.80 27.47 -22.15
CA LEU F 68 16.01 27.90 -23.52
C LEU F 68 15.91 26.69 -24.44
N LEU F 69 14.84 26.63 -25.24
CA LEU F 69 14.56 25.39 -25.97
C LEU F 69 15.56 25.14 -27.09
N GLY F 70 16.16 26.19 -27.63
CA GLY F 70 17.21 26.03 -28.61
C GLY F 70 16.79 26.09 -30.06
N ASN F 71 15.51 26.24 -30.33
CA ASN F 71 15.03 26.58 -31.67
C ASN F 71 14.78 28.09 -31.79
N ASN F 72 15.63 28.87 -31.10
CA ASN F 72 15.52 30.32 -30.94
C ASN F 72 14.35 30.71 -30.05
N ARG F 73 13.73 29.75 -29.38
CA ARG F 73 12.60 30.04 -28.50
C ARG F 73 12.91 29.57 -27.09
N VAL F 74 12.37 30.30 -26.10
CA VAL F 74 12.63 30.05 -24.69
C VAL F 74 11.29 29.86 -23.99
N ARG F 75 11.23 28.92 -23.06
CA ARG F 75 9.98 28.63 -22.35
C ARG F 75 9.84 29.52 -21.13
N ALA F 76 8.72 30.21 -21.02
CA ALA F 76 8.50 31.16 -19.93
C ALA F 76 7.15 30.91 -19.29
N VAL F 77 7.14 30.82 -17.96
CA VAL F 77 5.89 30.72 -17.22
C VAL F 77 5.26 32.10 -17.11
N ALA F 78 3.95 32.15 -17.02
CA ALA F 78 3.20 33.41 -17.05
C ALA F 78 2.88 33.84 -15.63
N MET F 79 3.13 35.11 -15.31
CA MET F 79 2.81 35.62 -13.97
C MET F 79 1.39 36.14 -13.89
N SER F 80 0.84 36.61 -15.00
CA SER F 80 -0.57 36.93 -15.07
C SER F 80 -1.32 35.82 -15.82
N ALA F 81 -2.60 36.07 -16.07
CA ALA F 81 -3.43 35.07 -16.74
C ALA F 81 -2.95 34.87 -18.17
N THR F 82 -2.93 33.60 -18.61
CA THR F 82 -2.48 33.27 -19.95
C THR F 82 -3.54 33.49 -21.01
N ASP F 83 -4.80 33.68 -20.61
CA ASP F 83 -5.85 34.01 -21.55
C ASP F 83 -5.64 35.42 -22.09
N GLY F 84 -5.92 35.59 -23.38
CA GLY F 84 -5.76 36.87 -24.02
C GLY F 84 -4.43 37.09 -24.70
N LEU F 85 -3.63 36.06 -24.87
CA LEU F 85 -2.32 36.16 -25.49
C LEU F 85 -2.34 35.54 -26.88
N THR F 86 -1.83 36.28 -27.86
CA THR F 86 -1.88 35.86 -29.25
C THR F 86 -0.56 35.23 -29.67
N ARG F 87 -0.66 34.14 -30.44
CA ARG F 87 0.52 33.58 -31.08
C ARG F 87 1.08 34.59 -32.07
N GLY F 88 2.22 35.19 -31.74
CA GLY F 88 2.79 36.25 -32.54
C GLY F 88 2.79 37.61 -31.88
N MET F 89 2.43 37.69 -30.60
CA MET F 89 2.38 38.96 -29.90
C MET F 89 3.80 39.45 -29.61
N GLU F 90 4.01 40.75 -29.75
CA GLU F 90 5.32 41.32 -29.43
C GLU F 90 5.58 41.24 -27.94
N VAL F 91 6.82 40.97 -27.57
CA VAL F 91 7.25 40.87 -26.18
C VAL F 91 8.73 41.17 -26.10
N ILE F 92 9.12 41.99 -25.12
CA ILE F 92 10.51 42.38 -24.90
C ILE F 92 11.00 41.73 -23.63
N ASP F 93 12.29 41.45 -23.58
CA ASP F 93 12.91 40.96 -22.35
C ASP F 93 13.47 42.15 -21.58
N THR F 94 13.25 42.16 -20.26
CA THR F 94 13.71 43.29 -19.46
C THR F 94 15.22 43.27 -19.30
N GLY F 95 15.82 42.09 -19.33
CA GLY F 95 17.22 41.93 -18.98
C GLY F 95 17.49 41.89 -17.50
N ALA F 96 16.50 42.19 -16.67
CA ALA F 96 16.60 42.17 -15.22
C ALA F 96 15.74 41.04 -14.67
N PRO F 97 16.30 40.19 -13.82
CA PRO F 97 15.57 39.01 -13.36
C PRO F 97 14.38 39.33 -12.45
N LEU F 98 13.34 39.94 -13.01
CA LEU F 98 12.07 40.18 -12.31
C LEU F 98 12.28 40.96 -11.02
N SER F 99 12.74 42.20 -11.17
CA SER F 99 13.03 43.04 -10.01
C SER F 99 11.76 43.30 -9.20
N VAL F 100 11.94 43.43 -7.89
CA VAL F 100 10.85 43.64 -6.95
C VAL F 100 11.15 44.89 -6.14
N PRO F 101 10.21 45.84 -6.01
CA PRO F 101 10.50 47.06 -5.25
C PRO F 101 10.51 46.79 -3.74
N VAL F 102 11.62 47.12 -3.10
CA VAL F 102 11.80 46.97 -1.67
C VAL F 102 12.39 48.25 -1.12
N GLY F 103 12.46 48.34 0.21
CA GLY F 103 13.03 49.47 0.88
C GLY F 103 12.12 49.96 1.98
N GLY F 104 12.04 51.28 2.14
CA GLY F 104 11.10 51.86 3.07
C GLY F 104 9.70 51.94 2.50
N ALA F 105 9.59 51.86 1.17
CA ALA F 105 8.29 51.99 0.51
C ALA F 105 7.48 50.71 0.56
N THR F 106 8.12 49.55 0.74
CA THR F 106 7.37 48.30 0.71
C THR F 106 6.65 48.05 2.03
N LEU F 107 6.86 48.90 3.03
CA LEU F 107 6.21 48.71 4.32
C LEU F 107 4.74 49.12 4.25
N GLY F 108 3.85 48.15 4.48
CA GLY F 108 2.45 48.44 4.65
C GLY F 108 1.54 48.03 3.50
N ARG F 109 2.09 47.59 2.39
CA ARG F 109 1.31 47.36 1.18
C ARG F 109 1.27 45.88 0.87
N ILE F 110 0.15 45.43 0.30
CA ILE F 110 0.05 44.07 -0.19
C ILE F 110 0.58 44.01 -1.61
N PHE F 111 1.57 43.13 -1.84
CA PHE F 111 2.32 43.11 -3.08
C PHE F 111 1.98 41.89 -3.91
N ASN F 112 1.87 42.07 -5.23
CA ASN F 112 1.82 40.96 -6.14
C ASN F 112 3.19 40.29 -6.23
N VAL F 113 3.23 39.15 -6.90
CA VAL F 113 4.51 38.54 -7.25
C VAL F 113 5.25 39.39 -8.27
N LEU F 114 4.48 40.14 -9.09
CA LEU F 114 5.09 40.99 -10.09
C LEU F 114 5.86 42.14 -9.45
N GLY F 115 5.47 42.55 -8.25
CA GLY F 115 6.09 43.68 -7.60
C GLY F 115 5.28 44.93 -7.72
N GLU F 116 3.96 44.81 -7.57
CA GLU F 116 3.02 45.90 -7.71
C GLU F 116 2.19 46.03 -6.44
N PRO F 117 1.58 47.18 -6.20
CA PRO F 117 0.66 47.30 -5.06
C PRO F 117 -0.71 46.75 -5.42
N VAL F 118 -1.28 45.96 -4.51
CA VAL F 118 -2.60 45.37 -4.71
C VAL F 118 -3.66 46.05 -3.86
N ASP F 119 -3.25 46.98 -2.99
CA ASP F 119 -4.15 47.61 -2.04
C ASP F 119 -4.75 48.91 -2.55
N ASN F 120 -4.60 49.21 -3.84
CA ASN F 120 -5.13 50.39 -4.52
C ASN F 120 -4.78 51.71 -3.84
N LEU F 121 -3.74 51.74 -3.02
CA LEU F 121 -3.21 53.01 -2.51
C LEU F 121 -2.29 53.62 -3.58
N GLY F 122 -1.54 54.65 -3.21
CA GLY F 122 -0.55 55.22 -4.09
C GLY F 122 0.54 54.22 -4.41
N PRO F 123 1.00 54.21 -5.66
CA PRO F 123 1.99 53.21 -6.06
C PRO F 123 3.32 53.41 -5.33
N VAL F 124 4.06 52.32 -5.19
CA VAL F 124 5.36 52.34 -4.53
C VAL F 124 6.37 53.01 -5.45
N ASP F 125 7.52 53.37 -4.90
CA ASP F 125 8.60 53.95 -5.69
C ASP F 125 9.58 52.86 -6.11
N THR F 126 10.22 53.07 -7.25
CA THR F 126 11.20 52.13 -7.80
C THR F 126 12.63 52.56 -7.49
N ARG F 127 12.85 53.15 -6.32
CA ARG F 127 14.17 53.67 -6.00
C ARG F 127 15.14 52.55 -5.62
N THR F 128 14.64 51.49 -5.01
CA THR F 128 15.49 50.46 -4.40
C THR F 128 14.96 49.08 -4.80
N THR F 129 14.72 48.90 -6.10
CA THR F 129 14.28 47.59 -6.58
C THR F 129 15.41 46.57 -6.46
N SER F 130 15.02 45.31 -6.32
CA SER F 130 15.98 44.23 -6.10
C SER F 130 15.61 43.00 -6.93
N PRO F 131 16.60 42.29 -7.47
CA PRO F 131 16.31 41.06 -8.22
C PRO F 131 15.69 40.00 -7.31
N ILE F 132 14.87 39.13 -7.92
CA ILE F 132 14.08 38.21 -7.10
C ILE F 132 14.76 36.85 -7.01
N HIS F 133 15.50 36.45 -8.03
CA HIS F 133 16.14 35.14 -8.08
C HIS F 133 17.65 35.35 -8.05
N ARG F 134 18.21 35.41 -6.85
CA ARG F 134 19.63 35.70 -6.67
C ARG F 134 20.31 34.49 -6.06
N SER F 135 21.64 34.57 -5.97
CA SER F 135 22.43 33.46 -5.46
C SER F 135 22.27 33.34 -3.94
N ALA F 136 22.52 32.15 -3.42
CA ALA F 136 22.39 31.90 -2.00
C ALA F 136 23.53 32.57 -1.23
N PRO F 137 23.32 32.88 0.04
CA PRO F 137 24.41 33.43 0.85
C PRO F 137 25.46 32.37 1.15
N ALA F 138 26.73 32.75 0.99
CA ALA F 138 27.83 31.82 1.16
C ALA F 138 27.99 31.41 2.61
N PHE F 139 28.43 30.17 2.81
CA PHE F 139 28.61 29.61 4.14
C PHE F 139 29.70 30.32 4.93
N THR F 140 30.57 31.09 4.26
CA THR F 140 31.62 31.81 4.95
C THR F 140 31.05 32.80 5.95
N GLN F 141 29.90 33.38 5.63
CA GLN F 141 29.22 34.33 6.51
C GLN F 141 27.87 33.73 6.89
N LEU F 142 27.83 33.09 8.06
CA LEU F 142 26.59 32.52 8.60
C LEU F 142 26.59 32.72 10.10
N ASP F 143 25.64 33.51 10.59
CA ASP F 143 25.54 33.75 12.02
C ASP F 143 24.74 32.63 12.68
N THR F 144 25.38 31.90 13.59
CA THR F 144 24.76 30.79 14.28
C THR F 144 24.86 31.01 15.81
N LYS F 145 23.89 31.76 16.33
CA LYS F 145 23.73 31.95 17.76
C LYS F 145 22.43 31.28 18.18
N LEU F 146 22.54 30.26 19.04
CA LEU F 146 21.40 29.43 19.39
C LEU F 146 20.68 30.06 20.58
N SER F 147 19.54 30.68 20.32
CA SER F 147 18.76 31.37 21.35
C SER F 147 17.30 30.96 21.23
N ILE F 148 16.73 30.54 22.36
CA ILE F 148 15.35 30.09 22.38
C ILE F 148 14.41 31.27 22.16
N PHE F 149 13.16 30.97 21.82
CA PHE F 149 12.16 31.97 21.48
C PHE F 149 10.87 31.68 22.23
N GLU F 150 10.24 32.72 22.75
CA GLU F 150 8.98 32.57 23.49
C GLU F 150 7.85 33.11 22.62
N THR F 151 7.17 32.20 21.93
CA THR F 151 6.08 32.60 21.04
C THR F 151 4.85 32.97 21.84
N GLY F 152 4.48 32.14 22.81
CA GLY F 152 3.28 32.38 23.59
C GLY F 152 2.49 31.10 23.77
N ILE F 153 2.75 30.13 22.91
CA ILE F 153 1.98 28.89 22.96
C ILE F 153 2.59 27.96 23.99
N LYS F 154 1.73 27.33 24.80
CA LYS F 154 2.20 26.43 25.84
C LYS F 154 3.06 25.31 25.26
N VAL F 155 2.50 24.56 24.34
CA VAL F 155 3.15 23.37 23.82
C VAL F 155 4.40 23.71 23.01
N VAL F 156 4.28 24.61 22.03
CA VAL F 156 5.41 24.82 21.12
C VAL F 156 6.33 25.91 21.66
N ASP F 157 6.11 26.34 22.91
CA ASP F 157 7.21 26.95 23.65
C ASP F 157 7.88 25.93 24.55
N LEU F 158 7.13 24.92 25.00
CA LEU F 158 7.74 23.91 25.85
C LEU F 158 8.18 22.67 25.07
N LEU F 159 7.25 22.02 24.39
CA LEU F 159 7.52 20.70 23.82
C LEU F 159 8.45 20.78 22.62
N ALA F 160 8.50 21.92 21.95
CA ALA F 160 9.28 22.09 20.73
C ALA F 160 9.65 23.56 20.59
N PRO F 161 10.66 24.02 21.33
CA PRO F 161 11.01 25.45 21.31
C PRO F 161 11.44 25.90 19.94
N TYR F 162 11.23 27.18 19.67
CA TYR F 162 11.57 27.71 18.37
C TYR F 162 12.92 28.43 18.43
N ARG F 163 13.64 28.38 17.32
CA ARG F 163 14.97 28.97 17.23
C ARG F 163 14.84 30.38 16.68
N ARG F 164 15.17 31.37 17.51
CA ARG F 164 15.14 32.75 17.07
C ARG F 164 16.18 32.97 15.98
N GLY F 165 15.75 33.58 14.88
CA GLY F 165 16.65 33.72 13.74
C GLY F 165 16.90 32.41 13.04
N GLY F 166 15.89 31.54 12.99
CA GLY F 166 16.02 30.24 12.34
C GLY F 166 14.66 29.77 11.88
N LYS F 167 14.69 28.90 10.88
CA LYS F 167 13.47 28.46 10.23
C LYS F 167 12.62 27.60 11.17
N ILE F 168 11.30 27.69 11.02
CA ILE F 168 10.34 26.98 11.84
C ILE F 168 9.23 26.46 10.94
N GLY F 169 8.79 25.24 11.16
CA GLY F 169 7.79 24.67 10.29
C GLY F 169 6.51 24.21 10.94
N LEU F 170 5.38 24.75 10.46
CA LEU F 170 4.07 24.37 10.96
C LEU F 170 3.42 23.35 10.02
N PHE F 171 3.99 22.15 10.02
CA PHE F 171 3.43 21.06 9.22
C PHE F 171 2.06 20.68 9.76
N GLY F 172 1.22 20.14 8.87
CA GLY F 172 -0.08 19.67 9.32
C GLY F 172 -0.94 19.23 8.16
N GLY F 173 -2.02 18.54 8.50
CA GLY F 173 -3.03 18.16 7.54
C GLY F 173 -3.78 19.37 7.02
N ALA F 174 -4.69 19.11 6.10
CA ALA F 174 -5.50 20.16 5.50
C ALA F 174 -6.52 20.66 6.50
N GLY F 175 -6.21 21.78 7.17
CA GLY F 175 -7.13 22.37 8.11
C GLY F 175 -7.02 21.89 9.53
N VAL F 176 -5.83 21.53 10.00
CA VAL F 176 -5.67 21.11 11.39
C VAL F 176 -5.21 22.29 12.23
N GLY F 177 -4.62 23.29 11.59
CA GLY F 177 -4.07 24.45 12.24
C GLY F 177 -3.28 25.22 11.21
N LYS F 178 -2.07 25.66 11.54
CA LYS F 178 -1.04 26.16 10.64
C LYS F 178 -1.45 27.45 9.93
N THR F 179 -2.65 27.94 10.11
CA THR F 179 -2.98 29.30 9.70
C THR F 179 -3.56 30.10 10.85
N VAL F 180 -4.39 29.49 11.68
CA VAL F 180 -4.76 30.14 12.93
C VAL F 180 -3.56 30.23 13.85
N LEU F 181 -2.65 29.26 13.79
CA LEU F 181 -1.40 29.36 14.53
C LEU F 181 -0.51 30.45 13.97
N ILE F 182 -0.46 30.57 12.65
CA ILE F 182 0.33 31.67 12.06
C ILE F 182 -0.27 33.01 12.44
N MET F 183 -1.60 33.10 12.46
CA MET F 183 -2.25 34.35 12.84
C MET F 183 -1.95 34.69 14.29
N GLU F 184 -2.00 33.71 15.19
CA GLU F 184 -1.70 34.00 16.59
C GLU F 184 -0.22 34.32 16.79
N LEU F 185 0.65 33.63 16.05
CA LEU F 185 2.08 33.89 16.20
C LEU F 185 2.44 35.28 15.70
N ILE F 186 1.84 35.72 14.60
CA ILE F 186 2.11 37.08 14.15
C ILE F 186 1.47 38.09 15.11
N ASN F 187 0.27 37.77 15.62
CA ASN F 187 -0.40 38.64 16.59
C ASN F 187 0.44 38.80 17.86
N ASN F 188 1.19 37.78 18.23
CA ASN F 188 2.07 37.87 19.39
C ASN F 188 3.36 38.63 19.04
N ILE F 189 4.08 38.15 18.03
CA ILE F 189 5.48 38.55 17.88
C ILE F 189 5.61 39.87 17.11
N ALA F 190 4.76 40.09 16.10
CA ALA F 190 4.97 41.22 15.19
C ALA F 190 4.93 42.56 15.91
N LYS F 191 4.35 42.60 17.12
CA LYS F 191 4.47 43.78 17.95
C LYS F 191 5.82 43.83 18.67
N ALA F 192 6.30 42.68 19.14
CA ALA F 192 7.51 42.65 19.96
C ALA F 192 8.75 42.88 19.13
N HIS F 193 8.85 42.23 17.97
CA HIS F 193 10.03 42.35 17.13
C HIS F 193 10.20 43.78 16.62
N GLY F 194 11.33 44.40 16.99
CA GLY F 194 11.62 45.73 16.47
C GLY F 194 11.78 45.72 14.95
N GLY F 195 12.39 44.68 14.41
CA GLY F 195 12.45 44.52 12.98
C GLY F 195 11.10 44.12 12.40
N VAL F 196 10.89 44.52 11.15
CA VAL F 196 9.60 44.33 10.50
C VAL F 196 9.38 42.85 10.20
N SER F 197 8.14 42.51 9.87
CA SER F 197 7.77 41.15 9.46
C SER F 197 7.33 41.20 8.00
N VAL F 198 7.64 40.15 7.25
CA VAL F 198 7.30 40.10 5.83
C VAL F 198 6.45 38.87 5.60
N PHE F 199 5.13 39.03 5.68
CA PHE F 199 4.21 37.91 5.51
C PHE F 199 4.08 37.60 4.03
N GLY F 200 4.20 36.33 3.68
CA GLY F 200 4.02 35.90 2.30
C GLY F 200 2.86 34.96 2.12
N GLY F 201 1.80 35.42 1.46
CA GLY F 201 0.67 34.57 1.19
C GLY F 201 0.90 33.70 -0.04
N VAL F 202 1.79 32.71 0.09
CA VAL F 202 2.15 31.87 -1.05
C VAL F 202 1.04 30.87 -1.28
N GLY F 203 0.15 31.17 -2.22
CA GLY F 203 -0.91 30.22 -2.55
C GLY F 203 -1.89 29.97 -1.42
N GLU F 204 -2.05 30.94 -0.53
CA GLU F 204 -3.06 30.87 0.51
C GLU F 204 -4.40 31.36 -0.05
N ARG F 205 -5.47 30.92 0.59
CA ARG F 205 -6.81 31.35 0.20
C ARG F 205 -6.95 32.85 0.44
N THR F 206 -7.69 33.52 -0.44
CA THR F 206 -7.71 34.99 -0.43
C THR F 206 -8.43 35.52 0.80
N ARG F 207 -9.49 34.84 1.24
CA ARG F 207 -10.28 35.35 2.35
C ARG F 207 -9.50 35.33 3.65
N GLU F 208 -8.60 34.36 3.82
CA GLU F 208 -7.72 34.38 4.98
C GLU F 208 -6.67 35.47 4.85
N GLY F 209 -6.27 35.77 3.61
CA GLY F 209 -5.43 36.94 3.41
C GLY F 209 -6.13 38.23 3.75
N ASN F 210 -7.42 38.32 3.39
CA ASN F 210 -8.23 39.46 3.80
C ASN F 210 -8.33 39.55 5.31
N ASP F 211 -8.57 38.43 5.98
CA ASP F 211 -8.66 38.43 7.44
C ASP F 211 -7.35 38.88 8.06
N LEU F 212 -6.23 38.44 7.50
CA LEU F 212 -4.94 38.82 8.07
C LEU F 212 -4.65 40.29 7.83
N TYR F 213 -5.03 40.82 6.66
CA TYR F 213 -4.82 42.24 6.40
C TYR F 213 -5.66 43.09 7.35
N MET F 214 -6.93 42.70 7.54
CA MET F 214 -7.79 43.43 8.48
C MET F 214 -7.27 43.33 9.91
N GLU F 215 -6.77 42.15 10.29
CA GLU F 215 -6.30 41.96 11.66
C GLU F 215 -5.00 42.72 11.89
N MET F 216 -4.15 42.83 10.86
CA MET F 216 -2.95 43.65 10.98
C MET F 216 -3.30 45.13 11.07
N LYS F 217 -4.23 45.61 10.24
CA LYS F 217 -4.53 47.04 10.26
C LYS F 217 -5.33 47.41 11.51
N GLU F 218 -5.97 46.43 12.15
CA GLU F 218 -6.68 46.71 13.40
C GLU F 218 -5.76 46.57 14.61
N SER F 219 -4.73 45.73 14.50
CA SER F 219 -3.82 45.50 15.62
C SER F 219 -2.68 46.51 15.66
N GLY F 220 -2.78 47.60 14.90
CA GLY F 220 -1.75 48.61 14.90
C GLY F 220 -0.49 48.25 14.15
N VAL F 221 -0.44 47.07 13.53
CA VAL F 221 0.77 46.67 12.83
C VAL F 221 0.90 47.42 11.50
N ILE F 222 -0.19 47.49 10.75
CA ILE F 222 -0.18 48.22 9.48
C ILE F 222 -0.19 49.73 9.74
N ASN F 223 -1.02 50.18 10.68
CA ASN F 223 -1.19 51.61 10.98
C ASN F 223 -1.61 52.38 9.74
N GLU F 224 -2.83 52.09 9.28
CA GLU F 224 -3.42 52.68 8.07
C GLU F 224 -3.29 54.20 8.02
N GLN F 225 -3.26 54.88 9.16
CA GLN F 225 -3.09 56.34 9.16
C GLN F 225 -1.72 56.74 8.61
N ASN F 226 -0.67 56.06 9.06
CA ASN F 226 0.68 56.30 8.59
C ASN F 226 1.20 55.02 7.93
N ILE F 227 0.95 54.88 6.63
CA ILE F 227 1.22 53.61 5.96
C ILE F 227 2.72 53.36 5.86
N ALA F 228 3.53 54.41 5.92
CA ALA F 228 4.97 54.27 5.81
C ALA F 228 5.64 53.86 7.11
N GLU F 229 4.87 53.55 8.15
CA GLU F 229 5.41 53.23 9.47
C GLU F 229 5.32 51.75 9.80
N SER F 230 4.49 51.00 9.08
CA SER F 230 4.10 49.65 9.46
C SER F 230 5.31 48.75 9.72
N LYS F 231 5.14 47.84 10.67
CA LYS F 231 6.12 46.79 10.93
C LYS F 231 5.82 45.52 10.17
N VAL F 232 5.09 45.60 9.05
CA VAL F 232 4.78 44.43 8.24
C VAL F 232 4.78 44.86 6.78
N ALA F 233 5.12 43.93 5.89
CA ALA F 233 5.14 44.15 4.46
C ALA F 233 4.69 42.88 3.75
N LEU F 234 3.42 42.84 3.36
CA LEU F 234 2.80 41.63 2.84
C LEU F 234 3.12 41.46 1.37
N VAL F 235 3.14 40.21 0.92
CA VAL F 235 3.07 39.87 -0.50
C VAL F 235 2.01 38.78 -0.65
N TYR F 236 1.09 38.97 -1.58
CA TYR F 236 0.04 38.00 -1.84
C TYR F 236 0.14 37.45 -3.26
N GLY F 237 0.43 36.17 -3.37
CA GLY F 237 0.37 35.41 -4.60
C GLY F 237 -0.70 34.36 -4.40
N GLN F 238 -1.84 34.79 -3.88
CA GLN F 238 -2.81 33.92 -3.22
C GLN F 238 -3.38 32.88 -4.18
N MET F 239 -4.24 32.02 -3.62
CA MET F 239 -4.66 30.77 -4.25
C MET F 239 -5.11 30.95 -5.70
N ASN F 240 -5.79 32.06 -6.02
CA ASN F 240 -6.33 32.26 -7.36
C ASN F 240 -5.38 32.98 -8.30
N GLU F 241 -4.15 32.50 -8.46
CA GLU F 241 -3.20 33.11 -9.37
C GLU F 241 -2.61 32.04 -10.27
N PRO F 242 -2.15 32.41 -11.47
CA PRO F 242 -1.61 31.41 -12.39
C PRO F 242 -0.39 30.74 -11.78
N PRO F 243 -0.12 29.49 -12.16
CA PRO F 243 0.95 28.72 -11.48
C PRO F 243 2.31 29.35 -11.54
N GLY F 244 2.54 30.29 -12.47
CA GLY F 244 3.75 31.08 -12.40
C GLY F 244 3.81 31.95 -11.15
N ALA F 245 2.68 32.53 -10.76
CA ALA F 245 2.67 33.48 -9.66
C ALA F 245 2.97 32.82 -8.32
N ARG F 246 2.32 31.68 -8.05
CA ARG F 246 2.58 30.96 -6.80
C ARG F 246 3.99 30.37 -6.80
N MET F 247 4.61 30.26 -7.97
CA MET F 247 5.96 29.73 -8.05
C MET F 247 7.00 30.74 -7.58
N ARG F 248 6.62 32.02 -7.50
CA ARG F 248 7.60 33.06 -7.27
C ARG F 248 7.19 34.09 -6.22
N VAL F 249 5.96 34.03 -5.70
CA VAL F 249 5.61 34.98 -4.64
C VAL F 249 6.38 34.66 -3.37
N GLY F 250 6.74 33.39 -3.18
CA GLY F 250 7.67 33.05 -2.11
C GLY F 250 9.01 33.72 -2.29
N LEU F 251 9.49 33.78 -3.53
CA LEU F 251 10.75 34.47 -3.79
C LEU F 251 10.60 35.97 -3.64
N THR F 252 9.40 36.50 -3.85
CA THR F 252 9.18 37.93 -3.61
C THR F 252 9.28 38.24 -2.12
N ALA F 253 8.61 37.44 -1.29
CA ALA F 253 8.76 37.58 0.15
C ALA F 253 10.21 37.43 0.58
N LEU F 254 10.90 36.46 -0.01
CA LEU F 254 12.32 36.27 0.30
C LEU F 254 13.16 37.46 -0.13
N THR F 255 12.81 38.11 -1.23
CA THR F 255 13.59 39.26 -1.66
C THR F 255 13.39 40.44 -0.73
N MET F 256 12.16 40.68 -0.28
CA MET F 256 11.93 41.73 0.70
C MET F 256 12.68 41.44 2.00
N ALA F 257 12.60 40.20 2.48
CA ALA F 257 13.27 39.85 3.72
C ALA F 257 14.79 39.91 3.58
N GLU F 258 15.31 39.47 2.43
CA GLU F 258 16.74 39.52 2.19
C GLU F 258 17.24 40.94 2.08
N TYR F 259 16.44 41.85 1.54
CA TYR F 259 16.82 43.26 1.59
C TYR F 259 16.86 43.75 3.03
N PHE F 260 15.84 43.40 3.82
CA PHE F 260 15.78 43.89 5.19
C PHE F 260 16.84 43.22 6.07
N ARG F 261 17.46 42.16 5.57
CA ARG F 261 18.54 41.51 6.34
C ARG F 261 19.91 41.85 5.79
N ASP F 262 19.99 42.34 4.55
CA ASP F 262 21.28 42.66 3.96
C ASP F 262 21.63 44.13 4.15
N VAL F 263 20.63 45.01 4.08
CA VAL F 263 20.85 46.45 4.08
C VAL F 263 20.37 47.10 5.38
N ASN F 264 19.12 46.85 5.76
CA ASN F 264 18.56 47.55 6.92
C ASN F 264 19.06 47.02 8.24
N GLU F 265 19.76 45.88 8.25
CA GLU F 265 20.49 45.39 9.41
C GLU F 265 19.56 45.09 10.59
N GLN F 266 18.34 44.66 10.27
CA GLN F 266 17.34 44.36 11.28
C GLN F 266 16.84 42.93 11.12
N ASP F 267 16.60 42.28 12.25
CA ASP F 267 16.13 40.90 12.25
C ASP F 267 14.64 40.90 11.90
N VAL F 268 14.27 40.17 10.85
CA VAL F 268 12.93 40.20 10.31
C VAL F 268 12.29 38.84 10.49
N LEU F 269 10.96 38.82 10.50
CA LEU F 269 10.17 37.64 10.81
C LEU F 269 9.21 37.40 9.65
N LEU F 270 9.62 36.61 8.67
CA LEU F 270 8.77 36.34 7.51
C LEU F 270 7.89 35.14 7.82
N PHE F 271 6.59 35.30 7.64
CA PHE F 271 5.66 34.18 7.67
C PHE F 271 5.28 33.85 6.23
N ILE F 272 5.66 32.67 5.78
CA ILE F 272 5.16 32.13 4.52
C ILE F 272 4.04 31.18 4.87
N ASP F 273 2.87 31.39 4.27
CA ASP F 273 1.78 30.46 4.45
C ASP F 273 1.69 29.51 3.28
N ASN F 274 1.56 28.23 3.60
CA ASN F 274 1.44 27.15 2.62
C ASN F 274 2.59 27.18 1.62
N ILE F 275 3.80 26.95 2.14
CA ILE F 275 4.97 26.78 1.30
C ILE F 275 4.83 25.59 0.35
N PHE F 276 3.88 24.71 0.60
CA PHE F 276 3.63 23.60 -0.30
C PHE F 276 3.10 24.08 -1.64
N ARG F 277 2.47 25.26 -1.67
CA ARG F 277 2.07 25.83 -2.95
C ARG F 277 3.27 26.20 -3.81
N PHE F 278 4.38 26.58 -3.17
CA PHE F 278 5.60 26.91 -3.91
C PHE F 278 6.18 25.68 -4.60
N VAL F 279 5.71 24.49 -4.21
CA VAL F 279 6.15 23.26 -4.87
C VAL F 279 5.07 22.75 -5.82
N GLN F 280 3.80 22.93 -5.45
CA GLN F 280 2.73 22.42 -6.30
C GLN F 280 2.61 23.25 -7.58
N ALA F 281 2.74 24.57 -7.48
CA ALA F 281 2.74 25.39 -8.69
C ALA F 281 3.93 25.06 -9.56
N GLY F 282 5.08 24.79 -8.95
CA GLY F 282 6.21 24.27 -9.69
C GLY F 282 5.87 22.97 -10.40
N SER F 283 5.06 22.12 -9.77
CA SER F 283 4.61 20.90 -10.43
C SER F 283 3.75 21.21 -11.66
N GLU F 284 2.75 22.07 -11.50
CA GLU F 284 1.84 22.37 -12.60
C GLU F 284 2.57 23.04 -13.76
N VAL F 285 3.67 23.75 -13.50
CA VAL F 285 4.39 24.33 -14.63
C VAL F 285 5.40 23.33 -15.20
N SER F 286 5.98 22.49 -14.34
CA SER F 286 7.00 21.55 -14.80
C SER F 286 6.40 20.48 -15.68
N ALA F 287 5.14 20.11 -15.42
CA ALA F 287 4.45 19.18 -16.30
C ALA F 287 4.46 19.68 -17.74
N LEU F 288 4.02 20.92 -17.95
CA LEU F 288 3.95 21.46 -19.31
C LEU F 288 5.33 21.80 -19.85
N LEU F 289 6.27 22.16 -18.97
CA LEU F 289 7.56 22.71 -19.39
C LEU F 289 8.37 21.74 -20.23
N GLY F 290 8.12 20.44 -20.11
CA GLY F 290 8.93 19.44 -20.77
C GLY F 290 9.79 18.63 -19.82
N ARG F 291 9.83 19.00 -18.55
CA ARG F 291 10.60 18.24 -17.58
C ARG F 291 9.81 16.99 -17.20
N MET F 292 10.52 15.87 -17.04
CA MET F 292 9.86 14.61 -16.79
C MET F 292 9.23 14.60 -15.41
N PRO F 293 8.14 13.87 -15.21
CA PRO F 293 7.57 13.78 -13.87
C PRO F 293 8.42 12.93 -12.95
N SER F 294 8.48 13.35 -11.70
CA SER F 294 9.20 12.72 -10.60
C SER F 294 8.28 11.73 -9.91
N ALA F 295 8.55 11.46 -8.63
CA ALA F 295 7.63 10.69 -7.80
C ALA F 295 6.32 11.45 -7.67
N VAL F 296 5.49 11.07 -6.70
CA VAL F 296 4.02 10.95 -6.77
C VAL F 296 3.31 11.92 -7.70
N GLY F 297 4.01 12.93 -8.24
CA GLY F 297 3.43 13.84 -9.21
C GLY F 297 4.05 15.22 -9.20
N TYR F 298 5.03 15.45 -8.35
CA TYR F 298 5.68 16.75 -8.27
C TYR F 298 6.73 16.91 -9.37
N GLN F 299 7.34 18.08 -9.40
CA GLN F 299 8.37 18.40 -10.37
C GLN F 299 9.62 17.55 -10.11
N PRO F 300 10.52 17.43 -11.10
CA PRO F 300 11.79 16.73 -10.84
C PRO F 300 12.67 17.49 -9.86
N THR F 301 12.88 18.78 -10.12
CA THR F 301 13.70 19.62 -9.25
C THR F 301 12.86 20.17 -8.09
N LEU F 302 12.21 19.26 -7.39
CA LEU F 302 11.50 19.63 -6.17
C LEU F 302 12.48 20.07 -5.10
N SER F 303 13.53 19.27 -4.88
CA SER F 303 14.42 19.52 -3.75
C SER F 303 15.28 20.74 -3.98
N THR F 304 15.76 20.94 -5.22
CA THR F 304 16.64 22.07 -5.49
C THR F 304 15.86 23.38 -5.49
N GLU F 305 14.62 23.35 -5.98
CA GLU F 305 13.78 24.55 -5.90
C GLU F 305 13.41 24.87 -4.46
N MET F 306 12.97 23.85 -3.72
CA MET F 306 12.65 24.05 -2.31
C MET F 306 13.86 24.57 -1.54
N GLY F 307 15.06 24.08 -1.86
CA GLY F 307 16.26 24.61 -1.24
C GLY F 307 16.56 26.02 -1.69
N SER F 308 16.26 26.34 -2.95
CA SER F 308 16.49 27.68 -3.46
C SER F 308 15.61 28.69 -2.73
N LEU F 309 14.48 28.23 -2.21
CA LEU F 309 13.70 29.12 -1.34
C LEU F 309 14.23 29.09 0.09
N GLN F 310 14.45 27.90 0.65
CA GLN F 310 14.64 27.79 2.10
C GLN F 310 16.05 28.21 2.53
N GLU F 311 17.04 28.09 1.65
CA GLU F 311 18.41 28.38 2.06
C GLU F 311 18.64 29.88 2.20
N ARG F 312 17.90 30.68 1.45
CA ARG F 312 18.09 32.12 1.51
C ARG F 312 17.58 32.69 2.83
N ILE F 313 16.95 31.87 3.65
CA ILE F 313 16.48 32.28 4.97
C ILE F 313 17.48 31.88 6.04
N THR F 314 18.48 32.72 6.30
CA THR F 314 19.52 32.40 7.26
C THR F 314 20.00 33.65 7.97
N SER F 315 20.28 33.53 9.26
CA SER F 315 20.90 34.62 10.00
C SER F 315 22.33 34.82 9.54
N THR F 316 22.62 35.98 8.95
CA THR F 316 23.83 36.15 8.16
C THR F 316 24.68 37.32 8.66
N LYS F 317 24.85 37.45 9.97
CA LYS F 317 25.77 38.36 10.66
C LYS F 317 25.37 39.83 10.47
N GLU F 318 24.36 40.12 9.67
CA GLU F 318 23.81 41.45 9.52
C GLU F 318 22.45 41.55 10.19
N GLY F 319 21.89 40.42 10.58
CA GLY F 319 20.55 40.34 11.13
C GLY F 319 20.21 38.89 11.36
N SER F 320 18.91 38.61 11.40
CA SER F 320 18.42 37.25 11.60
C SER F 320 17.02 37.14 11.02
N ILE F 321 16.86 36.35 9.97
CA ILE F 321 15.53 36.12 9.38
C ILE F 321 14.96 34.88 10.06
N THR F 322 14.28 35.10 11.17
CA THR F 322 13.41 34.06 11.70
C THR F 322 12.21 33.90 10.78
N SER F 323 11.80 32.66 10.54
CA SER F 323 10.76 32.38 9.56
C SER F 323 9.93 31.19 10.00
N ILE F 324 8.64 31.27 9.76
CA ILE F 324 7.71 30.21 10.15
C ILE F 324 6.89 29.87 8.91
N GLN F 325 7.32 28.85 8.16
CA GLN F 325 6.61 28.39 6.98
C GLN F 325 5.52 27.43 7.40
N ALA F 326 4.30 27.70 6.97
CA ALA F 326 3.16 26.82 7.26
C ALA F 326 3.07 25.74 6.19
N VAL F 327 4.03 24.82 6.25
CA VAL F 327 4.09 23.73 5.27
C VAL F 327 2.79 22.97 5.28
N TYR F 328 2.33 22.59 4.10
CA TYR F 328 1.09 21.83 3.95
C TYR F 328 1.46 20.39 3.62
N VAL F 329 1.08 19.48 4.49
CA VAL F 329 1.31 18.06 4.25
C VAL F 329 0.16 17.55 3.39
N PRO F 330 0.43 17.02 2.20
CA PRO F 330 -0.67 16.67 1.28
C PRO F 330 -1.46 15.50 1.84
N ALA F 331 -2.65 15.79 2.36
CA ALA F 331 -3.53 14.80 2.97
C ALA F 331 -2.84 14.04 4.10
N ASP F 332 -1.98 14.73 4.84
CA ASP F 332 -1.18 14.16 5.93
C ASP F 332 -0.34 12.97 5.46
N ASP F 333 0.09 13.01 4.21
CA ASP F 333 1.13 12.12 3.69
C ASP F 333 2.46 12.66 4.20
N LEU F 334 2.80 12.34 5.44
CA LEU F 334 4.02 12.86 6.04
C LEU F 334 5.29 12.28 5.41
N THR F 335 5.15 11.40 4.43
CA THR F 335 6.27 10.85 3.69
C THR F 335 6.36 11.40 2.27
N ASP F 336 5.41 12.25 1.88
CA ASP F 336 5.37 12.78 0.53
C ASP F 336 6.64 13.62 0.26
N PRO F 337 7.02 13.79 -1.00
CA PRO F 337 8.23 14.58 -1.28
C PRO F 337 8.17 16.02 -0.81
N ALA F 338 7.01 16.66 -0.90
CA ALA F 338 6.92 18.08 -0.56
C ALA F 338 7.18 18.36 0.92
N PRO F 339 6.71 17.56 1.88
CA PRO F 339 7.19 17.77 3.25
C PRO F 339 8.50 17.04 3.54
N ALA F 340 8.81 15.97 2.79
CA ALA F 340 10.02 15.21 3.07
C ALA F 340 11.27 16.00 2.72
N THR F 341 11.15 16.92 1.76
CA THR F 341 12.30 17.75 1.43
C THR F 341 12.38 18.97 2.35
N THR F 342 11.27 19.34 2.99
CA THR F 342 11.28 20.56 3.80
C THR F 342 11.62 20.23 5.25
N PHE F 343 11.45 18.96 5.65
CA PHE F 343 11.90 18.55 6.97
C PHE F 343 13.41 18.69 7.11
N ALA F 344 14.15 18.53 6.01
CA ALA F 344 15.60 18.65 6.08
C ALA F 344 16.02 20.10 6.31
N HIS F 345 15.28 21.05 5.77
CA HIS F 345 15.60 22.47 5.90
C HIS F 345 15.05 23.10 7.17
N LEU F 346 13.95 22.58 7.71
CA LEU F 346 13.24 23.24 8.78
C LEU F 346 13.80 22.83 10.13
N ASP F 347 14.27 23.81 10.90
CA ASP F 347 14.96 23.53 12.16
C ASP F 347 13.98 23.08 13.24
N ALA F 348 13.05 23.96 13.62
CA ALA F 348 12.11 23.66 14.70
C ALA F 348 10.75 23.26 14.12
N THR F 349 10.74 22.09 13.47
CA THR F 349 9.52 21.61 12.84
C THR F 349 8.44 21.36 13.89
N THR F 350 7.19 21.41 13.45
CA THR F 350 6.03 21.28 14.34
C THR F 350 4.90 20.63 13.56
N VAL F 351 4.77 19.32 13.69
CA VAL F 351 3.81 18.55 12.91
C VAL F 351 2.46 18.60 13.61
N LEU F 352 1.50 19.32 13.02
CA LEU F 352 0.15 19.37 13.54
C LEU F 352 -0.63 18.19 12.98
N SER F 353 -1.45 17.56 13.81
CA SER F 353 -2.07 16.29 13.45
C SER F 353 -3.59 16.42 13.45
N ARG F 354 -4.22 15.89 12.39
CA ARG F 354 -5.68 15.76 12.39
C ARG F 354 -6.16 14.79 13.46
N GLY F 355 -5.32 13.82 13.84
CA GLY F 355 -5.72 12.88 14.87
C GLY F 355 -5.97 13.54 16.21
N LEU F 356 -5.13 14.49 16.58
CA LEU F 356 -5.32 15.22 17.83
C LEU F 356 -6.16 16.48 17.64
N ALA F 357 -6.79 16.64 16.48
CA ALA F 357 -7.80 17.67 16.27
C ALA F 357 -9.20 17.12 16.23
N ALA F 358 -9.37 15.87 15.77
CA ALA F 358 -10.69 15.27 15.69
C ALA F 358 -11.29 15.11 17.09
N LYS F 359 -10.44 14.98 18.11
CA LYS F 359 -10.94 14.98 19.48
C LYS F 359 -10.98 16.37 20.09
N GLY F 360 -10.73 17.41 19.31
CA GLY F 360 -10.95 18.77 19.75
C GLY F 360 -9.81 19.43 20.49
N ILE F 361 -8.67 18.76 20.63
CA ILE F 361 -7.55 19.35 21.35
C ILE F 361 -6.84 20.36 20.47
N TYR F 362 -7.18 21.62 20.61
CA TYR F 362 -6.55 22.62 19.77
C TYR F 362 -5.58 23.46 20.58
N PRO F 363 -4.40 23.83 20.06
CA PRO F 363 -3.91 23.56 18.70
C PRO F 363 -3.63 22.09 18.45
N ALA F 364 -3.70 21.66 17.19
CA ALA F 364 -3.62 20.25 16.86
C ALA F 364 -2.18 19.78 16.76
N VAL F 365 -1.26 20.54 17.34
CA VAL F 365 0.14 20.15 17.36
C VAL F 365 0.31 18.80 18.03
N ASP F 366 1.07 17.92 17.38
CA ASP F 366 1.38 16.63 17.96
C ASP F 366 2.45 16.83 19.02
N PRO F 367 2.26 16.30 20.23
CA PRO F 367 3.32 16.41 21.24
C PRO F 367 4.56 15.60 20.87
N LEU F 368 4.38 14.48 20.20
CA LEU F 368 5.51 13.62 19.85
C LEU F 368 6.20 14.09 18.57
N ASP F 369 5.45 14.19 17.48
CA ASP F 369 6.06 14.44 16.17
C ASP F 369 6.72 15.81 16.13
N SER F 370 6.06 16.83 16.68
CA SER F 370 6.67 18.15 16.74
C SER F 370 7.92 18.13 17.59
N THR F 371 9.07 18.27 16.94
CA THR F 371 10.36 18.23 17.61
C THR F 371 11.24 19.35 17.08
N SER F 372 12.16 19.81 17.90
CA SER F 372 13.05 20.90 17.54
C SER F 372 14.47 20.60 18.00
N THR F 373 15.44 21.07 17.21
CA THR F 373 16.84 20.99 17.61
C THR F 373 17.23 22.08 18.57
N MET F 374 16.26 22.81 19.13
CA MET F 374 16.50 23.69 20.27
C MET F 374 16.09 23.05 21.58
N LEU F 375 15.71 21.78 21.58
CA LEU F 375 15.46 21.05 22.81
C LEU F 375 16.73 20.37 23.31
N GLN F 376 17.89 20.89 22.96
CA GLN F 376 19.10 20.45 23.63
C GLN F 376 19.22 21.17 24.97
N PRO F 377 19.70 20.49 26.01
CA PRO F 377 19.56 21.03 27.37
C PRO F 377 20.38 22.27 27.63
N ARG F 378 21.64 22.29 27.19
CA ARG F 378 22.49 23.45 27.43
C ARG F 378 21.98 24.69 26.69
N ILE F 379 21.08 24.48 25.73
CA ILE F 379 20.54 25.62 24.99
C ILE F 379 19.21 26.08 25.61
N VAL F 380 18.37 25.14 26.03
CA VAL F 380 17.01 25.49 26.42
C VAL F 380 16.81 25.59 27.93
N GLY F 381 17.77 25.18 28.74
CA GLY F 381 17.55 25.16 30.18
C GLY F 381 17.33 23.74 30.67
N GLU F 382 17.99 23.38 31.77
CA GLU F 382 18.03 21.97 32.17
C GLU F 382 16.66 21.49 32.65
N GLU F 383 16.00 22.28 33.50
CA GLU F 383 14.70 21.85 34.03
C GLU F 383 13.65 21.84 32.93
N HIS F 384 13.71 22.82 32.02
CA HIS F 384 12.80 22.82 30.88
C HIS F 384 13.01 21.60 30.00
N TYR F 385 14.28 21.24 29.76
CA TYR F 385 14.57 20.06 28.96
C TYR F 385 14.05 18.80 29.63
N GLU F 386 14.19 18.73 30.96
CA GLU F 386 13.73 17.53 31.67
C GLU F 386 12.21 17.43 31.62
N ILE F 387 11.51 18.56 31.76
CA ILE F 387 10.06 18.54 31.69
C ILE F 387 9.59 18.16 30.29
N ALA F 388 10.28 18.67 29.26
CA ALA F 388 9.93 18.30 27.89
C ALA F 388 10.15 16.82 27.66
N GLN F 389 11.25 16.26 28.16
CA GLN F 389 11.51 14.84 28.01
C GLN F 389 10.44 14.01 28.72
N ARG F 390 10.03 14.43 29.92
CA ARG F 390 9.04 13.66 30.66
C ARG F 390 7.67 13.75 30.00
N VAL F 391 7.32 14.91 29.46
CA VAL F 391 6.04 15.05 28.76
C VAL F 391 6.02 14.20 27.51
N LYS F 392 7.09 14.26 26.71
CA LYS F 392 7.14 13.46 25.49
C LYS F 392 7.13 11.97 25.81
N GLU F 393 7.80 11.56 26.89
CA GLU F 393 7.78 10.14 27.25
C GLU F 393 6.41 9.70 27.72
N THR F 394 5.71 10.55 28.47
CA THR F 394 4.38 10.19 28.92
C THR F 394 3.42 10.09 27.75
N LEU F 395 3.53 11.01 26.79
CA LEU F 395 2.69 10.93 25.60
C LEU F 395 3.05 9.73 24.74
N GLN F 396 4.33 9.34 24.69
CA GLN F 396 4.70 8.15 23.94
C GLN F 396 4.15 6.90 24.59
N ARG F 397 4.17 6.85 25.92
CA ARG F 397 3.58 5.73 26.63
C ARG F 397 2.08 5.66 26.39
N TYR F 398 1.41 6.81 26.32
CA TYR F 398 -0.01 6.82 26.01
C TYR F 398 -0.28 6.35 24.59
N LYS F 399 0.55 6.77 23.64
CA LYS F 399 0.36 6.34 22.26
C LYS F 399 0.62 4.84 22.12
N GLU F 400 1.50 4.30 22.95
CA GLU F 400 1.73 2.86 22.92
C GLU F 400 0.65 2.08 23.65
N LEU F 401 -0.03 2.69 24.63
CA LEU F 401 -1.14 2.04 25.31
C LEU F 401 -2.48 2.32 24.63
N GLN F 402 -2.49 3.10 23.55
CA GLN F 402 -3.74 3.34 22.82
C GLN F 402 -4.33 2.06 22.27
N ASP F 403 -3.50 1.07 21.95
CA ASP F 403 -4.00 -0.19 21.41
C ASP F 403 -4.62 -1.05 22.51
N ILE F 404 -3.98 -1.09 23.67
CA ILE F 404 -4.50 -1.87 24.79
C ILE F 404 -5.78 -1.24 25.33
N ILE F 405 -5.79 0.08 25.45
CA ILE F 405 -6.96 0.80 25.96
C ILE F 405 -8.15 0.58 25.03
N ALA F 406 -7.93 0.74 23.71
CA ALA F 406 -9.05 0.74 22.77
C ALA F 406 -9.72 -0.63 22.69
N ILE F 407 -8.93 -1.70 22.81
CA ILE F 407 -9.44 -3.05 22.64
C ILE F 407 -9.77 -3.71 23.97
N LEU F 408 -8.76 -3.88 24.83
CA LEU F 408 -8.95 -4.70 26.02
C LEU F 408 -9.50 -3.93 27.21
N GLY F 409 -9.98 -2.71 27.02
CA GLY F 409 -10.56 -1.97 28.11
C GLY F 409 -9.54 -1.20 28.92
N LEU F 410 -9.96 -0.07 29.49
CA LEU F 410 -9.05 0.80 30.24
C LEU F 410 -8.53 0.09 31.48
N ASP F 411 -9.27 -0.92 31.98
CA ASP F 411 -8.94 -1.51 33.28
C ASP F 411 -7.86 -2.57 33.16
N GLU F 412 -7.70 -3.17 31.98
CA GLU F 412 -6.86 -4.36 31.84
C GLU F 412 -5.37 -4.05 31.91
N LEU F 413 -4.98 -2.80 32.13
CA LEU F 413 -3.57 -2.48 32.33
C LEU F 413 -3.28 -2.20 33.80
N SER F 414 -2.02 -1.90 34.09
CA SER F 414 -1.55 -1.79 35.47
C SER F 414 -2.20 -0.61 36.18
N GLU F 415 -1.87 -0.47 37.48
CA GLU F 415 -2.42 0.64 38.25
C GLU F 415 -1.40 1.74 38.46
N GLU F 416 -0.14 1.50 38.08
CA GLU F 416 0.80 2.59 37.87
C GLU F 416 0.70 3.11 36.44
N ASP F 417 0.57 2.18 35.48
CA ASP F 417 0.38 2.58 34.09
C ASP F 417 -0.96 3.29 33.91
N ARG F 418 -1.95 3.00 34.76
CA ARG F 418 -3.18 3.76 34.71
C ARG F 418 -2.94 5.20 35.18
N LEU F 419 -2.07 5.38 36.17
CA LEU F 419 -1.70 6.73 36.57
C LEU F 419 -0.97 7.45 35.44
N THR F 420 -0.13 6.72 34.70
CA THR F 420 0.54 7.33 33.56
C THR F 420 -0.44 7.67 32.45
N VAL F 421 -1.48 6.86 32.27
CA VAL F 421 -2.49 7.16 31.25
C VAL F 421 -3.28 8.41 31.64
N ALA F 422 -3.75 8.47 32.88
CA ALA F 422 -4.48 9.66 33.31
C ALA F 422 -3.59 10.90 33.28
N ARG F 423 -2.30 10.73 33.60
CA ARG F 423 -1.37 11.85 33.54
C ARG F 423 -1.14 12.30 32.11
N ALA F 424 -1.09 11.35 31.17
CA ALA F 424 -0.93 11.70 29.77
C ALA F 424 -2.16 12.41 29.24
N ARG F 425 -3.34 11.99 29.71
CA ARG F 425 -4.56 12.70 29.33
C ARG F 425 -4.53 14.13 29.86
N LYS F 426 -4.17 14.29 31.14
CA LYS F 426 -4.06 15.62 31.72
C LYS F 426 -3.09 16.49 30.94
N ILE F 427 -1.94 15.93 30.56
CA ILE F 427 -0.93 16.70 29.85
C ILE F 427 -1.43 17.08 28.46
N GLU F 428 -1.92 16.10 27.70
CA GLU F 428 -2.29 16.37 26.31
C GLU F 428 -3.56 17.21 26.22
N ARG F 429 -4.28 17.37 27.32
CA ARG F 429 -5.36 18.36 27.32
C ARG F 429 -4.87 19.71 27.82
N PHE F 430 -3.92 19.71 28.75
CA PHE F 430 -3.38 20.97 29.26
C PHE F 430 -2.62 21.72 28.19
N LEU F 431 -1.99 21.00 27.25
CA LEU F 431 -1.32 21.70 26.17
C LEU F 431 -2.31 22.07 25.07
N SER F 432 -3.49 22.55 25.49
CA SER F 432 -4.44 23.22 24.61
C SER F 432 -4.35 24.70 24.94
N GLN F 433 -4.70 25.55 24.00
CA GLN F 433 -4.50 26.96 24.21
C GLN F 433 -5.65 27.77 23.63
N PRO F 434 -6.24 28.67 24.40
CA PRO F 434 -7.16 29.64 23.81
C PRO F 434 -6.39 30.75 23.11
N PHE F 435 -6.39 30.75 21.79
CA PHE F 435 -5.71 31.81 21.05
C PHE F 435 -6.57 33.07 21.04
N PHE F 436 -5.90 34.21 20.83
CA PHE F 436 -6.64 35.46 20.68
C PHE F 436 -7.38 35.50 19.34
N VAL F 437 -6.79 34.90 18.31
CA VAL F 437 -7.42 34.91 16.98
C VAL F 437 -8.33 33.72 16.79
N ALA F 438 -8.27 32.71 17.66
CA ALA F 438 -9.17 31.58 17.60
C ALA F 438 -10.33 31.71 18.59
N GLU F 439 -10.65 32.93 19.01
CA GLU F 439 -11.80 33.12 19.88
C GLU F 439 -13.10 32.98 19.13
N VAL F 440 -13.09 33.18 17.81
CA VAL F 440 -14.31 33.06 17.02
C VAL F 440 -14.66 31.59 16.82
N PHE F 441 -13.67 30.70 16.94
CA PHE F 441 -13.93 29.28 16.83
C PHE F 441 -14.24 28.67 18.20
N THR F 442 -13.57 29.16 19.25
CA THR F 442 -13.78 28.61 20.59
C THR F 442 -15.01 29.22 21.26
N GLY F 443 -15.22 30.52 21.08
CA GLY F 443 -16.26 31.23 21.79
C GLY F 443 -15.82 31.78 23.13
N SER F 444 -14.66 31.36 23.64
CA SER F 444 -14.06 31.77 24.90
C SER F 444 -12.87 32.69 24.65
N PRO F 445 -12.59 33.63 25.55
CA PRO F 445 -11.47 34.54 25.33
C PRO F 445 -10.14 33.82 25.35
N GLY F 446 -9.11 34.49 24.83
CA GLY F 446 -7.81 33.86 24.73
C GLY F 446 -6.89 34.25 25.88
N LYS F 447 -6.03 33.30 26.28
CA LYS F 447 -5.08 33.51 27.36
C LYS F 447 -3.68 33.25 26.84
N TYR F 448 -2.85 34.30 26.79
CA TYR F 448 -1.46 34.19 26.41
C TYR F 448 -0.65 33.82 27.64
N VAL F 449 0.07 32.70 27.57
CA VAL F 449 0.77 32.13 28.71
C VAL F 449 2.25 31.95 28.35
N GLY F 450 3.12 32.38 29.26
CA GLY F 450 4.54 32.37 28.98
C GLY F 450 5.15 30.98 29.08
N LEU F 451 6.48 30.95 28.94
CA LEU F 451 7.21 29.69 28.97
C LEU F 451 7.35 29.15 30.39
N ALA F 452 7.85 29.98 31.31
CA ALA F 452 8.09 29.53 32.67
C ALA F 452 6.78 29.09 33.34
N GLU F 453 5.67 29.71 32.95
CA GLU F 453 4.39 29.35 33.54
C GLU F 453 3.93 27.97 33.08
N THR F 454 4.14 27.64 31.81
CA THR F 454 3.78 26.29 31.36
C THR F 454 4.73 25.25 31.93
N ILE F 455 6.00 25.61 32.15
CA ILE F 455 6.89 24.66 32.82
C ILE F 455 6.41 24.39 34.23
N ARG F 456 6.07 25.45 34.97
CA ARG F 456 5.61 25.30 36.34
C ARG F 456 4.28 24.56 36.38
N GLY F 457 3.48 24.67 35.32
CA GLY F 457 2.25 23.90 35.26
C GLY F 457 2.51 22.42 35.04
N PHE F 458 3.35 22.10 34.06
CA PHE F 458 3.64 20.70 33.76
C PHE F 458 4.34 20.00 34.92
N GLN F 459 5.19 20.72 35.65
CA GLN F 459 5.85 20.13 36.81
C GLN F 459 4.83 19.60 37.81
N LEU F 460 3.82 20.40 38.13
CA LEU F 460 2.81 19.98 39.09
C LEU F 460 1.84 18.97 38.49
N ILE F 461 1.65 19.01 37.17
CA ILE F 461 0.75 18.04 36.55
C ILE F 461 1.35 16.65 36.57
N LEU F 462 2.57 16.50 36.07
CA LEU F 462 3.18 15.18 35.97
C LEU F 462 3.98 14.78 37.20
N SER F 463 4.07 15.64 38.21
CA SER F 463 4.65 15.22 39.49
C SER F 463 3.66 14.48 40.37
N GLY F 464 2.46 14.20 39.86
CA GLY F 464 1.45 13.48 40.63
C GLY F 464 0.83 14.25 41.76
N GLU F 465 1.13 15.55 41.90
CA GLU F 465 0.64 16.31 43.03
C GLU F 465 -0.83 16.69 42.88
N LEU F 466 -1.31 16.81 41.64
CA LEU F 466 -2.68 17.22 41.39
C LEU F 466 -3.41 16.32 40.40
N ASP F 467 -3.33 15.00 40.63
CA ASP F 467 -4.01 14.03 39.79
C ASP F 467 -5.47 13.83 40.15
N SER F 468 -6.06 14.76 40.90
CA SER F 468 -7.45 14.64 41.34
C SER F 468 -8.42 15.45 40.49
N LEU F 469 -7.95 16.49 39.81
CA LEU F 469 -8.82 17.35 39.04
C LEU F 469 -9.46 16.57 37.89
N PRO F 470 -10.68 16.93 37.49
CA PRO F 470 -11.32 16.24 36.36
C PRO F 470 -10.62 16.59 35.05
N GLU F 471 -10.71 15.69 34.08
CA GLU F 471 -9.99 15.85 32.83
C GLU F 471 -10.40 17.12 32.10
N GLN F 472 -11.68 17.47 32.16
CA GLN F 472 -12.15 18.65 31.45
C GLN F 472 -11.65 19.94 32.10
N ALA F 473 -11.16 19.86 33.34
CA ALA F 473 -10.64 21.05 34.00
C ALA F 473 -9.29 21.47 33.42
N PHE F 474 -8.66 20.59 32.64
CA PHE F 474 -7.41 20.96 31.98
C PHE F 474 -7.61 21.29 30.52
N TYR F 475 -8.86 21.35 30.06
CA TYR F 475 -9.11 21.55 28.63
C TYR F 475 -9.31 23.03 28.31
N LEU F 476 -8.59 23.50 27.29
CA LEU F 476 -8.67 24.87 26.80
C LEU F 476 -8.49 25.88 27.93
N VAL F 477 -7.31 25.85 28.53
CA VAL F 477 -7.05 26.60 29.75
C VAL F 477 -5.70 27.29 29.60
N GLY F 478 -5.61 28.53 30.06
CA GLY F 478 -4.38 29.30 29.86
C GLY F 478 -3.24 28.81 30.74
N ASN F 479 -3.47 28.77 32.06
CA ASN F 479 -2.42 28.42 33.00
C ASN F 479 -2.96 27.42 34.01
N ILE F 480 -2.06 26.85 34.80
CA ILE F 480 -2.44 25.82 35.76
C ILE F 480 -3.32 26.41 36.86
N ASP F 481 -3.15 27.70 37.15
CA ASP F 481 -4.02 28.35 38.14
C ASP F 481 -5.43 28.51 37.58
N GLU F 482 -5.54 28.82 36.29
CA GLU F 482 -6.86 28.86 35.66
C GLU F 482 -7.47 27.46 35.60
N ALA F 483 -6.63 26.42 35.49
CA ALA F 483 -7.14 25.06 35.54
C ALA F 483 -7.67 24.73 36.92
N THR F 484 -6.96 25.14 37.97
CA THR F 484 -7.44 24.96 39.33
C THR F 484 -8.77 25.68 39.54
N ALA F 485 -8.90 26.90 39.00
CA ALA F 485 -10.16 27.63 39.12
C ALA F 485 -11.29 26.94 38.35
N LYS F 486 -10.97 26.38 37.18
CA LYS F 486 -11.99 25.69 36.40
C LYS F 486 -12.42 24.40 37.08
N ALA F 487 -11.52 23.78 37.85
CA ALA F 487 -11.93 22.61 38.63
C ALA F 487 -12.99 22.98 39.66
N MET F 488 -12.81 24.11 40.34
CA MET F 488 -13.83 24.59 41.28
C MET F 488 -15.13 24.91 40.57
N ASN F 489 -15.04 25.60 39.43
CA ASN F 489 -16.23 25.92 38.65
C ASN F 489 -16.97 24.65 38.25
N LEU F 490 -16.24 23.62 37.82
CA LEU F 490 -16.89 22.39 37.36
C LEU F 490 -17.47 21.60 38.52
N GLU F 491 -16.79 21.60 39.68
CA GLU F 491 -17.33 20.88 40.83
C GLU F 491 -18.58 21.57 41.37
N MET F 492 -18.68 22.89 41.22
CA MET F 492 -19.90 23.57 41.61
C MET F 492 -21.01 23.34 40.60
N GLU F 493 -20.68 23.33 39.31
CA GLU F 493 -21.69 23.13 38.28
C GLU F 493 -22.20 21.69 38.29
N SER F 494 -21.38 20.75 38.78
CA SER F 494 -21.80 19.35 38.83
C SER F 494 -23.00 19.16 39.75
N LYS F 495 -22.92 19.71 40.96
CA LYS F 495 -24.03 19.56 41.91
C LYS F 495 -25.11 20.59 41.67
N LEU F 496 -24.75 21.75 41.12
CA LEU F 496 -25.75 22.77 40.81
C LEU F 496 -26.34 22.56 39.43
N ASP G 72 21.30 8.31 -35.26
CA ASP G 72 21.15 9.45 -36.17
C ASP G 72 19.83 10.17 -35.96
N SER G 73 19.63 11.23 -36.74
CA SER G 73 18.37 11.94 -36.80
C SER G 73 17.67 11.62 -38.12
N THR G 74 16.36 11.89 -38.16
CA THR G 74 15.58 11.62 -39.36
C THR G 74 16.11 12.41 -40.56
N ALA G 75 16.49 13.67 -40.34
CA ALA G 75 17.09 14.47 -41.40
C ALA G 75 18.38 13.83 -41.91
N SER G 76 19.21 13.35 -41.00
CA SER G 76 20.45 12.69 -41.41
C SER G 76 20.17 11.41 -42.17
N ARG G 77 19.09 10.71 -41.82
CA ARG G 77 18.72 9.50 -42.55
C ARG G 77 18.32 9.82 -43.98
N TYR G 78 17.50 10.85 -44.17
CA TYR G 78 17.10 11.24 -45.52
C TYR G 78 18.31 11.73 -46.33
N ALA G 79 19.18 12.50 -45.68
CA ALA G 79 20.39 12.96 -46.36
C ALA G 79 21.28 11.80 -46.75
N SER G 80 21.39 10.78 -45.91
CA SER G 80 22.20 9.62 -46.24
C SER G 80 21.57 8.83 -47.38
N ALA G 81 20.24 8.79 -47.45
CA ALA G 81 19.59 8.20 -48.60
C ALA G 81 19.96 8.92 -49.89
N LEU G 82 19.86 10.24 -49.88
CA LEU G 82 20.19 11.01 -51.08
C LEU G 82 21.67 10.86 -51.44
N ALA G 83 22.54 10.74 -50.44
CA ALA G 83 23.96 10.57 -50.72
C ALA G 83 24.25 9.19 -51.29
N ASP G 84 23.58 8.16 -50.79
CA ASP G 84 23.73 6.82 -51.37
C ASP G 84 23.25 6.80 -52.81
N VAL G 85 22.21 7.57 -53.13
CA VAL G 85 21.76 7.67 -54.52
C VAL G 85 22.82 8.39 -55.36
N ALA G 86 23.37 9.47 -54.83
CA ALA G 86 24.42 10.21 -55.54
C ALA G 86 25.67 9.35 -55.71
N ASP G 87 25.81 8.30 -54.89
CA ASP G 87 26.91 7.35 -55.07
C ASP G 87 26.59 6.35 -56.17
N VAL G 88 25.49 5.61 -56.02
CA VAL G 88 25.17 4.51 -56.90
C VAL G 88 24.88 5.01 -58.32
N THR G 89 24.46 6.26 -58.43
CA THR G 89 24.35 6.89 -59.73
C THR G 89 25.44 7.95 -59.89
N GLY G 90 26.14 7.92 -61.01
CA GLY G 90 27.29 8.79 -61.20
C GLY G 90 26.93 10.24 -61.43
N THR G 91 26.34 10.89 -60.42
CA THR G 91 25.93 12.29 -60.51
C THR G 91 26.21 13.01 -59.19
N LEU G 92 27.34 12.69 -58.55
CA LEU G 92 27.56 13.09 -57.16
C LEU G 92 27.74 14.59 -57.02
N GLU G 93 28.72 15.16 -57.73
CA GLU G 93 29.00 16.59 -57.59
C GLU G 93 27.84 17.43 -58.11
N ALA G 94 27.20 16.97 -59.19
CA ALA G 94 25.98 17.61 -59.65
C ALA G 94 24.89 17.54 -58.59
N THR G 95 24.82 16.42 -57.86
CA THR G 95 23.85 16.30 -56.78
C THR G 95 24.13 17.30 -55.67
N ASN G 96 25.41 17.50 -55.34
CA ASN G 96 25.75 18.45 -54.28
C ASN G 96 25.41 19.87 -54.69
N SER G 97 25.73 20.24 -55.94
CA SER G 97 25.37 21.57 -56.43
C SER G 97 23.86 21.75 -56.48
N ASP G 98 23.13 20.70 -56.87
CA ASP G 98 21.68 20.77 -56.90
C ASP G 98 21.09 20.88 -55.49
N VAL G 99 21.74 20.27 -54.50
CA VAL G 99 21.26 20.39 -53.13
C VAL G 99 21.52 21.80 -52.60
N GLU G 100 22.66 22.39 -52.99
CA GLU G 100 22.90 23.80 -52.64
C GLU G 100 21.83 24.70 -53.25
N LYS G 101 21.51 24.49 -54.53
CA LYS G 101 20.43 25.23 -55.16
C LYS G 101 19.10 24.99 -54.44
N LEU G 102 18.88 23.76 -53.99
CA LEU G 102 17.60 23.41 -53.38
C LEU G 102 17.45 24.00 -52.00
N ILE G 103 18.54 24.10 -51.24
CA ILE G 103 18.44 24.71 -49.91
C ILE G 103 18.33 26.23 -50.05
N ARG G 104 18.97 26.80 -51.07
CA ARG G 104 18.75 28.21 -51.38
C ARG G 104 17.29 28.45 -51.79
N ILE G 105 16.67 27.46 -52.44
CA ILE G 105 15.25 27.57 -52.77
C ILE G 105 14.41 27.47 -51.51
N PHE G 106 14.61 26.41 -50.72
CA PHE G 106 13.77 26.13 -49.57
C PHE G 106 14.10 27.00 -48.36
N SER G 107 15.00 27.98 -48.53
CA SER G 107 14.96 29.15 -47.68
C SER G 107 13.83 30.07 -48.18
N GLU G 108 13.86 31.34 -47.75
CA GLU G 108 12.88 32.30 -48.24
C GLU G 108 11.47 31.88 -47.87
N GLU G 109 11.11 32.06 -46.59
CA GLU G 109 9.98 31.45 -45.90
C GLU G 109 8.71 31.19 -46.71
N PRO G 110 8.24 32.08 -47.62
CA PRO G 110 7.02 31.75 -48.38
C PRO G 110 6.98 30.36 -49.02
N VAL G 111 8.03 29.92 -49.68
CA VAL G 111 7.97 28.63 -50.37
C VAL G 111 8.04 27.47 -49.36
N TYR G 112 8.81 27.62 -48.28
CA TYR G 112 8.84 26.62 -47.24
C TYR G 112 7.48 26.47 -46.59
N TYR G 113 6.82 27.60 -46.32
CA TYR G 113 5.49 27.58 -45.73
C TYR G 113 4.46 27.00 -46.70
N PHE G 114 4.68 27.20 -48.00
CA PHE G 114 3.79 26.60 -48.99
C PHE G 114 3.93 25.08 -49.01
N PHE G 115 5.16 24.58 -48.98
CA PHE G 115 5.35 23.13 -49.03
C PHE G 115 5.00 22.48 -47.70
N ALA G 116 5.07 23.25 -46.60
CA ALA G 116 4.46 22.88 -45.33
C ALA G 116 2.98 23.25 -45.37
N ASN G 117 2.34 23.32 -44.20
CA ASN G 117 0.95 23.77 -44.08
C ASN G 117 0.06 22.81 -44.86
N PRO G 118 -0.19 21.61 -44.32
CA PRO G 118 -0.80 20.53 -45.13
C PRO G 118 -2.22 20.78 -45.61
N VAL G 119 -2.82 21.95 -45.33
CA VAL G 119 -4.15 22.21 -45.89
C VAL G 119 -4.07 22.32 -47.41
N ILE G 120 -2.94 22.79 -47.94
CA ILE G 120 -2.76 22.88 -49.37
C ILE G 120 -2.78 21.48 -49.96
N SER G 121 -3.50 21.31 -51.07
CA SER G 121 -3.72 19.99 -51.64
C SER G 121 -2.41 19.40 -52.14
N ILE G 122 -2.26 18.09 -51.97
CA ILE G 122 -1.02 17.40 -52.33
C ILE G 122 -0.78 17.49 -53.83
N ASP G 123 -1.85 17.45 -54.62
CA ASP G 123 -1.71 17.56 -56.07
C ASP G 123 -1.13 18.91 -56.46
N ASN G 124 -1.66 20.00 -55.88
CA ASN G 124 -1.12 21.32 -56.17
C ASN G 124 0.34 21.43 -55.72
N LYS G 125 0.67 20.87 -54.56
CA LYS G 125 2.03 20.91 -54.05
C LYS G 125 2.99 20.20 -55.00
N ARG G 126 2.64 19.00 -55.44
CA ARG G 126 3.54 18.26 -56.32
C ARG G 126 3.59 18.87 -57.71
N SER G 127 2.53 19.54 -58.15
CA SER G 127 2.57 20.20 -59.45
C SER G 127 3.52 21.40 -59.42
N VAL G 128 3.41 22.24 -58.38
CA VAL G 128 4.34 23.35 -58.27
C VAL G 128 5.76 22.84 -58.03
N LEU G 129 5.88 21.67 -57.40
CA LEU G 129 7.19 21.05 -57.27
C LEU G 129 7.76 20.69 -58.64
N ASP G 130 6.95 20.06 -59.49
CA ASP G 130 7.38 19.73 -60.85
C ASP G 130 7.81 20.99 -61.60
N GLU G 131 7.06 22.08 -61.42
CA GLU G 131 7.41 23.32 -62.10
C GLU G 131 8.73 23.88 -61.60
N ILE G 132 8.97 23.85 -60.28
CA ILE G 132 10.20 24.44 -59.76
C ILE G 132 11.39 23.52 -60.05
N ILE G 133 11.14 22.23 -60.28
CA ILE G 133 12.21 21.37 -60.79
C ILE G 133 12.55 21.75 -62.23
N THR G 134 11.55 21.82 -63.10
CA THR G 134 11.83 22.07 -64.52
C THR G 134 12.28 23.50 -64.75
N THR G 135 12.13 24.37 -63.76
CA THR G 135 12.67 25.73 -63.87
C THR G 135 14.18 25.74 -63.64
N SER G 136 14.61 25.34 -62.45
CA SER G 136 16.04 25.32 -62.11
C SER G 136 16.78 24.16 -62.73
N GLY G 137 16.07 23.16 -63.25
CA GLY G 137 16.70 22.02 -63.88
C GLY G 137 17.52 21.19 -62.93
N LEU G 138 16.87 20.64 -61.91
CA LEU G 138 17.58 19.81 -60.95
C LEU G 138 17.88 18.44 -61.55
N GLN G 139 18.71 17.68 -60.85
CA GLN G 139 18.92 16.29 -61.25
C GLN G 139 17.61 15.52 -61.08
N PRO G 140 17.37 14.48 -61.88
CA PRO G 140 16.10 13.75 -61.76
C PRO G 140 15.92 13.08 -60.41
N HIS G 141 16.99 12.51 -59.85
CA HIS G 141 16.84 11.71 -58.64
C HIS G 141 16.55 12.58 -57.41
N THR G 142 17.20 13.75 -57.31
CA THR G 142 16.91 14.63 -56.20
C THR G 142 15.50 15.21 -56.30
N ALA G 143 14.99 15.33 -57.53
CA ALA G 143 13.60 15.70 -57.72
C ALA G 143 12.68 14.63 -57.16
N ASN G 144 12.98 13.35 -57.43
CA ASN G 144 12.22 12.28 -56.80
C ASN G 144 12.38 12.30 -55.29
N PHE G 145 13.54 12.73 -54.79
CA PHE G 145 13.75 12.78 -53.35
C PHE G 145 12.84 13.80 -52.69
N ILE G 146 12.83 15.03 -53.21
CA ILE G 146 11.96 16.05 -52.63
C ILE G 146 10.50 15.68 -52.87
N ASN G 147 10.21 14.94 -53.95
CA ASN G 147 8.84 14.49 -54.20
C ASN G 147 8.41 13.46 -53.16
N ILE G 148 9.32 12.57 -52.76
CA ILE G 148 9.01 11.63 -51.68
C ILE G 148 8.84 12.36 -50.36
N LEU G 149 9.69 13.37 -50.12
CA LEU G 149 9.54 14.20 -48.93
C LEU G 149 8.15 14.82 -48.87
N ILE G 150 7.62 15.25 -50.01
CA ILE G 150 6.26 15.79 -50.05
C ILE G 150 5.23 14.67 -49.91
N ASP G 151 5.51 13.51 -50.50
CA ASP G 151 4.58 12.39 -50.45
C ASP G 151 4.32 11.95 -49.03
N SER G 152 5.38 11.56 -48.32
CA SER G 152 5.26 11.35 -46.89
C SER G 152 5.02 12.69 -46.19
N GLU G 153 4.67 12.62 -44.91
CA GLU G 153 4.35 13.83 -44.15
C GLU G 153 5.58 14.41 -43.46
N ARG G 154 6.77 14.13 -43.98
CA ARG G 154 8.02 14.61 -43.39
C ARG G 154 8.65 15.72 -44.22
N ILE G 155 7.85 16.48 -44.96
CA ILE G 155 8.36 17.61 -45.72
C ILE G 155 8.71 18.79 -44.81
N ASN G 156 8.15 18.83 -43.60
CA ASN G 156 8.42 19.93 -42.68
C ASN G 156 9.84 19.89 -42.13
N LEU G 157 10.64 18.90 -42.54
CA LEU G 157 12.02 18.77 -42.11
C LEU G 157 13.01 19.10 -43.24
N VAL G 158 12.52 19.61 -44.37
CA VAL G 158 13.30 19.61 -45.60
C VAL G 158 14.52 20.53 -45.48
N LYS G 159 14.39 21.64 -44.75
CA LYS G 159 15.53 22.53 -44.58
C LYS G 159 16.64 21.84 -43.81
N GLU G 160 16.30 21.16 -42.71
CA GLU G 160 17.31 20.44 -41.93
C GLU G 160 17.90 19.29 -42.72
N ILE G 161 17.09 18.65 -43.58
CA ILE G 161 17.60 17.55 -44.39
C ILE G 161 18.63 18.05 -45.39
N LEU G 162 18.27 19.09 -46.13
CA LEU G 162 19.21 19.67 -47.10
C LEU G 162 20.43 20.25 -46.40
N ASN G 163 20.27 20.66 -45.14
CA ASN G 163 21.40 21.18 -44.37
C ASN G 163 22.37 20.05 -44.00
N GLU G 164 21.85 18.93 -43.51
CA GLU G 164 22.72 17.81 -43.17
C GLU G 164 23.21 17.05 -44.39
N PHE G 165 22.67 17.35 -45.57
CA PHE G 165 23.21 16.73 -46.78
C PHE G 165 24.65 17.14 -47.01
N GLU G 166 25.04 18.36 -46.66
CA GLU G 166 26.45 18.74 -46.79
C GLU G 166 27.33 17.84 -45.94
N ASP G 167 26.94 17.63 -44.68
CA ASP G 167 27.64 16.71 -43.80
C ASP G 167 27.79 15.33 -44.43
N VAL G 168 26.67 14.76 -44.87
CA VAL G 168 26.70 13.36 -45.32
C VAL G 168 27.45 13.25 -46.64
N PHE G 169 27.20 14.16 -47.58
CA PHE G 169 27.92 14.17 -48.86
C PHE G 169 29.41 14.29 -48.65
N ASN G 170 29.84 15.21 -47.77
CA ASN G 170 31.27 15.39 -47.56
C ASN G 170 31.87 14.16 -46.89
N LYS G 171 31.16 13.56 -45.94
CA LYS G 171 31.68 12.37 -45.26
C LYS G 171 31.84 11.21 -46.22
N ILE G 172 30.86 11.02 -47.11
CA ILE G 172 30.92 9.91 -48.06
C ILE G 172 32.00 10.17 -49.12
N THR G 173 31.99 11.37 -49.71
CA THR G 173 32.98 11.71 -50.73
C THR G 173 34.41 11.71 -50.17
N GLY G 174 34.56 11.87 -48.86
CA GLY G 174 35.87 11.92 -48.24
C GLY G 174 36.39 13.30 -47.95
N THR G 175 35.62 14.34 -48.27
CA THR G 175 36.01 15.71 -47.96
C THR G 175 35.55 16.07 -46.55
N GLU G 176 36.39 16.79 -45.83
CA GLU G 176 36.05 17.25 -44.50
C GLU G 176 36.22 18.76 -44.40
N VAL G 177 35.23 19.41 -43.79
CA VAL G 177 35.14 20.86 -43.75
C VAL G 177 36.01 21.36 -42.61
N ALA G 178 36.80 22.40 -42.87
CA ALA G 178 37.60 23.07 -41.86
C ALA G 178 37.26 24.55 -41.88
N VAL G 179 36.72 25.05 -40.78
CA VAL G 179 36.32 26.45 -40.67
C VAL G 179 37.49 27.20 -40.04
N VAL G 180 38.12 28.07 -40.80
CA VAL G 180 39.19 28.91 -40.27
C VAL G 180 38.63 30.31 -40.02
N THR G 181 38.71 30.76 -38.78
CA THR G 181 38.25 32.09 -38.40
C THR G 181 39.48 32.95 -38.10
N SER G 182 39.65 34.01 -38.88
CA SER G 182 40.77 34.92 -38.72
C SER G 182 40.25 36.35 -38.65
N VAL G 183 41.06 37.23 -38.06
CA VAL G 183 40.67 38.62 -37.89
C VAL G 183 40.51 39.32 -39.23
N VAL G 184 41.36 38.96 -40.20
CA VAL G 184 41.33 39.55 -41.53
C VAL G 184 41.25 38.40 -42.53
N LYS G 185 40.99 38.75 -43.79
CA LYS G 185 40.96 37.77 -44.87
C LYS G 185 42.30 37.03 -44.94
N LEU G 186 42.21 35.70 -44.98
CA LEU G 186 43.39 34.86 -45.02
C LEU G 186 43.75 34.59 -46.48
N GLU G 187 45.04 34.72 -46.80
CA GLU G 187 45.49 34.59 -48.18
C GLU G 187 45.37 33.14 -48.64
N ASN G 188 45.34 32.96 -49.96
CA ASN G 188 45.03 31.65 -50.52
C ASN G 188 46.18 30.66 -50.33
N ASP G 189 47.42 31.15 -50.39
CA ASP G 189 48.56 30.25 -50.22
C ASP G 189 48.64 29.72 -48.79
N HIS G 190 48.55 30.60 -47.80
CA HIS G 190 48.54 30.15 -46.41
C HIS G 190 47.27 29.38 -46.09
N LEU G 191 46.16 29.68 -46.76
CA LEU G 191 44.95 28.89 -46.60
C LEU G 191 45.15 27.48 -47.12
N ALA G 192 45.86 27.33 -48.24
CA ALA G 192 46.18 26.00 -48.75
C ALA G 192 47.16 25.29 -47.83
N GLN G 193 48.04 26.03 -47.16
CA GLN G 193 48.92 25.41 -46.16
C GLN G 193 48.12 24.89 -44.97
N ILE G 194 47.15 25.69 -44.51
CA ILE G 194 46.23 25.23 -43.46
C ILE G 194 45.46 24.01 -43.95
N ALA G 195 45.15 23.97 -45.25
CA ALA G 195 44.49 22.80 -45.82
C ALA G 195 45.39 21.58 -45.75
N LYS G 196 46.67 21.75 -46.06
CA LYS G 196 47.65 20.67 -45.87
C LYS G 196 47.62 20.15 -44.44
N GLY G 197 47.66 21.08 -43.48
CA GLY G 197 47.67 20.67 -42.08
C GLY G 197 46.42 19.92 -41.66
N VAL G 198 45.24 20.45 -42.00
CA VAL G 198 43.99 19.82 -41.65
C VAL G 198 43.86 18.46 -42.35
N GLN G 199 44.30 18.39 -43.61
CA GLN G 199 44.28 17.14 -44.34
C GLN G 199 45.17 16.10 -43.68
N LYS G 200 46.32 16.52 -43.15
CA LYS G 200 47.22 15.57 -42.51
C LYS G 200 46.67 15.10 -41.17
N ILE G 201 46.09 16.00 -40.39
CA ILE G 201 45.64 15.60 -39.05
C ILE G 201 44.36 14.79 -39.12
N THR G 202 43.49 15.07 -40.10
CA THR G 202 42.19 14.39 -40.21
C THR G 202 42.30 13.16 -41.11
N GLY G 203 42.78 13.34 -42.33
CA GLY G 203 42.83 12.26 -43.29
C GLY G 203 41.73 12.31 -44.32
N ALA G 204 41.46 13.51 -44.83
CA ALA G 204 40.43 13.74 -45.83
C ALA G 204 41.09 14.07 -47.17
N LYS G 205 40.36 13.81 -48.25
CA LYS G 205 40.95 13.91 -49.58
C LYS G 205 41.08 15.36 -50.03
N ASN G 206 39.96 16.05 -50.19
CA ASN G 206 39.94 17.38 -50.80
C ASN G 206 39.49 18.47 -49.85
N VAL G 207 40.06 18.55 -48.64
CA VAL G 207 39.55 19.35 -47.52
C VAL G 207 39.08 20.73 -47.95
N ARG G 208 37.88 21.09 -47.54
CA ARG G 208 37.28 22.34 -47.99
C ARG G 208 37.30 23.36 -46.85
N ILE G 209 37.94 24.49 -47.10
CA ILE G 209 38.14 25.53 -46.09
C ILE G 209 37.21 26.68 -46.41
N LYS G 210 36.13 26.78 -45.65
CA LYS G 210 35.24 27.94 -45.71
C LYS G 210 35.62 28.91 -44.59
N THR G 211 36.22 30.04 -44.96
CA THR G 211 36.73 31.02 -44.01
C THR G 211 35.66 32.04 -43.66
N VAL G 212 35.73 32.54 -42.43
CA VAL G 212 34.79 33.51 -41.90
C VAL G 212 35.60 34.61 -41.21
N ILE G 213 35.52 35.83 -41.74
CA ILE G 213 36.21 36.96 -41.12
C ILE G 213 35.47 37.36 -39.85
N ASP G 214 36.15 37.24 -38.70
CA ASP G 214 35.54 37.50 -37.41
C ASP G 214 36.36 38.55 -36.67
N PRO G 215 35.70 39.50 -35.97
CA PRO G 215 36.46 40.48 -35.19
C PRO G 215 36.74 40.04 -33.76
N SER G 216 36.40 38.80 -33.39
CA SER G 216 36.53 38.37 -32.00
C SER G 216 38.00 38.24 -31.60
N LEU G 217 38.82 37.65 -32.46
CA LEU G 217 40.20 37.33 -32.12
C LEU G 217 41.07 38.58 -32.15
N VAL G 218 42.38 38.36 -32.06
CA VAL G 218 43.34 39.45 -32.12
C VAL G 218 44.36 39.31 -33.24
N ALA G 219 45.06 38.19 -33.38
CA ALA G 219 46.17 38.13 -34.32
C ALA G 219 45.97 37.10 -35.42
N GLY G 220 45.69 35.85 -35.06
CA GLY G 220 45.80 34.77 -36.01
C GLY G 220 44.51 34.08 -36.40
N PHE G 221 44.47 32.76 -36.21
CA PHE G 221 43.39 31.94 -36.75
C PHE G 221 42.94 30.91 -35.73
N THR G 222 41.68 30.49 -35.87
CA THR G 222 41.16 29.30 -35.20
C THR G 222 40.72 28.32 -36.28
N ILE G 223 41.02 27.05 -36.09
CA ILE G 223 40.56 26.00 -37.00
C ILE G 223 39.46 25.21 -36.31
N ARG G 224 38.27 25.23 -36.90
CA ARG G 224 37.12 24.50 -36.37
C ARG G 224 36.88 23.21 -37.16
N TYR G 225 37.96 22.56 -37.57
CA TYR G 225 37.87 21.33 -38.34
C TYR G 225 37.24 20.24 -37.49
N GLY G 226 36.69 19.23 -38.16
CA GLY G 226 36.21 18.06 -37.44
C GLY G 226 34.83 17.67 -37.90
N ASN G 227 34.17 16.87 -37.05
CA ASN G 227 32.83 16.40 -37.35
C ASN G 227 31.85 17.57 -37.47
N GLU G 228 31.66 18.31 -36.38
CA GLU G 228 30.90 19.56 -36.45
C GLU G 228 31.46 20.47 -35.35
N GLY G 229 32.49 21.24 -35.69
CA GLY G 229 33.04 22.20 -34.75
C GLY G 229 33.95 21.60 -33.70
N SER G 230 33.77 20.29 -33.43
CA SER G 230 34.28 19.57 -32.26
C SER G 230 35.75 19.91 -32.03
N LYS G 231 36.66 19.57 -32.94
CA LYS G 231 38.06 19.86 -32.71
C LYS G 231 38.34 21.33 -33.00
N LEU G 232 39.24 21.93 -32.22
CA LEU G 232 39.53 23.35 -32.32
C LEU G 232 40.97 23.60 -31.92
N VAL G 233 41.77 24.09 -32.87
CA VAL G 233 43.12 24.56 -32.59
C VAL G 233 43.17 26.03 -33.03
N ASP G 234 43.94 26.84 -32.31
CA ASP G 234 43.89 28.28 -32.49
C ASP G 234 45.11 28.97 -31.90
N MET G 235 45.67 29.92 -32.67
CA MET G 235 46.58 30.93 -32.15
C MET G 235 45.87 32.27 -32.30
N SER G 236 45.26 32.74 -31.22
CA SER G 236 44.30 33.85 -31.29
C SER G 236 44.19 34.56 -29.94
N VAL G 237 43.10 35.30 -29.75
CA VAL G 237 42.78 35.91 -28.46
C VAL G 237 42.72 34.89 -27.34
N LYS G 238 42.55 33.61 -27.67
CA LYS G 238 42.63 32.55 -26.67
C LYS G 238 43.98 32.54 -25.97
N LYS G 239 45.03 33.01 -26.65
CA LYS G 239 46.34 33.10 -26.02
C LYS G 239 46.31 34.01 -24.80
N GLN G 240 45.95 35.28 -25.00
CA GLN G 240 45.87 36.20 -23.86
C GLN G 240 44.78 35.77 -22.89
N LEU G 241 43.72 35.12 -23.39
CA LEU G 241 42.67 34.63 -22.50
C LEU G 241 43.22 33.63 -21.50
N GLU G 242 43.92 32.60 -22.00
CA GLU G 242 44.55 31.63 -21.10
C GLU G 242 45.60 32.31 -20.23
N GLU G 243 46.33 33.28 -20.78
CA GLU G 243 47.33 33.99 -20.00
C GLU G 243 46.72 34.64 -18.77
N ILE G 244 45.66 35.44 -18.94
CA ILE G 244 45.07 36.12 -17.79
C ILE G 244 44.34 35.14 -16.88
N ALA G 245 43.72 34.10 -17.47
CA ALA G 245 42.92 33.17 -16.68
C ALA G 245 43.81 32.33 -15.77
N ALA G 246 44.89 31.75 -16.31
CA ALA G 246 45.83 31.04 -15.46
C ALA G 246 46.74 32.01 -14.72
N GLN G 247 46.67 33.30 -15.04
CA GLN G 247 47.37 34.30 -14.26
C GLN G 247 46.65 34.56 -12.93
N LEU G 248 45.32 34.52 -12.96
CA LEU G 248 44.57 34.48 -11.71
C LEU G 248 45.07 33.36 -10.80
N GLU G 249 44.96 32.11 -11.27
CA GLU G 249 45.47 30.92 -10.58
C GLU G 249 45.05 30.87 -9.11
N MET G 250 43.75 30.80 -8.88
CA MET G 250 43.24 30.77 -7.51
C MET G 250 42.14 29.71 -7.37
N CYS H 41 1.77 8.06 4.58
CA CYS H 41 1.31 7.93 3.20
C CYS H 41 -0.22 7.93 3.15
N ALA H 42 -0.82 7.97 4.33
CA ALA H 42 -2.25 8.18 4.55
C ALA H 42 -3.11 7.02 4.06
N ASN H 43 -2.50 6.06 3.37
CA ASN H 43 -3.16 4.79 3.10
C ASN H 43 -2.29 3.64 3.58
N LEU H 44 -1.01 3.68 3.21
CA LEU H 44 -0.08 2.64 3.65
C LEU H 44 0.32 2.85 5.11
N ARG H 45 0.53 4.10 5.52
CA ARG H 45 0.96 4.36 6.89
C ARG H 45 -0.13 3.98 7.89
N GLU H 46 -1.40 4.20 7.53
CA GLU H 46 -2.49 3.80 8.40
C GLU H 46 -2.50 2.28 8.58
N LEU H 47 -2.25 1.53 7.51
CA LEU H 47 -2.25 0.08 7.62
C LEU H 47 -1.01 -0.42 8.35
N ARG H 48 0.12 0.27 8.22
CA ARG H 48 1.29 -0.08 9.01
C ARG H 48 1.02 0.14 10.50
N ASP H 49 0.34 1.24 10.84
CA ASP H 49 -0.03 1.48 12.22
C ASP H 49 -0.99 0.41 12.72
N ARG H 50 -1.96 0.02 11.90
CA ARG H 50 -2.91 -0.99 12.34
C ARG H 50 -2.25 -2.36 12.50
N ILE H 51 -1.29 -2.69 11.62
CA ILE H 51 -0.60 -3.96 11.75
C ILE H 51 0.30 -3.95 12.98
N GLY H 52 0.92 -2.81 13.28
CA GLY H 52 1.68 -2.70 14.51
C GLY H 52 0.81 -2.84 15.73
N SER H 53 -0.37 -2.24 15.69
CA SER H 53 -1.31 -2.35 16.81
C SER H 53 -1.78 -3.78 16.99
N VAL H 54 -2.07 -4.48 15.90
CA VAL H 54 -2.54 -5.86 16.00
C VAL H 54 -1.42 -6.78 16.47
N LYS H 55 -0.18 -6.52 16.04
CA LYS H 55 0.93 -7.34 16.48
C LYS H 55 1.23 -7.12 17.96
N ASN H 56 1.18 -5.87 18.42
CA ASN H 56 1.37 -5.58 19.83
C ASN H 56 0.24 -6.16 20.66
N THR H 57 -0.99 -6.11 20.13
CA THR H 57 -2.12 -6.73 20.82
C THR H 57 -1.94 -8.23 20.91
N GLN H 58 -1.42 -8.86 19.86
CA GLN H 58 -1.16 -10.30 19.90
C GLN H 58 -0.12 -10.63 20.96
N LYS H 59 0.96 -9.83 21.03
CA LYS H 59 1.97 -10.06 22.05
C LYS H 59 1.38 -9.87 23.45
N ILE H 60 0.53 -8.86 23.63
CA ILE H 60 -0.02 -8.57 24.95
C ILE H 60 -1.00 -9.67 25.37
N THR H 61 -1.83 -10.15 24.45
CA THR H 61 -2.77 -11.19 24.82
C THR H 61 -2.08 -12.54 25.01
N GLU H 62 -0.97 -12.77 24.31
CA GLU H 62 -0.18 -13.95 24.62
C GLU H 62 0.44 -13.84 26.02
N ALA H 63 0.90 -12.65 26.39
CA ALA H 63 1.42 -12.46 27.74
C ALA H 63 0.33 -12.67 28.78
N MET H 64 -0.87 -12.19 28.50
CA MET H 64 -1.96 -12.35 29.46
C MET H 64 -2.41 -13.80 29.55
N LYS H 65 -2.34 -14.54 28.43
CA LYS H 65 -2.61 -15.97 28.49
C LYS H 65 -1.60 -16.68 29.37
N LEU H 66 -0.31 -16.36 29.21
CA LEU H 66 0.71 -17.01 30.03
C LEU H 66 0.56 -16.64 31.51
N VAL H 67 0.30 -15.37 31.79
CA VAL H 67 0.15 -14.92 33.18
C VAL H 67 -1.11 -15.54 33.80
N ALA H 68 -2.18 -15.65 33.02
CA ALA H 68 -3.41 -16.25 33.54
C ALA H 68 -3.23 -17.73 33.80
N ALA H 69 -2.45 -18.42 32.96
CA ALA H 69 -2.16 -19.82 33.22
C ALA H 69 -1.33 -19.97 34.50
N ALA H 70 -0.33 -19.10 34.68
CA ALA H 70 0.47 -19.18 35.90
C ALA H 70 -0.37 -18.87 37.13
N LYS H 71 -1.33 -17.96 37.00
CA LYS H 71 -2.19 -17.63 38.13
C LYS H 71 -3.15 -18.78 38.44
N VAL H 72 -3.67 -19.44 37.40
CA VAL H 72 -4.50 -20.63 37.61
C VAL H 72 -3.70 -21.69 38.34
N ARG H 73 -2.44 -21.89 37.94
CA ARG H 73 -1.63 -22.91 38.59
C ARG H 73 -1.30 -22.52 40.03
N ARG H 74 -1.11 -21.23 40.31
CA ARG H 74 -0.81 -20.84 41.69
C ARG H 74 -2.05 -20.93 42.57
N ALA H 75 -3.23 -20.73 42.00
CA ALA H 75 -4.46 -20.95 42.76
C ALA H 75 -4.66 -22.44 43.03
N GLN H 76 -4.33 -23.29 42.05
CA GLN H 76 -4.34 -24.72 42.28
C GLN H 76 -3.34 -25.11 43.37
N GLU H 77 -2.19 -24.44 43.40
CA GLU H 77 -1.19 -24.74 44.42
C GLU H 77 -1.68 -24.30 45.79
N ALA H 78 -2.43 -23.20 45.85
CA ALA H 78 -3.05 -22.81 47.12
C ALA H 78 -4.10 -23.83 47.57
N VAL H 79 -4.83 -24.40 46.61
CA VAL H 79 -5.82 -25.43 46.96
C VAL H 79 -5.12 -26.69 47.47
N VAL H 80 -3.99 -27.05 46.86
CA VAL H 80 -3.24 -28.22 47.31
C VAL H 80 -2.57 -27.92 48.66
N ASN H 81 -2.27 -26.65 48.92
CA ASN H 81 -1.85 -26.25 50.26
C ASN H 81 -2.96 -26.47 51.27
N GLY H 82 -4.19 -26.14 50.88
CA GLY H 82 -5.34 -26.31 51.75
C GLY H 82 -5.81 -27.74 51.95
N ARG H 83 -5.52 -28.64 51.02
CA ARG H 83 -6.01 -30.02 51.08
C ARG H 83 -5.57 -30.83 52.29
N PRO H 84 -4.40 -30.58 52.93
CA PRO H 84 -4.15 -31.21 54.22
C PRO H 84 -5.18 -30.83 55.27
N PHE H 85 -5.45 -29.53 55.38
CA PHE H 85 -6.43 -29.03 56.35
C PHE H 85 -7.81 -29.61 56.07
N SER H 86 -8.23 -29.62 54.79
CA SER H 86 -9.56 -30.11 54.47
C SER H 86 -9.69 -31.61 54.72
N GLU H 87 -8.63 -32.37 54.44
CA GLU H 87 -8.68 -33.80 54.69
C GLU H 87 -8.74 -34.09 56.19
N THR H 88 -7.91 -33.39 56.97
CA THR H 88 -7.92 -33.61 58.41
C THR H 88 -9.25 -33.19 59.02
N LEU H 89 -9.83 -32.10 58.50
CA LEU H 89 -11.14 -31.66 58.95
C LEU H 89 -12.25 -32.62 58.59
N VAL H 90 -12.21 -33.21 57.40
CA VAL H 90 -13.29 -34.08 56.97
C VAL H 90 -13.15 -35.47 57.59
N GLU H 91 -11.96 -35.81 58.10
CA GLU H 91 -11.85 -37.03 58.90
C GLU H 91 -12.16 -36.83 60.38
N VAL H 92 -11.77 -35.71 60.98
CA VAL H 92 -12.14 -35.47 62.37
C VAL H 92 -13.65 -35.31 62.52
N LEU H 93 -14.29 -34.71 61.51
CA LEU H 93 -15.74 -34.56 61.57
C LEU H 93 -16.44 -35.91 61.57
N TYR H 94 -15.94 -36.86 60.77
CA TYR H 94 -16.51 -38.20 60.82
C TYR H 94 -16.19 -38.88 62.14
N ASN H 95 -15.00 -38.63 62.70
CA ASN H 95 -14.66 -39.20 64.00
C ASN H 95 -15.65 -38.74 65.06
N MET H 96 -16.06 -37.47 65.00
CA MET H 96 -17.07 -36.97 65.91
C MET H 96 -18.43 -37.59 65.61
N ASN H 97 -18.76 -37.74 64.32
CA ASN H 97 -20.04 -38.32 63.96
C ASN H 97 -20.11 -39.81 64.27
N GLU H 98 -18.96 -40.42 64.55
CA GLU H 98 -18.95 -41.85 64.88
C GLU H 98 -18.91 -42.05 66.39
N GLN H 99 -18.20 -41.18 67.11
CA GLN H 99 -18.24 -41.24 68.57
C GLN H 99 -19.64 -40.93 69.08
N LEU H 100 -20.28 -39.92 68.50
CA LEU H 100 -21.68 -39.61 68.76
C LEU H 100 -22.43 -39.68 67.43
N GLN H 101 -23.46 -40.52 67.36
CA GLN H 101 -24.19 -40.78 66.12
C GLN H 101 -25.25 -39.70 65.90
N THR H 102 -24.75 -38.47 65.76
CA THR H 102 -25.58 -37.26 65.75
C THR H 102 -26.52 -37.19 66.95
N GLU H 103 -26.01 -37.54 68.11
CA GLU H 103 -26.70 -37.31 69.38
C GLU H 103 -26.35 -35.89 69.83
N ASP H 104 -27.28 -34.96 69.68
CA ASP H 104 -26.93 -33.55 69.77
C ASP H 104 -28.14 -32.75 70.22
N VAL H 105 -27.88 -31.76 71.07
CA VAL H 105 -28.75 -30.59 71.23
C VAL H 105 -27.80 -29.39 71.26
N ASP H 106 -27.53 -28.81 70.08
CA ASP H 106 -26.48 -27.82 69.92
C ASP H 106 -26.53 -27.14 68.56
N VAL H 107 -25.45 -26.44 68.21
CA VAL H 107 -25.12 -25.93 66.87
C VAL H 107 -26.28 -25.15 66.24
N PRO H 108 -26.50 -23.90 66.64
CA PRO H 108 -27.46 -23.03 65.91
C PRO H 108 -27.16 -22.89 64.42
N LEU H 109 -26.05 -23.46 63.92
CA LEU H 109 -25.73 -23.49 62.51
C LEU H 109 -26.32 -24.72 61.84
N THR H 110 -27.39 -25.27 62.42
CA THR H 110 -28.11 -26.39 61.82
C THR H 110 -29.61 -26.15 61.97
N LYS H 111 -30.05 -24.93 61.70
CA LYS H 111 -31.46 -24.58 61.75
C LYS H 111 -31.98 -24.53 60.32
N ILE H 112 -32.29 -25.71 59.77
CA ILE H 112 -32.84 -25.83 58.42
C ILE H 112 -34.36 -26.03 58.48
N ARG H 113 -34.98 -25.63 59.58
CA ARG H 113 -36.33 -26.07 59.94
C ARG H 113 -37.35 -25.25 59.13
N THR H 114 -36.87 -24.30 58.33
CA THR H 114 -37.71 -23.56 57.39
C THR H 114 -36.80 -22.92 56.34
N VAL H 115 -37.38 -22.34 55.29
CA VAL H 115 -36.63 -21.69 54.22
C VAL H 115 -37.02 -20.21 54.22
N LYS H 116 -37.24 -19.65 55.41
CA LYS H 116 -37.88 -18.34 55.55
C LYS H 116 -37.14 -17.26 54.78
N LYS H 117 -35.85 -17.09 55.01
CA LYS H 117 -35.08 -16.00 54.42
C LYS H 117 -33.69 -16.51 54.02
N VAL H 118 -33.50 -16.74 52.72
CA VAL H 118 -32.26 -17.23 52.17
C VAL H 118 -31.29 -16.07 51.98
N ALA H 119 -30.00 -16.34 52.19
CA ALA H 119 -28.95 -15.39 51.83
C ALA H 119 -28.07 -16.02 50.75
N LEU H 120 -28.49 -15.86 49.50
CA LEU H 120 -27.65 -16.28 48.40
C LEU H 120 -26.43 -15.36 48.32
N MET H 121 -25.25 -15.92 48.53
CA MET H 121 -24.01 -15.15 48.45
C MET H 121 -23.29 -15.53 47.18
N VAL H 122 -23.09 -14.54 46.30
CA VAL H 122 -22.56 -14.77 44.97
C VAL H 122 -21.16 -14.17 44.91
N VAL H 123 -20.16 -15.03 44.80
CA VAL H 123 -18.82 -14.57 44.47
C VAL H 123 -18.67 -14.47 42.96
N THR H 124 -17.96 -13.44 42.50
CA THR H 124 -17.75 -13.25 41.08
C THR H 124 -16.30 -12.86 40.84
N GLY H 125 -15.89 -12.93 39.58
CA GLY H 125 -14.54 -12.56 39.19
C GLY H 125 -14.41 -11.06 39.08
N ASP H 126 -13.27 -10.54 39.52
CA ASP H 126 -13.15 -9.09 39.64
C ASP H 126 -11.93 -8.55 38.89
N ARG H 127 -12.11 -8.36 37.59
CA ARG H 127 -11.15 -7.72 36.70
C ARG H 127 -11.88 -7.18 35.48
N GLY H 128 -11.12 -6.83 34.44
CA GLY H 128 -11.70 -6.43 33.18
C GLY H 128 -11.78 -7.57 32.19
N LEU H 129 -12.87 -7.55 31.42
CA LEU H 129 -13.10 -8.38 30.24
C LEU H 129 -13.37 -9.82 30.66
N CYS H 130 -13.03 -10.24 31.88
CA CYS H 130 -13.67 -11.33 32.65
C CYS H 130 -14.17 -12.49 31.78
N GLY H 131 -13.42 -12.85 30.74
CA GLY H 131 -13.84 -13.91 29.83
C GLY H 131 -15.29 -13.79 29.39
N GLY H 132 -16.08 -14.81 29.74
CA GLY H 132 -17.53 -14.78 29.62
C GLY H 132 -18.13 -15.19 30.95
N PHE H 133 -17.48 -14.71 32.02
CA PHE H 133 -17.62 -15.30 33.34
C PHE H 133 -18.66 -14.58 34.19
N ASN H 134 -18.45 -13.28 34.41
CA ASN H 134 -19.26 -12.51 35.33
C ASN H 134 -20.72 -12.47 34.90
N ASN H 135 -20.95 -12.39 33.59
CA ASN H 135 -22.33 -12.33 33.09
C ASN H 135 -23.05 -13.64 33.35
N MET H 136 -22.39 -14.78 33.13
CA MET H 136 -23.00 -16.08 33.43
C MET H 136 -23.31 -16.19 34.92
N LEU H 137 -22.36 -15.80 35.76
CA LEU H 137 -22.56 -15.87 37.21
C LEU H 137 -23.77 -15.05 37.65
N LEU H 138 -23.80 -13.77 37.30
CA LEU H 138 -24.89 -12.93 37.78
C LEU H 138 -26.19 -13.26 37.07
N LYS H 139 -26.12 -13.91 35.90
CA LYS H 139 -27.34 -14.39 35.26
C LYS H 139 -27.97 -15.51 36.08
N LYS H 140 -27.18 -16.51 36.49
CA LYS H 140 -27.72 -17.55 37.34
C LYS H 140 -28.18 -16.97 38.68
N ALA H 141 -27.48 -15.94 39.17
CA ALA H 141 -27.90 -15.28 40.40
C ALA H 141 -29.26 -14.61 40.23
N GLU H 142 -29.48 -13.96 39.09
CA GLU H 142 -30.76 -13.30 38.86
C GLU H 142 -31.89 -14.31 38.70
N SER H 143 -31.61 -15.44 38.04
CA SER H 143 -32.61 -16.49 37.94
C SER H 143 -32.97 -17.04 39.31
N ARG H 144 -31.96 -17.24 40.17
CA ARG H 144 -32.22 -17.81 41.48
C ARG H 144 -32.95 -16.82 42.39
N ILE H 145 -32.62 -15.53 42.28
CA ILE H 145 -33.35 -14.56 43.11
C ILE H 145 -34.76 -14.37 42.59
N ALA H 146 -34.99 -14.58 41.28
CA ALA H 146 -36.35 -14.56 40.77
C ALA H 146 -37.15 -15.73 41.35
N GLU H 147 -36.55 -16.92 41.37
CA GLU H 147 -37.24 -18.07 41.94
C GLU H 147 -37.45 -17.90 43.44
N LEU H 148 -36.58 -17.16 44.12
CA LEU H 148 -36.77 -16.87 45.53
C LEU H 148 -37.70 -15.70 45.78
N LYS H 149 -38.00 -14.91 44.73
CA LYS H 149 -39.04 -13.90 44.85
C LYS H 149 -40.40 -14.50 44.59
N LYS H 150 -40.44 -15.63 43.85
CA LYS H 150 -41.68 -16.38 43.71
C LYS H 150 -42.17 -16.87 45.07
N LEU H 151 -41.39 -17.70 45.74
CA LEU H 151 -41.72 -18.27 47.05
C LEU H 151 -41.95 -17.21 48.13
N GLY H 152 -41.44 -15.99 47.95
CA GLY H 152 -41.56 -14.97 48.97
C GLY H 152 -40.57 -15.18 50.09
N VAL H 153 -39.27 -15.17 49.75
CA VAL H 153 -38.22 -15.50 50.71
C VAL H 153 -37.56 -14.27 51.30
N ASP H 154 -37.62 -13.11 50.63
CA ASP H 154 -36.92 -11.90 51.04
C ASP H 154 -35.42 -12.14 51.14
N TYR H 155 -34.82 -12.45 49.99
CA TYR H 155 -33.41 -12.84 49.91
C TYR H 155 -32.49 -11.63 50.10
N THR H 156 -31.46 -11.81 50.92
CA THR H 156 -30.35 -10.87 50.98
C THR H 156 -29.15 -11.50 50.27
N ILE H 157 -28.23 -10.66 49.78
CA ILE H 157 -27.13 -11.12 48.93
C ILE H 157 -25.82 -10.58 49.48
N ILE H 158 -24.90 -11.49 49.78
CA ILE H 158 -23.54 -11.14 50.17
C ILE H 158 -22.66 -11.32 48.95
N SER H 159 -22.14 -10.23 48.42
CA SER H 159 -21.33 -10.31 47.20
C SER H 159 -19.85 -10.23 47.53
N ILE H 160 -19.07 -11.12 46.91
CA ILE H 160 -17.64 -11.22 47.18
C ILE H 160 -16.80 -10.69 46.01
N GLY H 161 -17.40 -10.53 44.84
CA GLY H 161 -16.65 -10.01 43.71
C GLY H 161 -16.75 -8.51 43.58
N LYS H 162 -15.64 -7.87 43.20
CA LYS H 162 -15.61 -6.42 43.05
C LYS H 162 -16.50 -5.97 41.89
N LYS H 163 -16.31 -6.59 40.72
CA LYS H 163 -17.18 -6.27 39.59
C LYS H 163 -18.62 -6.67 39.88
N GLY H 164 -18.81 -7.80 40.56
CA GLY H 164 -20.15 -8.23 40.91
C GLY H 164 -20.87 -7.26 41.83
N ASN H 165 -20.17 -6.77 42.86
CA ASN H 165 -20.83 -5.87 43.79
C ASN H 165 -21.00 -4.47 43.19
N THR H 166 -20.09 -4.05 42.32
CA THR H 166 -20.31 -2.79 41.61
C THR H 166 -21.48 -2.90 40.65
N TYR H 167 -21.76 -4.10 40.17
CA TYR H 167 -23.00 -4.30 39.42
C TYR H 167 -24.21 -4.26 40.35
N PHE H 168 -24.11 -4.91 41.50
CA PHE H 168 -25.26 -5.00 42.40
C PHE H 168 -25.62 -3.65 43.00
N ILE H 169 -24.64 -2.74 43.13
CA ILE H 169 -24.90 -1.45 43.76
C ILE H 169 -25.69 -0.54 42.82
N ARG H 170 -25.82 -0.94 41.56
CA ARG H 170 -26.67 -0.17 40.65
C ARG H 170 -28.15 -0.44 40.92
N ARG H 171 -28.55 -1.70 40.87
CA ARG H 171 -29.95 -2.06 41.04
C ARG H 171 -30.17 -2.61 42.44
N PRO H 172 -30.83 -1.90 43.34
CA PRO H 172 -31.20 -2.47 44.63
C PRO H 172 -32.56 -3.16 44.67
N GLU H 173 -33.19 -3.39 43.51
CA GLU H 173 -34.38 -4.22 43.46
C GLU H 173 -34.10 -5.61 44.04
N ILE H 174 -32.91 -6.13 43.78
CA ILE H 174 -32.36 -7.25 44.52
C ILE H 174 -31.84 -6.72 45.86
N PRO H 175 -32.36 -7.19 46.99
CA PRO H 175 -31.80 -6.74 48.27
C PRO H 175 -30.39 -7.27 48.47
N VAL H 176 -29.41 -6.40 48.32
CA VAL H 176 -28.00 -6.74 48.42
C VAL H 176 -27.36 -5.84 49.47
N ASP H 177 -26.68 -6.46 50.43
CA ASP H 177 -26.06 -5.73 51.52
C ASP H 177 -24.81 -6.46 51.95
N ARG H 178 -23.89 -5.72 52.57
CA ARG H 178 -22.69 -6.27 53.19
C ARG H 178 -21.85 -7.08 52.19
N TYR H 179 -21.36 -6.39 51.16
CA TYR H 179 -20.53 -7.02 50.15
C TYR H 179 -19.06 -6.71 50.38
N PHE H 180 -18.21 -7.70 50.17
CA PHE H 180 -16.77 -7.59 50.39
C PHE H 180 -16.04 -8.03 49.14
N ASP H 181 -14.71 -8.10 49.23
CA ASP H 181 -13.87 -8.43 48.08
C ASP H 181 -12.52 -8.95 48.53
N GLY H 182 -12.02 -9.95 47.81
CA GLY H 182 -10.66 -10.46 47.98
C GLY H 182 -10.19 -11.15 46.72
N THR H 183 -8.99 -10.79 46.22
CA THR H 183 -8.57 -11.26 44.91
C THR H 183 -7.10 -11.62 44.89
N ASN H 184 -6.74 -12.34 43.82
CA ASN H 184 -5.39 -12.78 43.44
C ASN H 184 -4.88 -13.88 44.35
N LEU H 185 -5.51 -14.04 45.52
CA LEU H 185 -5.45 -15.14 46.48
C LEU H 185 -6.51 -14.86 47.53
N PRO H 186 -7.34 -15.84 47.90
CA PRO H 186 -8.22 -15.63 49.04
C PRO H 186 -7.42 -15.79 50.33
N THR H 187 -7.17 -14.67 51.00
CA THR H 187 -6.37 -14.65 52.21
C THR H 187 -7.23 -15.13 53.37
N ALA H 188 -6.60 -15.79 54.34
CA ALA H 188 -7.34 -16.36 55.46
C ALA H 188 -8.01 -15.27 56.29
N LYS H 189 -7.50 -14.04 56.24
CA LYS H 189 -8.14 -12.96 56.98
C LYS H 189 -9.42 -12.50 56.30
N GLU H 190 -9.43 -12.44 54.96
CA GLU H 190 -10.66 -12.14 54.25
C GLU H 190 -11.67 -13.28 54.37
N ALA H 191 -11.16 -14.52 54.37
CA ALA H 191 -12.02 -15.67 54.63
C ALA H 191 -12.62 -15.58 56.03
N GLN H 192 -11.83 -15.13 57.01
CA GLN H 192 -12.35 -14.94 58.36
C GLN H 192 -13.39 -13.83 58.41
N ALA H 193 -13.18 -12.76 57.64
CA ALA H 193 -14.17 -11.69 57.58
C ALA H 193 -15.51 -12.22 57.04
N ILE H 194 -15.47 -12.94 55.92
CA ILE H 194 -16.70 -13.49 55.35
C ILE H 194 -17.32 -14.51 56.29
N ALA H 195 -16.48 -15.34 56.93
CA ALA H 195 -16.99 -16.35 57.85
C ALA H 195 -17.67 -15.70 59.05
N ASP H 196 -17.04 -14.68 59.63
CA ASP H 196 -17.62 -13.97 60.77
C ASP H 196 -18.93 -13.30 60.37
N ASP H 197 -18.96 -12.67 59.20
CA ASP H 197 -20.18 -12.00 58.76
C ASP H 197 -21.33 -12.98 58.61
N VAL H 198 -21.14 -14.04 57.82
CA VAL H 198 -22.26 -14.93 57.54
C VAL H 198 -22.56 -15.80 58.77
N PHE H 199 -21.56 -15.96 59.65
CA PHE H 199 -21.75 -16.70 60.89
C PHE H 199 -22.62 -15.91 61.87
N SER H 200 -22.28 -14.63 62.09
CA SER H 200 -23.11 -13.75 62.89
C SER H 200 -24.48 -13.59 62.26
N LEU H 201 -24.56 -13.75 60.94
CA LEU H 201 -25.86 -13.69 60.28
C LEU H 201 -26.68 -14.94 60.56
N PHE H 202 -26.03 -16.09 60.74
CA PHE H 202 -26.81 -17.30 60.97
C PHE H 202 -27.13 -17.51 62.45
N VAL H 203 -26.34 -16.95 63.37
CA VAL H 203 -26.68 -17.08 64.78
C VAL H 203 -27.97 -16.36 65.09
N SER H 204 -28.26 -15.28 64.35
CA SER H 204 -29.59 -14.69 64.36
C SER H 204 -30.43 -15.31 63.25
N GLU H 205 -31.43 -16.10 63.64
CA GLU H 205 -32.13 -17.02 62.74
C GLU H 205 -32.82 -16.32 61.57
N GLU H 206 -32.80 -14.98 61.52
CA GLU H 206 -33.34 -14.26 60.37
C GLU H 206 -32.71 -14.75 59.06
N VAL H 207 -31.47 -15.20 59.10
CA VAL H 207 -30.75 -15.71 57.93
C VAL H 207 -30.71 -17.23 58.03
N ASP H 208 -31.35 -17.91 57.09
CA ASP H 208 -31.43 -19.37 57.06
C ASP H 208 -31.35 -19.85 55.62
N LYS H 209 -31.12 -21.15 55.45
CA LYS H 209 -30.91 -21.79 54.15
C LYS H 209 -29.96 -20.94 53.29
N VAL H 210 -28.75 -20.76 53.81
CA VAL H 210 -27.83 -19.80 53.24
C VAL H 210 -26.96 -20.47 52.19
N GLU H 211 -27.39 -20.38 50.94
CA GLU H 211 -26.66 -21.00 49.84
C GLU H 211 -25.72 -19.99 49.18
N MET H 212 -24.77 -20.53 48.41
CA MET H 212 -23.74 -19.72 47.78
C MET H 212 -23.69 -20.03 46.30
N LEU H 213 -23.17 -19.08 45.52
CA LEU H 213 -23.06 -19.22 44.07
C LEU H 213 -21.59 -19.11 43.68
N TYR H 214 -20.88 -20.23 43.73
CA TYR H 214 -19.53 -20.31 43.21
C TYR H 214 -19.53 -21.29 42.05
N THR H 215 -18.73 -21.00 41.04
CA THR H 215 -18.69 -21.83 39.84
C THR H 215 -17.60 -22.89 39.98
N LYS H 216 -18.02 -24.13 40.17
CA LYS H 216 -17.06 -25.22 40.29
C LYS H 216 -16.32 -25.40 38.98
N PHE H 217 -15.07 -25.85 39.08
CA PHE H 217 -14.13 -25.81 37.97
C PHE H 217 -14.17 -27.09 37.14
N VAL H 218 -15.28 -27.33 36.42
CA VAL H 218 -15.46 -28.62 35.77
C VAL H 218 -14.54 -28.75 34.56
N SER H 219 -14.32 -27.66 33.83
CA SER H 219 -13.51 -27.71 32.62
C SER H 219 -12.96 -26.33 32.31
N LEU H 220 -12.04 -26.28 31.35
CA LEU H 220 -11.31 -25.05 31.09
C LEU H 220 -12.06 -24.14 30.11
N VAL H 221 -12.70 -24.74 29.10
CA VAL H 221 -13.39 -23.96 28.08
C VAL H 221 -14.55 -23.18 28.70
N LYS H 222 -15.44 -23.89 29.39
CA LYS H 222 -16.53 -23.26 30.13
C LYS H 222 -16.82 -24.11 31.36
N SER H 223 -16.94 -23.46 32.51
CA SER H 223 -17.34 -24.12 33.74
C SER H 223 -18.68 -23.56 34.16
N ASP H 224 -19.70 -24.42 34.16
CA ASP H 224 -21.05 -23.98 34.49
C ASP H 224 -21.11 -23.50 35.93
N PRO H 225 -21.88 -22.45 36.22
CA PRO H 225 -22.01 -21.98 37.60
C PRO H 225 -22.96 -22.87 38.38
N VAL H 226 -22.51 -23.34 39.54
CA VAL H 226 -23.31 -24.21 40.38
C VAL H 226 -23.59 -23.47 41.69
N ILE H 227 -24.55 -23.98 42.44
CA ILE H 227 -25.05 -23.31 43.63
C ILE H 227 -25.12 -24.34 44.76
N HIS H 228 -24.44 -24.04 45.87
CA HIS H 228 -24.32 -24.94 46.99
C HIS H 228 -24.96 -24.32 48.22
N THR H 229 -25.74 -25.10 48.95
CA THR H 229 -26.31 -24.64 50.21
C THR H 229 -25.24 -24.84 51.28
N LEU H 230 -24.91 -23.77 52.00
CA LEU H 230 -23.71 -23.75 52.81
C LEU H 230 -24.00 -23.95 54.30
N LEU H 231 -24.77 -23.04 54.88
CA LEU H 231 -24.77 -22.82 56.33
C LEU H 231 -25.48 -23.86 57.20
N PRO H 232 -26.47 -24.61 56.72
CA PRO H 232 -26.86 -25.81 57.48
C PRO H 232 -25.69 -26.72 57.80
N LEU H 233 -24.76 -26.89 56.86
CA LEU H 233 -23.49 -27.59 57.02
C LEU H 233 -23.63 -29.10 57.18
N SER H 234 -24.87 -29.58 57.41
CA SER H 234 -25.19 -31.00 57.56
C SER H 234 -24.18 -31.72 58.44
N PRO H 235 -24.25 -31.53 59.78
CA PRO H 235 -23.16 -32.01 60.66
C PRO H 235 -22.72 -33.44 60.45
N LYS H 236 -23.47 -34.24 59.69
CA LYS H 236 -22.96 -35.52 59.19
C LYS H 236 -21.75 -35.33 58.28
N GLY H 237 -21.52 -34.11 57.79
CA GLY H 237 -20.35 -33.79 57.02
C GLY H 237 -20.59 -33.49 55.57
N GLU H 238 -21.79 -33.77 55.05
CA GLU H 238 -22.02 -33.62 53.62
C GLU H 238 -22.45 -32.19 53.28
N ILE H 239 -21.55 -31.46 52.63
CA ILE H 239 -21.86 -30.13 52.11
C ILE H 239 -22.51 -30.31 50.74
N CYS H 240 -23.84 -30.40 50.71
CA CYS H 240 -24.50 -30.89 49.51
C CYS H 240 -25.17 -29.73 48.78
N ASP H 241 -25.69 -30.03 47.60
CA ASP H 241 -26.09 -29.07 46.59
C ASP H 241 -27.55 -28.65 46.68
N ILE H 242 -28.11 -28.28 45.53
CA ILE H 242 -29.40 -27.60 45.39
C ILE H 242 -30.48 -28.68 45.23
N ASN H 243 -30.32 -29.78 45.99
CA ASN H 243 -31.34 -30.80 46.14
C ASN H 243 -31.60 -31.57 44.85
N GLY H 244 -30.67 -32.46 44.52
CA GLY H 244 -30.71 -33.24 43.31
C GLY H 244 -29.34 -33.62 42.77
N LYS H 245 -28.26 -33.06 43.33
CA LYS H 245 -26.92 -33.57 43.08
C LYS H 245 -26.07 -33.49 44.36
N CYS H 246 -26.69 -33.72 45.52
CA CYS H 246 -25.95 -33.65 46.78
C CYS H 246 -24.84 -34.68 46.85
N VAL H 247 -23.70 -34.26 47.41
CA VAL H 247 -22.46 -35.02 47.37
C VAL H 247 -22.01 -35.31 48.79
N ASP H 248 -21.29 -36.41 48.96
CA ASP H 248 -20.69 -36.76 50.24
C ASP H 248 -19.28 -36.21 50.35
N ALA H 249 -18.93 -35.73 51.55
CA ALA H 249 -17.58 -35.23 51.76
C ALA H 249 -16.64 -36.36 52.18
N ALA H 250 -15.34 -36.06 52.12
CA ALA H 250 -14.19 -36.99 52.11
C ALA H 250 -14.11 -37.66 50.73
N GLU H 251 -15.13 -37.44 49.92
CA GLU H 251 -15.02 -37.58 48.47
C GLU H 251 -15.01 -36.19 47.86
N ASP H 252 -13.81 -35.64 47.70
CA ASP H 252 -13.65 -34.26 47.28
C ASP H 252 -13.42 -34.23 45.78
N GLU H 253 -13.12 -33.04 45.29
CA GLU H 253 -12.73 -32.84 43.90
C GLU H 253 -11.62 -31.81 43.88
N LEU H 254 -10.40 -32.26 43.56
CA LEU H 254 -9.21 -31.41 43.55
C LEU H 254 -8.71 -31.34 42.11
N PHE H 255 -8.79 -30.16 41.51
CA PHE H 255 -8.50 -30.01 40.09
C PHE H 255 -6.99 -29.96 39.87
N ARG H 256 -6.51 -30.74 38.92
CA ARG H 256 -5.11 -30.75 38.51
C ARG H 256 -5.05 -30.49 37.01
N LEU H 257 -4.40 -29.40 36.61
CA LEU H 257 -4.36 -29.01 35.21
C LEU H 257 -3.13 -29.61 34.56
N THR H 258 -3.34 -30.35 33.47
CA THR H 258 -2.28 -31.04 32.75
C THR H 258 -2.56 -30.98 31.26
N THR H 259 -1.51 -31.05 30.46
CA THR H 259 -1.65 -30.90 29.02
C THR H 259 -2.18 -32.19 28.39
N LYS H 260 -3.02 -32.04 27.38
CA LYS H 260 -3.48 -33.13 26.54
C LYS H 260 -2.47 -33.33 25.42
N GLU H 261 -2.80 -34.02 24.31
CA GLU H 261 -1.80 -34.28 23.26
C GLU H 261 -1.05 -33.01 22.87
N GLY H 262 -1.76 -31.92 22.61
CA GLY H 262 -1.23 -30.61 22.90
C GLY H 262 -2.34 -29.60 23.02
N LYS H 263 -2.49 -29.09 24.24
CA LYS H 263 -3.44 -28.06 24.67
C LYS H 263 -3.25 -27.93 26.17
N LEU H 264 -3.95 -27.02 26.83
CA LEU H 264 -4.01 -27.00 28.28
C LEU H 264 -5.45 -27.21 28.70
N THR H 265 -5.68 -28.24 29.52
CA THR H 265 -7.01 -28.55 30.03
C THR H 265 -6.89 -29.03 31.47
N VAL H 266 -7.97 -28.86 32.23
CA VAL H 266 -7.99 -29.28 33.63
C VAL H 266 -8.59 -30.67 33.72
N GLU H 267 -7.90 -31.57 34.40
CA GLU H 267 -8.36 -32.92 34.64
C GLU H 267 -8.69 -33.08 36.11
N ARG H 268 -9.94 -33.43 36.41
CA ARG H 268 -10.40 -33.54 37.78
C ARG H 268 -9.74 -34.72 38.48
N ASP H 269 -9.60 -34.61 39.80
CA ASP H 269 -9.13 -35.71 40.63
C ASP H 269 -10.16 -35.87 41.75
N MET H 270 -10.95 -36.94 41.67
CA MET H 270 -11.97 -37.23 42.67
C MET H 270 -11.39 -38.18 43.73
N ILE H 271 -10.33 -37.72 44.35
CA ILE H 271 -9.58 -38.52 45.31
C ILE H 271 -10.43 -38.72 46.57
N LYS H 272 -10.23 -39.85 47.23
CA LYS H 272 -10.97 -40.20 48.44
C LYS H 272 -10.00 -40.40 49.60
N THR H 273 -10.12 -39.53 50.61
CA THR H 273 -9.37 -39.72 51.84
C THR H 273 -10.11 -40.72 52.72
N GLU H 274 -9.39 -41.69 53.26
CA GLU H 274 -10.00 -42.60 54.21
C GLU H 274 -9.86 -42.06 55.62
N THR H 275 -10.98 -42.03 56.33
CA THR H 275 -11.06 -41.42 57.64
C THR H 275 -10.85 -42.45 58.72
N PRO H 276 -9.81 -42.30 59.55
CA PRO H 276 -9.63 -43.17 60.71
C PRO H 276 -10.78 -42.96 61.68
N ALA H 277 -11.46 -44.05 62.03
CA ALA H 277 -12.65 -44.00 62.89
C ALA H 277 -12.34 -43.31 64.20
N PHE H 278 -11.40 -43.85 64.97
CA PHE H 278 -10.99 -43.26 66.23
C PHE H 278 -9.73 -43.95 66.71
N SER H 279 -8.94 -43.21 67.49
CA SER H 279 -7.75 -43.71 68.17
C SER H 279 -8.20 -44.80 69.15
N PRO H 280 -7.30 -45.71 69.59
CA PRO H 280 -7.76 -46.84 70.42
C PRO H 280 -8.68 -46.48 71.59
N ILE H 281 -8.28 -45.57 72.46
CA ILE H 281 -9.11 -45.17 73.60
C ILE H 281 -9.99 -43.97 73.27
N LEU H 282 -9.39 -42.90 72.75
CA LEU H 282 -10.10 -41.70 72.31
C LEU H 282 -10.90 -41.06 73.47
N GLU H 283 -10.17 -40.57 74.46
CA GLU H 283 -10.78 -39.76 75.50
C GLU H 283 -11.29 -38.45 74.91
N PHE H 284 -12.15 -37.77 75.67
CA PHE H 284 -12.89 -36.61 75.17
C PHE H 284 -12.78 -35.46 76.17
N GLU H 285 -12.21 -34.34 75.73
CA GLU H 285 -11.92 -33.25 76.66
C GLU H 285 -13.15 -32.40 76.93
N GLN H 286 -13.73 -31.81 75.90
CA GLN H 286 -14.89 -30.93 76.04
C GLN H 286 -16.18 -31.73 76.14
N ASP H 287 -17.30 -31.00 76.11
CA ASP H 287 -18.60 -31.62 76.07
C ASP H 287 -18.81 -32.29 74.71
N PRO H 288 -19.77 -33.22 74.62
CA PRO H 288 -20.15 -33.75 73.30
C PRO H 288 -20.67 -32.67 72.35
N ALA H 289 -21.20 -31.57 72.89
CA ALA H 289 -21.84 -30.58 72.05
C ALA H 289 -20.86 -29.49 71.62
N GLN H 290 -20.07 -28.98 72.56
CA GLN H 290 -19.22 -27.82 72.28
C GLN H 290 -18.16 -28.15 71.24
N ILE H 291 -17.83 -29.42 71.07
CA ILE H 291 -16.86 -29.82 70.05
C ILE H 291 -17.39 -29.46 68.66
N LEU H 292 -18.58 -29.96 68.31
CA LEU H 292 -19.17 -29.60 67.02
C LEU H 292 -19.52 -28.12 66.98
N ASP H 293 -19.90 -27.55 68.12
CA ASP H 293 -20.24 -26.13 68.17
C ASP H 293 -19.04 -25.26 67.77
N ALA H 294 -17.83 -25.67 68.14
CA ALA H 294 -16.65 -24.89 67.79
C ALA H 294 -16.01 -25.39 66.49
N LEU H 295 -16.42 -26.57 66.02
CA LEU H 295 -15.77 -27.14 64.84
C LEU H 295 -16.50 -26.79 63.56
N LEU H 296 -17.83 -26.75 63.59
CA LEU H 296 -18.58 -26.34 62.40
C LEU H 296 -18.26 -24.94 61.89
N PRO H 297 -17.92 -23.95 62.73
CA PRO H 297 -17.46 -22.66 62.17
C PRO H 297 -16.25 -22.79 61.26
N LEU H 298 -15.21 -23.52 61.67
CA LEU H 298 -14.02 -23.59 60.83
C LEU H 298 -14.28 -24.45 59.59
N TYR H 299 -15.26 -25.35 59.66
CA TYR H 299 -15.64 -26.10 58.47
C TYR H 299 -16.37 -25.19 57.48
N LEU H 300 -17.24 -24.33 57.99
CA LEU H 300 -17.85 -23.29 57.17
C LEU H 300 -16.78 -22.41 56.53
N ASN H 301 -15.77 -22.03 57.31
CA ASN H 301 -14.70 -21.19 56.78
C ASN H 301 -13.90 -21.92 55.71
N SER H 302 -13.66 -23.21 55.89
CA SER H 302 -12.92 -23.97 54.89
C SER H 302 -13.72 -24.12 53.60
N GLN H 303 -15.03 -24.30 53.72
CA GLN H 303 -15.85 -24.38 52.52
C GLN H 303 -15.93 -23.03 51.81
N ILE H 304 -16.00 -21.93 52.57
CA ILE H 304 -15.98 -20.61 51.96
C ILE H 304 -14.66 -20.36 51.26
N LEU H 305 -13.55 -20.72 51.90
CA LEU H 305 -12.26 -20.48 51.27
C LEU H 305 -12.06 -21.37 50.06
N ARG H 306 -12.64 -22.57 50.05
CA ARG H 306 -12.52 -23.41 48.87
C ARG H 306 -13.39 -22.89 47.73
N ALA H 307 -14.58 -22.40 48.04
CA ALA H 307 -15.42 -21.82 47.00
C ALA H 307 -15.00 -20.41 46.62
N LEU H 308 -14.01 -19.85 47.31
CA LEU H 308 -13.36 -18.64 46.82
C LEU H 308 -12.16 -18.98 45.95
N GLN H 309 -11.35 -19.96 46.36
CA GLN H 309 -10.19 -20.35 45.57
C GLN H 309 -10.59 -20.95 44.24
N GLU H 310 -11.59 -21.85 44.25
CA GLU H 310 -12.01 -22.45 42.98
C GLU H 310 -12.79 -21.47 42.11
N SER H 311 -13.49 -20.50 42.71
CA SER H 311 -14.14 -19.47 41.93
C SER H 311 -13.12 -18.58 41.25
N LEU H 312 -12.09 -18.17 42.01
CA LEU H 312 -11.00 -17.38 41.47
C LEU H 312 -10.26 -18.14 40.37
N ALA H 313 -10.07 -19.44 40.56
CA ALA H 313 -9.38 -20.23 39.54
C ALA H 313 -10.24 -20.39 38.31
N SER H 314 -11.56 -20.49 38.48
CA SER H 314 -12.44 -20.60 37.32
C SER H 314 -12.47 -19.28 36.54
N GLU H 315 -12.49 -18.15 37.25
CA GLU H 315 -12.43 -16.87 36.57
C GLU H 315 -11.10 -16.67 35.87
N LEU H 316 -10.01 -17.11 36.49
CA LEU H 316 -8.70 -16.96 35.87
C LEU H 316 -8.57 -17.86 34.65
N ALA H 317 -9.19 -19.04 34.67
CA ALA H 317 -9.16 -19.89 33.49
C ALA H 317 -10.07 -19.34 32.40
N ALA H 318 -11.16 -18.70 32.78
CA ALA H 318 -12.00 -18.06 31.77
C ALA H 318 -11.27 -16.89 31.13
N ARG H 319 -10.54 -16.11 31.92
CA ARG H 319 -9.70 -15.06 31.36
C ARG H 319 -8.59 -15.63 30.50
N MET H 320 -8.06 -16.79 30.89
CA MET H 320 -7.03 -17.45 30.10
C MET H 320 -7.57 -17.89 28.74
N THR H 321 -8.77 -18.49 28.71
CA THR H 321 -9.30 -18.94 27.44
C THR H 321 -9.80 -17.77 26.59
N ALA H 322 -10.21 -16.67 27.23
CA ALA H 322 -10.53 -15.47 26.48
C ALA H 322 -9.28 -14.90 25.82
N MET H 323 -8.18 -14.81 26.58
CA MET H 323 -6.94 -14.33 26.01
C MET H 323 -6.39 -15.30 24.97
N SER H 324 -6.68 -16.58 25.12
CA SER H 324 -6.16 -17.56 24.17
C SER H 324 -6.89 -17.46 22.84
N ASN H 325 -8.22 -17.43 22.86
CA ASN H 325 -8.95 -17.26 21.60
C ASN H 325 -8.71 -15.87 21.04
N ALA H 326 -8.41 -14.89 21.90
CA ALA H 326 -8.09 -13.56 21.40
C ALA H 326 -6.73 -13.53 20.72
N THR H 327 -5.77 -14.30 21.25
CA THR H 327 -4.46 -14.36 20.62
C THR H 327 -4.52 -15.11 19.30
N ASP H 328 -5.26 -16.23 19.25
CA ASP H 328 -5.44 -16.93 17.99
C ASP H 328 -6.14 -16.05 16.96
N ASN H 329 -7.19 -15.34 17.38
CA ASN H 329 -7.92 -14.49 16.45
C ASN H 329 -7.09 -13.29 16.03
N ALA H 330 -6.24 -12.79 16.92
CA ALA H 330 -5.35 -11.69 16.56
C ALA H 330 -4.27 -12.16 15.61
N ASN H 331 -3.84 -13.42 15.73
CA ASN H 331 -2.91 -13.98 14.76
C ASN H 331 -3.56 -14.09 13.39
N GLU H 332 -4.79 -14.60 13.34
CA GLU H 332 -5.52 -14.66 12.08
C GLU H 332 -5.71 -13.27 11.49
N LEU H 333 -6.02 -12.29 12.33
CA LEU H 333 -6.23 -10.93 11.85
C LEU H 333 -4.92 -10.31 11.38
N LYS H 334 -3.82 -10.63 12.04
CA LYS H 334 -2.52 -10.12 11.60
C LYS H 334 -2.14 -10.70 10.24
N LYS H 335 -2.44 -11.98 10.03
CA LYS H 335 -2.17 -12.59 8.72
C LYS H 335 -3.02 -11.95 7.64
N THR H 336 -4.32 -11.78 7.89
CA THR H 336 -5.18 -11.16 6.89
C THR H 336 -4.79 -9.72 6.63
N LEU H 337 -4.41 -8.99 7.68
CA LEU H 337 -4.00 -7.60 7.51
C LEU H 337 -2.69 -7.49 6.76
N SER H 338 -1.78 -8.45 6.97
CA SER H 338 -0.53 -8.44 6.23
C SER H 338 -0.78 -8.72 4.75
N ILE H 339 -1.70 -9.64 4.46
CA ILE H 339 -2.03 -9.92 3.06
C ILE H 339 -2.64 -8.68 2.40
N ASN H 340 -3.60 -8.05 3.07
CA ASN H 340 -4.22 -6.85 2.52
C ASN H 340 -3.22 -5.72 2.39
N TYR H 341 -2.27 -5.64 3.33
CA TYR H 341 -1.27 -4.57 3.27
C TYR H 341 -0.29 -4.80 2.12
N ASN H 342 0.06 -6.06 1.84
CA ASN H 342 0.94 -6.32 0.72
C ASN H 342 0.25 -6.04 -0.61
N ARG H 343 -1.02 -6.41 -0.73
CA ARG H 343 -1.71 -6.12 -1.98
C ARG H 343 -1.93 -4.62 -2.14
N ALA H 344 -2.15 -3.91 -1.04
CA ALA H 344 -2.27 -2.45 -1.12
C ALA H 344 -0.94 -1.80 -1.47
N ARG H 345 0.16 -2.30 -0.91
CA ARG H 345 1.47 -1.74 -1.21
C ARG H 345 1.83 -1.96 -2.67
N GLN H 346 1.58 -3.16 -3.19
CA GLN H 346 1.90 -3.44 -4.59
C GLN H 346 1.01 -2.62 -5.52
N ALA H 347 -0.28 -2.50 -5.19
CA ALA H 347 -1.16 -1.69 -6.02
C ALA H 347 -0.72 -0.22 -6.02
N LYS H 348 -0.36 0.30 -4.84
CA LYS H 348 0.09 1.69 -4.76
C LYS H 348 1.37 1.90 -5.56
N ILE H 349 2.33 0.98 -5.45
CA ILE H 349 3.61 1.16 -6.13
C ILE H 349 3.44 1.03 -7.64
N THR H 350 2.62 0.08 -8.08
CA THR H 350 2.45 -0.09 -9.52
C THR H 350 1.65 1.07 -10.12
N GLY H 351 0.70 1.63 -9.35
CA GLY H 351 0.01 2.81 -9.82
C GLY H 351 0.94 4.01 -9.92
N GLU H 352 1.80 4.17 -8.92
CA GLU H 352 2.83 5.21 -8.97
C GLU H 352 3.71 5.06 -10.20
N ILE H 353 4.15 3.83 -10.49
CA ILE H 353 5.09 3.63 -11.58
C ILE H 353 4.42 3.86 -12.93
N LEU H 354 3.16 3.46 -13.06
CA LEU H 354 2.45 3.71 -14.32
C LEU H 354 2.21 5.20 -14.49
N GLU H 355 1.89 5.90 -13.40
CA GLU H 355 1.79 7.36 -13.44
C GLU H 355 3.08 7.97 -13.98
N ILE H 356 4.22 7.57 -13.40
CA ILE H 356 5.50 8.17 -13.74
C ILE H 356 5.85 7.90 -15.20
N VAL H 357 5.76 6.64 -15.62
CA VAL H 357 6.16 6.31 -16.98
C VAL H 357 5.20 6.93 -18.00
N ALA H 358 3.90 6.96 -17.70
CA ALA H 358 2.94 7.51 -18.65
C ALA H 358 3.07 9.03 -18.74
N GLY H 359 3.44 9.68 -17.64
CA GLY H 359 3.70 11.11 -17.70
C GLY H 359 5.05 11.44 -18.30
N ALA H 360 5.95 10.47 -18.37
CA ALA H 360 7.28 10.71 -18.94
C ALA H 360 7.19 11.06 -20.42
N ASN H 361 6.49 10.24 -21.20
CA ASN H 361 6.47 10.45 -22.65
C ASN H 361 5.65 11.69 -23.01
N ALA H 362 4.34 11.66 -22.72
CA ALA H 362 3.44 12.78 -22.96
C ALA H 362 3.54 13.32 -24.37
N CYS H 363 3.30 12.45 -25.35
CA CYS H 363 3.41 12.82 -26.75
C CYS H 363 2.31 13.79 -27.15
N MET I 1 11.72 -36.55 72.78
CA MET I 1 11.46 -35.63 73.87
C MET I 1 10.44 -34.57 73.46
N THR I 2 9.79 -34.79 72.33
CA THR I 2 8.93 -33.76 71.75
C THR I 2 7.85 -34.43 70.90
N LEU I 3 6.86 -33.64 70.52
CA LEU I 3 5.71 -34.10 69.78
C LEU I 3 5.69 -33.44 68.40
N ASN I 4 5.32 -34.22 67.38
CA ASN I 4 5.28 -33.71 66.02
C ASN I 4 4.06 -32.80 65.81
N LEU I 5 4.17 -31.56 66.26
CA LEU I 5 3.09 -30.58 66.17
C LEU I 5 3.00 -30.08 64.73
N CYS I 6 1.79 -30.15 64.16
CA CYS I 6 1.51 -29.60 62.84
C CYS I 6 0.20 -28.83 62.94
N VAL I 7 0.30 -27.56 63.33
CA VAL I 7 -0.87 -26.70 63.43
C VAL I 7 -1.29 -26.26 62.03
N LEU I 8 -2.53 -26.56 61.66
CA LEU I 8 -2.95 -26.31 60.28
C LEU I 8 -3.82 -25.07 60.18
N THR I 9 -4.16 -24.71 58.95
CA THR I 9 -4.88 -23.50 58.58
C THR I 9 -5.40 -23.72 57.17
N PRO I 10 -6.64 -23.27 56.89
CA PRO I 10 -7.29 -23.58 55.59
C PRO I 10 -6.46 -23.34 54.33
N ASN I 11 -5.37 -22.60 54.40
CA ASN I 11 -4.48 -22.44 53.25
C ASN I 11 -3.01 -22.52 53.60
N ARG I 12 -2.65 -22.98 54.79
CA ARG I 12 -1.25 -22.97 55.19
C ARG I 12 -1.00 -24.14 56.15
N SER I 13 0.25 -24.26 56.59
CA SER I 13 0.66 -25.10 57.72
C SER I 13 1.57 -24.18 58.53
N ILE I 14 0.97 -23.46 59.49
CA ILE I 14 1.64 -22.31 60.10
C ILE I 14 2.94 -22.72 60.76
N TRP I 15 2.86 -23.55 61.79
CA TRP I 15 4.04 -23.93 62.57
C TRP I 15 4.17 -25.44 62.53
N ASN I 16 4.93 -25.94 61.55
CA ASN I 16 5.17 -27.36 61.39
C ASN I 16 6.53 -27.66 62.02
N SER I 17 6.53 -27.86 63.33
CA SER I 17 7.75 -28.12 64.08
C SER I 17 7.41 -28.82 65.38
N GLU I 18 8.42 -29.43 65.99
CA GLU I 18 8.21 -30.24 67.17
C GLU I 18 8.46 -29.42 68.43
N VAL I 19 7.57 -29.57 69.42
CA VAL I 19 7.52 -28.69 70.58
C VAL I 19 7.46 -29.53 71.86
N LYS I 20 8.19 -29.07 72.89
CA LYS I 20 8.17 -29.73 74.18
C LYS I 20 6.82 -29.61 74.88
N GLU I 21 6.35 -28.38 75.11
CA GLU I 21 5.14 -28.15 75.88
C GLU I 21 4.14 -27.34 75.07
N ILE I 22 2.87 -27.72 75.17
CA ILE I 22 1.79 -27.11 74.41
C ILE I 22 0.73 -26.61 75.39
N ILE I 23 0.43 -25.31 75.33
CA ILE I 23 -0.44 -24.66 76.32
C ILE I 23 -1.65 -24.11 75.58
N LEU I 24 -2.14 -24.83 74.57
CA LEU I 24 -3.34 -24.41 73.84
C LEU I 24 -4.52 -24.26 74.80
N SER I 25 -5.25 -23.16 74.67
CA SER I 25 -6.33 -22.85 75.60
C SER I 25 -7.66 -23.29 75.00
N THR I 26 -8.30 -24.27 75.61
CA THR I 26 -9.64 -24.68 75.19
C THR I 26 -10.69 -23.77 75.78
N ASN I 27 -11.95 -24.13 75.56
CA ASN I 27 -13.06 -23.40 76.18
C ASN I 27 -12.98 -23.49 77.71
N SER I 28 -12.84 -24.71 78.23
CA SER I 28 -12.89 -24.91 79.68
C SER I 28 -11.62 -24.41 80.35
N GLY I 29 -10.46 -24.78 79.83
CA GLY I 29 -9.21 -24.41 80.48
C GLY I 29 -8.02 -24.48 79.55
N GLN I 30 -6.92 -23.88 80.01
CA GLN I 30 -5.67 -23.84 79.25
C GLN I 30 -4.86 -25.11 79.48
N ILE I 31 -5.30 -26.19 78.84
CA ILE I 31 -4.79 -27.52 79.12
C ILE I 31 -3.34 -27.67 78.66
N GLY I 32 -2.44 -27.81 79.64
CA GLY I 32 -1.03 -28.01 79.30
C GLY I 32 -0.80 -29.42 78.77
N VAL I 33 0.24 -29.55 77.96
CA VAL I 33 0.58 -30.82 77.31
C VAL I 33 2.07 -31.08 77.48
N LEU I 34 2.41 -32.29 77.89
CA LEU I 34 3.79 -32.75 77.91
C LEU I 34 3.93 -33.82 76.82
N PRO I 35 5.14 -34.25 76.48
CA PRO I 35 5.29 -35.37 75.53
C PRO I 35 4.54 -36.61 75.98
N ASN I 36 4.22 -37.47 75.01
CA ASN I 36 3.52 -38.74 75.21
C ASN I 36 2.16 -38.56 75.85
N HIS I 37 1.47 -37.45 75.58
CA HIS I 37 0.15 -37.19 76.14
C HIS I 37 -0.86 -38.24 75.68
N ALA I 38 -1.93 -38.44 76.45
CA ALA I 38 -2.93 -39.43 76.10
C ALA I 38 -3.76 -38.96 74.91
N PRO I 39 -4.30 -39.87 74.12
CA PRO I 39 -5.11 -39.47 72.95
C PRO I 39 -6.45 -38.91 73.36
N THR I 40 -6.64 -37.62 73.07
CA THR I 40 -7.87 -36.91 73.38
C THR I 40 -8.22 -36.02 72.20
N ALA I 41 -9.15 -35.09 72.42
CA ALA I 41 -9.57 -34.15 71.39
C ALA I 41 -10.06 -32.88 72.06
N THR I 42 -9.31 -31.80 71.92
CA THR I 42 -9.63 -30.52 72.53
C THR I 42 -10.17 -29.55 71.49
N ALA I 43 -11.21 -28.80 71.87
CA ALA I 43 -11.74 -27.74 71.01
C ALA I 43 -11.04 -26.43 71.36
N VAL I 44 -9.80 -26.31 70.88
CA VAL I 44 -9.04 -25.10 71.14
C VAL I 44 -9.72 -23.92 70.46
N ASP I 45 -10.03 -22.90 71.24
CA ASP I 45 -10.73 -21.71 70.83
C ASP I 45 -9.79 -20.54 71.03
N ILE I 46 -10.33 -19.32 71.04
CA ILE I 46 -9.54 -18.10 71.24
C ILE I 46 -8.53 -18.31 72.37
N GLY I 47 -7.32 -17.85 72.15
CA GLY I 47 -6.28 -17.94 73.13
C GLY I 47 -4.95 -18.27 72.47
N ILE I 48 -3.88 -17.82 73.11
CA ILE I 48 -2.54 -18.04 72.58
C ILE I 48 -2.20 -19.51 72.75
N LEU I 49 -1.69 -20.12 71.68
CA LEU I 49 -1.18 -21.47 71.79
C LEU I 49 0.28 -21.39 72.23
N ARG I 50 0.49 -20.95 73.47
CA ARG I 50 1.84 -20.81 74.00
C ARG I 50 2.55 -22.16 73.97
N ILE I 51 3.79 -22.14 73.49
CA ILE I 51 4.60 -23.35 73.35
C ILE I 51 5.99 -23.07 73.89
N ARG I 52 6.43 -23.94 74.81
CA ARG I 52 7.73 -23.79 75.47
C ARG I 52 8.70 -24.79 74.88
N LEU I 53 9.31 -24.43 73.76
CA LEU I 53 10.39 -25.23 73.21
C LEU I 53 11.69 -24.90 73.94
N ASN I 54 12.73 -25.68 73.65
CA ASN I 54 14.00 -25.55 74.36
C ASN I 54 14.54 -24.12 74.31
N ASP I 55 14.26 -23.40 73.23
CA ASP I 55 14.73 -22.03 73.11
C ASP I 55 14.01 -21.10 74.08
N GLN I 56 12.69 -20.98 73.97
CA GLN I 56 11.94 -20.05 74.78
C GLN I 56 10.48 -20.45 74.82
N TRP I 57 9.67 -19.58 75.45
CA TRP I 57 8.22 -19.75 75.53
C TRP I 57 7.56 -18.99 74.37
N LEU I 58 7.99 -19.35 73.16
CA LEU I 58 7.52 -18.65 71.96
C LEU I 58 6.01 -18.78 71.81
N THR I 59 5.34 -17.65 71.68
CA THR I 59 3.88 -17.60 71.65
C THR I 59 3.40 -17.50 70.21
N LEU I 60 2.23 -18.06 69.95
CA LEU I 60 1.57 -17.93 68.65
C LEU I 60 0.09 -17.66 68.88
N ALA I 61 -0.41 -16.57 68.28
CA ALA I 61 -1.79 -16.16 68.50
C ALA I 61 -2.70 -16.81 67.46
N LEU I 62 -3.57 -17.70 67.92
CA LEU I 62 -4.54 -18.36 67.06
C LEU I 62 -5.90 -17.71 67.30
N MET I 63 -6.70 -17.58 66.25
CA MET I 63 -8.03 -17.00 66.41
C MET I 63 -9.03 -18.04 66.89
N GLY I 64 -9.20 -19.12 66.14
CA GLY I 64 -10.11 -20.18 66.54
C GLY I 64 -9.75 -21.45 65.82
N GLY I 65 -10.32 -22.56 66.29
CA GLY I 65 -10.06 -23.82 65.61
C GLY I 65 -10.48 -25.01 66.46
N PHE I 66 -9.61 -26.02 66.44
CA PHE I 66 -9.84 -27.31 67.06
C PHE I 66 -8.53 -28.10 67.01
N ALA I 67 -8.36 -29.03 67.96
CA ALA I 67 -7.11 -29.77 68.08
C ALA I 67 -7.39 -31.22 68.40
N ARG I 68 -7.06 -32.11 67.47
CA ARG I 68 -7.09 -33.55 67.73
C ARG I 68 -5.70 -33.95 68.21
N ILE I 69 -5.56 -34.09 69.52
CA ILE I 69 -4.27 -34.35 70.16
C ILE I 69 -4.17 -35.85 70.43
N GLY I 70 -3.41 -36.54 69.58
CA GLY I 70 -3.12 -37.95 69.80
C GLY I 70 -1.92 -38.14 70.71
N ASN I 71 -1.02 -39.04 70.31
CA ASN I 71 0.18 -39.33 71.08
C ASN I 71 1.39 -38.96 70.23
N ASN I 72 2.11 -37.91 70.65
CA ASN I 72 3.34 -37.39 70.04
C ASN I 72 3.11 -36.80 68.66
N GLU I 73 1.88 -36.85 68.13
CA GLU I 73 1.57 -36.30 66.81
C GLU I 73 0.26 -35.52 66.94
N ILE I 74 0.36 -34.24 67.26
CA ILE I 74 -0.82 -33.39 67.44
C ILE I 74 -1.04 -32.63 66.13
N THR I 75 -2.30 -32.51 65.73
CA THR I 75 -2.68 -31.83 64.50
C THR I 75 -3.86 -30.91 64.82
N ILE I 76 -3.63 -29.61 64.72
CA ILE I 76 -4.56 -28.61 65.22
C ILE I 76 -5.17 -27.87 64.04
N LEU I 77 -6.51 -27.76 64.03
CA LEU I 77 -7.26 -27.23 62.89
C LEU I 77 -7.63 -25.76 63.12
N VAL I 78 -6.60 -24.92 63.21
CA VAL I 78 -6.83 -23.52 63.51
C VAL I 78 -7.40 -22.78 62.30
N ASN I 79 -8.30 -21.83 62.56
CA ASN I 79 -8.80 -20.95 61.51
C ASN I 79 -7.73 -19.97 61.05
N ASP I 80 -7.13 -19.24 62.00
CA ASP I 80 -6.11 -18.25 61.70
C ASP I 80 -5.07 -18.32 62.81
N ALA I 81 -3.82 -18.54 62.43
CA ALA I 81 -2.72 -18.65 63.40
C ALA I 81 -1.57 -17.77 62.97
N GLU I 82 -0.93 -17.12 63.94
CA GLU I 82 0.18 -16.20 63.71
C GLU I 82 1.33 -16.60 64.63
N ARG I 83 2.32 -17.30 64.08
CA ARG I 83 3.39 -17.88 64.88
C ARG I 83 4.50 -16.88 65.12
N GLY I 84 5.32 -17.16 66.15
CA GLY I 84 6.48 -16.35 66.49
C GLY I 84 6.19 -14.89 66.68
N SER I 85 6.85 -14.04 65.90
CA SER I 85 6.64 -12.60 65.93
C SER I 85 6.09 -12.07 64.61
N ASP I 86 5.20 -12.81 63.95
CA ASP I 86 4.55 -12.31 62.75
C ASP I 86 3.67 -11.10 63.05
N ILE I 87 3.18 -11.01 64.28
CA ILE I 87 2.41 -9.86 64.73
C ILE I 87 3.30 -9.02 65.63
N ASP I 88 3.10 -7.70 65.63
CA ASP I 88 4.01 -6.77 66.28
C ASP I 88 3.24 -5.86 67.23
N PRO I 89 3.91 -5.38 68.31
CA PRO I 89 3.19 -4.74 69.43
C PRO I 89 2.35 -3.52 69.12
N GLN I 90 2.95 -2.48 68.54
CA GLN I 90 2.28 -1.16 68.48
C GLN I 90 1.02 -1.20 67.62
N GLU I 91 1.13 -1.74 66.40
CA GLU I 91 -0.03 -1.81 65.52
C GLU I 91 -1.10 -2.71 66.12
N ALA I 92 -0.69 -3.79 66.78
CA ALA I 92 -1.65 -4.68 67.42
C ALA I 92 -2.44 -3.97 68.49
N GLN I 93 -1.75 -3.22 69.36
CA GLN I 93 -2.46 -2.50 70.43
C GLN I 93 -3.39 -1.44 69.85
N GLN I 94 -2.92 -0.70 68.85
CA GLN I 94 -3.77 0.32 68.24
C GLN I 94 -5.01 -0.31 67.61
N THR I 95 -4.84 -1.46 66.96
CA THR I 95 -5.99 -2.14 66.38
C THR I 95 -6.88 -2.73 67.47
N LEU I 96 -6.31 -2.98 68.65
CA LEU I 96 -7.15 -3.38 69.78
C LEU I 96 -8.05 -2.23 70.22
N GLU I 97 -7.52 -1.01 70.25
CA GLU I 97 -8.40 0.12 70.54
C GLU I 97 -9.41 0.34 69.42
N ILE I 98 -9.03 0.03 68.18
CA ILE I 98 -10.01 0.05 67.08
C ILE I 98 -11.09 -1.01 67.31
N ALA I 99 -10.70 -2.16 67.86
CA ALA I 99 -11.67 -3.20 68.17
C ALA I 99 -12.63 -2.73 69.26
N GLU I 100 -12.12 -2.05 70.28
CA GLU I 100 -12.98 -1.41 71.26
C GLU I 100 -13.91 -0.39 70.64
N ALA I 101 -13.44 0.38 69.67
CA ALA I 101 -14.33 1.27 68.91
C ALA I 101 -15.40 0.48 68.16
N ASN I 102 -15.09 -0.75 67.80
CA ASN I 102 -16.09 -1.60 67.13
C ASN I 102 -17.15 -2.11 68.10
N LEU I 103 -16.73 -2.58 69.29
CA LEU I 103 -17.59 -3.42 70.13
C LEU I 103 -18.91 -2.75 70.49
N ARG I 104 -18.94 -1.43 70.59
CA ARG I 104 -20.09 -0.73 71.13
C ARG I 104 -21.05 -0.21 70.06
N LYS I 105 -21.22 -0.92 68.95
CA LYS I 105 -21.88 -0.30 67.81
C LYS I 105 -23.41 -0.27 67.97
N ALA I 106 -24.07 -1.42 67.82
CA ALA I 106 -25.54 -1.46 67.72
C ALA I 106 -26.11 -2.86 67.59
N GLU I 107 -27.42 -2.90 67.34
CA GLU I 107 -28.07 -3.96 66.55
C GLU I 107 -28.03 -5.37 67.14
N GLY I 108 -28.64 -5.55 68.32
CA GLY I 108 -29.09 -6.83 68.83
C GLY I 108 -28.20 -8.05 68.62
N LYS I 109 -28.80 -9.19 68.28
CA LYS I 109 -28.08 -10.43 68.11
C LYS I 109 -27.28 -10.49 66.82
N ARG I 110 -27.72 -9.80 65.76
CA ARG I 110 -27.09 -9.96 64.45
C ARG I 110 -25.64 -9.48 64.45
N GLN I 111 -25.37 -8.34 65.07
CA GLN I 111 -24.03 -7.76 65.00
C GLN I 111 -23.24 -7.88 66.29
N LYS I 112 -23.85 -8.28 67.40
CA LYS I 112 -23.09 -8.39 68.63
C LYS I 112 -22.18 -9.62 68.62
N ILE I 113 -22.51 -10.63 67.82
CA ILE I 113 -21.59 -11.75 67.67
C ILE I 113 -20.41 -11.34 66.79
N GLU I 114 -20.64 -10.45 65.82
CA GLU I 114 -19.54 -9.86 65.09
C GLU I 114 -18.68 -9.00 66.02
N ALA I 115 -19.31 -8.30 66.96
CA ALA I 115 -18.57 -7.56 67.97
C ALA I 115 -17.78 -8.51 68.87
N ASN I 116 -18.35 -9.68 69.15
CA ASN I 116 -17.63 -10.71 69.89
C ASN I 116 -16.39 -11.16 69.14
N LEU I 117 -16.51 -11.37 67.83
CA LEU I 117 -15.36 -11.79 67.04
C LEU I 117 -14.34 -10.66 66.93
N ALA I 118 -14.79 -9.41 66.98
CA ALA I 118 -13.85 -8.29 67.07
C ALA I 118 -13.14 -8.26 68.43
N LEU I 119 -13.86 -8.58 69.50
CA LEU I 119 -13.22 -8.73 70.81
C LEU I 119 -12.20 -9.85 70.78
N ARG I 120 -12.45 -10.89 69.99
CA ARG I 120 -11.48 -11.96 69.85
C ARG I 120 -10.29 -11.55 68.99
N ARG I 121 -10.50 -10.67 68.02
CA ARG I 121 -9.38 -10.01 67.37
C ARG I 121 -8.55 -9.20 68.35
N ALA I 122 -9.21 -8.52 69.29
CA ALA I 122 -8.49 -7.84 70.37
C ALA I 122 -7.72 -8.83 71.24
N ARG I 123 -8.29 -10.02 71.46
CA ARG I 123 -7.56 -11.07 72.16
C ARG I 123 -6.34 -11.52 71.38
N THR I 124 -6.43 -11.50 70.05
CA THR I 124 -5.24 -11.73 69.24
C THR I 124 -4.25 -10.58 69.42
N ARG I 125 -4.77 -9.37 69.64
CA ARG I 125 -3.91 -8.20 69.79
C ARG I 125 -3.15 -8.25 71.11
N VAL I 126 -3.75 -8.82 72.15
CA VAL I 126 -3.06 -8.86 73.45
C VAL I 126 -1.82 -9.73 73.39
N GLU I 127 -1.70 -10.60 72.38
CA GLU I 127 -0.54 -11.48 72.28
C GLU I 127 0.74 -10.70 71.98
N ALA I 128 0.63 -9.67 71.15
CA ALA I 128 1.83 -8.93 70.74
C ALA I 128 2.42 -8.14 71.90
N SER I 129 1.62 -7.92 72.95
CA SER I 129 2.15 -7.29 74.15
C SER I 129 3.01 -8.28 74.96
N ASN I 130 2.72 -9.57 74.82
CA ASN I 130 3.45 -10.58 75.59
C ASN I 130 4.88 -10.77 75.10
N THR I 131 5.17 -10.42 73.85
CA THR I 131 6.52 -10.56 73.31
C THR I 131 7.30 -9.25 73.42
PG ATP J . -25.10 11.00 -5.10
O1G ATP J . -23.88 10.56 -4.32
O2G ATP J . -25.12 12.47 -5.41
O3G ATP J . -25.46 10.11 -6.26
PB ATP J . -26.50 11.80 -2.82
O1B ATP J . -25.33 11.64 -1.88
O2B ATP J . -26.84 13.15 -3.36
O3B ATP J . -26.31 10.79 -4.05
PA ATP J . -29.22 11.89 -2.44
O1A ATP J . -29.24 13.29 -1.88
O2A ATP J . -29.46 11.67 -3.91
O3A ATP J . -27.80 11.23 -2.07
O5' ATP J . -30.25 11.00 -1.59
C5' ATP J . -30.07 9.59 -1.47
C4' ATP J . -31.04 9.07 -0.41
O4' ATP J . -30.61 9.44 0.90
C3' ATP J . -32.42 9.67 -0.63
O3' ATP J . -33.32 8.67 -1.09
C2' ATP J . -32.86 10.19 0.72
O2' ATP J . -34.05 9.51 1.14
C1' ATP J . -31.73 9.87 1.68
N9 ATP J . -31.36 11.09 2.43
C8 ATP J . -30.27 11.85 2.19
N7 ATP J . -30.21 12.91 3.05
C5 ATP J . -31.27 12.82 3.87
C6 ATP J . -31.81 13.61 4.99
N6 ATP J . -31.19 14.73 5.44
N1 ATP J . -32.96 13.18 5.57
C2 ATP J . -33.59 12.07 5.14
N3 ATP J . -33.16 11.31 4.12
C4 ATP J . -32.02 11.62 3.46
PG ATP K . 19.15 14.98 9.63
O1G ATP K . 18.94 16.48 9.72
O2G ATP K . 18.03 14.24 8.96
O3G ATP K . 20.53 14.57 9.22
PB ATP K . 17.56 14.32 11.76
O1B ATP K . 16.77 15.55 11.43
O2B ATP K . 17.07 12.96 11.32
O3B ATP K . 19.03 14.51 11.17
PA ATP K . 19.28 14.30 13.96
O1A ATP K . 19.96 13.01 13.58
O2A ATP K . 19.94 15.60 13.57
O3A ATP K . 17.79 14.26 13.35
O5' ATP K . 19.04 14.31 15.54
C5' ATP K . 19.01 15.56 16.22
C4' ATP K . 18.14 15.42 17.46
O4' ATP K . 18.39 14.17 18.11
C3' ATP K . 18.42 16.52 18.46
O3' ATP K . 17.27 17.35 18.59
C2' ATP K . 18.67 15.82 19.78
O2' ATP K . 17.80 16.36 20.77
C1' ATP K . 18.32 14.36 19.53
N9 ATP K . 19.24 13.41 20.20
C8 ATP K . 19.91 12.41 19.59
N7 ATP K . 20.64 11.70 20.47
C5 ATP K . 20.47 12.25 21.68
C6 ATP K . 20.97 12.00 23.04
N6 ATP K . 21.83 10.98 23.29
N1 ATP K . 20.53 12.80 24.03
C2 ATP K . 19.68 13.82 23.79
N3 ATP K . 19.19 14.10 22.58
C4 ATP K . 19.54 13.37 21.50
PG ATP L . 2.45 -24.87 -9.55
O1G ATP L . 1.06 -24.29 -9.71
O2G ATP L . 2.93 -25.67 -10.75
O3G ATP L . 3.46 -23.91 -8.98
PB ATP L . 1.59 -27.37 -8.82
O1B ATP L . 0.38 -27.02 -9.64
O2B ATP L . 2.63 -28.30 -9.38
O3B ATP L . 2.29 -25.98 -8.41
PA ATP L . 1.02 -29.50 -7.07
O1A ATP L . 0.52 -29.68 -5.66
O2A ATP L . 0.31 -30.20 -8.20
O3A ATP L . 1.12 -27.92 -7.37
O5' ATP L . 2.55 -29.99 -7.03
C5' ATP L . 2.88 -31.31 -7.42
C4' ATP L . 3.30 -32.05 -6.16
O4' ATP L . 2.21 -32.06 -5.23
C3' ATP L . 3.68 -33.48 -6.46
O3' ATP L . 5.08 -33.70 -6.19
C2' ATP L . 2.84 -34.32 -5.52
O2' ATP L . 3.70 -35.17 -4.74
C1' ATP L . 2.07 -33.35 -4.63
N9 ATP L . 0.65 -33.73 -4.63
C8 ATP L . -0.28 -33.25 -5.48
N7 ATP L . -1.50 -33.79 -5.23
C5 ATP L . -1.38 -34.63 -4.20
C6 ATP L . -2.28 -35.52 -3.44
N6 ATP L . -3.59 -35.60 -3.75
N1 ATP L . -1.75 -36.23 -2.42
C2 ATP L . -0.45 -36.15 -2.11
N3 ATP L . 0.44 -35.37 -2.76
C4 ATP L . 0.04 -34.59 -3.80
PG ATP M . -21.87 -12.42 -15.99
O1G ATP M . -20.48 -12.07 -16.44
O2G ATP M . -22.65 -11.24 -15.46
O3G ATP M . -22.65 -13.29 -16.95
PB ATP M . -21.20 -12.83 -13.30
O1B ATP M . -19.79 -12.29 -13.44
O2B ATP M . -22.29 -11.95 -12.78
O3B ATP M . -21.66 -13.39 -14.73
PA ATP M . -21.56 -14.05 -10.86
O1A ATP M . -20.53 -13.15 -10.24
O2A ATP M . -23.01 -13.67 -10.72
O3A ATP M . -21.17 -14.17 -12.40
O5' ATP M . -21.38 -15.54 -10.25
C5' ATP M . -22.46 -16.45 -10.14
C4' ATP M . -22.19 -17.41 -8.98
O4' ATP M . -22.87 -16.98 -7.80
C3' ATP M . -22.65 -18.82 -9.26
O3' ATP M . -21.53 -19.67 -9.49
C2' ATP M . -23.37 -19.27 -8.00
O2' ATP M . -22.67 -20.37 -7.42
C1' ATP M . -23.37 -18.10 -7.05
N9 ATP M . -24.74 -17.81 -6.56
C8 ATP M . -25.35 -16.61 -6.63
N7 ATP M . -26.60 -16.66 -6.09
C5 ATP M . -26.81 -17.92 -5.68
C6 ATP M . -27.93 -18.65 -5.04
N6 ATP M . -29.09 -18.03 -4.73
N1 ATP M . -27.75 -19.96 -4.76
C2 ATP M . -26.60 -20.59 -5.07
N3 ATP M . -25.55 -19.99 -5.66
C4 ATP M . -25.59 -18.68 -5.98
PB ADP N . -5.39 25.55 6.86
O1B ADP N . -6.61 25.02 6.16
O2B ADP N . -5.03 26.97 6.49
O3B ADP N . -4.22 24.59 6.84
PA ADP N . -7.14 26.35 8.89
O1A ADP N . -8.28 25.51 8.39
O2A ADP N . -7.05 27.82 8.57
O3A ADP N . -5.80 25.63 8.41
O5' ADP N . -7.13 26.19 10.49
C5' ADP N . -7.54 24.96 11.08
C4' ADP N . -9.01 24.99 11.47
O4' ADP N . -9.20 24.26 12.68
C3' ADP N . -9.54 26.39 11.68
O3' ADP N . -10.29 26.83 10.56
C2' ADP N . -10.43 26.28 12.89
O2' ADP N . -11.79 26.18 12.48
C1' ADP N . -10.02 25.00 13.59
N9 ADP N . -9.20 25.43 14.73
C8 ADP N . -7.86 25.60 14.72
N7 ADP N . -7.41 26.02 15.93
C5 ADP N . -8.47 26.12 16.74
C6 ADP N . -8.72 26.50 18.14
N6 ADP N . -7.71 26.87 18.95
N1 ADP N . -9.97 26.47 18.59
C2 ADP N . -11.00 26.09 17.81
N3 ADP N . -10.86 25.74 16.52
C4 ADP N . -9.64 25.73 15.94
#